data_5Z1L
#
_entry.id   5Z1L
#
_cell.length_a   1.0
_cell.length_b   1.0
_cell.length_c   1.0
_cell.angle_alpha   90.00
_cell.angle_beta   90.00
_cell.angle_gamma   90.00
#
_symmetry.space_group_name_H-M   'P 1'
#
_entity_poly.entity_id   1
_entity_poly.type   'polypeptide(L)'
_entity_poly.pdbx_seq_one_letter_code
;MKITEFMKSKKGASGIGTLIVFIAMVLVAAVAASVLINTSGFLQQKASTTGKESTEQVASGLLINGITGSVGTSDVKLLA
IYLAPNAGSSAIDLAQTKVMLDYNGKSVVLGYGGNQDMSSGNSSVFSNDTGATATTFQVNILQDYDDSAVDNAVINKGDA
VALIVDVNASFAGEIPERTAISGKVQPEFGAPGVISFTTPASYTTTLVELQ
;
_entity_poly.pdbx_strand_id   A,B,C,D,E,F,G,H,I,J,K,L,M,N,O,P,Q,R
#
# COMPACT_ATOMS: atom_id res chain seq x y z
N ALA A 13 19.79 -34.84 18.55
CA ALA A 13 21.07 -34.33 18.10
C ALA A 13 20.88 -33.17 17.15
N SER A 14 20.09 -33.39 16.09
CA SER A 14 19.78 -32.36 15.10
C SER A 14 18.39 -31.80 15.27
N GLY A 15 17.86 -31.80 16.50
CA GLY A 15 16.55 -31.23 16.76
C GLY A 15 16.63 -29.86 17.40
N ILE A 16 17.56 -29.04 16.93
CA ILE A 16 17.76 -27.70 17.47
C ILE A 16 17.39 -26.74 16.34
N GLY A 17 16.40 -27.13 15.54
CA GLY A 17 15.96 -26.31 14.42
C GLY A 17 15.25 -25.04 14.82
N THR A 18 14.84 -24.89 16.08
CA THR A 18 14.21 -23.66 16.51
C THR A 18 15.22 -22.58 16.85
N LEU A 19 16.36 -22.95 17.45
CA LEU A 19 17.38 -21.98 17.85
C LEU A 19 18.06 -21.34 16.65
N ILE A 20 18.03 -21.99 15.50
CA ILE A 20 18.65 -21.45 14.29
C ILE A 20 17.81 -20.32 13.72
N VAL A 21 16.51 -20.56 13.57
CA VAL A 21 15.67 -19.73 12.73
C VAL A 21 14.63 -18.94 13.52
N PHE A 22 14.01 -19.54 14.55
CA PHE A 22 12.80 -19.01 15.17
C PHE A 22 13.07 -17.71 15.92
N ILE A 23 14.02 -17.73 16.86
CA ILE A 23 14.30 -16.57 17.69
C ILE A 23 14.88 -15.43 16.84
N ALA A 24 15.73 -15.79 15.88
CA ALA A 24 16.34 -14.79 15.00
C ALA A 24 15.31 -14.11 14.12
N MET A 25 14.37 -14.88 13.56
CA MET A 25 13.34 -14.25 12.72
C MET A 25 12.32 -13.48 13.55
N VAL A 26 12.08 -13.88 14.81
CA VAL A 26 11.22 -13.08 15.68
C VAL A 26 11.87 -11.73 15.97
N LEU A 27 13.17 -11.71 16.24
CA LEU A 27 13.85 -10.44 16.52
C LEU A 27 13.95 -9.57 15.28
N VAL A 28 14.26 -10.16 14.12
CA VAL A 28 14.31 -9.40 12.87
C VAL A 28 12.92 -8.90 12.48
N ALA A 29 11.87 -9.67 12.78
CA ALA A 29 10.50 -9.24 12.56
C ALA A 29 10.14 -8.06 13.43
N ALA A 30 10.55 -8.08 14.70
CA ALA A 30 10.28 -6.97 15.59
C ALA A 30 11.02 -5.71 15.15
N VAL A 31 12.26 -5.86 14.67
CA VAL A 31 13.03 -4.72 14.18
C VAL A 31 12.39 -4.13 12.92
N ALA A 32 12.06 -4.98 11.95
CA ALA A 32 11.46 -4.53 10.70
C ALA A 32 10.05 -4.00 10.88
N ALA A 33 9.37 -4.37 11.96
CA ALA A 33 8.08 -3.77 12.26
C ALA A 33 8.25 -2.43 12.97
N SER A 34 9.21 -2.36 13.90
CA SER A 34 9.45 -1.12 14.64
C SER A 34 10.01 -0.02 13.77
N VAL A 35 10.62 -0.36 12.63
CA VAL A 35 10.93 0.67 11.65
C VAL A 35 9.65 1.28 11.08
N LEU A 36 8.71 0.44 10.65
CA LEU A 36 7.52 0.91 9.96
C LEU A 36 6.55 1.65 10.87
N ILE A 37 6.47 1.24 12.15
CA ILE A 37 5.63 1.98 13.09
C ILE A 37 6.22 3.34 13.40
N ASN A 38 7.52 3.39 13.69
CA ASN A 38 8.12 4.66 14.13
C ASN A 38 8.41 5.61 12.97
N THR A 39 8.37 5.15 11.72
CA THR A 39 8.61 6.07 10.61
C THR A 39 7.36 6.83 10.18
N SER A 40 6.20 6.56 10.77
CA SER A 40 4.95 7.16 10.31
C SER A 40 4.54 8.38 11.10
N GLY A 41 4.96 8.50 12.36
CA GLY A 41 4.52 9.60 13.19
C GLY A 41 5.08 10.94 12.73
N PHE A 42 6.33 10.94 12.26
CA PHE A 42 6.95 12.15 11.72
C PHE A 42 6.19 12.66 10.51
N LEU A 43 5.86 11.77 9.58
CA LEU A 43 5.18 12.22 8.38
C LEU A 43 3.72 12.56 8.62
N GLN A 44 3.05 11.91 9.58
CA GLN A 44 1.66 12.30 9.84
C GLN A 44 1.60 13.65 10.55
N GLN A 45 2.54 13.90 11.47
CA GLN A 45 2.51 15.19 12.16
C GLN A 45 3.14 16.30 11.34
N LYS A 46 3.84 15.97 10.26
CA LYS A 46 4.25 16.99 9.31
C LYS A 46 3.16 17.27 8.29
N ALA A 47 2.37 16.26 7.91
CA ALA A 47 1.31 16.46 6.93
C ALA A 47 0.06 17.05 7.53
N SER A 48 -0.16 16.86 8.84
CA SER A 48 -1.36 17.41 9.46
C SER A 48 -1.29 18.91 9.64
N THR A 49 -0.08 19.43 9.91
CA THR A 49 0.06 20.88 10.09
C THR A 49 -0.01 21.61 8.76
N THR A 50 0.39 20.95 7.67
CA THR A 50 0.56 21.63 6.39
C THR A 50 -0.77 22.09 5.81
N GLY A 51 -1.82 21.26 5.93
CA GLY A 51 -3.11 21.63 5.38
C GLY A 51 -3.77 22.77 6.14
N LYS A 52 -3.77 22.68 7.47
CA LYS A 52 -4.42 23.73 8.25
C LYS A 52 -3.51 24.92 8.52
N GLU A 53 -2.28 24.93 8.00
CA GLU A 53 -1.53 26.17 7.89
C GLU A 53 -1.55 26.75 6.49
N SER A 54 -1.82 25.93 5.47
CA SER A 54 -1.95 26.44 4.12
C SER A 54 -3.35 26.97 3.83
N THR A 55 -4.37 26.51 4.57
CA THR A 55 -5.71 27.04 4.38
C THR A 55 -5.81 28.46 4.93
N GLU A 56 -5.06 28.76 5.99
CA GLU A 56 -5.09 30.09 6.57
C GLU A 56 -4.47 31.13 5.66
N GLN A 57 -3.52 30.73 4.81
CA GLN A 57 -2.88 31.68 3.91
C GLN A 57 -3.82 32.07 2.76
N VAL A 58 -4.54 31.10 2.20
CA VAL A 58 -5.49 31.41 1.14
C VAL A 58 -6.75 32.05 1.70
N ALA A 59 -7.05 31.85 2.99
CA ALA A 59 -8.31 32.36 3.54
C ALA A 59 -8.23 33.85 3.84
N SER A 60 -7.16 34.30 4.50
CA SER A 60 -7.13 35.62 5.10
C SER A 60 -6.91 36.71 4.05
N GLY A 61 -6.96 37.96 4.51
CA GLY A 61 -6.84 39.08 3.60
C GLY A 61 -6.88 40.38 4.37
N LEU A 62 -6.91 41.48 3.62
CA LEU A 62 -6.85 42.82 4.19
C LEU A 62 -7.36 43.80 3.15
N LEU A 63 -8.37 44.58 3.50
CA LEU A 63 -9.17 45.33 2.52
C LEU A 63 -9.15 46.83 2.85
N ILE A 64 -8.55 47.62 1.95
CA ILE A 64 -8.53 49.08 2.05
C ILE A 64 -9.80 49.66 1.47
N ASN A 65 -10.45 50.58 2.21
CA ASN A 65 -11.72 51.15 1.79
C ASN A 65 -11.79 52.67 1.99
N GLY A 66 -10.73 53.38 1.60
CA GLY A 66 -10.79 54.83 1.64
C GLY A 66 -9.55 55.51 2.19
N ILE A 67 -9.04 56.52 1.48
CA ILE A 67 -7.81 57.22 1.85
C ILE A 67 -8.06 58.72 1.77
N THR A 68 -7.82 59.41 2.89
CA THR A 68 -7.94 60.86 2.94
C THR A 68 -6.60 61.48 3.28
N GLY A 69 -6.50 62.79 3.09
CA GLY A 69 -5.26 63.50 3.34
C GLY A 69 -5.52 64.90 3.84
N SER A 70 -4.60 65.41 4.64
CA SER A 70 -4.70 66.75 5.20
C SER A 70 -3.71 67.69 4.53
N VAL A 71 -4.05 68.97 4.53
CA VAL A 71 -3.29 70.02 3.87
C VAL A 71 -3.44 71.24 4.76
N GLY A 72 -2.81 72.36 4.43
CA GLY A 72 -3.07 73.58 5.18
C GLY A 72 -1.92 74.55 5.35
N THR A 73 -0.73 74.24 4.83
CA THR A 73 0.33 75.23 4.76
C THR A 73 0.67 75.59 3.32
N SER A 74 1.17 74.63 2.54
CA SER A 74 1.23 74.75 1.09
C SER A 74 0.94 73.44 0.37
N ASP A 75 0.95 72.30 1.06
CA ASP A 75 0.98 71.00 0.42
C ASP A 75 0.57 69.95 1.44
N VAL A 76 0.17 68.78 0.94
CA VAL A 76 -0.28 67.68 1.77
C VAL A 76 0.86 67.16 2.63
N LYS A 77 0.60 66.92 3.92
CA LYS A 77 1.62 66.37 4.78
C LYS A 77 1.15 65.32 5.78
N LEU A 78 -0.13 64.93 5.78
CA LEU A 78 -0.60 63.82 6.60
C LEU A 78 -1.57 62.97 5.80
N LEU A 79 -1.44 61.65 5.92
CA LEU A 79 -2.31 60.71 5.25
C LEU A 79 -3.05 59.86 6.26
N ALA A 80 -4.32 59.62 6.01
CA ALA A 80 -5.15 58.76 6.84
C ALA A 80 -5.73 57.66 5.96
N ILE A 81 -5.54 56.40 6.39
CA ILE A 81 -5.95 55.23 5.64
C ILE A 81 -6.93 54.43 6.47
N TYR A 82 -8.13 54.21 5.95
CA TYR A 82 -9.08 53.34 6.62
C TYR A 82 -8.81 51.89 6.24
N LEU A 83 -9.34 50.97 7.04
CA LEU A 83 -8.92 49.59 6.95
C LEU A 83 -9.94 48.70 7.64
N ALA A 84 -10.10 47.47 7.12
CA ALA A 84 -11.05 46.51 7.63
C ALA A 84 -10.65 45.13 7.12
N PRO A 85 -10.75 44.08 7.94
CA PRO A 85 -10.36 42.75 7.48
C PRO A 85 -11.40 42.14 6.56
N ASN A 86 -10.93 41.28 5.66
CA ASN A 86 -11.81 40.50 4.81
C ASN A 86 -12.57 39.49 5.65
N ALA A 87 -13.75 39.11 5.20
CA ALA A 87 -14.64 38.29 6.02
C ALA A 87 -14.35 36.80 5.89
N GLY A 88 -13.08 36.42 5.99
CA GLY A 88 -12.70 35.03 6.21
C GLY A 88 -11.43 34.94 7.03
N SER A 89 -10.94 36.09 7.48
CA SER A 89 -9.65 36.15 8.14
C SER A 89 -9.76 35.68 9.59
N SER A 90 -8.72 35.00 10.05
CA SER A 90 -8.75 34.44 11.39
C SER A 90 -8.41 35.48 12.45
N ALA A 91 -7.17 36.00 12.42
CA ALA A 91 -6.74 36.97 13.43
C ALA A 91 -5.60 37.78 12.82
N ILE A 92 -5.90 38.99 12.39
CA ILE A 92 -4.87 39.89 11.87
C ILE A 92 -4.22 40.60 13.05
N ASP A 93 -2.90 40.57 13.09
CA ASP A 93 -2.13 41.11 14.21
C ASP A 93 -1.36 42.34 13.73
N LEU A 94 -1.73 43.52 14.23
CA LEU A 94 -1.17 44.77 13.74
C LEU A 94 0.20 45.09 14.31
N ALA A 95 0.81 44.21 15.09
CA ALA A 95 2.14 44.51 15.59
C ALA A 95 3.23 44.22 14.56
N GLN A 96 2.90 43.57 13.44
CA GLN A 96 3.89 43.09 12.50
C GLN A 96 3.49 43.34 11.04
N THR A 97 2.68 44.36 10.78
CA THR A 97 2.26 44.70 9.42
C THR A 97 3.00 45.95 9.00
N LYS A 98 3.58 45.92 7.79
CA LYS A 98 4.48 46.97 7.34
C LYS A 98 4.00 47.55 6.01
N VAL A 99 4.11 48.87 5.89
CA VAL A 99 3.59 49.60 4.76
C VAL A 99 4.75 50.05 3.88
N MET A 100 4.66 49.79 2.58
CA MET A 100 5.64 50.34 1.64
C MET A 100 5.01 51.46 0.82
N LEU A 101 5.80 52.49 0.56
CA LEU A 101 5.40 53.59 -0.31
C LEU A 101 6.52 53.87 -1.31
N ASP A 102 6.14 54.38 -2.48
CA ASP A 102 7.07 54.57 -3.59
C ASP A 102 6.85 55.94 -4.22
N TYR A 103 7.82 56.84 -4.05
CA TYR A 103 7.71 58.17 -4.64
C TYR A 103 9.09 58.81 -4.76
N ASN A 104 9.33 59.41 -5.94
CA ASN A 104 10.48 60.29 -6.22
C ASN A 104 11.81 59.55 -6.02
N GLY A 105 11.88 58.31 -6.53
CA GLY A 105 13.05 57.50 -6.32
C GLY A 105 13.27 57.07 -4.89
N LYS A 106 12.22 57.04 -4.08
CA LYS A 106 12.30 56.67 -2.69
C LYS A 106 11.31 55.55 -2.42
N SER A 107 11.83 54.38 -2.05
CA SER A 107 11.01 53.27 -1.60
C SER A 107 11.14 53.19 -0.08
N VAL A 108 10.04 53.38 0.62
CA VAL A 108 10.04 53.64 2.05
C VAL A 108 9.28 52.53 2.75
N VAL A 109 9.94 51.89 3.71
CA VAL A 109 9.39 50.81 4.52
C VAL A 109 9.14 51.37 5.92
N LEU A 110 7.96 51.11 6.47
CA LEU A 110 7.58 51.61 7.78
C LEU A 110 7.41 50.44 8.74
N GLY A 111 7.19 50.77 10.01
CA GLY A 111 6.98 49.79 11.05
C GLY A 111 6.02 50.35 12.07
N TYR A 112 5.66 49.54 13.06
CA TYR A 112 4.69 49.96 14.06
C TYR A 112 5.33 50.91 15.06
N GLY A 113 4.54 51.91 15.48
CA GLY A 113 5.01 52.91 16.43
C GLY A 113 4.31 52.76 17.77
N GLY A 114 5.05 53.05 18.84
CA GLY A 114 4.55 52.83 20.19
C GLY A 114 3.63 53.91 20.73
N ASN A 115 2.53 54.16 20.03
CA ASN A 115 1.51 55.11 20.49
C ASN A 115 0.21 54.77 19.78
N GLN A 116 -0.88 54.76 20.53
CA GLN A 116 -2.19 54.48 19.99
C GLN A 116 -3.23 55.27 20.78
N ASP A 117 -4.51 54.99 20.52
CA ASP A 117 -5.58 55.71 21.18
C ASP A 117 -6.83 54.83 21.16
N MET A 118 -7.76 55.12 22.07
CA MET A 118 -9.02 54.40 22.20
C MET A 118 -10.20 55.31 21.88
N SER A 119 -10.05 56.11 20.81
CA SER A 119 -11.06 57.10 20.43
C SER A 119 -12.29 56.46 19.80
N SER A 120 -13.13 55.83 20.64
CA SER A 120 -14.40 55.27 20.20
C SER A 120 -15.50 56.08 20.88
N GLY A 121 -15.89 57.18 20.26
CA GLY A 121 -16.89 58.06 20.81
C GLY A 121 -16.54 59.53 20.65
N ASN A 122 -15.26 59.80 20.42
CA ASN A 122 -14.77 61.17 20.34
C ASN A 122 -14.73 61.62 18.87
N SER A 123 -14.11 62.78 18.64
CA SER A 123 -14.13 63.44 17.34
C SER A 123 -12.75 64.00 17.04
N SER A 124 -12.65 64.68 15.89
CA SER A 124 -11.48 65.45 15.43
C SER A 124 -10.24 64.55 15.34
N VAL A 125 -10.29 63.66 14.32
CA VAL A 125 -9.27 62.64 14.09
C VAL A 125 -7.88 63.25 13.93
N PHE A 126 -7.80 64.43 13.32
CA PHE A 126 -6.52 65.08 13.09
C PHE A 126 -6.12 66.02 14.24
N SER A 127 -6.55 65.74 15.48
CA SER A 127 -6.21 66.63 16.58
C SER A 127 -5.86 65.93 17.89
N ASN A 128 -5.53 64.63 17.87
CA ASN A 128 -5.19 63.91 19.09
C ASN A 128 -4.00 62.98 18.84
N ASP A 129 -2.90 63.25 19.56
CA ASP A 129 -1.73 62.37 19.66
C ASP A 129 -1.08 62.08 18.32
N THR A 130 -0.82 63.14 17.55
CA THR A 130 -0.17 63.01 16.24
C THR A 130 1.28 63.47 16.26
N GLY A 131 1.98 63.31 17.38
CA GLY A 131 3.34 63.78 17.49
C GLY A 131 4.39 62.73 17.83
N ALA A 132 4.26 61.53 17.28
CA ALA A 132 5.25 60.47 17.48
C ALA A 132 5.55 59.76 16.16
N THR A 133 5.61 60.54 15.10
CA THR A 133 5.78 60.12 13.71
C THR A 133 7.25 60.14 13.29
N ALA A 134 7.48 60.21 11.97
CA ALA A 134 8.70 60.42 11.18
C ALA A 134 9.52 59.16 10.91
N THR A 135 9.16 58.01 11.48
CA THR A 135 9.62 56.76 10.90
C THR A 135 8.60 55.63 11.00
N THR A 136 7.41 55.88 11.54
CA THR A 136 6.43 54.85 11.82
C THR A 136 5.03 55.38 11.49
N PHE A 137 4.03 54.54 11.70
CA PHE A 137 2.65 54.95 11.56
C PHE A 137 1.94 54.86 12.91
N GLN A 138 0.75 55.45 12.97
CA GLN A 138 -0.01 55.52 14.21
C GLN A 138 -1.39 54.93 13.98
N VAL A 139 -1.94 54.32 15.03
CA VAL A 139 -3.13 53.48 14.94
C VAL A 139 -4.24 54.09 15.78
N ASN A 140 -5.43 54.24 15.19
CA ASN A 140 -6.62 54.63 15.91
C ASN A 140 -7.72 53.59 15.73
N ILE A 141 -8.53 53.43 16.76
CA ILE A 141 -9.60 52.44 16.80
C ILE A 141 -10.92 53.15 16.64
N LEU A 142 -11.75 52.72 15.69
CA LEU A 142 -13.05 53.34 15.49
C LEU A 142 -14.21 52.48 15.97
N GLN A 143 -14.05 51.16 16.04
CA GLN A 143 -15.14 50.28 16.43
C GLN A 143 -14.58 48.97 16.93
N ASP A 144 -15.01 48.55 18.12
CA ASP A 144 -14.60 47.27 18.68
C ASP A 144 -15.65 46.86 19.71
N TYR A 145 -16.39 45.80 19.43
CA TYR A 145 -17.44 45.36 20.35
C TYR A 145 -16.84 44.63 21.55
N ASP A 146 -16.14 43.52 21.29
CA ASP A 146 -15.66 42.65 22.36
C ASP A 146 -14.24 42.98 22.80
N ASP A 147 -13.86 44.26 22.73
CA ASP A 147 -12.61 44.93 23.14
C ASP A 147 -11.35 44.08 22.98
N SER A 148 -11.23 43.43 21.83
CA SER A 148 -10.09 42.57 21.53
C SER A 148 -8.95 43.31 20.85
N ALA A 149 -9.13 44.58 20.54
CA ALA A 149 -8.09 45.39 19.92
C ALA A 149 -7.64 46.55 20.79
N VAL A 150 -8.17 46.67 22.01
CA VAL A 150 -7.77 47.77 22.89
C VAL A 150 -6.33 47.58 23.36
N ASP A 151 -5.96 46.35 23.69
CA ASP A 151 -4.57 46.05 23.98
C ASP A 151 -4.04 45.09 22.91
N ASN A 152 -2.72 45.17 22.71
CA ASN A 152 -1.83 44.28 21.94
C ASN A 152 -2.30 43.98 20.50
N ALA A 153 -3.19 44.81 19.94
CA ALA A 153 -3.42 44.99 18.50
C ALA A 153 -3.81 43.70 17.79
N VAL A 154 -4.99 43.18 18.12
CA VAL A 154 -5.54 42.00 17.47
C VAL A 154 -6.91 42.37 16.90
N ILE A 155 -7.05 42.27 15.58
CA ILE A 155 -8.30 42.57 14.89
C ILE A 155 -9.05 41.27 14.65
N ASN A 156 -10.25 41.18 15.21
CA ASN A 156 -11.12 40.03 14.95
C ASN A 156 -12.04 40.35 13.78
N LYS A 157 -13.08 39.54 13.61
CA LYS A 157 -13.97 39.66 12.45
C LYS A 157 -14.96 40.79 12.68
N GLY A 158 -14.64 41.99 12.19
CA GLY A 158 -15.60 43.07 12.21
C GLY A 158 -15.18 44.38 12.83
N ASP A 159 -13.88 44.63 12.94
CA ASP A 159 -13.41 45.88 13.52
C ASP A 159 -13.24 46.96 12.46
N ALA A 160 -12.78 48.13 12.89
CA ALA A 160 -12.47 49.25 11.99
C ALA A 160 -11.33 50.04 12.61
N VAL A 161 -10.21 50.11 11.90
CA VAL A 161 -8.96 50.67 12.40
C VAL A 161 -8.41 51.64 11.36
N ALA A 162 -8.08 52.85 11.78
CA ALA A 162 -7.48 53.82 10.88
C ALA A 162 -5.99 53.97 11.16
N LEU A 163 -5.25 54.30 10.11
CA LEU A 163 -3.81 54.51 10.19
C LEU A 163 -3.51 55.96 9.83
N ILE A 164 -2.52 56.53 10.50
CA ILE A 164 -2.06 57.89 10.24
C ILE A 164 -0.57 57.86 9.97
N VAL A 165 -0.16 58.41 8.82
CA VAL A 165 1.24 58.48 8.42
C VAL A 165 1.57 59.94 8.13
N ASP A 166 2.73 60.40 8.62
CA ASP A 166 3.21 61.73 8.31
C ASP A 166 4.16 61.68 7.11
N VAL A 167 4.02 62.66 6.22
CA VAL A 167 4.72 62.65 4.94
C VAL A 167 5.91 63.61 4.96
N ASN A 168 5.73 64.78 5.57
CA ASN A 168 6.75 65.83 5.56
C ASN A 168 8.02 65.39 6.28
N ALA A 169 7.87 64.68 7.39
CA ALA A 169 9.00 64.25 8.19
C ALA A 169 9.46 62.84 7.86
N SER A 170 8.97 62.25 6.77
CA SER A 170 9.40 60.91 6.39
C SER A 170 9.92 60.88 4.95
N PHE A 171 9.44 61.79 4.11
CA PHE A 171 9.97 61.92 2.75
C PHE A 171 10.96 63.06 2.61
N ALA A 172 11.09 63.89 3.65
CA ALA A 172 11.88 65.12 3.67
C ALA A 172 11.49 66.06 2.53
N GLY A 173 10.23 66.49 2.52
CA GLY A 173 9.75 67.36 1.46
C GLY A 173 8.24 67.49 1.45
N GLU A 174 7.65 67.40 0.26
CA GLU A 174 6.21 67.57 0.09
C GLU A 174 5.71 66.51 -0.87
N ILE A 175 4.43 66.61 -1.25
CA ILE A 175 3.82 65.75 -2.26
C ILE A 175 2.94 66.61 -3.16
N PRO A 176 3.47 67.12 -4.26
CA PRO A 176 2.71 68.05 -5.11
C PRO A 176 1.67 67.29 -5.93
N GLU A 177 0.92 68.07 -6.71
CA GLU A 177 -0.18 67.52 -7.48
C GLU A 177 0.32 66.82 -8.74
N ARG A 178 -0.62 66.14 -9.42
CA ARG A 178 -0.40 65.43 -10.69
C ARG A 178 0.67 64.35 -10.56
N THR A 179 0.67 63.63 -9.45
CA THR A 179 1.58 62.52 -9.23
C THR A 179 0.81 61.20 -9.16
N ALA A 180 1.56 60.11 -9.14
CA ALA A 180 0.98 58.76 -9.09
C ALA A 180 1.85 57.89 -8.22
N ILE A 181 1.27 57.32 -7.16
CA ILE A 181 2.00 56.57 -6.14
C ILE A 181 1.30 55.24 -5.91
N SER A 182 2.08 54.16 -5.88
CA SER A 182 1.60 52.84 -5.50
C SER A 182 2.14 52.47 -4.13
N GLY A 183 1.74 51.30 -3.65
CA GLY A 183 2.19 50.82 -2.36
C GLY A 183 1.35 49.67 -1.87
N LYS A 184 1.91 48.92 -0.92
CA LYS A 184 1.28 47.71 -0.40
C LYS A 184 1.38 47.66 1.12
N VAL A 185 0.42 46.95 1.73
CA VAL A 185 0.18 46.94 3.17
C VAL A 185 0.24 45.48 3.66
N GLN A 186 1.25 44.72 3.19
CA GLN A 186 1.46 43.29 3.45
C GLN A 186 1.24 42.89 4.91
N PRO A 187 0.30 42.00 5.21
CA PRO A 187 0.20 41.43 6.55
C PRO A 187 1.22 40.35 6.79
N GLU A 188 1.10 39.65 7.92
CA GLU A 188 2.02 38.56 8.25
C GLU A 188 1.88 37.39 7.28
N PHE A 189 0.64 36.95 7.03
CA PHE A 189 0.43 35.76 6.22
C PHE A 189 -0.72 35.88 5.22
N GLY A 190 -1.44 36.99 5.17
CA GLY A 190 -2.58 37.09 4.29
C GLY A 190 -2.25 37.56 2.88
N ALA A 191 -3.16 38.33 2.28
CA ALA A 191 -2.99 38.90 0.96
C ALA A 191 -3.05 40.41 1.03
N PRO A 192 -2.15 41.11 0.36
CA PRO A 192 -2.03 42.57 0.56
C PRO A 192 -3.11 43.35 -0.16
N GLY A 193 -3.36 44.56 0.35
CA GLY A 193 -4.20 45.53 -0.31
C GLY A 193 -3.33 46.58 -1.00
N VAL A 194 -3.72 46.96 -2.20
CA VAL A 194 -2.89 47.78 -3.07
C VAL A 194 -3.41 49.21 -3.04
N ILE A 195 -2.50 50.18 -3.08
CA ILE A 195 -2.82 51.59 -2.91
C ILE A 195 -2.59 52.32 -4.22
N SER A 196 -3.52 53.20 -4.60
CA SER A 196 -3.33 54.06 -5.76
C SER A 196 -4.14 55.34 -5.56
N PHE A 197 -3.45 56.48 -5.43
CA PHE A 197 -4.09 57.74 -5.06
C PHE A 197 -3.59 58.89 -5.95
N THR A 198 -3.67 58.69 -7.27
CA THR A 198 -3.29 59.70 -8.27
C THR A 198 -3.96 61.04 -8.03
N THR A 199 -3.14 62.05 -7.76
CA THR A 199 -3.58 63.27 -7.11
C THR A 199 -4.41 64.15 -8.05
N PRO A 200 -5.36 64.92 -7.50
CA PRO A 200 -6.12 65.84 -8.35
C PRO A 200 -5.28 67.03 -8.77
N ALA A 201 -5.82 67.76 -9.74
CA ALA A 201 -5.10 68.87 -10.37
C ALA A 201 -5.29 70.19 -9.67
N SER A 202 -6.01 70.23 -8.55
CA SER A 202 -6.25 71.48 -7.84
C SER A 202 -6.54 71.19 -6.38
N TYR A 203 -5.98 72.00 -5.49
CA TYR A 203 -6.27 71.93 -4.07
C TYR A 203 -7.15 73.11 -3.69
N THR A 204 -8.31 72.82 -3.11
CA THR A 204 -9.29 73.86 -2.78
C THR A 204 -9.49 74.03 -1.28
N THR A 205 -9.86 72.97 -0.57
CA THR A 205 -10.21 73.06 0.83
C THR A 205 -9.05 72.60 1.70
N THR A 206 -9.24 72.67 3.01
CA THR A 206 -8.24 72.24 3.96
C THR A 206 -8.29 70.75 4.26
N LEU A 207 -9.15 69.99 3.58
CA LEU A 207 -9.27 68.55 3.80
C LEU A 207 -9.73 67.94 2.47
N VAL A 208 -8.81 67.39 1.72
CA VAL A 208 -9.07 66.91 0.36
C VAL A 208 -9.20 65.40 0.39
N GLU A 209 -10.14 64.89 -0.41
CA GLU A 209 -10.30 63.44 -0.59
C GLU A 209 -9.34 62.94 -1.65
N LEU A 210 -8.88 61.72 -1.46
CA LEU A 210 -7.93 61.15 -2.41
C LEU A 210 -8.38 59.81 -2.96
N GLN A 211 -9.01 58.98 -2.16
CA GLN A 211 -9.57 57.72 -2.64
C GLN A 211 -10.79 57.30 -1.81
N ALA B 13 42.03 -60.01 27.68
CA ALA B 13 42.27 -60.49 26.32
C ALA B 13 41.41 -59.74 25.32
N SER B 14 40.09 -59.73 25.57
CA SER B 14 39.14 -59.03 24.71
C SER B 14 38.66 -57.72 25.33
N GLY B 15 39.49 -57.10 26.16
CA GLY B 15 39.13 -55.82 26.76
C GLY B 15 39.81 -54.65 26.08
N ILE B 16 39.89 -54.69 24.75
CA ILE B 16 40.54 -53.65 23.97
C ILE B 16 39.42 -53.01 23.14
N GLY B 17 38.23 -52.93 23.73
CA GLY B 17 37.09 -52.35 23.05
C GLY B 17 37.17 -50.85 22.85
N THR B 18 38.09 -50.17 23.52
CA THR B 18 38.25 -48.73 23.32
C THR B 18 39.09 -48.43 22.08
N LEU B 19 40.13 -49.22 21.81
CA LEU B 19 41.01 -48.97 20.68
C LEU B 19 40.33 -49.21 19.35
N ILE B 20 39.25 -49.99 19.34
CA ILE B 20 38.52 -50.27 18.11
C ILE B 20 37.69 -49.05 17.70
N VAL B 21 36.93 -48.52 18.65
CA VAL B 21 35.84 -47.61 18.34
C VAL B 21 36.10 -46.18 18.82
N PHE B 22 36.67 -46.01 20.01
CA PHE B 22 36.67 -44.73 20.70
C PHE B 22 37.53 -43.68 19.99
N ILE B 23 38.81 -44.01 19.75
CA ILE B 23 39.74 -43.07 19.15
C ILE B 23 39.33 -42.78 17.70
N ALA B 24 38.86 -43.80 16.99
CA ALA B 24 38.44 -43.63 15.60
C ALA B 24 37.21 -42.74 15.49
N MET B 25 36.23 -42.92 16.38
CA MET B 25 35.05 -42.06 16.32
C MET B 25 35.34 -40.65 16.83
N VAL B 26 36.31 -40.48 17.73
CA VAL B 26 36.72 -39.13 18.12
C VAL B 26 37.35 -38.40 16.94
N LEU B 27 38.21 -39.09 16.18
CA LEU B 27 38.84 -38.45 15.03
C LEU B 27 37.86 -38.17 13.91
N VAL B 28 36.94 -39.11 13.63
CA VAL B 28 35.92 -38.90 12.62
C VAL B 28 34.94 -37.80 13.05
N ALA B 29 34.68 -37.69 14.35
CA ALA B 29 33.85 -36.62 14.88
C ALA B 29 34.51 -35.26 14.70
N ALA B 30 35.83 -35.19 14.96
CA ALA B 30 36.56 -33.94 14.76
C ALA B 30 36.58 -33.54 13.29
N VAL B 31 36.73 -34.51 12.39
CA VAL B 31 36.74 -34.21 10.96
C VAL B 31 35.36 -33.73 10.49
N ALA B 32 34.30 -34.44 10.88
CA ALA B 32 32.94 -34.08 10.48
C ALA B 32 32.46 -32.79 11.13
N ALA B 33 33.07 -32.40 12.25
CA ALA B 33 32.76 -31.10 12.83
C ALA B 33 33.54 -29.99 12.13
N SER B 34 34.81 -30.24 11.82
CA SER B 34 35.66 -29.25 11.17
C SER B 34 35.22 -28.96 9.74
N VAL B 35 34.48 -29.88 9.12
CA VAL B 35 33.83 -29.55 7.86
C VAL B 35 32.76 -28.48 8.06
N LEU B 36 31.89 -28.69 9.07
CA LEU B 36 30.74 -27.80 9.26
C LEU B 36 31.14 -26.43 9.79
N ILE B 37 32.19 -26.36 10.60
CA ILE B 37 32.66 -25.05 11.06
C ILE B 37 33.30 -24.28 9.90
N ASN B 38 34.17 -24.93 9.14
CA ASN B 38 34.90 -24.20 8.11
C ASN B 38 34.09 -23.95 6.85
N THR B 39 32.94 -24.60 6.68
CA THR B 39 32.14 -24.34 5.49
C THR B 39 31.21 -23.15 5.64
N SER B 40 31.16 -22.51 6.81
CA SER B 40 30.20 -21.45 7.05
C SER B 40 30.77 -20.04 6.86
N GLY B 41 32.08 -19.88 7.01
CA GLY B 41 32.67 -18.55 6.90
C GLY B 41 32.60 -17.98 5.50
N PHE B 42 32.79 -18.85 4.50
CA PHE B 42 32.68 -18.43 3.10
C PHE B 42 31.28 -17.91 2.78
N LEU B 43 30.26 -18.65 3.21
CA LEU B 43 28.90 -18.23 2.88
C LEU B 43 28.44 -17.04 3.71
N GLN B 44 28.93 -16.90 4.96
CA GLN B 44 28.53 -15.71 5.71
C GLN B 44 29.21 -14.46 5.17
N GLN B 45 30.47 -14.56 4.74
CA GLN B 45 31.14 -13.38 4.21
C GLN B 45 30.77 -13.12 2.76
N LYS B 46 30.14 -14.09 2.09
CA LYS B 46 29.56 -13.80 0.79
C LYS B 46 28.16 -13.20 0.92
N ALA B 47 27.39 -13.63 1.94
CA ALA B 47 26.04 -13.11 2.11
C ALA B 47 26.02 -11.76 2.80
N SER B 48 27.05 -11.42 3.58
CA SER B 48 27.06 -10.14 4.26
C SER B 48 27.34 -8.98 3.30
N THR B 49 28.19 -9.22 2.29
CA THR B 49 28.48 -8.16 1.33
C THR B 49 27.33 -7.92 0.38
N THR B 50 26.52 -8.94 0.12
CA THR B 50 25.51 -8.87 -0.94
C THR B 50 24.40 -7.88 -0.59
N GLY B 51 23.96 -7.88 0.67
CA GLY B 51 22.90 -6.97 1.06
C GLY B 51 23.31 -5.52 1.06
N LYS B 52 24.47 -5.21 1.64
CA LYS B 52 24.92 -3.83 1.70
C LYS B 52 25.65 -3.39 0.44
N GLU B 53 25.78 -4.25 -0.57
CA GLU B 53 26.11 -3.78 -1.90
C GLU B 53 24.91 -3.70 -2.82
N SER B 54 23.83 -4.43 -2.51
CA SER B 54 22.61 -4.32 -3.29
C SER B 54 21.72 -3.17 -2.83
N THR B 55 21.86 -2.73 -1.58
CA THR B 55 21.10 -1.58 -1.12
C THR B 55 21.61 -0.29 -1.74
N GLU B 56 22.92 -0.23 -2.01
CA GLU B 56 23.50 0.97 -2.63
C GLU B 56 23.04 1.15 -4.07
N GLN B 57 22.73 0.05 -4.76
CA GLN B 57 22.28 0.17 -6.15
C GLN B 57 20.86 0.70 -6.23
N VAL B 58 19.98 0.24 -5.36
CA VAL B 58 18.61 0.75 -5.36
C VAL B 58 18.54 2.14 -4.72
N ALA B 59 19.51 2.50 -3.89
CA ALA B 59 19.43 3.78 -3.18
C ALA B 59 19.82 4.95 -4.07
N SER B 60 20.94 4.84 -4.79
CA SER B 60 21.55 5.99 -5.43
C SER B 60 20.79 6.41 -6.69
N GLY B 61 21.25 7.51 -7.29
CA GLY B 61 20.58 8.06 -8.45
C GLY B 61 21.30 9.28 -8.95
N LEU B 62 20.69 9.94 -9.94
CA LEU B 62 21.31 11.07 -10.61
C LEU B 62 20.20 11.84 -11.32
N LEU B 63 20.08 13.13 -11.03
CA LEU B 63 18.89 13.91 -11.39
C LEU B 63 19.27 15.13 -12.23
N ILE B 64 18.80 15.13 -13.48
CA ILE B 64 18.99 16.25 -14.41
C ILE B 64 17.91 17.31 -14.17
N ASN B 65 18.32 18.57 -14.03
CA ASN B 65 17.37 19.65 -13.74
C ASN B 65 17.61 20.90 -14.60
N GLY B 66 17.80 20.72 -15.90
CA GLY B 66 17.89 21.87 -16.79
C GLY B 66 19.00 21.81 -17.82
N ILE B 67 18.68 22.08 -19.09
CA ILE B 67 19.62 21.99 -20.19
C ILE B 67 19.54 23.26 -21.03
N THR B 68 20.66 23.94 -21.19
CA THR B 68 20.73 25.13 -22.02
C THR B 68 21.70 24.90 -23.17
N GLY B 69 21.65 25.80 -24.16
CA GLY B 69 22.51 25.67 -25.32
C GLY B 69 22.90 27.02 -25.85
N SER B 70 24.08 27.08 -26.47
CA SER B 70 24.60 28.32 -27.05
C SER B 70 24.54 28.26 -28.57
N VAL B 71 24.44 29.45 -29.17
CA VAL B 71 24.28 29.62 -30.61
C VAL B 71 25.06 30.88 -30.94
N GLY B 72 25.13 31.27 -32.21
CA GLY B 72 25.75 32.55 -32.52
C GLY B 72 26.50 32.67 -33.84
N THR B 73 26.58 31.59 -34.61
CA THR B 73 27.08 31.70 -35.98
C THR B 73 25.99 31.38 -37.00
N SER B 74 25.50 30.15 -37.01
CA SER B 74 24.25 29.83 -37.70
C SER B 74 23.41 28.81 -36.96
N ASP B 75 23.95 28.12 -35.97
CA ASP B 75 23.32 26.94 -35.41
C ASP B 75 23.96 26.65 -34.06
N VAL B 76 23.26 25.86 -33.23
CA VAL B 76 23.73 25.51 -31.89
C VAL B 76 24.98 24.66 -31.98
N LYS B 77 25.97 24.98 -31.13
CA LYS B 77 27.20 24.18 -31.11
C LYS B 77 27.79 23.94 -29.72
N LEU B 78 27.16 24.39 -28.64
CA LEU B 78 27.60 24.05 -27.30
C LEU B 78 26.39 23.76 -26.42
N LEU B 79 26.48 22.70 -25.62
CA LEU B 79 25.42 22.31 -24.71
C LEU B 79 25.92 22.37 -23.27
N ALA B 80 25.08 22.87 -22.38
CA ALA B 80 25.36 22.92 -20.95
C ALA B 80 24.26 22.18 -20.21
N ILE B 81 24.65 21.24 -19.36
CA ILE B 81 23.72 20.39 -18.63
C ILE B 81 23.95 20.58 -17.14
N TYR B 82 22.90 20.98 -16.43
CA TYR B 82 23.00 21.05 -14.98
C TYR B 82 22.71 19.68 -14.37
N LEU B 83 23.11 19.51 -13.12
CA LEU B 83 23.14 18.18 -12.54
C LEU B 83 23.21 18.30 -11.02
N ALA B 84 22.61 17.32 -10.34
CA ALA B 84 22.56 17.28 -8.88
C ALA B 84 22.22 15.85 -8.45
N PRO B 85 22.82 15.34 -7.39
CA PRO B 85 22.53 13.96 -6.98
C PRO B 85 21.20 13.87 -6.27
N ASN B 86 20.58 12.69 -6.37
CA ASN B 86 19.37 12.39 -5.63
C ASN B 86 19.70 12.29 -4.14
N ALA B 87 18.71 12.58 -3.30
CA ALA B 87 18.96 12.69 -1.88
C ALA B 87 18.89 11.34 -1.15
N GLY B 88 19.57 10.34 -1.70
CA GLY B 88 19.85 9.12 -0.97
C GLY B 88 21.17 8.53 -1.43
N SER B 89 21.87 9.23 -2.30
CA SER B 89 23.06 8.69 -2.92
C SER B 89 24.25 8.79 -1.98
N SER B 90 25.12 7.78 -2.04
CA SER B 90 26.26 7.73 -1.12
C SER B 90 27.41 8.60 -1.60
N ALA B 91 27.99 8.26 -2.75
CA ALA B 91 29.14 9.01 -3.27
C ALA B 91 29.19 8.79 -4.77
N ILE B 92 28.74 9.78 -5.53
CA ILE B 92 28.82 9.72 -6.99
C ILE B 92 30.21 10.20 -7.40
N ASP B 93 30.88 9.40 -8.24
CA ASP B 93 32.25 9.66 -8.65
C ASP B 93 32.25 10.02 -10.13
N LEU B 94 32.59 11.27 -10.44
CA LEU B 94 32.50 11.77 -11.82
C LEU B 94 33.66 11.35 -12.70
N ALA B 95 34.58 10.52 -12.23
CA ALA B 95 35.67 10.09 -13.08
C ALA B 95 35.27 8.95 -14.02
N GLN B 96 34.09 8.37 -13.83
CA GLN B 96 33.70 7.16 -14.54
C GLN B 96 32.24 7.20 -15.01
N THR B 97 31.70 8.38 -15.24
CA THR B 97 30.33 8.53 -15.72
C THR B 97 30.37 8.93 -17.19
N LYS B 98 29.58 8.25 -18.02
CA LYS B 98 29.67 8.39 -19.46
C LYS B 98 28.31 8.77 -20.05
N VAL B 99 28.34 9.67 -21.01
CA VAL B 99 27.13 10.23 -21.60
C VAL B 99 26.95 9.66 -22.99
N MET B 100 25.74 9.17 -23.28
CA MET B 100 25.41 8.76 -24.63
C MET B 100 24.45 9.77 -25.28
N LEU B 101 24.66 10.02 -26.57
CA LEU B 101 23.77 10.86 -27.37
C LEU B 101 23.43 10.15 -28.66
N ASP B 102 22.25 10.45 -29.21
CA ASP B 102 21.73 9.74 -30.38
C ASP B 102 21.16 10.75 -31.36
N TYR B 103 21.81 10.90 -32.51
CA TYR B 103 21.32 11.83 -33.53
C TYR B 103 21.90 11.48 -34.89
N ASN B 104 21.01 11.48 -35.91
CA ASN B 104 21.37 11.39 -37.33
C ASN B 104 22.12 10.09 -37.64
N GLY B 105 21.64 8.99 -37.10
CA GLY B 105 22.33 7.73 -37.27
C GLY B 105 23.66 7.64 -36.56
N LYS B 106 23.87 8.46 -35.53
CA LYS B 106 25.12 8.50 -34.79
C LYS B 106 24.82 8.30 -33.33
N SER B 107 25.32 7.21 -32.75
CA SER B 107 25.28 6.96 -31.33
C SER B 107 26.66 7.23 -30.77
N VAL B 108 26.77 8.22 -29.90
CA VAL B 108 28.05 8.79 -29.49
C VAL B 108 28.23 8.58 -28.01
N VAL B 109 29.36 7.97 -27.64
CA VAL B 109 29.74 7.68 -26.26
C VAL B 109 30.88 8.62 -25.91
N LEU B 110 30.78 9.27 -24.76
CA LEU B 110 31.79 10.21 -24.31
C LEU B 110 32.50 9.68 -23.07
N GLY B 111 33.53 10.40 -22.63
CA GLY B 111 34.28 10.06 -21.45
C GLY B 111 34.75 11.33 -20.78
N TYR B 112 35.41 11.18 -19.63
CA TYR B 112 35.85 12.34 -18.88
C TYR B 112 37.08 12.97 -19.51
N GLY B 113 37.15 14.29 -19.48
CA GLY B 113 38.26 15.04 -20.05
C GLY B 113 39.09 15.70 -18.97
N GLY B 114 40.40 15.76 -19.21
CA GLY B 114 41.34 16.26 -18.22
C GLY B 114 41.45 17.77 -18.10
N ASN B 115 40.32 18.42 -17.82
CA ASN B 115 40.29 19.86 -17.58
C ASN B 115 39.04 20.19 -16.79
N GLN B 116 39.19 21.02 -15.78
CA GLN B 116 38.06 21.43 -14.95
C GLN B 116 38.32 22.85 -14.46
N ASP B 117 37.48 23.33 -13.55
CA ASP B 117 37.59 24.68 -13.04
C ASP B 117 36.93 24.75 -11.67
N MET B 118 37.31 25.76 -10.89
CA MET B 118 36.78 25.99 -9.55
C MET B 118 35.99 27.29 -9.49
N SER B 119 35.17 27.53 -10.52
CA SER B 119 34.41 28.77 -10.65
C SER B 119 33.25 28.85 -9.67
N SER B 120 33.54 29.08 -8.39
CA SER B 120 32.52 29.28 -7.37
C SER B 120 32.65 30.73 -6.90
N GLY B 121 31.99 31.64 -7.61
CA GLY B 121 32.05 33.05 -7.30
C GLY B 121 32.15 33.91 -8.54
N ASN B 122 32.58 33.32 -9.65
CA ASN B 122 32.81 34.04 -10.89
C ASN B 122 31.58 33.97 -11.78
N SER B 123 31.73 34.43 -13.03
CA SER B 123 30.62 34.59 -13.95
C SER B 123 31.04 34.12 -15.34
N SER B 124 30.11 34.28 -16.29
CA SER B 124 30.32 34.05 -17.73
C SER B 124 30.76 32.60 -18.00
N VAL B 125 29.79 31.69 -17.80
CA VAL B 125 30.01 30.25 -17.90
C VAL B 125 30.57 29.86 -19.27
N PHE B 126 30.13 30.54 -20.32
CA PHE B 126 30.58 30.23 -21.67
C PHE B 126 31.83 31.01 -22.08
N SER B 127 32.70 31.38 -21.13
CA SER B 127 33.88 32.16 -21.49
C SER B 127 35.15 31.76 -20.75
N ASN B 128 35.22 30.57 -20.14
CA ASN B 128 36.41 30.15 -19.42
C ASN B 128 36.71 28.68 -19.69
N ASP B 129 37.87 28.42 -20.30
CA ASP B 129 38.46 27.09 -20.45
C ASP B 129 37.57 26.12 -21.23
N THR B 130 37.07 26.56 -22.39
CA THR B 130 36.23 25.74 -23.24
C THR B 130 36.96 25.24 -24.49
N GLY B 131 38.26 25.01 -24.39
CA GLY B 131 39.04 24.59 -25.55
C GLY B 131 39.77 23.27 -25.41
N ALA B 132 39.15 22.28 -24.78
CA ALA B 132 39.74 20.94 -24.66
C ALA B 132 38.68 19.87 -24.93
N THR B 133 37.81 20.14 -25.89
CA THR B 133 36.65 19.36 -26.27
C THR B 133 36.98 18.39 -27.42
N ALA B 134 35.93 17.95 -28.13
CA ALA B 134 35.83 17.19 -29.38
C ALA B 134 35.91 15.67 -29.21
N THR B 135 36.16 15.16 -28.02
CA THR B 135 35.80 13.78 -27.74
C THR B 135 35.33 13.55 -26.31
N THR B 136 35.27 14.58 -25.47
CA THR B 136 35.00 14.45 -24.05
C THR B 136 34.08 15.59 -23.62
N PHE B 137 33.72 15.60 -22.33
CA PHE B 137 32.97 16.69 -21.74
C PHE B 137 33.82 17.40 -20.70
N GLN B 138 33.35 18.57 -20.27
CA GLN B 138 34.08 19.40 -19.33
C GLN B 138 33.20 19.70 -18.12
N VAL B 139 33.82 19.84 -16.97
CA VAL B 139 33.14 19.87 -15.68
C VAL B 139 33.38 21.22 -15.01
N ASN B 140 32.30 21.87 -14.57
CA ASN B 140 32.40 23.07 -13.76
C ASN B 140 31.66 22.87 -12.43
N ILE B 141 32.18 23.50 -11.38
CA ILE B 141 31.64 23.39 -10.04
C ILE B 141 30.93 24.68 -9.69
N LEU B 142 29.67 24.58 -9.25
CA LEU B 142 28.92 25.76 -8.87
C LEU B 142 28.74 25.92 -7.38
N GLN B 143 28.80 24.84 -6.60
CA GLN B 143 28.57 24.91 -5.16
C GLN B 143 29.20 23.72 -4.48
N ASP B 144 30.01 23.97 -3.46
CA ASP B 144 30.63 22.90 -2.68
C ASP B 144 31.02 23.49 -1.33
N TYR B 145 30.36 23.04 -0.27
CA TYR B 145 30.65 23.56 1.06
C TYR B 145 31.95 22.97 1.61
N ASP B 146 31.99 21.65 1.77
CA ASP B 146 33.09 20.98 2.44
C ASP B 146 34.18 20.51 1.47
N ASP B 147 34.37 21.25 0.36
CA ASP B 147 35.35 21.13 -0.72
C ASP B 147 35.77 19.71 -1.06
N SER B 148 34.78 18.82 -1.18
CA SER B 148 34.99 17.42 -1.48
C SER B 148 34.98 17.12 -2.98
N ALA B 149 34.70 18.13 -3.81
CA ALA B 149 34.70 17.95 -5.25
C ALA B 149 35.74 18.81 -5.95
N VAL B 150 36.57 19.54 -5.20
CA VAL B 150 37.60 20.38 -5.81
C VAL B 150 38.68 19.52 -6.45
N ASP B 151 39.07 18.45 -5.78
CA ASP B 151 39.97 17.47 -6.38
C ASP B 151 39.21 16.15 -6.53
N ASN B 152 39.67 15.38 -7.53
CA ASN B 152 39.36 13.96 -7.83
C ASN B 152 37.86 13.62 -7.91
N ALA B 153 37.00 14.64 -8.07
CA ALA B 153 35.64 14.52 -8.61
C ALA B 153 34.74 13.57 -7.80
N VAL B 154 34.45 13.97 -6.57
CA VAL B 154 33.55 13.22 -5.70
C VAL B 154 32.42 14.16 -5.28
N ILE B 155 31.19 13.80 -5.64
CA ILE B 155 30.01 14.59 -5.28
C ILE B 155 29.37 13.98 -4.04
N ASN B 156 29.28 14.75 -2.98
CA ASN B 156 28.59 14.33 -1.77
C ASN B 156 27.14 14.81 -1.83
N LYS B 157 26.43 14.76 -0.70
CA LYS B 157 25.01 15.07 -0.66
C LYS B 157 24.81 16.57 -0.65
N GLY B 158 24.59 17.16 -1.83
CA GLY B 158 24.22 18.56 -1.88
C GLY B 158 25.04 19.49 -2.76
N ASP B 159 25.77 18.93 -3.73
CA ASP B 159 26.58 19.76 -4.62
C ASP B 159 25.79 20.20 -5.84
N ALA B 160 26.46 20.94 -6.73
CA ALA B 160 25.87 21.37 -8.00
C ALA B 160 27.00 21.46 -9.01
N VAL B 161 26.91 20.66 -10.07
CA VAL B 161 27.98 20.50 -11.05
C VAL B 161 27.38 20.63 -12.44
N ALA B 162 27.98 21.47 -13.28
CA ALA B 162 27.52 21.61 -14.64
C ALA B 162 28.49 20.92 -15.61
N LEU B 163 27.93 20.46 -16.73
CA LEU B 163 28.70 19.79 -17.77
C LEU B 163 28.61 20.62 -19.05
N ILE B 164 29.70 20.66 -19.80
CA ILE B 164 29.76 21.35 -21.08
C ILE B 164 30.23 20.37 -22.14
N VAL B 165 29.45 20.25 -23.21
CA VAL B 165 29.76 19.37 -24.33
C VAL B 165 29.75 20.21 -25.61
N ASP B 166 30.75 20.01 -26.47
CA ASP B 166 30.78 20.66 -27.77
C ASP B 166 30.17 19.74 -28.82
N VAL B 167 29.37 20.32 -29.71
CA VAL B 167 28.59 19.56 -30.68
C VAL B 167 29.22 19.60 -32.07
N ASN B 168 29.74 20.77 -32.46
CA ASN B 168 30.27 20.95 -33.81
C ASN B 168 31.48 20.07 -34.06
N ALA B 169 32.36 19.91 -33.07
CA ALA B 169 33.57 19.13 -33.22
C ALA B 169 33.41 17.70 -32.74
N SER B 170 32.19 17.24 -32.48
CA SER B 170 31.97 15.87 -32.04
C SER B 170 30.95 15.15 -32.92
N PHE B 171 30.04 15.90 -33.55
CA PHE B 171 29.11 15.32 -34.50
C PHE B 171 29.51 15.58 -35.94
N ALA B 172 30.54 16.41 -36.15
CA ALA B 172 31.00 16.89 -37.46
C ALA B 172 29.88 17.53 -38.25
N GLY B 173 29.29 18.60 -37.71
CA GLY B 173 28.19 19.27 -38.38
C GLY B 173 27.46 20.25 -37.47
N GLU B 174 26.13 20.21 -37.50
CA GLU B 174 25.32 21.14 -36.73
C GLU B 174 24.16 20.37 -36.10
N ILE B 175 23.23 21.10 -35.49
CA ILE B 175 22.01 20.54 -34.93
C ILE B 175 20.85 21.47 -35.26
N PRO B 176 20.17 21.26 -36.38
CA PRO B 176 19.11 22.17 -36.81
C PRO B 176 17.86 22.00 -35.97
N GLU B 177 16.86 22.82 -36.28
CA GLU B 177 15.63 22.86 -35.51
C GLU B 177 14.72 21.69 -35.89
N ARG B 178 13.65 21.55 -35.10
CA ARG B 178 12.59 20.53 -35.29
C ARG B 178 13.14 19.11 -35.24
N THR B 179 14.07 18.86 -34.33
CA THR B 179 14.64 17.54 -34.13
C THR B 179 14.25 17.00 -32.76
N ALA B 180 14.57 15.73 -32.53
CA ALA B 180 14.26 15.06 -31.26
C ALA B 180 15.39 14.11 -30.93
N ILE B 181 16.01 14.31 -29.76
CA ILE B 181 17.21 13.57 -29.37
C ILE B 181 17.01 13.04 -27.95
N SER B 182 17.34 11.76 -27.75
CA SER B 182 17.35 11.14 -26.43
C SER B 182 18.81 10.89 -26.01
N GLY B 183 18.97 10.37 -24.81
CA GLY B 183 20.29 10.09 -24.28
C GLY B 183 20.26 9.84 -22.79
N LYS B 184 21.30 9.19 -22.30
CA LYS B 184 21.40 8.78 -20.90
C LYS B 184 22.79 9.08 -20.33
N VAL B 185 22.82 9.27 -19.01
CA VAL B 185 23.97 9.79 -18.27
C VAL B 185 24.35 8.77 -17.19
N GLN B 186 24.37 7.47 -17.54
CA GLN B 186 24.61 6.33 -16.65
C GLN B 186 25.77 6.54 -15.67
N PRO B 187 25.53 6.50 -14.37
CA PRO B 187 26.63 6.49 -13.40
C PRO B 187 27.27 5.12 -13.28
N GLU B 188 28.15 4.96 -12.30
CA GLU B 188 28.82 3.68 -12.08
C GLU B 188 27.83 2.62 -11.62
N PHE B 189 27.01 2.93 -10.62
CA PHE B 189 26.12 1.94 -10.03
C PHE B 189 24.70 2.43 -9.75
N GLY B 190 24.39 3.69 -10.01
CA GLY B 190 23.07 4.21 -9.69
C GLY B 190 22.03 4.00 -10.76
N ALA B 191 21.11 4.95 -10.89
CA ALA B 191 20.06 4.94 -11.89
C ALA B 191 20.19 6.15 -12.80
N PRO B 192 20.07 5.98 -14.11
CA PRO B 192 20.38 7.07 -15.04
C PRO B 192 19.28 8.11 -15.12
N GLY B 193 19.69 9.31 -15.54
CA GLY B 193 18.76 10.38 -15.88
C GLY B 193 18.63 10.47 -17.39
N VAL B 194 17.40 10.67 -17.86
CA VAL B 194 17.07 10.58 -19.28
C VAL B 194 16.95 11.98 -19.84
N ILE B 195 17.40 12.18 -21.08
CA ILE B 195 17.48 13.49 -21.71
C ILE B 195 16.48 13.55 -22.86
N SER B 196 15.75 14.66 -22.96
CA SER B 196 14.87 14.91 -24.10
C SER B 196 14.75 16.42 -24.31
N PHE B 197 15.25 16.91 -25.44
CA PHE B 197 15.34 18.35 -25.70
C PHE B 197 14.86 18.69 -27.11
N THR B 198 13.65 18.23 -27.46
CA THR B 198 13.01 18.51 -28.75
C THR B 198 12.99 20.00 -29.08
N THR B 199 13.67 20.35 -30.17
CA THR B 199 14.11 21.72 -30.40
C THR B 199 12.94 22.63 -30.79
N PRO B 200 13.00 23.92 -30.46
CA PRO B 200 11.96 24.85 -30.88
C PRO B 200 12.05 25.14 -32.37
N ALA B 201 10.99 25.76 -32.88
CA ALA B 201 10.84 26.00 -34.30
C ALA B 201 11.44 27.33 -34.76
N SER B 202 12.09 28.07 -33.87
CA SER B 202 12.68 29.36 -34.24
C SER B 202 13.80 29.69 -33.28
N TYR B 203 14.90 30.21 -33.81
CA TYR B 203 16.01 30.71 -33.02
C TYR B 203 15.99 32.24 -33.05
N THR B 204 15.94 32.86 -31.87
CA THR B 204 15.82 34.30 -31.78
C THR B 204 17.05 34.96 -31.16
N THR B 205 17.44 34.56 -29.96
CA THR B 205 18.51 35.21 -29.24
C THR B 205 19.80 34.39 -29.35
N THR B 206 20.86 34.92 -28.75
CA THR B 206 22.15 34.25 -28.76
C THR B 206 22.30 33.22 -27.65
N LEU B 207 21.25 32.98 -26.87
CA LEU B 207 21.31 32.01 -25.77
C LEU B 207 19.88 31.47 -25.60
N VAL B 208 19.63 30.29 -26.14
CA VAL B 208 18.28 29.72 -26.20
C VAL B 208 18.15 28.65 -25.14
N GLU B 209 16.98 28.60 -24.50
CA GLU B 209 16.66 27.55 -23.54
C GLU B 209 16.16 26.32 -24.25
N LEU B 210 16.48 25.16 -23.70
CA LEU B 210 16.05 23.92 -24.33
C LEU B 210 15.27 23.02 -23.40
N GLN B 211 15.64 22.97 -22.12
CA GLN B 211 14.86 22.21 -21.14
C GLN B 211 15.01 22.82 -19.75
N ALA C 13 47.15 -81.00 38.27
CA ALA C 13 48.44 -80.48 37.84
C ALA C 13 48.26 -79.31 36.88
N SER C 14 47.49 -79.53 35.82
CA SER C 14 47.21 -78.50 34.83
C SER C 14 45.79 -77.95 34.97
N GLY C 15 45.24 -77.96 36.19
CA GLY C 15 43.92 -77.40 36.43
C GLY C 15 43.97 -76.04 37.08
N ILE C 16 44.92 -75.20 36.63
CA ILE C 16 45.10 -73.87 37.18
C ILE C 16 44.75 -72.91 36.05
N GLY C 17 43.77 -73.30 35.23
CA GLY C 17 43.34 -72.48 34.11
C GLY C 17 42.61 -71.20 34.50
N THR C 18 42.18 -71.08 35.75
CA THR C 18 41.53 -69.85 36.19
C THR C 18 42.54 -68.76 36.55
N LEU C 19 43.67 -69.13 37.16
CA LEU C 19 44.67 -68.15 37.59
C LEU C 19 45.37 -67.50 36.41
N ILE C 20 45.36 -68.15 35.24
CA ILE C 20 46.00 -67.60 34.06
C ILE C 20 45.17 -66.47 33.48
N VAL C 21 43.87 -66.71 33.30
CA VAL C 21 43.03 -65.88 32.45
C VAL C 21 41.98 -65.10 33.23
N PHE C 22 41.35 -65.72 34.25
CA PHE C 22 40.12 -65.19 34.84
C PHE C 22 40.36 -63.90 35.61
N ILE C 23 41.30 -63.92 36.56
CA ILE C 23 41.56 -62.76 37.41
C ILE C 23 42.14 -61.61 36.58
N ALA C 24 43.01 -61.95 35.62
CA ALA C 24 43.64 -60.95 34.77
C ALA C 24 42.61 -60.27 33.86
N MET C 25 41.68 -61.04 33.28
CA MET C 25 40.67 -60.43 32.43
C MET C 25 39.63 -59.66 33.25
N VAL C 26 39.37 -60.07 34.49
CA VAL C 26 38.49 -59.28 35.36
C VAL C 26 39.11 -57.93 35.67
N LEU C 27 40.43 -57.90 35.97
CA LEU C 27 41.08 -56.63 36.26
C LEU C 27 41.20 -55.75 35.03
N VAL C 28 41.53 -56.33 33.87
CA VAL C 28 41.60 -55.57 32.62
C VAL C 28 40.22 -55.07 32.21
N ALA C 29 39.17 -55.85 32.49
CA ALA C 29 37.80 -55.44 32.24
C ALA C 29 37.41 -54.25 33.12
N ALA C 30 37.80 -54.28 34.40
CA ALA C 30 37.51 -53.17 35.29
C ALA C 30 38.24 -51.91 34.87
N VAL C 31 39.49 -52.05 34.41
CA VAL C 31 40.27 -50.90 33.94
C VAL C 31 39.65 -50.30 32.68
N ALA C 32 39.34 -51.16 31.69
CA ALA C 32 38.76 -50.69 30.43
C ALA C 32 37.34 -50.18 30.59
N ALA C 33 36.65 -50.57 31.66
CA ALA C 33 35.34 -49.98 31.93
C ALA C 33 35.49 -48.63 32.65
N SER C 34 36.44 -48.56 33.59
CA SER C 34 36.65 -47.33 34.36
C SER C 34 37.22 -46.22 33.50
N VAL C 35 37.85 -46.55 32.37
CA VAL C 35 38.18 -45.50 31.40
C VAL C 35 36.91 -44.89 30.81
N LEU C 36 35.98 -45.75 30.36
CA LEU C 36 34.80 -45.28 29.65
C LEU C 36 33.81 -44.56 30.55
N ILE C 37 33.70 -44.98 31.82
CA ILE C 37 32.84 -44.25 32.74
C ILE C 37 33.42 -42.88 33.07
N ASN C 38 34.71 -42.82 33.40
CA ASN C 38 35.29 -41.55 33.85
C ASN C 38 35.60 -40.59 32.70
N THR C 39 35.58 -41.05 31.46
CA THR C 39 35.84 -40.12 30.36
C THR C 39 34.60 -39.36 29.90
N SER C 40 33.43 -39.65 30.47
CA SER C 40 32.19 -39.06 29.99
C SER C 40 31.74 -37.83 30.78
N GLY C 41 32.14 -37.73 32.05
CA GLY C 41 31.68 -36.63 32.88
C GLY C 41 32.23 -35.28 32.43
N PHE C 42 33.50 -35.28 31.99
CA PHE C 42 34.11 -34.06 31.48
C PHE C 42 33.37 -33.55 30.25
N LEU C 43 33.06 -34.43 29.31
CA LEU C 43 32.42 -33.98 28.09
C LEU C 43 30.94 -33.65 28.31
N GLN C 44 30.26 -34.32 29.24
CA GLN C 44 28.87 -33.93 29.48
C GLN C 44 28.78 -32.59 30.21
N GLN C 45 29.70 -32.32 31.14
CA GLN C 45 29.65 -31.05 31.84
C GLN C 45 30.29 -29.93 31.03
N LYS C 46 31.00 -30.25 29.96
CA LYS C 46 31.43 -29.23 29.04
C LYS C 46 30.35 -28.94 27.99
N ALA C 47 29.58 -29.96 27.59
CA ALA C 47 28.55 -29.76 26.59
C ALA C 47 27.27 -29.18 27.18
N SER C 48 27.03 -29.38 28.48
CA SER C 48 25.81 -28.85 29.08
C SER C 48 25.88 -27.34 29.27
N THR C 49 27.06 -26.81 29.57
CA THR C 49 27.20 -25.36 29.76
C THR C 49 27.15 -24.62 28.43
N THR C 50 27.57 -25.28 27.34
CA THR C 50 27.76 -24.59 26.07
C THR C 50 26.44 -24.14 25.47
N GLY C 51 25.40 -24.98 25.56
CA GLY C 51 24.11 -24.61 25.00
C GLY C 51 23.43 -23.48 25.74
N LYS C 52 23.40 -23.57 27.08
CA LYS C 52 22.74 -22.53 27.85
C LYS C 52 23.63 -21.34 28.14
N GLU C 53 24.87 -21.32 27.65
CA GLU C 53 25.61 -20.08 27.56
C GLU C 53 25.62 -19.49 26.16
N SER C 54 25.37 -20.30 25.13
CA SER C 54 25.25 -19.78 23.77
C SER C 54 23.86 -19.26 23.47
N THR C 55 22.84 -19.74 24.19
CA THR C 55 21.50 -19.21 23.98
C THR C 55 21.37 -17.80 24.53
N GLU C 56 22.10 -17.49 25.61
CA GLU C 56 22.05 -16.16 26.20
C GLU C 56 22.69 -15.11 25.30
N GLN C 57 23.65 -15.51 24.47
CA GLN C 57 24.30 -14.55 23.58
C GLN C 57 23.38 -14.16 22.42
N VAL C 58 22.68 -15.13 21.85
CA VAL C 58 21.75 -14.83 20.77
C VAL C 58 20.47 -14.19 21.31
N ALA C 59 20.15 -14.41 22.59
CA ALA C 59 18.88 -13.91 23.11
C ALA C 59 18.93 -12.41 23.43
N SER C 60 19.99 -11.97 24.11
CA SER C 60 20.00 -10.64 24.72
C SER C 60 20.23 -9.55 23.68
N GLY C 61 20.16 -8.31 24.14
CA GLY C 61 20.30 -7.17 23.24
C GLY C 61 20.23 -5.87 24.02
N LEU C 62 20.21 -4.77 23.28
CA LEU C 62 20.25 -3.44 23.86
C LEU C 62 19.75 -2.46 22.81
N LEU C 63 18.72 -1.68 23.15
CA LEU C 63 17.95 -0.93 22.16
C LEU C 63 17.95 0.57 22.50
N ILE C 64 18.55 1.35 21.61
CA ILE C 64 18.58 2.81 21.72
C ILE C 64 17.30 3.40 21.12
N ASN C 65 16.63 4.30 21.86
CA ASN C 65 15.37 4.87 21.41
C ASN C 65 15.29 6.39 21.62
N GLY C 66 16.34 7.11 21.26
CA GLY C 66 16.28 8.57 21.30
C GLY C 66 17.50 9.25 21.88
N ILE C 67 18.02 10.25 21.18
CA ILE C 67 19.23 10.97 21.58
C ILE C 67 18.97 12.45 21.51
N THR C 68 19.18 13.16 22.63
CA THR C 68 19.05 14.61 22.70
C THR C 68 20.39 15.23 23.06
N GLY C 69 20.48 16.54 22.87
CA GLY C 69 21.71 17.25 23.16
C GLY C 69 21.43 18.65 23.65
N SER C 70 22.33 19.16 24.49
CA SER C 70 22.21 20.49 25.04
C SER C 70 23.21 21.45 24.41
N VAL C 71 22.85 22.73 24.40
CA VAL C 71 23.63 23.78 23.76
C VAL C 71 23.44 25.00 24.66
N GLY C 72 24.07 26.13 24.33
CA GLY C 72 23.80 27.33 25.10
C GLY C 72 24.92 28.31 25.30
N THR C 73 26.13 28.02 24.79
CA THR C 73 27.18 29.02 24.75
C THR C 73 27.55 29.38 23.32
N SER C 74 28.06 28.43 22.55
CA SER C 74 28.16 28.56 21.10
C SER C 74 27.89 27.27 20.36
N ASP C 75 27.90 26.12 21.04
CA ASP C 75 27.96 24.83 20.39
C ASP C 75 27.53 23.76 21.40
N VAL C 76 27.14 22.60 20.89
CA VAL C 76 26.68 21.48 21.71
C VAL C 76 27.82 20.97 22.58
N LYS C 77 27.53 20.71 23.86
CA LYS C 77 28.55 20.16 24.74
C LYS C 77 28.05 19.10 25.73
N LEU C 78 26.79 18.71 25.70
CA LEU C 78 26.30 17.60 26.51
C LEU C 78 25.35 16.74 25.68
N LEU C 79 25.51 15.42 25.80
CA LEU C 79 24.64 14.48 25.10
C LEU C 79 23.90 13.61 26.11
N ALA C 80 22.62 13.37 25.83
CA ALA C 80 21.79 12.49 26.63
C ALA C 80 21.23 11.39 25.74
N ILE C 81 21.42 10.15 26.17
CA ILE C 81 21.04 8.97 25.39
C ILE C 81 20.05 8.16 26.21
N TYR C 82 18.86 7.93 25.66
CA TYR C 82 17.91 7.05 26.31
C TYR C 82 18.18 5.60 25.92
N LEU C 83 17.65 4.68 26.71
CA LEU C 83 18.08 3.30 26.62
C LEU C 83 17.05 2.40 27.27
N ALA C 84 16.91 1.18 26.75
CA ALA C 84 15.96 0.20 27.24
C ALA C 84 16.38 -1.17 26.73
N PRO C 85 16.26 -2.22 27.55
CA PRO C 85 16.68 -3.55 27.07
C PRO C 85 15.66 -4.16 26.13
N ASN C 86 16.16 -5.02 25.25
CA ASN C 86 15.30 -5.79 24.38
C ASN C 86 14.53 -6.82 25.19
N ALA C 87 13.34 -7.20 24.71
CA ALA C 87 12.46 -8.04 25.51
C ALA C 87 12.77 -9.52 25.38
N GLY C 88 14.03 -9.90 25.50
CA GLY C 88 14.41 -11.27 25.71
C GLY C 88 15.67 -11.36 26.55
N SER C 89 16.14 -10.22 27.03
CA SER C 89 17.42 -10.16 27.72
C SER C 89 17.29 -10.63 29.15
N SER C 90 18.33 -11.30 29.64
CA SER C 90 18.27 -11.87 30.98
C SER C 90 18.58 -10.83 32.04
N ALA C 91 19.82 -10.32 32.04
CA ALA C 91 20.22 -9.34 33.05
C ALA C 91 21.37 -8.53 32.48
N ILE C 92 21.07 -7.31 32.04
CA ILE C 92 22.10 -6.41 31.56
C ILE C 92 22.72 -5.70 32.76
N ASP C 93 24.05 -5.71 32.82
CA ASP C 93 24.80 -5.17 33.95
C ASP C 93 25.56 -3.94 33.49
N LEU C 94 25.16 -2.77 34.00
CA LEU C 94 25.73 -1.50 33.53
C LEU C 94 27.09 -1.18 34.12
N ALA C 95 27.70 -2.06 34.90
CA ALA C 95 29.01 -1.76 35.42
C ALA C 95 30.13 -2.04 34.42
N GLN C 96 29.81 -2.67 33.29
CA GLN C 96 30.83 -3.14 32.36
C GLN C 96 30.45 -2.89 30.91
N THR C 97 29.65 -1.88 30.63
CA THR C 97 29.25 -1.53 29.27
C THR C 97 29.98 -0.27 28.86
N LYS C 98 30.58 -0.29 27.67
CA LYS C 98 31.48 0.77 27.24
C LYS C 98 31.02 1.36 25.92
N VAL C 99 31.13 2.68 25.80
CA VAL C 99 30.63 3.41 24.66
C VAL C 99 31.80 3.87 23.80
N MET C 100 31.74 3.62 22.50
CA MET C 100 32.73 4.18 21.58
C MET C 100 32.11 5.30 20.76
N LEU C 101 32.90 6.35 20.52
CA LEU C 101 32.51 7.44 19.65
C LEU C 101 33.64 7.74 18.67
N ASP C 102 33.28 8.25 17.49
CA ASP C 102 34.23 8.45 16.40
C ASP C 102 34.02 9.82 15.79
N TYR C 103 34.97 10.73 15.97
CA TYR C 103 34.87 12.06 15.40
C TYR C 103 36.24 12.72 15.30
N ASN C 104 36.51 13.32 14.13
CA ASN C 104 37.65 14.20 13.88
C ASN C 104 38.97 13.47 14.10
N GLY C 105 39.06 12.25 13.58
CA GLY C 105 40.24 11.45 13.81
C GLY C 105 40.44 11.00 15.24
N LYS C 106 39.37 10.96 16.03
CA LYS C 106 39.43 10.58 17.42
C LYS C 106 38.45 9.45 17.66
N SER C 107 38.95 8.29 18.04
CA SER C 107 38.14 7.16 18.47
C SER C 107 38.24 7.08 19.98
N VAL C 108 37.13 7.27 20.67
CA VAL C 108 37.10 7.51 22.10
C VAL C 108 36.34 6.39 22.77
N VAL C 109 36.98 5.75 23.75
CA VAL C 109 36.42 4.67 24.55
C VAL C 109 36.14 5.20 25.94
N LEU C 110 34.95 4.93 26.46
CA LEU C 110 34.55 5.42 27.77
C LEU C 110 34.38 4.25 28.72
N GLY C 111 34.13 4.57 29.99
CA GLY C 111 33.89 3.58 31.02
C GLY C 111 32.91 4.13 32.03
N TYR C 112 32.54 3.31 33.00
CA TYR C 112 31.55 3.71 33.98
C TYR C 112 32.15 4.67 35.00
N GLY C 113 31.37 5.66 35.41
CA GLY C 113 31.80 6.66 36.38
C GLY C 113 31.08 6.50 37.70
N GLY C 114 31.79 6.79 38.79
CA GLY C 114 31.28 6.56 40.12
C GLY C 114 30.34 7.62 40.65
N ASN C 115 29.25 7.88 39.93
CA ASN C 115 28.22 8.81 40.37
C ASN C 115 26.93 8.48 39.64
N GLN C 116 25.83 8.45 40.38
CA GLN C 116 24.52 8.16 39.79
C GLN C 116 23.47 8.93 40.58
N ASP C 117 22.20 8.65 40.31
CA ASP C 117 21.10 9.36 40.95
C ASP C 117 19.87 8.47 40.90
N MET C 118 18.92 8.75 41.79
CA MET C 118 17.67 8.02 41.88
C MET C 118 16.47 8.93 41.54
N SER C 119 16.63 9.73 40.49
CA SER C 119 15.63 10.71 40.09
C SER C 119 14.41 10.07 39.46
N SER C 120 13.57 9.42 40.25
CA SER C 120 12.30 8.86 39.79
C SER C 120 11.19 9.65 40.46
N GLY C 121 10.81 10.77 39.84
CA GLY C 121 9.79 11.64 40.38
C GLY C 121 10.13 13.10 40.22
N ASN C 122 11.41 13.39 40.02
CA ASN C 122 11.90 14.77 39.96
C ASN C 122 11.97 15.23 38.50
N SER C 123 12.58 16.39 38.28
CA SER C 123 12.58 17.06 36.99
C SER C 123 13.96 17.62 36.72
N SER C 124 14.07 18.32 35.57
CA SER C 124 15.25 19.09 35.15
C SER C 124 16.50 18.20 35.06
N VAL C 125 16.47 17.32 34.04
CA VAL C 125 17.50 16.30 33.83
C VAL C 125 18.89 16.92 33.70
N PHE C 126 18.98 18.10 33.09
CA PHE C 126 20.26 18.78 32.90
C PHE C 126 20.63 19.71 34.05
N SER C 127 20.18 19.41 35.28
CA SER C 127 20.49 20.30 36.39
C SER C 127 20.82 19.59 37.71
N ASN C 128 21.16 18.30 37.69
CA ASN C 128 21.48 17.57 38.90
C ASN C 128 22.68 16.66 38.68
N ASP C 129 23.77 16.93 39.42
CA ASP C 129 24.94 16.05 39.54
C ASP C 129 25.62 15.78 38.20
N THR C 130 25.89 16.84 37.44
CA THR C 130 26.56 16.72 36.16
C THR C 130 28.01 17.20 36.19
N GLY C 131 28.68 17.02 37.33
CA GLY C 131 30.04 17.51 37.47
C GLY C 131 31.09 16.47 37.83
N ALA C 132 30.98 15.27 37.27
CA ALA C 132 31.97 14.20 37.48
C ALA C 132 32.31 13.52 36.16
N THR C 133 32.39 14.30 35.09
CA THR C 133 32.57 13.89 33.71
C THR C 133 34.05 13.92 33.32
N ALA C 134 34.31 14.00 32.01
CA ALA C 134 35.54 14.23 31.24
C ALA C 134 36.37 12.98 30.98
N THR C 135 36.02 11.83 31.53
CA THR C 135 36.49 10.57 30.96
C THR C 135 35.48 9.44 31.02
N THR C 136 34.27 9.67 31.55
CA THR C 136 33.29 8.63 31.81
C THR C 136 31.91 9.16 31.46
N PHE C 137 30.90 8.32 31.64
CA PHE C 137 29.51 8.71 31.47
C PHE C 137 28.79 8.61 32.81
N GLN C 138 27.60 9.20 32.85
CA GLN C 138 26.81 9.25 34.08
C GLN C 138 25.44 8.65 33.82
N VAL C 139 24.87 8.03 34.86
CA VAL C 139 23.70 7.18 34.74
C VAL C 139 22.56 7.78 35.56
N ASN C 140 21.38 7.92 34.94
CA ASN C 140 20.17 8.31 35.65
C ASN C 140 19.09 7.25 35.44
N ILE C 141 18.25 7.08 36.45
CA ILE C 141 17.20 6.08 36.46
C ILE C 141 15.86 6.79 36.29
N LEU C 142 15.06 6.36 35.32
CA LEU C 142 13.77 6.97 35.10
C LEU C 142 12.60 6.10 35.55
N GLN C 143 12.78 4.78 35.62
CA GLN C 143 11.68 3.89 35.98
C GLN C 143 12.24 2.57 36.48
N ASP C 144 11.78 2.15 37.67
CA ASP C 144 12.20 0.87 38.23
C ASP C 144 11.13 0.45 39.23
N TYR C 145 10.39 -0.61 38.92
CA TYR C 145 9.35 -1.06 39.83
C TYR C 145 9.92 -1.80 41.03
N ASP C 146 10.63 -2.90 40.79
CA ASP C 146 11.10 -3.78 41.85
C ASP C 146 12.51 -3.45 42.32
N ASP C 147 12.89 -2.16 42.26
CA ASP C 147 14.11 -1.48 42.70
C ASP C 147 15.38 -2.32 42.56
N SER C 148 15.54 -2.97 41.42
CA SER C 148 16.68 -3.82 41.13
C SER C 148 17.83 -3.07 40.47
N ALA C 149 17.65 -1.78 40.17
CA ALA C 149 18.70 -0.97 39.57
C ALA C 149 19.13 0.18 40.46
N VAL C 150 18.57 0.30 41.67
CA VAL C 150 18.94 1.39 42.56
C VAL C 150 20.37 1.21 43.06
N ASP C 151 20.75 -0.01 43.39
CA ASP C 151 22.13 -0.32 43.70
C ASP C 151 22.69 -1.25 42.63
N ASN C 152 24.01 -1.17 42.46
CA ASN C 152 24.92 -2.05 41.70
C ASN C 152 24.48 -2.34 40.25
N ALA C 153 23.59 -1.51 39.68
CA ALA C 153 23.40 -1.34 38.25
C ALA C 153 23.02 -2.62 37.51
N VAL C 154 21.85 -3.15 37.83
CA VAL C 154 21.30 -4.33 37.15
C VAL C 154 19.96 -3.96 36.56
N ILE C 155 19.84 -4.06 35.24
CA ILE C 155 18.60 -3.77 34.53
C ILE C 155 17.86 -5.07 34.27
N ASN C 156 16.66 -5.18 34.80
CA ASN C 156 15.80 -6.32 34.53
C ASN C 156 14.90 -6.01 33.34
N LYS C 157 13.86 -6.82 33.14
CA LYS C 157 13.00 -6.70 31.96
C LYS C 157 12.00 -5.57 32.17
N GLY C 158 12.32 -4.37 31.70
CA GLY C 158 11.34 -3.30 31.71
C GLY C 158 11.75 -1.98 32.34
N ASP C 159 13.04 -1.72 32.49
CA ASP C 159 13.50 -0.48 33.09
C ASP C 159 13.68 0.60 32.02
N ALA C 160 14.12 1.78 32.47
CA ALA C 160 14.44 2.90 31.59
C ALA C 160 15.57 3.69 32.23
N VAL C 161 16.70 3.78 31.54
CA VAL C 161 17.93 4.35 32.08
C VAL C 161 18.49 5.33 31.05
N ALA C 162 18.80 6.54 31.49
CA ALA C 162 19.42 7.52 30.59
C ALA C 162 20.90 7.67 30.90
N LEU C 163 21.66 8.01 29.87
CA LEU C 163 23.09 8.24 29.98
C LEU C 163 23.39 9.69 29.64
N ILE C 164 24.37 10.27 30.33
CA ILE C 164 24.82 11.63 30.08
C ILE C 164 26.32 11.60 29.84
N VAL C 165 26.74 12.17 28.71
CA VAL C 165 28.15 12.26 28.33
C VAL C 165 28.48 13.71 28.06
N ASP C 166 29.62 14.18 28.57
CA ASP C 166 30.11 15.52 28.28
C ASP C 166 31.06 15.48 27.10
N VAL C 167 30.93 16.45 26.20
CA VAL C 167 31.67 16.46 24.94
C VAL C 167 32.85 17.43 24.98
N ASN C 168 32.64 18.60 25.60
CA ASN C 168 33.66 19.65 25.61
C ASN C 168 34.91 19.21 26.36
N ALA C 169 34.74 18.50 27.46
CA ALA C 169 35.88 18.08 28.27
C ALA C 169 36.35 16.66 27.95
N SER C 170 35.89 16.08 26.84
CA SER C 170 36.32 14.75 26.47
C SER C 170 36.87 14.73 25.04
N PHE C 171 36.41 15.64 24.19
CA PHE C 171 36.96 15.77 22.84
C PHE C 171 37.93 16.93 22.72
N ALA C 172 38.05 17.75 23.77
CA ALA C 172 38.83 18.99 23.83
C ALA C 172 38.46 19.93 22.69
N GLY C 173 37.19 20.35 22.65
CA GLY C 173 36.72 21.23 21.59
C GLY C 173 35.22 21.35 21.54
N GLU C 174 34.64 21.26 20.34
CA GLU C 174 33.20 21.42 20.15
C GLU C 174 32.73 20.36 19.16
N ILE C 175 31.46 20.46 18.77
CA ILE C 175 30.88 19.60 17.74
C ILE C 175 30.01 20.46 16.84
N PRO C 176 30.56 20.99 15.75
CA PRO C 176 29.81 21.91 14.89
C PRO C 176 28.79 21.15 14.04
N GLU C 177 28.04 21.91 13.25
CA GLU C 177 26.96 21.38 12.46
C GLU C 177 27.49 20.69 11.21
N ARG C 178 26.57 20.01 10.50
CA ARG C 178 26.82 19.30 9.24
C ARG C 178 27.90 18.23 9.37
N THR C 179 27.87 17.50 10.48
CA THR C 179 28.79 16.40 10.72
C THR C 179 28.03 15.07 10.76
N ALA C 180 28.79 13.98 10.79
CA ALA C 180 28.22 12.64 10.81
C ALA C 180 29.09 11.76 11.70
N ILE C 181 28.48 11.20 12.75
CA ILE C 181 29.21 10.43 13.77
C ILE C 181 28.51 9.10 13.99
N SER C 182 29.29 8.02 14.02
CA SER C 182 28.81 6.70 14.38
C SER C 182 29.33 6.31 15.76
N GLY C 183 28.93 5.14 16.24
CA GLY C 183 29.36 4.66 17.53
C GLY C 183 28.51 3.50 18.00
N LYS C 184 29.07 2.74 18.94
CA LYS C 184 28.42 1.53 19.45
C LYS C 184 28.50 1.48 20.97
N VAL C 185 27.54 0.76 21.56
CA VAL C 185 27.27 0.73 22.99
C VAL C 185 27.33 -0.73 23.48
N GLN C 186 28.35 -1.47 23.02
CA GLN C 186 28.57 -2.91 23.27
C GLN C 186 28.33 -3.31 24.73
N PRO C 187 27.38 -4.22 25.00
CA PRO C 187 27.26 -4.79 26.34
C PRO C 187 28.29 -5.87 26.59
N GLU C 188 28.14 -6.58 27.72
CA GLU C 188 29.07 -7.66 28.06
C GLU C 188 28.95 -8.82 27.07
N PHE C 189 27.73 -9.28 26.80
CA PHE C 189 27.54 -10.45 25.98
C PHE C 189 26.42 -10.35 24.95
N GLY C 190 25.68 -9.24 24.91
CA GLY C 190 24.56 -9.14 23.99
C GLY C 190 24.91 -8.66 22.61
N ALA C 191 24.01 -7.89 21.99
CA ALA C 191 24.20 -7.32 20.67
C ALA C 191 24.12 -5.80 20.75
N PRO C 192 25.03 -5.08 20.11
CA PRO C 192 25.14 -3.64 20.31
C PRO C 192 24.06 -2.85 19.58
N GLY C 193 23.80 -1.65 20.10
CA GLY C 193 22.96 -0.68 19.42
C GLY C 193 23.84 0.37 18.76
N VAL C 194 23.48 0.76 17.55
CA VAL C 194 24.31 1.59 16.70
C VAL C 194 23.77 3.01 16.73
N ILE C 195 24.69 4.00 16.72
CA ILE C 195 24.35 5.40 16.89
C ILE C 195 24.60 6.13 15.57
N SER C 196 23.68 7.02 15.19
CA SER C 196 23.88 7.89 14.03
C SER C 196 23.06 9.16 14.24
N PHE C 197 23.74 10.30 14.38
CA PHE C 197 23.08 11.56 14.74
C PHE C 197 23.59 12.71 13.87
N THR C 198 23.53 12.52 12.55
CA THR C 198 23.93 13.54 11.57
C THR C 198 23.24 14.87 11.81
N THR C 199 24.05 15.89 12.09
CA THR C 199 23.59 17.10 12.74
C THR C 199 22.77 17.97 11.79
N PRO C 200 21.81 18.74 12.32
CA PRO C 200 21.05 19.66 11.47
C PRO C 200 21.89 20.86 11.06
N ALA C 201 21.38 21.60 10.08
CA ALA C 201 22.09 22.71 9.48
C ALA C 201 21.88 24.04 10.18
N SER C 202 21.14 24.05 11.30
CA SER C 202 20.88 25.30 12.00
C SER C 202 20.55 25.00 13.46
N TYR C 203 21.10 25.80 14.37
CA TYR C 203 20.79 25.73 15.78
C TYR C 203 19.88 26.89 16.15
N THR C 204 18.71 26.59 16.71
CA THR C 204 17.73 27.62 17.02
C THR C 204 17.50 27.79 18.51
N THR C 205 17.12 26.72 19.21
CA THR C 205 16.73 26.80 20.61
C THR C 205 17.89 26.33 21.50
N THR C 206 17.66 26.40 22.81
CA THR C 206 18.66 25.96 23.77
C THR C 206 18.61 24.47 24.06
N LEU C 207 17.77 23.73 23.35
CA LEU C 207 17.66 22.28 23.56
C LEU C 207 17.22 21.68 22.24
N VAL C 208 18.17 21.13 21.49
CA VAL C 208 17.94 20.67 20.13
C VAL C 208 17.81 19.14 20.13
N GLU C 209 16.89 18.62 19.33
CA GLU C 209 16.74 17.19 19.14
C GLU C 209 17.72 16.69 18.09
N LEU C 210 18.20 15.48 18.27
CA LEU C 210 19.17 14.92 17.34
C LEU C 210 18.73 13.59 16.77
N GLN C 211 18.09 12.74 17.57
CA GLN C 211 17.54 11.48 17.05
C GLN C 211 16.33 11.05 17.87
N ALA D 13 59.03 -92.97 43.84
CA ALA D 13 59.99 -92.93 42.75
C ALA D 13 59.50 -92.01 41.64
N SER D 14 58.27 -92.26 41.15
CA SER D 14 57.67 -91.45 40.12
C SER D 14 56.59 -90.52 40.67
N GLY D 15 56.72 -90.10 41.93
CA GLY D 15 55.79 -89.17 42.53
C GLY D 15 56.32 -87.76 42.59
N ILE D 16 57.01 -87.33 41.53
CA ILE D 16 57.60 -86.00 41.46
C ILE D 16 56.85 -85.27 40.35
N GLY D 17 55.56 -85.57 40.23
CA GLY D 17 54.72 -84.94 39.21
C GLY D 17 54.45 -83.47 39.43
N THR D 18 54.73 -82.94 40.62
CA THR D 18 54.53 -81.52 40.87
C THR D 18 55.70 -80.69 40.35
N LEU D 19 56.93 -81.20 40.50
CA LEU D 19 58.13 -80.46 40.08
C LEU D 19 58.21 -80.29 38.58
N ILE D 20 57.54 -81.17 37.83
CA ILE D 20 57.56 -81.11 36.37
C ILE D 20 56.69 -79.95 35.88
N VAL D 21 55.46 -79.88 36.39
CA VAL D 21 54.43 -79.09 35.76
C VAL D 21 54.01 -77.89 36.62
N PHE D 22 53.90 -78.06 37.95
CA PHE D 22 53.21 -77.11 38.81
C PHE D 22 53.95 -75.78 38.91
N ILE D 23 55.23 -75.83 39.31
CA ILE D 23 56.02 -74.61 39.50
C ILE D 23 56.24 -73.90 38.17
N ALA D 24 56.48 -74.67 37.11
CA ALA D 24 56.70 -74.10 35.78
C ALA D 24 55.45 -73.40 35.27
N MET D 25 54.27 -74.00 35.44
CA MET D 25 53.05 -73.35 34.98
C MET D 25 52.66 -72.17 35.86
N VAL D 26 53.01 -72.19 37.14
CA VAL D 26 52.79 -71.02 37.99
C VAL D 26 53.65 -69.84 37.52
N LEU D 27 54.91 -70.11 37.19
CA LEU D 27 55.78 -69.03 36.72
C LEU D 27 55.37 -68.52 35.34
N VAL D 28 55.02 -69.42 34.42
CA VAL D 28 54.54 -69.01 33.11
C VAL D 28 53.21 -68.28 33.20
N ALA D 29 52.36 -68.66 34.17
CA ALA D 29 51.11 -67.95 34.41
C ALA D 29 51.35 -66.55 34.91
N ALA D 30 52.32 -66.38 35.82
CA ALA D 30 52.65 -65.06 36.33
C ALA D 30 53.23 -64.18 35.23
N VAL D 31 54.05 -64.75 34.34
CA VAL D 31 54.61 -63.98 33.23
C VAL D 31 53.52 -63.56 32.24
N ALA D 32 52.67 -64.50 31.85
CA ALA D 32 51.60 -64.21 30.90
C ALA D 32 50.53 -63.31 31.48
N ALA D 33 50.41 -63.24 32.81
CA ALA D 33 49.51 -62.27 33.42
C ALA D 33 50.16 -60.90 33.50
N SER D 34 51.45 -60.85 33.86
CA SER D 34 52.16 -59.59 33.98
C SER D 34 52.35 -58.89 32.65
N VAL D 35 52.29 -59.63 31.54
CA VAL D 35 52.21 -58.97 30.24
C VAL D 35 50.90 -58.20 30.10
N LEU D 36 49.77 -58.85 30.42
CA LEU D 36 48.47 -58.26 30.19
C LEU D 36 48.16 -57.12 31.14
N ILE D 37 48.65 -57.18 32.37
CA ILE D 37 48.46 -56.05 33.29
C ILE D 37 49.29 -54.85 32.85
N ASN D 38 50.57 -55.07 32.53
CA ASN D 38 51.43 -53.94 32.24
C ASN D 38 51.24 -53.38 30.83
N THR D 39 50.55 -54.10 29.94
CA THR D 39 50.34 -53.55 28.60
C THR D 39 49.14 -52.61 28.52
N SER D 40 48.38 -52.44 29.60
CA SER D 40 47.15 -51.67 29.54
C SER D 40 47.31 -50.22 29.98
N GLY D 41 48.30 -49.94 30.84
CA GLY D 41 48.46 -48.59 31.37
C GLY D 41 48.87 -47.59 30.31
N PHE D 42 49.73 -48.01 29.38
CA PHE D 42 50.15 -47.17 28.27
C PHE D 42 48.97 -46.76 27.40
N LEU D 43 48.12 -47.73 27.05
CA LEU D 43 47.02 -47.42 26.16
C LEU D 43 45.91 -46.67 26.89
N GLN D 44 45.70 -46.90 28.19
CA GLN D 44 44.68 -46.10 28.87
C GLN D 44 45.12 -44.66 29.06
N GLN D 45 46.41 -44.44 29.36
CA GLN D 45 46.87 -43.07 29.53
C GLN D 45 47.15 -42.38 28.21
N LYS D 46 47.19 -43.13 27.11
CA LYS D 46 47.21 -42.49 25.81
C LYS D 46 45.81 -42.18 25.32
N ALA D 47 44.83 -43.01 25.66
CA ALA D 47 43.46 -42.79 25.22
C ALA D 47 42.73 -41.77 26.07
N SER D 48 43.14 -41.58 27.33
CA SER D 48 42.47 -40.62 28.19
C SER D 48 42.80 -39.19 27.81
N THR D 49 44.03 -38.94 27.37
CA THR D 49 44.42 -37.59 26.98
C THR D 49 43.80 -37.18 25.66
N THR D 50 43.54 -38.16 24.78
CA THR D 50 43.15 -37.87 23.40
C THR D 50 41.77 -37.22 23.33
N GLY D 51 40.83 -37.71 24.15
CA GLY D 51 39.48 -37.15 24.11
C GLY D 51 39.41 -35.74 24.67
N LYS D 52 40.03 -35.51 25.81
CA LYS D 52 39.99 -34.18 26.41
C LYS D 52 41.04 -33.23 25.87
N GLU D 53 41.86 -33.67 24.90
CA GLU D 53 42.60 -32.72 24.08
C GLU D 53 41.98 -32.50 22.72
N SER D 54 41.16 -33.43 22.25
CA SER D 54 40.45 -33.23 20.99
C SER D 54 39.16 -32.45 21.18
N THR D 55 38.58 -32.45 22.38
CA THR D 55 37.38 -31.64 22.63
C THR D 55 37.73 -30.16 22.67
N GLU D 56 38.93 -29.82 23.14
CA GLU D 56 39.34 -28.43 23.21
C GLU D 56 39.57 -27.82 21.84
N GLN D 57 39.93 -28.64 20.85
CA GLN D 57 40.15 -28.12 19.51
C GLN D 57 38.84 -27.79 18.82
N VAL D 58 37.83 -28.65 18.97
CA VAL D 58 36.53 -28.35 18.37
C VAL D 58 35.78 -27.29 19.18
N ALA D 59 36.11 -27.10 20.46
CA ALA D 59 35.36 -26.18 21.28
C ALA D 59 35.74 -24.73 21.03
N SER D 60 37.04 -24.44 20.98
CA SER D 60 37.52 -23.06 21.05
C SER D 60 37.32 -22.33 19.72
N GLY D 61 37.65 -21.05 19.71
CA GLY D 61 37.44 -20.23 18.53
C GLY D 61 37.94 -18.83 18.77
N LEU D 62 37.69 -17.95 17.79
CA LEU D 62 38.18 -16.59 17.82
C LEU D 62 37.33 -15.78 16.84
N LEU D 63 36.72 -14.70 17.31
CA LEU D 63 35.65 -14.02 16.58
C LEU D 63 36.00 -12.55 16.36
N ILE D 64 36.17 -12.17 15.09
CA ILE D 64 36.42 -10.79 14.68
C ILE D 64 35.10 -10.04 14.56
N ASN D 65 35.01 -8.85 15.16
CA ASN D 65 33.77 -8.07 15.15
C ASN D 65 34.00 -6.59 14.86
N GLY D 66 34.80 -6.28 13.85
CA GLY D 66 34.94 -4.90 13.43
C GLY D 66 36.36 -4.44 13.16
N ILE D 67 36.58 -3.80 12.01
CA ILE D 67 37.91 -3.37 11.58
C ILE D 67 37.83 -1.92 11.13
N THR D 68 38.66 -1.07 11.74
CA THR D 68 38.76 0.33 11.37
C THR D 68 40.15 0.65 10.87
N GLY D 69 40.30 1.80 10.25
CA GLY D 69 41.59 2.20 9.70
C GLY D 69 41.76 3.71 9.77
N SER D 70 43.02 4.14 9.90
CA SER D 70 43.36 5.54 9.97
C SER D 70 44.00 6.02 8.68
N VAL D 71 43.85 7.31 8.42
CA VAL D 71 44.32 7.94 7.19
C VAL D 71 44.76 9.34 7.61
N GLY D 72 45.28 10.15 6.69
CA GLY D 72 45.56 11.52 7.04
C GLY D 72 46.75 12.19 6.39
N THR D 73 47.50 11.47 5.54
CA THR D 73 48.50 12.11 4.71
C THR D 73 48.15 12.02 3.23
N SER D 74 48.08 10.81 2.68
CA SER D 74 47.46 10.58 1.39
C SER D 74 46.70 9.26 1.31
N ASP D 75 46.91 8.35 2.27
CA ASP D 75 46.47 6.97 2.13
C ASP D 75 46.49 6.34 3.51
N VAL D 76 45.75 5.22 3.64
CA VAL D 76 45.63 4.50 4.90
C VAL D 76 46.98 3.91 5.29
N LYS D 77 47.34 4.04 6.58
CA LYS D 77 48.59 3.46 7.05
C LYS D 77 48.54 2.84 8.44
N LEU D 78 47.39 2.80 9.10
CA LEU D 78 47.24 2.08 10.36
C LEU D 78 45.91 1.35 10.38
N LEU D 79 45.93 0.09 10.85
CA LEU D 79 44.74 -0.73 10.96
C LEU D 79 44.49 -1.10 12.41
N ALA D 80 43.23 -1.05 12.82
CA ALA D 80 42.81 -1.46 14.16
C ALA D 80 41.75 -2.55 14.02
N ILE D 81 41.98 -3.66 14.70
CA ILE D 81 41.12 -4.84 14.62
C ILE D 81 40.57 -5.14 16.01
N TYR D 82 39.25 -5.17 16.14
CA TYR D 82 38.66 -5.58 17.40
C TYR D 82 38.53 -7.10 17.43
N LEU D 83 38.35 -7.64 18.63
CA LEU D 83 38.51 -9.07 18.83
C LEU D 83 37.84 -9.48 20.13
N ALA D 84 37.31 -10.70 20.16
CA ALA D 84 36.62 -11.26 21.32
C ALA D 84 36.56 -12.77 21.17
N PRO D 85 36.75 -13.53 22.24
CA PRO D 85 36.71 -14.99 22.12
C PRO D 85 35.29 -15.51 21.97
N ASN D 86 35.17 -16.64 21.30
CA ASN D 86 33.90 -17.34 21.21
C ASN D 86 33.53 -17.91 22.57
N ALA D 87 32.23 -18.06 22.81
CA ALA D 87 31.76 -18.42 24.15
C ALA D 87 31.77 -19.92 24.39
N GLY D 88 32.88 -20.58 24.07
CA GLY D 88 33.15 -21.92 24.55
C GLY D 88 34.63 -22.15 24.73
N SER D 89 35.42 -21.09 24.52
CA SER D 89 36.86 -21.21 24.52
C SER D 89 37.41 -21.29 25.94
N SER D 90 38.46 -22.08 26.10
CA SER D 90 39.01 -22.29 27.43
C SER D 90 39.94 -21.15 27.84
N ALA D 91 41.06 -21.00 27.13
CA ALA D 91 42.03 -19.97 27.47
C ALA D 91 42.83 -19.64 26.21
N ILE D 92 42.50 -18.53 25.58
CA ILE D 92 43.25 -18.07 24.41
C ILE D 92 44.47 -17.30 24.91
N ASP D 93 45.64 -17.65 24.38
CA ASP D 93 46.91 -17.08 24.82
C ASP D 93 47.48 -16.23 23.69
N LEU D 94 47.53 -14.92 23.89
CA LEU D 94 47.94 -13.99 22.83
C LEU D 94 49.45 -13.92 22.62
N ALA D 95 50.24 -14.73 23.30
CA ALA D 95 51.67 -14.68 23.06
C ALA D 95 52.09 -15.47 21.83
N GLN D 96 51.18 -16.24 21.23
CA GLN D 96 51.53 -17.18 20.16
C GLN D 96 50.51 -17.17 19.03
N THR D 97 49.80 -16.07 18.82
CA THR D 97 48.82 -15.95 17.74
C THR D 97 49.40 -15.07 16.66
N LYS D 98 49.32 -15.52 15.41
CA LYS D 98 50.00 -14.88 14.30
C LYS D 98 49.03 -14.51 13.20
N VAL D 99 49.21 -13.34 12.61
CA VAL D 99 48.30 -12.77 11.64
C VAL D 99 48.95 -12.86 10.27
N MET D 100 48.20 -13.38 9.29
CA MET D 100 48.65 -13.33 7.90
C MET D 100 47.86 -12.31 7.11
N LEU D 101 48.54 -11.60 6.22
CA LEU D 101 47.90 -10.67 5.30
C LEU D 101 48.41 -10.93 3.89
N ASP D 102 47.58 -10.63 2.89
CA ASP D 102 47.87 -10.94 1.49
C ASP D 102 47.55 -9.75 0.62
N TYR D 103 48.57 -9.11 0.05
CA TYR D 103 48.35 -7.97 -0.83
C TYR D 103 49.56 -7.75 -1.73
N ASN D 104 49.27 -7.52 -3.03
CA ASN D 104 50.24 -7.06 -4.03
C ASN D 104 51.40 -8.05 -4.20
N GLY D 105 51.06 -9.33 -4.25
CA GLY D 105 52.09 -10.35 -4.31
C GLY D 105 52.92 -10.49 -3.05
N LYS D 106 52.39 -10.06 -1.92
CA LYS D 106 53.10 -10.11 -0.65
C LYS D 106 52.24 -10.84 0.37
N SER D 107 52.72 -11.98 0.84
CA SER D 107 52.10 -12.72 1.93
C SER D 107 52.94 -12.47 3.17
N VAL D 108 52.34 -11.84 4.17
CA VAL D 108 53.07 -11.26 5.30
C VAL D 108 52.62 -11.96 6.57
N VAL D 109 53.58 -12.50 7.31
CA VAL D 109 53.36 -13.18 8.58
C VAL D 109 53.88 -12.28 9.68
N LEU D 110 53.09 -12.09 10.73
CA LEU D 110 53.47 -11.22 11.84
C LEU D 110 53.65 -12.05 13.11
N GLY D 111 54.10 -11.39 14.17
CA GLY D 111 54.31 -12.01 15.46
C GLY D 111 54.04 -11.00 16.54
N TYR D 112 54.10 -11.44 17.79
CA TYR D 112 53.79 -10.57 18.92
C TYR D 112 54.93 -9.61 19.19
N GLY D 113 54.59 -8.37 19.55
CA GLY D 113 55.56 -7.34 19.82
C GLY D 113 55.59 -6.99 21.30
N GLY D 114 56.78 -6.65 21.79
CA GLY D 114 56.97 -6.43 23.21
C GLY D 114 56.57 -5.05 23.70
N ASN D 115 55.30 -4.69 23.50
CA ASN D 115 54.76 -3.44 24.01
C ASN D 115 53.24 -3.58 24.08
N GLN D 116 52.66 -3.12 25.19
CA GLN D 116 51.21 -3.19 25.37
C GLN D 116 50.80 -2.00 26.24
N ASP D 117 49.53 -1.99 26.66
CA ASP D 117 49.01 -0.89 27.43
C ASP D 117 47.81 -1.39 28.23
N MET D 118 47.49 -0.67 29.31
CA MET D 118 46.36 -0.98 30.18
C MET D 118 45.29 0.09 30.12
N SER D 119 44.99 0.56 28.90
CA SER D 119 44.05 1.65 28.68
C SER D 119 42.60 1.23 28.90
N SER D 120 42.21 1.04 30.15
CA SER D 120 40.82 0.74 30.50
C SER D 120 40.30 1.94 31.29
N GLY D 121 39.79 2.93 30.57
CA GLY D 121 39.29 4.14 31.18
C GLY D 121 39.69 5.39 30.41
N ASN D 122 40.72 5.27 29.59
CA ASN D 122 41.27 6.41 28.86
C ASN D 122 40.66 6.48 27.46
N SER D 123 41.21 7.36 26.62
CA SER D 123 40.65 7.68 25.32
C SER D 123 41.77 7.78 24.29
N SER D 124 41.38 8.13 23.06
CA SER D 124 42.26 8.44 21.93
C SER D 124 43.18 7.25 21.60
N VAL D 125 42.54 6.20 21.07
CA VAL D 125 43.20 4.93 20.77
C VAL D 125 44.40 5.10 19.84
N PHE D 126 44.32 6.05 18.91
CA PHE D 126 45.40 6.28 17.95
C PHE D 126 46.41 7.33 18.45
N SER D 127 46.60 7.46 19.76
CA SER D 127 47.52 8.47 20.27
C SER D 127 48.38 8.01 21.45
N ASN D 128 48.51 6.71 21.71
CA ASN D 128 49.31 6.23 22.84
C ASN D 128 50.11 4.99 22.42
N ASP D 129 51.44 5.12 22.47
CA ASP D 129 52.40 4.02 22.35
C ASP D 129 52.28 3.27 21.02
N THR D 130 52.26 4.02 19.92
CA THR D 130 52.17 3.43 18.59
C THR D 130 53.50 3.50 17.83
N GLY D 131 54.62 3.42 18.53
CA GLY D 131 55.92 3.54 17.90
C GLY D 131 56.87 2.37 18.08
N ALA D 132 56.35 1.14 18.06
CA ALA D 132 57.17 -0.06 18.15
C ALA D 132 56.72 -1.10 17.14
N THR D 133 56.34 -0.63 15.95
CA THR D 133 55.77 -1.40 14.85
C THR D 133 56.84 -1.85 13.86
N ALA D 134 56.42 -2.15 12.63
CA ALA D 134 57.12 -2.45 11.37
C ALA D 134 57.55 -3.91 11.21
N THR D 135 57.37 -4.76 12.21
CA THR D 135 57.35 -6.20 11.93
C THR D 135 56.37 -6.95 12.81
N THR D 136 55.64 -6.30 13.70
CA THR D 136 54.80 -6.95 14.70
C THR D 136 53.50 -6.16 14.83
N PHE D 137 52.62 -6.64 15.70
CA PHE D 137 51.40 -5.94 16.05
C PHE D 137 51.43 -5.52 17.52
N GLN D 138 50.51 -4.64 17.88
CA GLN D 138 50.45 -4.10 19.23
C GLN D 138 49.07 -4.37 19.82
N VAL D 139 49.02 -4.54 21.14
CA VAL D 139 47.86 -5.05 21.84
C VAL D 139 47.37 -3.99 22.82
N ASN D 140 46.07 -3.69 22.78
CA ASN D 140 45.43 -2.84 23.77
C ASN D 140 44.27 -3.59 24.43
N ILE D 141 44.04 -3.29 25.70
CA ILE D 141 43.02 -3.94 26.50
C ILE D 141 41.88 -2.96 26.71
N LEU D 142 40.65 -3.38 26.40
CA LEU D 142 39.50 -2.51 26.58
C LEU D 142 38.62 -2.90 27.76
N GLN D 143 38.64 -4.17 28.18
CA GLN D 143 37.77 -4.62 29.27
C GLN D 143 38.34 -5.88 29.87
N ASP D 144 38.50 -5.89 31.20
CA ASP D 144 38.98 -7.06 31.91
C ASP D 144 38.52 -6.94 33.36
N TYR D 145 37.60 -7.81 33.78
CA TYR D 145 37.10 -7.73 35.15
C TYR D 145 38.10 -8.30 36.14
N ASP D 146 38.46 -9.58 35.99
CA ASP D 146 39.29 -10.28 36.97
C ASP D 146 40.77 -10.24 36.63
N ASP D 147 41.21 -9.14 35.98
CA ASP D 147 42.57 -8.74 35.58
C ASP D 147 43.49 -9.89 35.20
N SER D 148 42.98 -10.80 34.37
CA SER D 148 43.71 -11.98 33.92
C SER D 148 44.45 -11.74 32.62
N ALA D 149 44.30 -10.56 32.02
CA ALA D 149 45.01 -10.22 30.79
C ALA D 149 45.95 -9.05 30.96
N VAL D 150 46.10 -8.51 32.17
CA VAL D 150 46.99 -7.38 32.39
C VAL D 150 48.44 -7.81 32.24
N ASP D 151 48.79 -8.98 32.75
CA ASP D 151 50.09 -9.56 32.50
C ASP D 151 49.92 -10.84 31.68
N ASN D 152 50.98 -11.15 30.93
CA ASN D 152 51.28 -12.39 30.18
C ASN D 152 50.14 -12.89 29.26
N ALA D 153 49.19 -12.01 28.92
CA ALA D 153 48.32 -12.12 27.74
C ALA D 153 47.47 -13.40 27.72
N VAL D 154 46.56 -13.50 28.68
CA VAL D 154 45.62 -14.62 28.74
C VAL D 154 44.21 -14.05 28.72
N ILE D 155 43.44 -14.41 27.69
CA ILE D 155 42.06 -13.97 27.55
C ILE D 155 41.13 -15.05 28.09
N ASN D 156 40.35 -14.71 29.10
CA ASN D 156 39.35 -15.61 29.63
C ASN D 156 38.00 -15.36 28.93
N LYS D 157 36.92 -15.88 29.49
CA LYS D 157 35.61 -15.81 28.85
C LYS D 157 35.00 -14.43 29.10
N GLY D 158 35.18 -13.51 28.16
CA GLY D 158 34.48 -12.25 28.24
C GLY D 158 35.31 -10.98 28.15
N ASP D 159 36.52 -11.05 27.60
CA ASP D 159 37.35 -9.87 27.50
C ASP D 159 37.12 -9.14 26.16
N ALA D 160 37.85 -8.06 25.96
CA ALA D 160 37.83 -7.31 24.71
C ALA D 160 39.21 -6.72 24.48
N VAL D 161 39.85 -7.10 23.39
CA VAL D 161 41.24 -6.77 23.10
C VAL D 161 41.31 -6.25 21.67
N ALA D 162 41.96 -5.10 21.49
CA ALA D 162 42.15 -4.55 20.16
C ALA D 162 43.60 -4.74 19.72
N LEU D 163 43.78 -4.86 18.40
CA LEU D 163 45.09 -5.01 17.79
C LEU D 163 45.35 -3.81 16.89
N ILE D 164 46.60 -3.37 16.85
CA ILE D 164 47.03 -2.28 15.98
C ILE D 164 48.19 -2.75 15.13
N VAL D 165 48.05 -2.60 13.82
CA VAL D 165 49.08 -2.99 12.85
C VAL D 165 49.41 -1.77 12.00
N ASP D 166 50.69 -1.53 11.76
CA ASP D 166 51.13 -0.48 10.86
C ASP D 166 51.36 -1.04 9.47
N VAL D 167 50.92 -0.30 8.46
CA VAL D 167 50.92 -0.79 7.08
C VAL D 167 52.07 -0.19 6.27
N ASN D 168 52.34 1.11 6.48
CA ASN D 168 53.35 1.82 5.70
C ASN D 168 54.74 1.26 5.92
N ALA D 169 55.06 0.89 7.15
CA ALA D 169 56.38 0.37 7.47
C ALA D 169 56.46 -1.15 7.46
N SER D 170 55.44 -1.82 6.93
CA SER D 170 55.46 -3.28 6.87
C SER D 170 55.22 -3.78 5.45
N PHE D 171 54.50 -3.00 4.64
CA PHE D 171 54.32 -3.33 3.23
C PHE D 171 55.24 -2.54 2.31
N ALA D 172 55.96 -1.55 2.87
CA ALA D 172 56.80 -0.60 2.15
C ALA D 172 56.02 0.12 1.05
N GLY D 173 54.98 0.84 1.44
CA GLY D 173 54.16 1.54 0.47
C GLY D 173 52.85 2.04 1.05
N GLU D 174 51.76 1.84 0.34
CA GLU D 174 50.45 2.33 0.76
C GLU D 174 49.41 1.24 0.49
N ILE D 175 48.13 1.58 0.69
CA ILE D 175 47.02 0.69 0.38
C ILE D 175 45.92 1.51 -0.29
N PRO D 176 45.92 1.61 -1.61
CA PRO D 176 44.95 2.47 -2.31
C PRO D 176 43.56 1.85 -2.31
N GLU D 177 42.63 2.58 -2.90
CA GLU D 177 41.23 2.17 -2.90
C GLU D 177 40.98 1.10 -3.95
N ARG D 178 39.76 0.54 -3.91
CA ARG D 178 39.25 -0.47 -4.84
C ARG D 178 40.10 -1.73 -4.84
N THR D 179 40.55 -2.16 -3.66
CA THR D 179 41.32 -3.38 -3.50
C THR D 179 40.54 -4.40 -2.70
N ALA D 180 41.06 -5.62 -2.64
CA ALA D 180 40.43 -6.72 -1.92
C ALA D 180 41.51 -7.56 -1.27
N ILE D 181 41.45 -7.69 0.06
CA ILE D 181 42.48 -8.36 0.84
C ILE D 181 41.83 -9.37 1.78
N SER D 182 42.39 -10.57 1.83
CA SER D 182 42.00 -11.60 2.78
C SER D 182 43.09 -11.78 3.83
N GLY D 183 42.84 -12.66 4.78
CA GLY D 183 43.79 -12.93 5.84
C GLY D 183 43.16 -13.67 6.99
N LYS D 184 44.02 -14.31 7.79
CA LYS D 184 43.58 -15.15 8.89
C LYS D 184 44.40 -14.87 10.15
N VAL D 185 43.78 -15.15 11.30
CA VAL D 185 44.26 -14.77 12.62
C VAL D 185 44.38 -16.03 13.48
N GLN D 186 44.93 -17.12 12.90
CA GLN D 186 45.07 -18.45 13.50
C GLN D 186 45.55 -18.43 14.96
N PRO D 187 44.76 -18.96 15.89
CA PRO D 187 45.26 -19.15 17.26
C PRO D 187 46.14 -20.38 17.38
N GLU D 188 46.49 -20.74 18.61
CA GLU D 188 47.32 -21.92 18.85
C GLU D 188 46.59 -23.20 18.47
N PHE D 189 45.35 -23.36 18.93
CA PHE D 189 44.63 -24.61 18.72
C PHE D 189 43.17 -24.44 18.32
N GLY D 190 42.65 -23.22 18.23
CA GLY D 190 41.24 -23.04 17.94
C GLY D 190 40.91 -23.00 16.46
N ALA D 191 39.92 -22.19 16.09
CA ALA D 191 39.50 -22.01 14.72
C ALA D 191 39.66 -20.55 14.31
N PRO D 192 40.20 -20.28 13.13
CA PRO D 192 40.57 -18.90 12.78
C PRO D 192 39.37 -18.06 12.38
N GLY D 193 39.55 -16.75 12.53
CA GLY D 193 38.61 -15.77 12.00
C GLY D 193 39.17 -15.17 10.72
N VAL D 194 38.28 -14.99 9.74
CA VAL D 194 38.68 -14.63 8.38
C VAL D 194 38.42 -13.15 8.18
N ILE D 195 39.30 -12.48 7.44
CA ILE D 195 39.28 -11.03 7.26
C ILE D 195 38.92 -10.72 5.81
N SER D 196 38.04 -9.74 5.60
CA SER D 196 37.74 -9.24 4.26
C SER D 196 37.30 -7.79 4.37
N PHE D 197 38.08 -6.87 3.80
CA PHE D 197 37.86 -5.43 3.98
C PHE D 197 38.01 -4.70 2.64
N THR D 198 37.27 -5.16 1.63
CA THR D 198 37.24 -4.55 0.30
C THR D 198 36.93 -3.06 0.35
N THR D 199 37.89 -2.26 -0.10
CA THR D 199 37.96 -0.85 0.24
C THR D 199 36.89 -0.03 -0.48
N PRO D 200 36.43 1.06 0.12
CA PRO D 200 35.47 1.92 -0.56
C PRO D 200 36.13 2.72 -1.67
N ALA D 201 35.28 3.32 -2.50
CA ALA D 201 35.73 4.03 -3.69
C ALA D 201 36.06 5.50 -3.45
N SER D 202 35.99 5.97 -2.20
CA SER D 202 36.27 7.37 -1.91
C SER D 202 36.69 7.51 -0.46
N TYR D 203 37.70 8.32 -0.21
CA TYR D 203 38.13 8.67 1.14
C TYR D 203 37.68 10.09 1.45
N THR D 204 36.92 10.25 2.53
CA THR D 204 36.35 11.54 2.88
C THR D 204 36.93 12.11 4.18
N THR D 205 36.81 11.37 5.27
CA THR D 205 37.20 11.88 6.58
C THR D 205 38.57 11.33 6.97
N THR D 206 39.05 11.76 8.14
CA THR D 206 40.34 11.32 8.66
C THR D 206 40.25 10.00 9.41
N LEU D 207 39.10 9.36 9.44
CA LEU D 207 38.93 8.09 10.15
C LEU D 207 37.80 7.34 9.43
N VAL D 208 38.19 6.39 8.58
CA VAL D 208 37.24 5.70 7.70
C VAL D 208 36.97 4.31 8.26
N GLU D 209 35.71 3.89 8.17
CA GLU D 209 35.31 2.55 8.55
C GLU D 209 35.57 1.58 7.41
N LEU D 210 35.92 0.36 7.76
CA LEU D 210 36.21 -0.63 6.74
C LEU D 210 35.39 -1.91 6.90
N GLN D 211 35.13 -2.34 8.13
CA GLN D 211 34.26 -3.48 8.36
C GLN D 211 33.56 -3.38 9.72
N ALA E 13 59.16 -89.89 32.92
CA ALA E 13 58.07 -90.78 32.54
C ALA E 13 56.82 -89.97 32.23
N SER E 14 56.41 -89.12 33.17
CA SER E 14 55.24 -88.25 33.00
C SER E 14 55.63 -86.80 32.73
N GLY E 15 56.79 -86.59 32.11
CA GLY E 15 57.22 -85.25 31.76
C GLY E 15 57.02 -84.93 30.29
N ILE E 16 55.89 -85.37 29.73
CA ILE E 16 55.57 -85.16 28.33
C ILE E 16 54.36 -84.24 28.32
N GLY E 17 54.31 -83.32 29.28
CA GLY E 17 53.20 -82.39 29.38
C GLY E 17 53.15 -81.35 28.28
N THR E 18 54.22 -81.19 27.50
CA THR E 18 54.20 -80.24 26.40
C THR E 18 53.53 -80.83 25.15
N LEU E 19 53.75 -82.12 24.89
CA LEU E 19 53.20 -82.76 23.70
C LEU E 19 51.68 -82.90 23.76
N ILE E 20 51.12 -82.86 24.96
CA ILE E 20 49.67 -82.97 25.13
C ILE E 20 48.99 -81.67 24.74
N VAL E 21 49.49 -80.55 25.26
CA VAL E 21 48.74 -79.31 25.26
C VAL E 21 49.36 -78.24 24.37
N PHE E 22 50.71 -78.12 24.35
CA PHE E 22 51.39 -76.96 23.80
C PHE E 22 51.23 -76.87 22.29
N ILE E 23 51.62 -77.93 21.57
CA ILE E 23 51.57 -77.93 20.11
C ILE E 23 50.14 -77.85 19.61
N ALA E 24 49.23 -78.55 20.29
CA ALA E 24 47.82 -78.54 19.91
C ALA E 24 47.20 -77.17 20.10
N MET E 25 47.49 -76.49 21.21
CA MET E 25 46.93 -75.15 21.41
C MET E 25 47.58 -74.12 20.51
N VAL E 26 48.86 -74.31 20.13
CA VAL E 26 49.47 -73.42 19.15
C VAL E 26 48.79 -73.56 17.79
N LEU E 27 48.49 -74.79 17.37
CA LEU E 27 47.82 -74.98 16.08
C LEU E 27 46.38 -74.48 16.10
N VAL E 28 45.65 -74.74 17.19
CA VAL E 28 44.28 -74.25 17.33
C VAL E 28 44.26 -72.72 17.43
N ALA E 29 45.28 -72.14 18.05
CA ALA E 29 45.41 -70.68 18.10
C ALA E 29 45.65 -70.09 16.73
N ALA E 30 46.50 -70.74 15.92
CA ALA E 30 46.75 -70.27 14.57
C ALA E 30 45.50 -70.37 13.70
N VAL E 31 44.73 -71.44 13.88
CA VAL E 31 43.49 -71.61 13.11
C VAL E 31 42.45 -70.56 13.51
N ALA E 32 42.25 -70.37 14.83
CA ALA E 32 41.27 -69.40 15.31
C ALA E 32 41.69 -67.96 15.06
N ALA E 33 42.98 -67.72 14.85
CA ALA E 33 43.42 -66.39 14.45
C ALA E 33 43.23 -66.19 12.94
N SER E 34 43.56 -67.22 12.15
CA SER E 34 43.45 -67.13 10.70
C SER E 34 42.01 -67.04 10.24
N VAL E 35 41.04 -67.48 11.06
CA VAL E 35 39.65 -67.17 10.77
C VAL E 35 39.40 -65.67 10.87
N LEU E 36 39.84 -65.05 11.97
CA LEU E 36 39.52 -63.65 12.23
C LEU E 36 40.25 -62.69 11.30
N ILE E 37 41.47 -63.03 10.88
CA ILE E 37 42.17 -62.19 9.91
C ILE E 37 41.51 -62.29 8.54
N ASN E 38 41.22 -63.51 8.08
CA ASN E 38 40.70 -63.65 6.72
C ASN E 38 39.22 -63.32 6.59
N THR E 39 38.49 -63.19 7.70
CA THR E 39 37.08 -62.84 7.58
C THR E 39 36.83 -61.35 7.47
N SER E 40 37.88 -60.52 7.56
CA SER E 40 37.69 -59.07 7.60
C SER E 40 37.87 -58.40 6.25
N GLY E 41 38.64 -59.00 5.34
CA GLY E 41 38.91 -58.36 4.06
C GLY E 41 37.68 -58.27 3.18
N PHE E 42 36.83 -59.31 3.22
CA PHE E 42 35.58 -59.30 2.47
C PHE E 42 34.67 -58.17 2.92
N LEU E 43 34.51 -58.01 4.23
CA LEU E 43 33.60 -56.98 4.72
C LEU E 43 34.19 -55.58 4.58
N GLN E 44 35.51 -55.42 4.67
CA GLN E 44 36.05 -54.08 4.46
C GLN E 44 35.97 -53.67 3.00
N GLN E 45 36.20 -54.60 2.07
CA GLN E 45 36.12 -54.24 0.67
C GLN E 45 34.69 -54.22 0.16
N LYS E 46 33.75 -54.76 0.93
CA LYS E 46 32.34 -54.55 0.61
C LYS E 46 31.83 -53.24 1.18
N ALA E 47 32.33 -52.83 2.36
CA ALA E 47 31.86 -51.60 2.98
C ALA E 47 32.53 -50.36 2.39
N SER E 48 33.73 -50.51 1.81
CA SER E 48 34.40 -49.35 1.25
C SER E 48 33.77 -48.90 -0.05
N THR E 49 33.27 -49.84 -0.86
CA THR E 49 32.63 -49.47 -2.12
C THR E 49 31.26 -48.86 -1.90
N THR E 50 30.59 -49.24 -0.81
CA THR E 50 29.19 -48.87 -0.62
C THR E 50 29.02 -47.38 -0.39
N GLY E 51 29.92 -46.77 0.39
CA GLY E 51 29.80 -45.35 0.66
C GLY E 51 30.09 -44.48 -0.55
N LYS E 52 31.17 -44.78 -1.26
CA LYS E 52 31.51 -43.98 -2.43
C LYS E 52 30.79 -44.41 -3.69
N GLU E 53 29.91 -45.41 -3.63
CA GLU E 53 28.91 -45.60 -4.68
C GLU E 53 27.55 -45.08 -4.30
N SER E 54 27.27 -44.92 -3.01
CA SER E 54 26.00 -44.32 -2.59
C SER E 54 26.06 -42.81 -2.57
N THR E 55 27.25 -42.22 -2.44
CA THR E 55 27.36 -40.77 -2.51
C THR E 55 27.12 -40.25 -3.92
N GLU E 56 27.51 -41.05 -4.92
CA GLU E 56 27.32 -40.64 -6.31
C GLU E 56 25.85 -40.63 -6.71
N GLN E 57 25.03 -41.46 -6.07
CA GLN E 57 23.61 -41.49 -6.41
C GLN E 57 22.89 -40.26 -5.85
N VAL E 58 23.21 -39.85 -4.63
CA VAL E 58 22.59 -38.67 -4.07
C VAL E 58 23.19 -37.39 -4.66
N ALA E 59 24.41 -37.46 -5.20
CA ALA E 59 25.06 -36.25 -5.68
C ALA E 59 24.55 -35.83 -7.06
N SER E 60 24.42 -36.76 -8.00
CA SER E 60 24.23 -36.42 -9.39
C SER E 60 22.79 -35.99 -9.68
N GLY E 61 22.54 -35.58 -10.91
CA GLY E 61 21.24 -35.07 -11.28
C GLY E 61 21.21 -34.72 -12.75
N LEU E 62 20.09 -34.12 -13.16
CA LEU E 62 19.86 -33.80 -14.58
C LEU E 62 18.76 -32.75 -14.62
N LEU E 63 19.04 -31.61 -15.26
CA LEU E 63 18.21 -30.42 -15.13
C LEU E 63 17.72 -29.94 -16.49
N ILE E 64 16.40 -29.99 -16.69
CA ILE E 64 15.74 -29.50 -17.89
C ILE E 64 15.49 -28.01 -17.78
N ASN E 65 15.87 -27.24 -18.81
CA ASN E 65 15.74 -25.78 -18.77
C ASN E 65 15.18 -25.20 -20.08
N GLY E 66 14.12 -25.80 -20.60
CA GLY E 66 13.45 -25.21 -21.76
C GLY E 66 13.07 -26.19 -22.85
N ILE E 67 11.83 -26.13 -23.31
CA ILE E 67 11.30 -27.05 -24.31
C ILE E 67 10.61 -26.25 -25.41
N THR E 68 11.03 -26.44 -26.65
CA THR E 68 10.41 -25.81 -27.80
C THR E 68 9.85 -26.85 -28.74
N GLY E 69 9.01 -26.42 -29.67
CA GLY E 69 8.39 -27.33 -30.61
C GLY E 69 8.19 -26.67 -31.96
N SER E 70 8.21 -27.48 -33.00
CA SER E 70 8.02 -27.01 -34.37
C SER E 70 6.66 -27.41 -34.90
N VAL E 71 6.15 -26.61 -35.84
CA VAL E 71 4.83 -26.78 -36.42
C VAL E 71 4.99 -26.36 -37.87
N GLY E 72 3.92 -26.44 -38.68
CA GLY E 72 4.02 -25.92 -40.02
C GLY E 72 3.24 -26.62 -41.11
N THR E 73 2.53 -27.71 -40.78
CA THR E 73 1.57 -28.29 -41.72
C THR E 73 0.14 -28.16 -41.22
N SER E 74 -0.18 -28.81 -40.10
CA SER E 74 -1.40 -28.51 -39.35
C SER E 74 -1.21 -28.59 -37.86
N ASP E 75 -0.12 -29.17 -37.37
CA ASP E 75 0.00 -29.55 -35.97
C ASP E 75 1.48 -29.78 -35.67
N VAL E 76 1.83 -29.75 -34.37
CA VAL E 76 3.20 -29.93 -33.92
C VAL E 76 3.67 -31.34 -34.24
N LYS E 77 4.91 -31.46 -34.75
CA LYS E 77 5.46 -32.77 -35.02
C LYS E 77 6.95 -32.94 -34.70
N LEU E 78 7.62 -31.93 -34.15
CA LEU E 78 8.99 -32.09 -33.68
C LEU E 78 9.16 -31.36 -32.35
N LEU E 79 9.84 -32.01 -31.41
CA LEU E 79 10.12 -31.43 -30.10
C LEU E 79 11.62 -31.31 -29.90
N ALA E 80 12.03 -30.18 -29.31
CA ALA E 80 13.42 -29.92 -28.96
C ALA E 80 13.51 -29.63 -27.47
N ILE E 81 14.38 -30.35 -26.79
CA ILE E 81 14.52 -30.27 -25.34
C ILE E 81 15.94 -29.85 -25.03
N TYR E 82 16.11 -28.75 -24.31
CA TYR E 82 17.43 -28.36 -23.84
C TYR E 82 17.74 -29.06 -22.52
N LEU E 83 19.02 -29.09 -22.18
CA LEU E 83 19.47 -29.97 -21.11
C LEU E 83 20.84 -29.52 -20.63
N ALA E 84 21.10 -29.72 -19.33
CA ALA E 84 22.34 -29.33 -18.69
C ALA E 84 22.47 -30.10 -17.38
N PRO E 85 23.66 -30.57 -17.03
CA PRO E 85 23.81 -31.33 -15.79
C PRO E 85 23.78 -30.43 -14.57
N ASN E 86 23.34 -30.99 -13.45
CA ASN E 86 23.39 -30.31 -12.17
C ASN E 86 24.84 -30.18 -11.73
N ALA E 87 25.12 -29.14 -10.94
CA ALA E 87 26.51 -28.83 -10.60
C ALA E 87 27.03 -29.62 -9.41
N GLY E 88 26.81 -30.94 -9.42
CA GLY E 88 27.52 -31.84 -8.53
C GLY E 88 27.71 -33.18 -9.19
N SER E 89 27.31 -33.29 -10.44
CA SER E 89 27.31 -34.58 -11.12
C SER E 89 28.71 -34.95 -11.58
N SER E 90 29.01 -36.25 -11.53
CA SER E 90 30.35 -36.70 -11.87
C SER E 90 30.52 -36.84 -13.38
N ALA E 91 29.79 -37.76 -13.99
CA ALA E 91 29.91 -38.00 -15.43
C ALA E 91 28.61 -38.60 -15.92
N ILE E 92 27.78 -37.78 -16.56
CA ILE E 92 26.55 -38.27 -17.17
C ILE E 92 26.87 -38.84 -18.54
N ASP E 93 26.41 -40.05 -18.80
CA ASP E 93 26.71 -40.78 -20.02
C ASP E 93 25.45 -40.91 -20.85
N LEU E 94 25.40 -40.24 -22.00
CA LEU E 94 24.18 -40.18 -22.81
C LEU E 94 23.94 -41.42 -23.65
N ALA E 95 24.75 -42.45 -23.53
CA ALA E 95 24.48 -43.66 -24.31
C ALA E 95 23.41 -44.54 -23.68
N GLN E 96 22.98 -44.24 -22.46
CA GLN E 96 22.09 -45.12 -21.71
C GLN E 96 21.00 -44.37 -20.97
N THR E 97 20.59 -43.20 -21.47
CA THR E 97 19.53 -42.41 -20.86
C THR E 97 18.29 -42.53 -21.73
N LYS E 98 17.15 -42.80 -21.10
CA LYS E 98 15.94 -43.14 -21.83
C LYS E 98 14.80 -42.21 -21.42
N VAL E 99 14.00 -41.79 -22.40
CA VAL E 99 12.95 -40.82 -22.21
C VAL E 99 11.61 -41.51 -22.27
N MET E 100 10.76 -41.26 -21.27
CA MET E 100 9.38 -41.74 -21.33
C MET E 100 8.42 -40.59 -21.62
N LEU E 101 7.40 -40.87 -22.44
CA LEU E 101 6.34 -39.91 -22.70
C LEU E 101 4.99 -40.60 -22.54
N ASP E 102 3.97 -39.83 -22.18
CA ASP E 102 2.65 -40.37 -21.85
C ASP E 102 1.58 -39.53 -22.52
N TYR E 103 0.89 -40.10 -23.51
CA TYR E 103 -0.19 -39.39 -24.19
C TYR E 103 -1.13 -40.36 -24.88
N ASN E 104 -2.44 -40.12 -24.71
CA ASN E 104 -3.52 -40.77 -25.45
C ASN E 104 -3.52 -42.29 -25.23
N GLY E 105 -3.32 -42.70 -23.98
CA GLY E 105 -3.22 -44.11 -23.69
C GLY E 105 -1.97 -44.77 -24.23
N LYS E 106 -0.92 -44.00 -24.49
CA LYS E 106 0.33 -44.51 -25.03
C LYS E 106 1.46 -44.08 -24.12
N SER E 107 2.13 -45.05 -23.52
CA SER E 107 3.35 -44.84 -22.75
C SER E 107 4.51 -45.30 -23.61
N VAL E 108 5.38 -44.37 -23.98
CA VAL E 108 6.38 -44.57 -25.01
C VAL E 108 7.76 -44.45 -24.40
N VAL E 109 8.58 -45.48 -24.60
CA VAL E 109 9.95 -45.55 -24.13
C VAL E 109 10.87 -45.41 -25.34
N LEU E 110 11.87 -44.55 -25.22
CA LEU E 110 12.80 -44.31 -26.32
C LEU E 110 14.19 -44.78 -25.94
N GLY E 111 15.11 -44.73 -26.90
CA GLY E 111 16.49 -45.12 -26.71
C GLY E 111 17.37 -44.24 -27.57
N TYR E 112 18.68 -44.44 -27.45
CA TYR E 112 19.63 -43.61 -28.17
C TYR E 112 19.69 -44.02 -29.64
N GLY E 113 19.83 -43.04 -30.52
CA GLY E 113 19.90 -43.28 -31.96
C GLY E 113 21.28 -42.98 -32.49
N GLY E 114 21.70 -43.76 -33.49
CA GLY E 114 23.05 -43.67 -34.02
C GLY E 114 23.29 -42.56 -35.01
N ASN E 115 23.03 -41.31 -34.59
CA ASN E 115 23.31 -40.14 -35.41
C ASN E 115 23.43 -38.94 -34.48
N GLN E 116 24.45 -38.11 -34.71
CA GLN E 116 24.66 -36.92 -33.91
C GLN E 116 25.29 -35.86 -34.81
N ASP E 117 25.72 -34.76 -34.19
CA ASP E 117 26.29 -33.64 -34.95
C ASP E 117 27.19 -32.84 -34.01
N MET E 118 28.11 -32.09 -34.60
CA MET E 118 29.04 -31.24 -33.87
C MET E 118 28.80 -29.76 -34.16
N SER E 119 27.52 -29.37 -34.19
CA SER E 119 27.12 -28.02 -34.54
C SER E 119 27.42 -27.01 -33.44
N SER E 120 28.70 -26.67 -33.28
CA SER E 120 29.12 -25.63 -32.34
C SER E 120 29.68 -24.48 -33.17
N GLY E 121 28.79 -23.59 -33.60
CA GLY E 121 29.18 -22.46 -34.43
C GLY E 121 28.19 -22.20 -35.54
N ASN E 122 27.38 -23.20 -35.87
CA ASN E 122 26.45 -23.12 -36.99
C ASN E 122 25.07 -22.69 -36.50
N SER E 123 24.09 -22.76 -37.38
CA SER E 123 22.75 -22.23 -37.13
C SER E 123 21.71 -23.21 -37.65
N SER E 124 20.44 -22.80 -37.54
CA SER E 124 19.26 -23.48 -38.09
C SER E 124 19.14 -24.92 -37.56
N VAL E 125 18.81 -24.99 -36.25
CA VAL E 125 18.75 -26.25 -35.51
C VAL E 125 17.79 -27.25 -36.16
N PHE E 126 16.70 -26.75 -36.74
CA PHE E 126 15.70 -27.62 -37.37
C PHE E 126 15.99 -27.87 -38.85
N SER E 127 17.26 -27.84 -39.28
CA SER E 127 17.55 -28.04 -40.69
C SER E 127 18.79 -28.89 -40.97
N ASN E 128 19.28 -29.67 -40.01
CA ASN E 128 20.46 -30.50 -40.22
C ASN E 128 20.27 -31.87 -39.58
N ASP E 129 20.28 -32.92 -40.42
CA ASP E 129 20.35 -34.32 -40.01
C ASP E 129 19.19 -34.74 -39.11
N THR E 130 17.96 -34.42 -39.54
CA THR E 130 16.76 -34.78 -38.79
C THR E 130 15.98 -35.92 -39.45
N GLY E 131 16.68 -36.85 -40.10
CA GLY E 131 16.01 -37.93 -40.80
C GLY E 131 16.39 -39.34 -40.38
N ALA E 132 16.60 -39.56 -39.08
CA ALA E 132 16.90 -40.89 -38.55
C ALA E 132 16.11 -41.15 -37.29
N THR E 133 14.86 -40.70 -37.28
CA THR E 133 13.93 -40.71 -36.16
C THR E 133 13.03 -41.96 -36.21
N ALA E 134 11.87 -41.86 -35.53
CA ALA E 134 10.68 -42.71 -35.46
C ALA E 134 10.78 -43.87 -34.47
N THR E 135 11.92 -44.10 -33.83
CA THR E 135 11.92 -44.86 -32.59
C THR E 135 12.93 -44.37 -31.58
N THR E 136 13.70 -43.32 -31.86
CA THR E 136 14.80 -42.88 -31.03
C THR E 136 14.81 -41.36 -30.99
N PHE E 137 15.77 -40.80 -30.27
CA PHE E 137 16.00 -39.37 -30.24
C PHE E 137 17.36 -39.05 -30.83
N GLN E 138 17.58 -37.77 -31.12
CA GLN E 138 18.80 -37.30 -31.75
C GLN E 138 19.45 -36.24 -30.88
N VAL E 139 20.77 -36.18 -30.93
CA VAL E 139 21.58 -35.41 -29.98
C VAL E 139 22.35 -34.34 -30.75
N ASN E 140 22.27 -33.09 -30.28
CA ASN E 140 23.10 -32.01 -30.79
C ASN E 140 23.89 -31.38 -29.66
N ILE E 141 25.09 -30.92 -29.99
CA ILE E 141 26.02 -30.33 -29.02
C ILE E 141 26.05 -28.83 -29.25
N LEU E 142 25.84 -28.05 -28.19
CA LEU E 142 25.88 -26.60 -28.31
C LEU E 142 27.12 -25.97 -27.70
N GLN E 143 27.77 -26.63 -26.73
CA GLN E 143 28.92 -26.04 -26.06
C GLN E 143 29.74 -27.15 -25.43
N ASP E 144 31.05 -27.17 -25.73
CA ASP E 144 31.96 -28.13 -25.12
C ASP E 144 33.37 -27.55 -25.22
N TYR E 145 33.95 -27.21 -24.07
CA TYR E 145 35.29 -26.63 -24.08
C TYR E 145 36.36 -27.69 -24.31
N ASP E 146 36.43 -28.68 -23.43
CA ASP E 146 37.51 -29.66 -23.46
C ASP E 146 37.16 -30.92 -24.25
N ASP E 147 36.31 -30.77 -25.29
CA ASP E 147 35.83 -31.72 -26.29
C ASP E 147 35.64 -33.15 -25.78
N SER E 148 35.01 -33.28 -24.61
CA SER E 148 34.77 -34.56 -23.97
C SER E 148 33.43 -35.16 -24.35
N ALA E 149 32.63 -34.46 -25.15
CA ALA E 149 31.35 -34.98 -25.62
C ALA E 149 31.29 -35.14 -27.13
N VAL E 150 32.38 -34.86 -27.84
CA VAL E 150 32.38 -34.99 -29.30
C VAL E 150 32.29 -36.46 -29.70
N ASP E 151 33.01 -37.33 -29.00
CA ASP E 151 32.85 -38.76 -29.19
C ASP E 151 32.28 -39.37 -27.91
N ASN E 152 31.58 -40.49 -28.11
CA ASN E 152 31.07 -41.47 -27.12
C ASN E 152 30.28 -40.86 -25.95
N ALA E 153 29.78 -39.62 -26.10
CA ALA E 153 28.65 -39.06 -25.35
C ALA E 153 28.88 -39.03 -23.83
N VAL E 154 29.85 -38.24 -23.41
CA VAL E 154 30.13 -38.03 -22.00
C VAL E 154 30.03 -36.54 -21.69
N ILE E 155 29.10 -36.19 -20.81
CA ILE E 155 28.89 -34.80 -20.40
C ILE E 155 29.64 -34.55 -19.10
N ASN E 156 30.58 -33.63 -19.12
CA ASN E 156 31.28 -33.22 -17.91
C ASN E 156 30.56 -32.01 -17.29
N LYS E 157 31.22 -31.34 -16.35
CA LYS E 157 30.59 -30.26 -15.60
C LYS E 157 30.59 -28.98 -16.44
N GLY E 158 29.50 -28.72 -17.14
CA GLY E 158 29.36 -27.45 -17.83
C GLY E 158 29.02 -27.47 -19.30
N ASP E 159 28.49 -28.58 -19.82
CA ASP E 159 28.15 -28.65 -21.23
C ASP E 159 26.71 -28.19 -21.48
N ALA E 160 26.31 -28.25 -22.74
CA ALA E 160 24.94 -27.93 -23.15
C ALA E 160 24.59 -28.80 -24.35
N VAL E 161 23.57 -29.64 -24.19
CA VAL E 161 23.21 -30.65 -25.17
C VAL E 161 21.71 -30.57 -25.42
N ALA E 162 21.32 -30.51 -26.69
CA ALA E 162 19.91 -30.50 -27.03
C ALA E 162 19.47 -31.85 -27.60
N LEU E 163 18.21 -32.18 -27.37
CA LEU E 163 17.62 -33.42 -27.86
C LEU E 163 16.51 -33.08 -28.84
N ILE E 164 16.37 -33.90 -29.88
CA ILE E 164 15.31 -33.74 -30.88
C ILE E 164 14.55 -35.05 -30.98
N VAL E 165 13.23 -34.97 -30.81
CA VAL E 165 12.34 -36.13 -30.89
C VAL E 165 11.27 -35.83 -31.93
N ASP E 166 10.98 -36.80 -32.80
CA ASP E 166 9.89 -36.67 -33.76
C ASP E 166 8.62 -37.30 -33.20
N VAL E 167 7.50 -36.62 -33.40
CA VAL E 167 6.24 -36.99 -32.78
C VAL E 167 5.31 -37.71 -33.76
N ASN E 168 5.28 -37.24 -35.02
CA ASN E 168 4.37 -37.77 -36.02
C ASN E 168 4.67 -39.23 -36.35
N ALA E 169 5.95 -39.58 -36.42
CA ALA E 169 6.34 -40.94 -36.76
C ALA E 169 6.60 -41.82 -35.55
N SER E 170 6.22 -41.36 -34.35
CA SER E 170 6.43 -42.17 -33.15
C SER E 170 5.12 -42.36 -32.38
N PHE E 171 4.20 -41.41 -32.51
CA PHE E 171 2.88 -41.56 -31.91
C PHE E 171 1.82 -41.99 -32.91
N ALA E 172 2.17 -42.02 -34.21
CA ALA E 172 1.28 -42.28 -35.33
C ALA E 172 0.08 -41.34 -35.33
N GLY E 173 0.34 -40.04 -35.42
CA GLY E 173 -0.73 -39.06 -35.39
C GLY E 173 -0.23 -37.64 -35.19
N GLU E 174 -0.88 -36.89 -34.31
CA GLU E 174 -0.54 -35.50 -34.07
C GLU E 174 -0.59 -35.23 -32.57
N ILE E 175 -0.45 -33.96 -32.19
CA ILE E 175 -0.57 -33.53 -30.80
C ILE E 175 -1.36 -32.22 -30.78
N PRO E 176 -2.69 -32.29 -30.65
CA PRO E 176 -3.51 -31.09 -30.72
C PRO E 176 -3.38 -30.24 -29.45
N GLU E 177 -4.07 -29.12 -29.45
CA GLU E 177 -4.00 -28.16 -28.36
C GLU E 177 -4.82 -28.62 -27.16
N ARG E 178 -4.65 -27.88 -26.06
CA ARG E 178 -5.38 -28.08 -24.79
C ARG E 178 -5.17 -29.48 -24.22
N THR E 179 -3.93 -29.97 -24.30
CA THR E 179 -3.56 -31.27 -23.74
C THR E 179 -2.57 -31.08 -22.60
N ALA E 180 -2.30 -32.17 -21.90
CA ALA E 180 -1.38 -32.16 -20.75
C ALA E 180 -0.60 -33.46 -20.75
N ILE E 181 0.73 -33.36 -20.82
CA ILE E 181 1.60 -34.52 -20.96
C ILE E 181 2.72 -34.44 -19.93
N SER E 182 2.98 -35.54 -19.24
CA SER E 182 4.11 -35.67 -18.33
C SER E 182 5.16 -36.59 -18.94
N GLY E 183 6.26 -36.78 -18.23
CA GLY E 183 7.34 -37.62 -18.71
C GLY E 183 8.62 -37.38 -17.93
N LYS E 184 9.51 -38.38 -18.00
CA LYS E 184 10.75 -38.36 -17.25
C LYS E 184 11.92 -38.79 -18.12
N VAL E 185 13.11 -38.32 -17.74
CA VAL E 185 14.34 -38.40 -18.53
C VAL E 185 15.41 -39.10 -17.69
N GLN E 186 15.04 -40.20 -17.01
CA GLN E 186 15.86 -40.98 -16.07
C GLN E 186 17.29 -41.24 -16.58
N PRO E 187 18.32 -40.77 -15.88
CA PRO E 187 19.69 -41.18 -16.21
C PRO E 187 20.02 -42.56 -15.68
N GLU E 188 21.29 -42.93 -15.78
CA GLU E 188 21.73 -44.24 -15.30
C GLU E 188 21.60 -44.35 -13.79
N PHE E 189 22.10 -43.35 -13.05
CA PHE E 189 22.13 -43.43 -11.60
C PHE E 189 21.74 -42.15 -10.88
N GLY E 190 21.43 -41.08 -11.59
CA GLY E 190 21.12 -39.82 -10.94
C GLY E 190 19.67 -39.65 -10.54
N ALA E 191 19.17 -38.42 -10.61
CA ALA E 191 17.80 -38.08 -10.32
C ALA E 191 17.12 -37.48 -11.54
N PRO E 192 15.90 -37.89 -11.87
CA PRO E 192 15.30 -37.50 -13.15
C PRO E 192 14.76 -36.07 -13.13
N GLY E 193 14.67 -35.50 -14.33
CA GLY E 193 13.98 -34.24 -14.54
C GLY E 193 12.61 -34.51 -15.13
N VAL E 194 11.62 -33.76 -14.64
CA VAL E 194 10.22 -34.01 -14.94
C VAL E 194 9.75 -33.02 -15.98
N ILE E 195 8.89 -33.47 -16.90
CA ILE E 195 8.45 -32.69 -18.05
C ILE E 195 6.97 -32.35 -17.88
N SER E 196 6.59 -31.11 -18.18
CA SER E 196 5.18 -30.71 -18.21
C SER E 196 5.03 -29.55 -19.18
N PHE E 197 4.31 -29.77 -20.27
CA PHE E 197 4.22 -28.80 -21.37
C PHE E 197 2.76 -28.64 -21.84
N THR E 198 1.86 -28.36 -20.89
CA THR E 198 0.44 -28.12 -21.16
C THR E 198 0.23 -27.06 -22.24
N THR E 199 -0.38 -27.48 -23.34
CA THR E 199 -0.31 -26.76 -24.61
C THR E 199 -1.15 -25.49 -24.58
N PRO E 200 -0.74 -24.46 -25.32
CA PRO E 200 -1.56 -23.24 -25.41
C PRO E 200 -2.80 -23.47 -26.25
N ALA E 201 -3.73 -22.51 -26.15
CA ALA E 201 -5.03 -22.62 -26.78
C ALA E 201 -5.06 -22.09 -28.20
N SER E 202 -3.93 -21.66 -28.75
CA SER E 202 -3.90 -21.13 -30.11
C SER E 202 -2.50 -21.27 -30.68
N TYR E 203 -2.42 -21.66 -31.95
CA TYR E 203 -1.16 -21.73 -32.69
C TYR E 203 -1.12 -20.56 -33.66
N THR E 204 -0.07 -19.74 -33.56
CA THR E 204 0.05 -18.54 -34.37
C THR E 204 1.21 -18.60 -35.36
N THR E 205 2.43 -18.81 -34.87
CA THR E 205 3.61 -18.74 -35.71
C THR E 205 4.08 -20.15 -36.07
N THR E 206 5.14 -20.23 -36.87
CA THR E 206 5.71 -21.50 -37.28
C THR E 206 6.69 -22.07 -36.27
N LEU E 207 6.86 -21.42 -35.11
CA LEU E 207 7.79 -21.90 -34.09
C LEU E 207 7.24 -21.43 -32.75
N VAL E 208 6.56 -22.33 -32.03
CA VAL E 208 5.84 -21.98 -30.82
C VAL E 208 6.65 -22.44 -29.61
N GLU E 209 6.65 -21.62 -28.57
CA GLU E 209 7.29 -21.97 -27.30
C GLU E 209 6.34 -22.80 -26.46
N LEU E 210 6.90 -23.73 -25.70
CA LEU E 210 6.07 -24.59 -24.87
C LEU E 210 6.48 -24.57 -23.41
N GLN E 211 7.77 -24.48 -23.11
CA GLN E 211 8.21 -24.34 -21.72
C GLN E 211 9.53 -23.58 -21.66
N ALA F 13 37.51 -60.18 17.12
CA ALA F 13 36.28 -60.77 17.60
C ALA F 13 35.16 -59.74 17.63
N SER F 14 35.41 -58.63 18.32
CA SER F 14 34.44 -57.54 18.42
C SER F 14 34.82 -56.35 17.53
N GLY F 15 35.51 -56.61 16.43
CA GLY F 15 35.86 -55.56 15.50
C GLY F 15 34.98 -55.54 14.27
N ILE F 16 33.68 -55.76 14.47
CA ILE F 16 32.72 -55.80 13.37
C ILE F 16 31.80 -54.60 13.60
N GLY F 17 32.37 -53.52 14.12
CA GLY F 17 31.60 -52.31 14.39
C GLY F 17 31.13 -51.57 13.15
N THR F 18 31.66 -51.89 11.97
CA THR F 18 31.20 -51.25 10.75
C THR F 18 29.92 -51.89 10.23
N LEU F 19 29.80 -53.22 10.33
CA LEU F 19 28.63 -53.93 9.81
C LEU F 19 27.37 -53.62 10.58
N ILE F 20 27.51 -53.16 11.83
CA ILE F 20 26.36 -52.83 12.65
C ILE F 20 25.73 -51.51 12.20
N VAL F 21 26.57 -50.48 12.04
CA VAL F 21 26.10 -49.11 11.96
C VAL F 21 26.31 -48.49 10.59
N PHE F 22 27.45 -48.75 9.94
CA PHE F 22 27.91 -47.98 8.78
C PHE F 22 27.00 -48.19 7.56
N ILE F 23 26.82 -49.44 7.15
CA ILE F 23 26.05 -49.76 5.95
C ILE F 23 24.58 -49.40 6.16
N ALA F 24 24.06 -49.65 7.37
CA ALA F 24 22.68 -49.34 7.69
C ALA F 24 22.42 -47.84 7.66
N MET F 25 23.32 -47.04 8.23
CA MET F 25 23.12 -45.60 8.21
C MET F 25 23.35 -45.01 6.81
N VAL F 26 24.20 -45.62 6.00
CA VAL F 26 24.34 -45.18 4.61
C VAL F 26 23.05 -45.42 3.84
N LEU F 27 22.42 -46.59 4.04
CA LEU F 27 21.17 -46.87 3.34
C LEU F 27 20.02 -46.01 3.84
N VAL F 28 19.92 -45.81 5.16
CA VAL F 28 18.89 -44.93 5.72
C VAL F 28 19.13 -43.48 5.30
N ALA F 29 20.39 -43.07 5.17
CA ALA F 29 20.71 -41.74 4.66
C ALA F 29 20.28 -41.56 3.22
N ALA F 30 20.51 -42.58 2.39
CA ALA F 30 20.09 -42.51 0.99
C ALA F 30 18.57 -42.46 0.88
N VAL F 31 17.86 -43.20 1.72
CA VAL F 31 16.40 -43.19 1.71
C VAL F 31 15.86 -41.82 2.15
N ALA F 32 16.38 -41.30 3.27
CA ALA F 32 15.93 -40.02 3.80
C ALA F 32 16.34 -38.85 2.92
N ALA F 33 17.36 -39.03 2.08
CA ALA F 33 17.69 -37.99 1.11
C ALA F 33 16.80 -38.09 -0.12
N SER F 34 16.54 -39.32 -0.58
CA SER F 34 15.70 -39.53 -1.76
C SER F 34 14.25 -39.15 -1.53
N VAL F 35 13.81 -39.11 -0.27
CA VAL F 35 12.51 -38.51 0.02
C VAL F 35 12.54 -37.01 -0.28
N LEU F 36 13.56 -36.31 0.21
CA LEU F 36 13.60 -34.85 0.12
C LEU F 36 13.86 -34.36 -1.31
N ILE F 37 14.64 -35.12 -2.08
CA ILE F 37 14.84 -34.74 -3.48
C ILE F 37 13.57 -34.95 -4.28
N ASN F 38 12.93 -36.11 -4.14
CA ASN F 38 11.77 -36.42 -4.98
C ASN F 38 10.50 -35.72 -4.52
N THR F 39 10.46 -35.15 -3.33
CA THR F 39 9.25 -34.46 -2.91
C THR F 39 9.18 -33.02 -3.39
N SER F 40 10.22 -32.51 -4.05
CA SER F 40 10.26 -31.10 -4.41
C SER F 40 9.80 -30.82 -5.84
N GLY F 41 9.92 -31.80 -6.74
CA GLY F 41 9.58 -31.57 -8.13
C GLY F 41 8.09 -31.33 -8.34
N PHE F 42 7.26 -32.06 -7.58
CA PHE F 42 5.81 -31.88 -7.64
C PHE F 42 5.41 -30.47 -7.23
N LEU F 43 5.97 -29.98 -6.12
CA LEU F 43 5.59 -28.66 -5.66
C LEU F 43 6.19 -27.55 -6.49
N GLN F 44 7.38 -27.74 -7.08
CA GLN F 44 7.90 -26.69 -7.94
C GLN F 44 7.14 -26.61 -9.26
N GLN F 45 6.74 -27.75 -9.81
CA GLN F 45 5.99 -27.71 -11.06
C GLN F 45 4.52 -27.40 -10.84
N LYS F 46 4.05 -27.48 -9.60
CA LYS F 46 2.71 -26.96 -9.30
C LYS F 46 2.74 -25.46 -9.03
N ALA F 47 3.82 -24.97 -8.42
CA ALA F 47 3.90 -23.54 -8.10
C ALA F 47 4.33 -22.70 -9.29
N SER F 48 5.03 -23.30 -10.26
CA SER F 48 5.47 -22.53 -11.43
C SER F 48 4.31 -22.22 -12.37
N THR F 49 3.36 -23.14 -12.50
CA THR F 49 2.22 -22.91 -13.38
C THR F 49 1.24 -21.91 -12.78
N THR F 50 1.18 -21.83 -11.45
CA THR F 50 0.13 -21.06 -10.79
C THR F 50 0.31 -19.56 -11.01
N GLY F 51 1.55 -19.07 -10.97
CA GLY F 51 1.78 -17.65 -11.17
C GLY F 51 1.51 -17.19 -12.59
N LYS F 52 2.02 -17.93 -13.57
CA LYS F 52 1.81 -17.53 -14.95
C LYS F 52 0.49 -18.02 -15.53
N GLU F 53 -0.35 -18.69 -14.75
CA GLU F 53 -1.75 -18.84 -15.11
C GLU F 53 -2.66 -17.88 -14.35
N SER F 54 -2.21 -17.37 -13.20
CA SER F 54 -2.99 -16.37 -12.49
C SER F 54 -2.73 -14.96 -13.00
N THR F 55 -1.59 -14.72 -13.63
CA THR F 55 -1.34 -13.40 -14.21
C THR F 55 -2.20 -13.18 -15.45
N GLU F 56 -2.49 -14.24 -16.19
CA GLU F 56 -3.31 -14.13 -17.40
C GLU F 56 -4.76 -13.79 -17.06
N GLN F 57 -5.23 -14.19 -15.89
CA GLN F 57 -6.62 -13.91 -15.52
C GLN F 57 -6.79 -12.45 -15.15
N VAL F 58 -5.84 -11.88 -14.41
CA VAL F 58 -5.93 -10.47 -14.06
C VAL F 58 -5.55 -9.58 -15.25
N ALA F 59 -4.80 -10.10 -16.22
CA ALA F 59 -4.34 -9.26 -17.31
C ALA F 59 -5.44 -9.02 -18.36
N SER F 60 -6.13 -10.08 -18.77
CA SER F 60 -6.97 -10.02 -19.95
C SER F 60 -8.28 -9.27 -19.68
N GLY F 61 -9.07 -9.10 -20.74
CA GLY F 61 -10.31 -8.35 -20.63
C GLY F 61 -11.04 -8.34 -21.95
N LEU F 62 -12.12 -7.57 -21.98
CA LEU F 62 -12.99 -7.52 -23.15
C LEU F 62 -13.82 -6.24 -23.04
N LEU F 63 -13.76 -5.40 -24.08
CA LEU F 63 -14.26 -4.02 -23.98
C LEU F 63 -15.31 -3.74 -25.05
N ILE F 64 -16.53 -3.48 -24.61
CA ILE F 64 -17.65 -3.11 -25.47
C ILE F 64 -17.60 -1.61 -25.77
N ASN F 65 -17.70 -1.23 -27.04
CA ASN F 65 -17.62 0.17 -27.44
C ASN F 65 -18.69 0.58 -28.46
N GLY F 66 -19.94 0.19 -28.21
CA GLY F 66 -21.02 0.68 -29.06
C GLY F 66 -22.03 -0.38 -29.48
N ILE F 67 -23.31 -0.09 -29.32
CA ILE F 67 -24.40 -1.04 -29.61
C ILE F 67 -25.44 -0.33 -30.46
N THR F 68 -25.74 -0.90 -31.62
CA THR F 68 -26.77 -0.39 -32.51
C THR F 68 -27.87 -1.43 -32.68
N GLY F 69 -29.00 -0.99 -33.23
CA GLY F 69 -30.13 -1.89 -33.43
C GLY F 69 -30.91 -1.52 -34.66
N SER F 70 -31.53 -2.52 -35.28
CA SER F 70 -32.32 -2.33 -36.47
C SER F 70 -33.82 -2.44 -36.17
N VAL F 71 -34.62 -1.78 -36.99
CA VAL F 71 -36.06 -1.69 -36.81
C VAL F 71 -36.62 -1.67 -38.23
N GLY F 72 -37.94 -1.63 -38.39
CA GLY F 72 -38.48 -1.47 -39.71
C GLY F 72 -39.80 -2.16 -40.03
N THR F 73 -40.38 -2.90 -39.09
CA THR F 73 -41.74 -3.38 -39.24
C THR F 73 -42.68 -2.76 -38.22
N SER F 74 -42.46 -3.02 -36.94
CA SER F 74 -43.07 -2.24 -35.87
C SER F 74 -42.16 -2.03 -34.68
N ASP F 75 -41.05 -2.77 -34.58
CA ASP F 75 -40.28 -2.85 -33.35
C ASP F 75 -38.91 -3.41 -33.68
N VAL F 76 -37.95 -3.17 -32.78
CA VAL F 76 -36.57 -3.62 -32.96
C VAL F 76 -36.50 -5.14 -32.96
N LYS F 77 -35.74 -5.71 -33.91
CA LYS F 77 -35.58 -7.16 -33.95
C LYS F 77 -34.17 -7.65 -34.29
N LEU F 78 -33.19 -6.77 -34.47
CA LEU F 78 -31.81 -7.19 -34.65
C LEU F 78 -30.88 -6.26 -33.87
N LEU F 79 -29.91 -6.84 -33.18
CA LEU F 79 -28.93 -6.09 -32.41
C LEU F 79 -27.53 -6.33 -32.97
N ALA F 80 -26.74 -5.26 -33.05
CA ALA F 80 -25.35 -5.33 -33.47
C ALA F 80 -24.48 -4.75 -32.36
N ILE F 81 -23.47 -5.52 -31.95
CA ILE F 81 -22.60 -5.16 -30.84
C ILE F 81 -21.17 -5.09 -31.36
N TYR F 82 -20.53 -3.94 -31.20
CA TYR F 82 -19.12 -3.84 -31.54
C TYR F 82 -18.27 -4.28 -30.36
N LEU F 83 -17.01 -4.59 -30.64
CA LEU F 83 -16.19 -5.30 -29.66
C LEU F 83 -14.73 -5.14 -30.03
N ALA F 84 -13.87 -5.12 -29.00
CA ALA F 84 -12.43 -4.95 -29.17
C ALA F 84 -11.75 -5.42 -27.89
N PRO F 85 -10.61 -6.10 -27.98
CA PRO F 85 -9.96 -6.57 -26.75
C PRO F 85 -9.23 -5.45 -26.03
N ASN F 86 -9.12 -5.61 -24.73
CA ASN F 86 -8.32 -4.70 -23.91
C ASN F 86 -6.85 -4.88 -24.24
N ALA F 87 -6.07 -3.81 -24.05
CA ALA F 87 -4.69 -3.83 -24.51
C ALA F 87 -3.73 -4.44 -23.49
N GLY F 88 -4.09 -5.61 -22.96
CA GLY F 88 -3.15 -6.45 -22.25
C GLY F 88 -3.49 -7.92 -22.42
N SER F 89 -4.49 -8.19 -23.25
CA SER F 89 -5.01 -9.53 -23.39
C SER F 89 -4.11 -10.37 -24.28
N SER F 90 -3.99 -11.65 -23.94
CA SER F 90 -3.08 -12.52 -24.67
C SER F 90 -3.72 -13.04 -25.95
N ALA F 91 -4.79 -13.83 -25.82
CA ALA F 91 -5.44 -14.41 -26.99
C ALA F 91 -6.88 -14.73 -26.62
N ILE F 92 -7.81 -13.89 -27.04
CA ILE F 92 -9.23 -14.13 -26.82
C ILE F 92 -9.74 -15.06 -27.93
N ASP F 93 -10.41 -16.13 -27.53
CA ASP F 93 -10.88 -17.17 -28.44
C ASP F 93 -12.40 -17.11 -28.50
N LEU F 94 -12.94 -16.73 -29.66
CA LEU F 94 -14.37 -16.52 -29.80
C LEU F 94 -15.17 -17.80 -29.98
N ALA F 95 -14.56 -18.97 -29.89
CA ALA F 95 -15.34 -20.19 -30.03
C ALA F 95 -16.05 -20.57 -28.73
N GLN F 96 -15.74 -19.90 -27.61
CA GLN F 96 -16.22 -20.32 -26.30
C GLN F 96 -16.68 -19.14 -25.45
N THR F 97 -17.12 -18.05 -26.07
CA THR F 97 -17.61 -16.89 -25.35
C THR F 97 -19.12 -16.83 -25.47
N LYS F 98 -19.80 -16.65 -24.34
CA LYS F 98 -21.26 -16.78 -24.29
C LYS F 98 -21.89 -15.51 -23.75
N VAL F 99 -23.01 -15.13 -24.34
CA VAL F 99 -23.67 -13.87 -24.04
C VAL F 99 -24.95 -14.17 -23.25
N MET F 100 -25.13 -13.46 -22.12
CA MET F 100 -26.38 -13.54 -21.40
C MET F 100 -27.20 -12.28 -21.58
N LEU F 101 -28.51 -12.44 -21.70
CA LEU F 101 -29.43 -11.30 -21.76
C LEU F 101 -30.58 -11.54 -20.79
N ASP F 102 -31.16 -10.45 -20.29
CA ASP F 102 -32.18 -10.53 -19.24
C ASP F 102 -33.33 -9.59 -19.59
N TYR F 103 -34.50 -10.16 -19.91
CA TYR F 103 -35.66 -9.35 -20.23
C TYR F 103 -36.94 -10.15 -20.06
N ASN F 104 -37.93 -9.52 -19.40
CA ASN F 104 -39.32 -9.99 -19.31
C ASN F 104 -39.40 -11.36 -18.63
N GLY F 105 -38.65 -11.52 -17.54
CA GLY F 105 -38.59 -12.81 -16.88
C GLY F 105 -37.89 -13.89 -17.68
N LYS F 106 -37.03 -13.51 -18.60
CA LYS F 106 -36.32 -14.46 -19.46
C LYS F 106 -34.83 -14.17 -19.36
N SER F 107 -34.09 -15.14 -18.84
CA SER F 107 -32.63 -15.10 -18.82
C SER F 107 -32.14 -16.04 -19.91
N VAL F 108 -31.46 -15.49 -20.91
CA VAL F 108 -31.18 -16.19 -22.15
C VAL F 108 -29.67 -16.32 -22.30
N VAL F 109 -29.22 -17.55 -22.50
CA VAL F 109 -27.82 -17.89 -22.70
C VAL F 109 -27.64 -18.29 -24.16
N LEU F 110 -26.63 -17.74 -24.81
CA LEU F 110 -26.37 -18.01 -26.21
C LEU F 110 -25.04 -18.76 -26.37
N GLY F 111 -24.76 -19.18 -27.60
CA GLY F 111 -23.54 -19.87 -27.92
C GLY F 111 -23.12 -19.50 -29.33
N TYR F 112 -21.97 -20.02 -29.75
CA TYR F 112 -21.43 -19.66 -31.06
C TYR F 112 -22.18 -20.40 -32.16
N GLY F 113 -22.39 -19.72 -33.29
CA GLY F 113 -23.10 -20.28 -34.42
C GLY F 113 -22.16 -20.51 -35.58
N GLY F 114 -22.42 -21.58 -36.34
CA GLY F 114 -21.54 -21.99 -37.41
C GLY F 114 -21.69 -21.23 -38.72
N ASN F 115 -21.54 -19.90 -38.67
CA ASN F 115 -21.57 -19.07 -39.87
C ASN F 115 -20.85 -17.77 -39.54
N GLN F 116 -19.99 -17.33 -40.47
CA GLN F 116 -19.25 -16.10 -40.30
C GLN F 116 -19.03 -15.48 -41.68
N ASP F 117 -18.21 -14.43 -41.73
CA ASP F 117 -17.97 -13.72 -42.98
C ASP F 117 -16.63 -13.01 -42.87
N MET F 118 -16.05 -12.69 -44.03
CA MET F 118 -14.78 -11.98 -44.12
C MET F 118 -14.95 -10.61 -44.75
N SER F 119 -15.99 -9.90 -44.33
CA SER F 119 -16.35 -8.60 -44.89
C SER F 119 -15.39 -7.49 -44.45
N SER F 120 -14.18 -7.49 -45.00
CA SER F 120 -13.21 -6.44 -44.76
C SER F 120 -13.01 -5.69 -46.08
N GLY F 121 -13.87 -4.71 -46.33
CA GLY F 121 -13.82 -3.96 -47.56
C GLY F 121 -15.20 -3.68 -48.14
N ASN F 122 -16.18 -4.47 -47.72
CA ASN F 122 -17.53 -4.39 -48.24
C ASN F 122 -18.39 -3.49 -47.35
N SER F 123 -19.70 -3.48 -47.62
CA SER F 123 -20.63 -2.57 -46.98
C SER F 123 -21.91 -3.30 -46.63
N SER F 124 -22.88 -2.55 -46.09
CA SER F 124 -24.24 -2.98 -45.79
C SER F 124 -24.26 -4.17 -44.82
N VAL F 125 -23.87 -3.85 -43.58
CA VAL F 125 -23.71 -4.85 -42.50
C VAL F 125 -24.99 -5.65 -42.28
N PHE F 126 -26.15 -5.02 -42.44
CA PHE F 126 -27.42 -5.70 -42.22
C PHE F 126 -27.98 -6.34 -43.49
N SER F 127 -27.12 -6.77 -44.43
CA SER F 127 -27.62 -7.35 -45.67
C SER F 127 -26.83 -8.55 -46.17
N ASN F 128 -26.01 -9.20 -45.34
CA ASN F 128 -25.22 -10.35 -45.78
C ASN F 128 -25.23 -11.43 -44.69
N ASP F 129 -25.79 -12.60 -45.05
CA ASP F 129 -25.70 -13.84 -44.27
C ASP F 129 -26.28 -13.71 -42.87
N THR F 130 -27.50 -13.17 -42.77
CA THR F 130 -28.18 -13.00 -41.50
C THR F 130 -29.32 -14.00 -41.31
N GLY F 131 -29.19 -15.21 -41.86
CA GLY F 131 -30.25 -16.19 -41.78
C GLY F 131 -29.89 -17.51 -41.14
N ALA F 132 -29.08 -17.49 -40.08
CA ALA F 132 -28.72 -18.70 -39.34
C ALA F 132 -28.78 -18.44 -37.84
N THR F 133 -29.78 -17.66 -37.42
CA THR F 133 -30.00 -17.17 -36.07
C THR F 133 -30.94 -18.09 -35.29
N ALA F 134 -31.56 -17.53 -34.24
CA ALA F 134 -32.66 -17.99 -33.36
C ALA F 134 -32.21 -18.88 -32.20
N THR F 135 -30.94 -19.26 -32.11
CA THR F 135 -30.41 -19.70 -30.82
C THR F 135 -28.96 -19.29 -30.60
N THR F 136 -28.32 -18.59 -31.54
CA THR F 136 -26.90 -18.29 -31.49
C THR F 136 -26.68 -16.87 -31.97
N PHE F 137 -25.42 -16.45 -31.99
CA PHE F 137 -25.03 -15.16 -32.54
C PHE F 137 -24.13 -15.38 -33.75
N GLN F 138 -23.94 -14.30 -34.50
CA GLN F 138 -23.16 -14.34 -35.74
C GLN F 138 -22.03 -13.33 -35.67
N VAL F 139 -20.92 -13.66 -36.31
CA VAL F 139 -19.65 -12.94 -36.16
C VAL F 139 -19.25 -12.34 -37.49
N ASN F 140 -18.92 -11.04 -37.49
CA ASN F 140 -18.34 -10.38 -38.64
C ASN F 140 -17.01 -9.75 -38.27
N ILE F 141 -16.09 -9.73 -39.24
CA ILE F 141 -14.74 -9.22 -39.05
C ILE F 141 -14.64 -7.88 -39.75
N LEU F 142 -14.17 -6.85 -39.04
CA LEU F 142 -14.02 -5.53 -39.63
C LEU F 142 -12.57 -5.15 -39.89
N GLN F 143 -11.61 -5.73 -39.17
CA GLN F 143 -10.21 -5.36 -39.32
C GLN F 143 -9.32 -6.47 -38.81
N ASP F 144 -8.38 -6.91 -39.64
CA ASP F 144 -7.41 -7.94 -39.23
C ASP F 144 -6.19 -7.80 -40.13
N TYR F 145 -5.07 -7.39 -39.56
CA TYR F 145 -3.86 -7.22 -40.36
C TYR F 145 -3.21 -8.56 -40.69
N ASP F 146 -2.82 -9.31 -39.66
CA ASP F 146 -2.05 -10.53 -39.84
C ASP F 146 -2.92 -11.78 -39.91
N ASP F 147 -4.15 -11.64 -40.45
CA ASP F 147 -5.19 -12.63 -40.74
C ASP F 147 -5.27 -13.80 -39.76
N SER F 148 -5.22 -13.47 -38.47
CA SER F 148 -5.26 -14.46 -37.40
C SER F 148 -6.67 -14.75 -36.92
N ALA F 149 -7.68 -14.05 -37.45
CA ALA F 149 -9.06 -14.28 -37.09
C ALA F 149 -9.91 -14.74 -38.25
N VAL F 150 -9.32 -14.96 -39.43
CA VAL F 150 -10.08 -15.39 -40.59
C VAL F 150 -10.56 -16.83 -40.40
N ASP F 151 -9.70 -17.69 -39.86
CA ASP F 151 -10.11 -19.02 -39.47
C ASP F 151 -10.02 -19.15 -37.95
N ASN F 152 -10.86 -20.05 -37.42
CA ASN F 152 -10.91 -20.59 -36.05
C ASN F 152 -10.90 -19.55 -34.93
N ALA F 153 -11.24 -18.29 -35.24
CA ALA F 153 -11.74 -17.28 -34.30
C ALA F 153 -10.77 -16.98 -33.16
N VAL F 154 -9.62 -16.41 -33.50
CA VAL F 154 -8.63 -15.98 -32.52
C VAL F 154 -8.37 -14.50 -32.71
N ILE F 155 -8.66 -13.70 -31.68
CA ILE F 155 -8.45 -12.26 -31.72
C ILE F 155 -7.12 -11.95 -31.05
N ASN F 156 -6.21 -11.34 -31.80
CA ASN F 156 -4.94 -10.88 -31.25
C ASN F 156 -5.08 -9.43 -30.82
N LYS F 157 -3.96 -8.77 -30.56
CA LYS F 157 -3.96 -7.41 -30.01
C LYS F 157 -4.22 -6.40 -31.13
N GLY F 158 -5.49 -6.02 -31.31
CA GLY F 158 -5.80 -4.95 -32.24
C GLY F 158 -6.83 -5.20 -33.30
N ASP F 159 -7.69 -6.20 -33.11
CA ASP F 159 -8.72 -6.50 -34.11
C ASP F 159 -10.00 -5.72 -33.83
N ALA F 160 -11.01 -5.95 -34.66
CA ALA F 160 -12.34 -5.36 -34.49
C ALA F 160 -13.35 -6.34 -35.04
N VAL F 161 -14.25 -6.81 -34.17
CA VAL F 161 -15.19 -7.88 -34.49
C VAL F 161 -16.58 -7.44 -34.05
N ALA F 162 -17.56 -7.56 -34.94
CA ALA F 162 -18.93 -7.24 -34.59
C ALA F 162 -19.75 -8.50 -34.42
N LEU F 163 -20.76 -8.42 -33.55
CA LEU F 163 -21.67 -9.51 -33.28
C LEU F 163 -23.07 -9.11 -33.70
N ILE F 164 -23.83 -10.07 -34.23
CA ILE F 164 -25.22 -9.86 -34.63
C ILE F 164 -26.08 -10.89 -33.93
N VAL F 165 -27.11 -10.42 -33.23
CA VAL F 165 -28.05 -11.27 -32.51
C VAL F 165 -29.46 -10.92 -32.99
N ASP F 166 -30.27 -11.95 -33.26
CA ASP F 166 -31.68 -11.74 -33.61
C ASP F 166 -32.53 -11.85 -32.35
N VAL F 167 -33.51 -10.95 -32.25
CA VAL F 167 -34.32 -10.82 -31.04
C VAL F 167 -35.69 -11.44 -31.20
N ASN F 168 -36.29 -11.27 -32.38
CA ASN F 168 -37.66 -11.74 -32.63
C ASN F 168 -37.76 -13.26 -32.55
N ALA F 169 -36.75 -13.97 -33.06
CA ALA F 169 -36.78 -15.42 -33.07
C ALA F 169 -36.04 -16.04 -31.89
N SER F 170 -35.69 -15.24 -30.88
CA SER F 170 -35.01 -15.78 -29.71
C SER F 170 -35.73 -15.42 -28.42
N PHE F 171 -36.48 -14.31 -28.43
CA PHE F 171 -37.30 -13.95 -27.29
C PHE F 171 -38.77 -14.28 -27.50
N ALA F 172 -39.14 -14.70 -28.71
CA ALA F 172 -40.51 -14.95 -29.17
C ALA F 172 -41.41 -13.74 -28.93
N GLY F 173 -41.06 -12.62 -29.55
CA GLY F 173 -41.83 -11.40 -29.38
C GLY F 173 -41.12 -10.16 -29.91
N GLU F 174 -41.13 -9.08 -29.13
CA GLU F 174 -40.54 -7.82 -29.55
C GLU F 174 -39.77 -7.23 -28.37
N ILE F 175 -39.29 -6.00 -28.54
CA ILE F 175 -38.63 -5.25 -27.49
C ILE F 175 -39.12 -3.80 -27.54
N PRO F 176 -40.18 -3.47 -26.81
CA PRO F 176 -40.76 -2.12 -26.90
C PRO F 176 -39.89 -1.10 -26.19
N GLU F 177 -40.34 0.16 -26.25
CA GLU F 177 -39.59 1.26 -25.70
C GLU F 177 -39.74 1.34 -24.18
N ARG F 178 -38.94 2.23 -23.58
CA ARG F 178 -38.93 2.52 -22.15
C ARG F 178 -38.63 1.28 -21.30
N THR F 179 -37.69 0.46 -21.76
CA THR F 179 -37.25 -0.72 -21.04
C THR F 179 -35.80 -0.56 -20.59
N ALA F 180 -35.35 -1.50 -19.77
CA ALA F 180 -33.98 -1.49 -19.25
C ALA F 180 -33.49 -2.92 -19.16
N ILE F 181 -32.39 -3.22 -19.85
CA ILE F 181 -31.86 -4.57 -19.98
C ILE F 181 -30.37 -4.56 -19.65
N SER F 182 -29.94 -5.52 -18.83
CA SER F 182 -28.53 -5.75 -18.55
C SER F 182 -28.08 -7.04 -19.23
N GLY F 183 -26.80 -7.35 -19.07
CA GLY F 183 -26.24 -8.55 -19.66
C GLY F 183 -24.72 -8.51 -19.67
N LYS F 184 -24.14 -9.70 -19.80
CA LYS F 184 -22.69 -9.86 -19.75
C LYS F 184 -22.20 -10.78 -20.85
N VAL F 185 -20.93 -10.58 -21.24
CA VAL F 185 -20.30 -11.18 -22.42
C VAL F 185 -19.06 -11.94 -21.97
N GLN F 186 -19.17 -12.71 -20.87
CA GLN F 186 -18.08 -13.46 -20.21
C GLN F 186 -17.17 -14.20 -21.18
N PRO F 187 -15.88 -13.90 -21.22
CA PRO F 187 -14.93 -14.73 -21.98
C PRO F 187 -14.56 -15.99 -21.24
N GLU F 188 -13.57 -16.72 -21.76
CA GLU F 188 -13.12 -17.96 -21.12
C GLU F 188 -12.47 -17.68 -19.77
N PHE F 189 -11.54 -16.73 -19.72
CA PHE F 189 -10.78 -16.48 -18.50
C PHE F 189 -10.59 -15.02 -18.16
N GLY F 190 -11.08 -14.08 -18.97
CA GLY F 190 -10.84 -12.67 -18.70
C GLY F 190 -11.85 -12.03 -17.77
N ALA F 191 -12.15 -10.75 -18.02
CA ALA F 191 -13.12 -10.00 -17.26
C ALA F 191 -14.24 -9.51 -18.18
N PRO F 192 -15.50 -9.64 -17.76
CA PRO F 192 -16.61 -9.39 -18.68
C PRO F 192 -16.87 -7.91 -18.91
N GLY F 193 -17.50 -7.63 -20.05
CA GLY F 193 -18.03 -6.30 -20.34
C GLY F 193 -19.53 -6.29 -20.12
N VAL F 194 -20.02 -5.21 -19.51
CA VAL F 194 -21.39 -5.13 -19.03
C VAL F 194 -22.20 -4.30 -20.02
N ILE F 195 -23.46 -4.69 -20.24
CA ILE F 195 -24.32 -4.10 -21.25
C ILE F 195 -25.45 -3.34 -20.56
N SER F 196 -25.76 -2.14 -21.06
CA SER F 196 -26.92 -1.38 -20.57
C SER F 196 -27.39 -0.48 -21.70
N PHE F 197 -28.60 -0.71 -22.20
CA PHE F 197 -29.12 -0.03 -23.40
C PHE F 197 -30.56 0.41 -23.18
N THR F 198 -30.81 1.13 -22.08
CA THR F 198 -32.13 1.69 -21.75
C THR F 198 -32.73 2.50 -22.89
N THR F 199 -33.86 2.02 -23.39
CA THR F 199 -34.35 2.39 -24.71
C THR F 199 -34.89 3.83 -24.73
N PRO F 200 -34.80 4.51 -25.88
CA PRO F 200 -35.38 5.85 -25.98
C PRO F 200 -36.90 5.80 -26.04
N ALA F 201 -37.51 6.97 -25.87
CA ALA F 201 -38.95 7.08 -25.76
C ALA F 201 -39.64 7.27 -27.11
N SER F 202 -38.91 7.23 -28.22
CA SER F 202 -39.51 7.42 -29.53
C SER F 202 -38.64 6.77 -30.59
N TYR F 203 -39.27 6.09 -31.54
CA TYR F 203 -38.58 5.53 -32.70
C TYR F 203 -38.89 6.38 -33.91
N THR F 204 -37.85 6.89 -34.57
CA THR F 204 -38.01 7.79 -35.70
C THR F 204 -37.54 7.19 -37.02
N THR F 205 -36.28 6.77 -37.10
CA THR F 205 -35.70 6.31 -38.34
C THR F 205 -35.67 4.79 -38.38
N THR F 206 -35.19 4.25 -39.49
CA THR F 206 -35.07 2.81 -39.67
C THR F 206 -33.80 2.23 -39.09
N LEU F 207 -32.98 3.04 -38.42
CA LEU F 207 -31.73 2.57 -37.84
C LEU F 207 -31.45 3.46 -36.63
N VAL F 208 -31.78 2.97 -35.44
CA VAL F 208 -31.72 3.76 -34.22
C VAL F 208 -30.46 3.39 -33.44
N GLU F 209 -29.82 4.39 -32.84
CA GLU F 209 -28.69 4.17 -31.96
C GLU F 209 -29.16 3.84 -30.55
N LEU F 210 -28.41 2.99 -29.88
CA LEU F 210 -28.80 2.59 -28.53
C LEU F 210 -27.71 2.84 -27.51
N GLN F 211 -26.44 2.63 -27.87
CA GLN F 211 -25.34 2.95 -26.98
C GLN F 211 -24.08 3.30 -27.77
N ALA G 13 42.43 -75.66 23.62
CA ALA G 13 41.54 -75.78 24.76
C ALA G 13 40.73 -74.50 24.93
N SER G 14 41.43 -73.37 25.03
CA SER G 14 40.79 -72.06 25.16
C SER G 14 40.82 -71.27 23.86
N GLY G 15 40.81 -71.96 22.72
CA GLY G 15 40.78 -71.28 21.43
C GLY G 15 39.41 -71.30 20.80
N ILE G 16 38.37 -71.11 21.61
CA ILE G 16 37.00 -71.13 21.13
C ILE G 16 36.47 -69.71 21.34
N GLY G 17 37.36 -68.73 21.14
CA GLY G 17 36.98 -67.33 21.30
C GLY G 17 36.05 -66.80 20.24
N THR G 18 35.88 -67.53 19.12
CA THR G 18 34.95 -67.08 18.11
C THR G 18 33.50 -67.45 18.44
N LEU G 19 33.29 -68.63 19.02
CA LEU G 19 31.93 -69.10 19.33
C LEU G 19 31.29 -68.28 20.44
N ILE G 20 32.09 -67.61 21.26
CA ILE G 20 31.56 -66.79 22.34
C ILE G 20 30.97 -65.50 21.80
N VAL G 21 31.73 -64.80 20.94
CA VAL G 21 31.47 -63.42 20.64
C VAL G 21 31.03 -63.21 19.19
N PHE G 22 31.64 -63.92 18.23
CA PHE G 22 31.54 -63.58 16.81
C PHE G 22 30.14 -63.81 16.26
N ILE G 23 29.62 -65.03 16.42
CA ILE G 23 28.31 -65.39 15.88
C ILE G 23 27.21 -64.61 16.57
N ALA G 24 27.35 -64.42 17.90
CA ALA G 24 26.35 -63.68 18.67
C ALA G 24 26.31 -62.21 18.26
N MET G 25 27.47 -61.58 18.05
CA MET G 25 27.47 -60.19 17.64
C MET G 25 27.03 -60.02 16.19
N VAL G 26 27.27 -61.02 15.34
CA VAL G 26 26.75 -60.97 13.97
C VAL G 26 25.23 -61.01 13.98
N LEU G 27 24.64 -61.89 14.82
CA LEU G 27 23.18 -61.97 14.88
C LEU G 27 22.56 -60.73 15.51
N VAL G 28 23.17 -60.21 16.58
CA VAL G 28 22.68 -58.98 17.21
C VAL G 28 22.86 -57.79 16.26
N ALA G 29 23.92 -57.78 15.46
CA ALA G 29 24.11 -56.74 14.46
C ALA G 29 23.04 -56.79 13.38
N ALA G 30 22.69 -58.00 12.94
CA ALA G 30 21.63 -58.14 11.94
C ALA G 30 20.28 -57.70 12.49
N VAL G 31 20.01 -58.02 13.76
CA VAL G 31 18.75 -57.60 14.38
C VAL G 31 18.68 -56.08 14.53
N ALA G 32 19.76 -55.47 15.06
CA ALA G 32 19.80 -54.03 15.27
C ALA G 32 19.86 -53.26 13.96
N ALA G 33 20.29 -53.89 12.87
CA ALA G 33 20.21 -53.24 11.57
C ALA G 33 18.81 -53.38 10.98
N SER G 34 18.20 -54.56 11.12
CA SER G 34 16.86 -54.81 10.57
C SER G 34 15.79 -54.00 11.28
N VAL G 35 16.05 -53.55 12.51
CA VAL G 35 15.17 -52.56 13.12
C VAL G 35 15.22 -51.24 12.36
N LEU G 36 16.43 -50.75 12.09
CA LEU G 36 16.60 -49.42 11.49
C LEU G 36 16.17 -49.38 10.03
N ILE G 37 16.35 -50.47 9.29
CA ILE G 37 15.87 -50.50 7.91
C ILE G 37 14.35 -50.53 7.87
N ASN G 38 13.73 -51.41 8.67
CA ASN G 38 12.28 -51.56 8.58
C ASN G 38 11.51 -50.47 9.29
N THR G 39 12.15 -49.65 10.12
CA THR G 39 11.41 -48.57 10.76
C THR G 39 11.29 -47.32 9.91
N SER G 40 11.91 -47.29 8.73
CA SER G 40 11.94 -46.07 7.93
C SER G 40 10.87 -46.01 6.85
N GLY G 41 10.39 -47.17 6.38
CA GLY G 41 9.42 -47.17 5.30
C GLY G 41 8.08 -46.60 5.71
N PHE G 42 7.66 -46.87 6.94
CA PHE G 42 6.40 -46.32 7.48
C PHE G 42 6.46 -44.80 7.51
N LEU G 43 7.56 -44.24 8.02
CA LEU G 43 7.62 -42.79 8.15
C LEU G 43 7.86 -42.11 6.81
N GLN G 44 8.56 -42.75 5.85
CA GLN G 44 8.70 -42.11 4.55
C GLN G 44 7.39 -42.14 3.77
N GLN G 45 6.63 -43.22 3.87
CA GLN G 45 5.37 -43.26 3.14
C GLN G 45 4.26 -42.53 3.87
N LYS G 46 4.47 -42.18 5.14
CA LYS G 46 3.54 -41.27 5.80
C LYS G 46 3.90 -39.81 5.52
N ALA G 47 5.19 -39.50 5.38
CA ALA G 47 5.59 -38.13 5.13
C ALA G 47 5.47 -37.73 3.66
N SER G 48 5.49 -38.71 2.75
CA SER G 48 5.39 -38.37 1.33
C SER G 48 3.96 -37.99 0.95
N THR G 49 2.97 -38.62 1.58
CA THR G 49 1.59 -38.30 1.26
C THR G 49 1.17 -36.96 1.86
N THR G 50 1.80 -36.55 2.96
CA THR G 50 1.34 -35.40 3.72
C THR G 50 1.56 -34.10 2.95
N GLY G 51 2.70 -33.98 2.27
CA GLY G 51 2.97 -32.75 1.54
C GLY G 51 2.08 -32.58 0.32
N LYS G 52 1.92 -33.63 -0.47
CA LYS G 52 1.11 -33.53 -1.67
C LYS G 52 -0.37 -33.76 -1.41
N GLU G 53 -0.77 -33.98 -0.16
CA GLU G 53 -2.17 -33.81 0.21
C GLU G 53 -2.45 -32.49 0.91
N SER G 54 -1.43 -31.87 1.50
CA SER G 54 -1.61 -30.56 2.10
C SER G 54 -1.48 -29.43 1.09
N THR G 55 -0.77 -29.67 -0.02
CA THR G 55 -0.69 -28.64 -1.05
C THR G 55 -2.02 -28.48 -1.78
N GLU G 56 -2.78 -29.58 -1.92
CA GLU G 56 -4.07 -29.51 -2.60
C GLU G 56 -5.09 -28.73 -1.79
N GLN G 57 -4.97 -28.71 -0.46
CA GLN G 57 -5.92 -27.97 0.35
C GLN G 57 -5.70 -26.47 0.24
N VAL G 58 -4.44 -26.03 0.26
CA VAL G 58 -4.17 -24.60 0.11
C VAL G 58 -4.33 -24.16 -1.34
N ALA G 59 -4.25 -25.08 -2.31
CA ALA G 59 -4.30 -24.67 -3.70
C ALA G 59 -5.72 -24.40 -4.17
N SER G 60 -6.67 -25.29 -3.85
CA SER G 60 -7.97 -25.28 -4.49
C SER G 60 -8.86 -24.16 -3.94
N GLY G 61 -10.04 -24.02 -4.52
CA GLY G 61 -10.95 -22.97 -4.13
C GLY G 61 -12.24 -23.06 -4.92
N LEU G 62 -13.09 -22.05 -4.73
CA LEU G 62 -14.42 -22.03 -5.34
C LEU G 62 -14.90 -20.59 -5.31
N LEU G 63 -15.28 -20.05 -6.47
CA LEU G 63 -15.47 -18.61 -6.65
C LEU G 63 -16.88 -18.32 -7.17
N ILE G 64 -17.67 -17.63 -6.34
CA ILE G 64 -19.02 -17.18 -6.70
C ILE G 64 -18.93 -15.86 -7.46
N ASN G 65 -19.61 -15.77 -8.61
CA ASN G 65 -19.56 -14.58 -9.44
C ASN G 65 -20.94 -14.14 -9.96
N GLY G 66 -21.93 -14.10 -9.08
CA GLY G 66 -23.23 -13.56 -9.46
C GLY G 66 -24.42 -14.37 -9.02
N ILE G 67 -25.41 -13.71 -8.42
CA ILE G 67 -26.60 -14.36 -7.86
C ILE G 67 -27.84 -13.62 -8.34
N THR G 68 -28.75 -14.33 -8.99
CA THR G 68 -30.01 -13.78 -9.45
C THR G 68 -31.17 -14.49 -8.75
N GLY G 69 -32.35 -13.90 -8.86
CA GLY G 69 -33.53 -14.47 -8.23
C GLY G 69 -34.77 -14.20 -9.03
N SER G 70 -35.74 -15.10 -8.94
CA SER G 70 -37.00 -14.99 -9.65
C SER G 70 -38.13 -14.62 -8.70
N VAL G 71 -39.14 -13.96 -9.25
CA VAL G 71 -40.28 -13.45 -8.50
C VAL G 71 -41.47 -13.61 -9.43
N GLY G 72 -42.67 -13.25 -9.00
CA GLY G 72 -43.79 -13.25 -9.92
C GLY G 72 -45.15 -13.61 -9.37
N THR G 73 -45.26 -13.92 -8.08
CA THR G 73 -46.57 -14.03 -7.45
C THR G 73 -46.78 -12.97 -6.39
N SER G 74 -45.98 -12.97 -5.33
CA SER G 74 -45.87 -11.83 -4.42
C SER G 74 -44.46 -11.60 -3.91
N ASP G 75 -43.55 -12.57 -4.07
CA ASP G 75 -42.29 -12.56 -3.37
C ASP G 75 -41.35 -13.55 -4.07
N VAL G 76 -40.05 -13.38 -3.81
CA VAL G 76 -39.02 -14.22 -4.42
C VAL G 76 -39.16 -15.66 -3.94
N LYS G 77 -39.04 -16.62 -4.87
CA LYS G 77 -39.11 -18.02 -4.48
C LYS G 77 -38.14 -18.94 -5.23
N LEU G 78 -37.28 -18.43 -6.11
CA LEU G 78 -36.24 -19.25 -6.72
C LEU G 78 -34.95 -18.45 -6.80
N LEU G 79 -33.83 -19.10 -6.46
CA LEU G 79 -32.52 -18.48 -6.51
C LEU G 79 -31.64 -19.22 -7.49
N ALA G 80 -30.86 -18.47 -8.27
CA ALA G 80 -29.89 -19.00 -9.21
C ALA G 80 -28.52 -18.45 -8.87
N ILE G 81 -27.55 -19.33 -8.71
CA ILE G 81 -26.20 -18.98 -8.29
C ILE G 81 -25.24 -19.43 -9.38
N TYR G 82 -24.46 -18.50 -9.91
CA TYR G 82 -23.41 -18.87 -10.86
C TYR G 82 -22.15 -19.23 -10.10
N LEU G 83 -21.25 -19.94 -10.79
CA LEU G 83 -20.15 -20.59 -10.10
C LEU G 83 -19.07 -20.94 -11.09
N ALA G 84 -17.80 -20.91 -10.62
CA ALA G 84 -16.63 -21.19 -11.45
C ALA G 84 -15.47 -21.51 -10.54
N PRO G 85 -14.63 -22.48 -10.88
CA PRO G 85 -13.52 -22.82 -9.99
C PRO G 85 -12.39 -21.80 -10.08
N ASN G 86 -11.65 -21.67 -8.99
CA ASN G 86 -10.46 -20.85 -8.97
C ASN G 86 -9.38 -21.50 -9.84
N ALA G 87 -8.49 -20.68 -10.38
CA ALA G 87 -7.53 -21.18 -11.36
C ALA G 87 -6.28 -21.78 -10.73
N GLY G 88 -6.46 -22.64 -9.74
CA GLY G 88 -5.41 -23.52 -9.28
C GLY G 88 -5.97 -24.83 -8.79
N SER G 89 -7.28 -25.01 -8.95
CA SER G 89 -7.96 -26.15 -8.38
C SER G 89 -7.74 -27.39 -9.24
N SER G 90 -7.63 -28.54 -8.57
CA SER G 90 -7.34 -29.77 -9.29
C SER G 90 -8.59 -30.37 -9.89
N ALA G 91 -9.54 -30.79 -9.05
CA ALA G 91 -10.76 -31.43 -9.55
C ALA G 91 -11.84 -31.24 -8.48
N ILE G 92 -12.74 -30.29 -8.73
CA ILE G 92 -13.87 -30.09 -7.83
C ILE G 92 -14.97 -31.07 -8.21
N ASP G 93 -15.49 -31.79 -7.22
CA ASP G 93 -16.48 -32.85 -7.43
C ASP G 93 -17.80 -32.39 -6.83
N LEU G 94 -18.80 -32.15 -7.69
CA LEU G 94 -20.08 -31.60 -7.24
C LEU G 94 -21.01 -32.62 -6.60
N ALA G 95 -20.58 -33.86 -6.42
CA ALA G 95 -21.47 -34.81 -5.77
C ALA G 95 -21.47 -34.68 -4.25
N GLN G 96 -20.56 -33.87 -3.68
CA GLN G 96 -20.37 -33.83 -2.24
C GLN G 96 -20.18 -32.41 -1.72
N THR G 97 -20.73 -31.41 -2.41
CA THR G 97 -20.63 -30.02 -1.98
C THR G 97 -21.98 -29.59 -1.44
N LYS G 98 -21.99 -28.97 -0.27
CA LYS G 98 -23.22 -28.68 0.47
C LYS G 98 -23.32 -27.19 0.77
N VAL G 99 -24.54 -26.67 0.64
CA VAL G 99 -24.80 -25.25 0.77
C VAL G 99 -25.51 -24.99 2.09
N MET G 100 -25.02 -24.03 2.87
CA MET G 100 -25.74 -23.59 4.06
C MET G 100 -26.36 -22.22 3.83
N LEU G 101 -27.57 -22.04 4.36
CA LEU G 101 -28.24 -20.75 4.34
C LEU G 101 -28.77 -20.43 5.73
N ASP G 102 -28.88 -19.14 6.05
CA ASP G 102 -29.22 -18.68 7.39
C ASP G 102 -30.27 -17.58 7.29
N TYR G 103 -31.50 -17.86 7.73
CA TYR G 103 -32.56 -16.86 7.70
C TYR G 103 -33.66 -17.22 8.69
N ASN G 104 -34.10 -16.21 9.45
CA ASN G 104 -35.29 -16.25 10.30
C ASN G 104 -35.20 -17.35 11.36
N GLY G 105 -34.03 -17.45 11.99
CA GLY G 105 -33.81 -18.51 12.94
C GLY G 105 -33.74 -19.89 12.34
N LYS G 106 -33.43 -20.00 11.05
CA LYS G 106 -33.37 -21.27 10.36
C LYS G 106 -32.01 -21.39 9.69
N SER G 107 -31.23 -22.38 10.11
CA SER G 107 -29.97 -22.73 9.47
C SER G 107 -30.22 -24.00 8.67
N VAL G 108 -30.08 -23.90 7.35
CA VAL G 108 -30.55 -24.92 6.42
C VAL G 108 -29.36 -25.49 5.68
N VAL G 109 -29.22 -26.81 5.74
CA VAL G 109 -28.17 -27.56 5.06
C VAL G 109 -28.79 -28.31 3.90
N LEU G 110 -28.18 -28.23 2.72
CA LEU G 110 -28.70 -28.87 1.54
C LEU G 110 -27.76 -29.97 1.08
N GLY G 111 -28.18 -30.72 0.07
CA GLY G 111 -27.38 -31.79 -0.50
C GLY G 111 -27.68 -31.87 -1.99
N TYR G 112 -26.97 -32.77 -2.67
CA TYR G 112 -27.13 -32.90 -4.12
C TYR G 112 -28.42 -33.63 -4.46
N GLY G 113 -29.09 -33.20 -5.52
CA GLY G 113 -30.33 -33.79 -5.97
C GLY G 113 -30.15 -34.53 -7.29
N GLY G 114 -30.88 -35.64 -7.44
CA GLY G 114 -30.72 -36.50 -8.59
C GLY G 114 -31.41 -36.06 -9.85
N ASN G 115 -31.08 -34.85 -10.33
CA ASN G 115 -31.61 -34.35 -11.59
C ASN G 115 -30.66 -33.26 -12.07
N GLN G 116 -30.34 -33.29 -13.37
CA GLN G 116 -29.47 -32.30 -13.98
C GLN G 116 -29.90 -32.11 -15.42
N ASP G 117 -29.10 -31.36 -16.17
CA ASP G 117 -29.43 -31.06 -17.56
C ASP G 117 -28.13 -30.73 -18.31
N MET G 118 -28.19 -30.87 -19.63
CA MET G 118 -27.06 -30.58 -20.50
C MET G 118 -27.34 -29.39 -21.42
N SER G 119 -27.94 -28.34 -20.83
CA SER G 119 -28.36 -27.16 -21.58
C SER G 119 -27.19 -26.29 -22.01
N SER G 120 -26.43 -26.75 -23.01
CA SER G 120 -25.33 -25.97 -23.60
C SER G 120 -25.74 -25.64 -25.03
N GLY G 121 -26.48 -24.55 -25.19
CA GLY G 121 -26.96 -24.14 -26.48
C GLY G 121 -28.39 -23.64 -26.44
N ASN G 122 -29.12 -24.01 -25.39
CA ASN G 122 -30.53 -23.69 -25.27
C ASN G 122 -30.71 -22.41 -24.45
N SER G 123 -31.96 -22.10 -24.10
CA SER G 123 -32.32 -20.84 -23.47
C SER G 123 -33.33 -21.10 -22.37
N SER G 124 -33.78 -20.01 -21.75
CA SER G 124 -34.87 -19.97 -20.74
C SER G 124 -34.54 -20.85 -19.54
N VAL G 125 -33.54 -20.37 -18.77
CA VAL G 125 -32.99 -21.09 -17.61
C VAL G 125 -34.07 -21.45 -16.59
N PHE G 126 -35.06 -20.57 -16.43
CA PHE G 126 -36.12 -20.81 -15.46
C PHE G 126 -37.31 -21.55 -16.05
N SER G 127 -37.10 -22.39 -17.07
CA SER G 127 -38.23 -23.09 -17.69
C SER G 127 -37.96 -24.55 -18.05
N ASN G 128 -36.92 -25.18 -17.50
CA ASN G 128 -36.61 -26.58 -17.82
C ASN G 128 -36.21 -27.34 -16.56
N ASP G 129 -37.02 -28.35 -16.21
CA ASP G 129 -36.70 -29.36 -15.19
C ASP G 129 -36.48 -28.75 -13.80
N THR G 130 -37.40 -27.89 -13.38
CA THR G 130 -37.32 -27.25 -12.06
C THR G 130 -38.32 -27.83 -11.06
N GLY G 131 -38.64 -29.12 -11.18
CA GLY G 131 -39.63 -29.72 -10.31
C GLY G 131 -39.17 -30.91 -9.49
N ALA G 132 -37.93 -30.86 -8.98
CA ALA G 132 -37.41 -31.92 -8.12
C ALA G 132 -36.68 -31.31 -6.93
N THR G 133 -37.22 -30.22 -6.40
CA THR G 133 -36.66 -29.39 -5.35
C THR G 133 -37.20 -29.81 -3.97
N ALA G 134 -37.13 -28.87 -3.01
CA ALA G 134 -37.67 -28.80 -1.65
C ALA G 134 -36.82 -29.48 -0.58
N THR G 135 -35.74 -30.16 -0.94
CA THR G 135 -34.69 -30.42 0.04
C THR G 135 -33.29 -30.38 -0.55
N THR G 136 -33.13 -30.11 -1.84
CA THR G 136 -31.86 -30.21 -2.53
C THR G 136 -31.73 -29.06 -3.50
N PHE G 137 -30.61 -29.01 -4.21
CA PHE G 137 -30.39 -28.04 -5.28
C PHE G 137 -30.26 -28.78 -6.61
N GLN G 138 -30.34 -28.00 -7.69
CA GLN G 138 -30.30 -28.54 -9.04
C GLN G 138 -29.17 -27.89 -9.81
N VAL G 139 -28.59 -28.65 -10.74
CA VAL G 139 -27.34 -28.29 -11.41
C VAL G 139 -27.58 -28.14 -12.89
N ASN G 140 -27.14 -27.03 -13.47
CA ASN G 140 -27.15 -26.83 -14.91
C ASN G 140 -25.74 -26.53 -15.40
N ILE G 141 -25.44 -26.97 -16.62
CA ILE G 141 -24.12 -26.83 -17.22
C ILE G 141 -24.21 -25.77 -18.31
N LEU G 142 -23.33 -24.77 -18.26
CA LEU G 142 -23.33 -23.72 -19.27
C LEU G 142 -22.18 -23.82 -20.25
N GLN G 143 -21.07 -24.45 -19.88
CA GLN G 143 -19.90 -24.52 -20.75
C GLN G 143 -19.02 -25.69 -20.33
N ASP G 144 -18.69 -26.55 -21.29
CA ASP G 144 -17.79 -27.68 -21.04
C ASP G 144 -17.18 -28.10 -22.37
N TYR G 145 -15.89 -27.89 -22.52
CA TYR G 145 -15.23 -28.23 -23.78
C TYR G 145 -15.01 -29.75 -23.89
N ASP G 146 -14.25 -30.32 -22.96
CA ASP G 146 -13.84 -31.70 -23.04
C ASP G 146 -14.77 -32.65 -22.30
N ASP G 147 -16.07 -32.31 -22.25
CA ASP G 147 -17.24 -33.02 -21.70
C ASP G 147 -16.96 -33.86 -20.45
N SER G 148 -16.23 -33.26 -19.51
CA SER G 148 -15.85 -33.93 -18.27
C SER G 148 -16.85 -33.70 -17.16
N ALA G 149 -17.88 -32.90 -17.38
CA ALA G 149 -18.91 -32.65 -16.40
C ALA G 149 -20.29 -33.12 -16.84
N VAL G 150 -20.40 -33.75 -18.01
CA VAL G 150 -21.69 -34.22 -18.49
C VAL G 150 -22.18 -35.40 -17.64
N ASP G 151 -21.28 -36.30 -17.27
CA ASP G 151 -21.61 -37.34 -16.32
C ASP G 151 -20.78 -37.13 -15.06
N ASN G 152 -21.35 -37.62 -13.95
CA ASN G 152 -20.76 -37.81 -12.60
C ASN G 152 -20.06 -36.56 -12.02
N ALA G 153 -20.36 -35.37 -12.55
CA ALA G 153 -20.18 -34.07 -11.88
C ALA G 153 -18.74 -33.80 -11.46
N VAL G 154 -17.86 -33.66 -12.45
CA VAL G 154 -16.46 -33.30 -12.21
C VAL G 154 -16.15 -32.03 -12.99
N ILE G 155 -15.78 -30.97 -12.27
CA ILE G 155 -15.44 -29.69 -12.86
C ILE G 155 -13.92 -29.60 -13.01
N ASN G 156 -13.45 -29.47 -14.24
CA ASN G 156 -12.03 -29.26 -14.50
C ASN G 156 -11.74 -27.75 -14.57
N LYS G 157 -10.58 -27.38 -15.07
CA LYS G 157 -10.13 -25.99 -15.07
C LYS G 157 -10.80 -25.24 -16.22
N GLY G 158 -11.92 -24.59 -15.94
CA GLY G 158 -12.51 -23.71 -16.93
C GLY G 158 -13.97 -23.91 -17.27
N ASP G 159 -14.73 -24.56 -16.41
CA ASP G 159 -16.15 -24.79 -16.68
C ASP G 159 -17.00 -23.64 -16.14
N ALA G 160 -18.32 -23.79 -16.32
CA ALA G 160 -19.28 -22.83 -15.80
C ALA G 160 -20.56 -23.59 -15.47
N VAL G 161 -20.95 -23.58 -14.20
CA VAL G 161 -22.05 -24.40 -13.69
C VAL G 161 -22.95 -23.51 -12.85
N ALA G 162 -24.25 -23.56 -13.12
CA ALA G 162 -25.21 -22.80 -12.33
C ALA G 162 -25.98 -23.72 -11.39
N LEU G 163 -26.41 -23.16 -10.27
CA LEU G 163 -27.18 -23.87 -9.26
C LEU G 163 -28.54 -23.21 -9.15
N ILE G 164 -29.57 -24.02 -8.93
CA ILE G 164 -30.93 -23.54 -8.72
C ILE G 164 -31.45 -24.10 -7.41
N VAL G 165 -31.93 -23.22 -6.53
CA VAL G 165 -32.47 -23.59 -5.23
C VAL G 165 -33.87 -22.99 -5.13
N ASP G 166 -34.83 -23.78 -4.64
CA ASP G 166 -36.18 -23.29 -4.39
C ASP G 166 -36.30 -22.86 -2.93
N VAL G 167 -36.96 -21.74 -2.71
CA VAL G 167 -37.02 -21.11 -1.39
C VAL G 167 -38.36 -21.36 -0.71
N ASN G 168 -39.45 -21.30 -1.48
CA ASN G 168 -40.80 -21.43 -0.93
C ASN G 168 -41.03 -22.80 -0.31
N ALA G 169 -40.52 -23.85 -0.94
CA ALA G 169 -40.73 -25.21 -0.46
C ALA G 169 -39.58 -25.71 0.40
N SER G 170 -38.68 -24.83 0.83
CA SER G 170 -37.57 -25.25 1.68
C SER G 170 -37.50 -24.42 2.95
N PHE G 171 -38.00 -23.17 2.90
CA PHE G 171 -38.08 -22.35 4.10
C PHE G 171 -39.48 -22.30 4.69
N ALA G 172 -40.46 -22.88 3.98
CA ALA G 172 -41.89 -22.84 4.29
C ALA G 172 -42.39 -21.40 4.47
N GLY G 173 -42.27 -20.60 3.42
CA GLY G 173 -42.68 -19.20 3.49
C GLY G 173 -42.19 -18.37 2.33
N GLU G 174 -41.68 -17.18 2.61
CA GLU G 174 -41.22 -16.27 1.58
C GLU G 174 -39.89 -15.64 2.02
N ILE G 175 -39.42 -14.67 1.25
CA ILE G 175 -38.22 -13.90 1.60
C ILE G 175 -38.50 -12.44 1.28
N PRO G 176 -39.00 -11.66 2.24
CA PRO G 176 -39.36 -10.27 1.98
C PRO G 176 -38.14 -9.38 1.83
N GLU G 177 -38.39 -8.11 1.57
CA GLU G 177 -37.33 -7.15 1.31
C GLU G 177 -36.69 -6.68 2.62
N ARG G 178 -35.60 -5.93 2.47
CA ARG G 178 -34.82 -5.32 3.56
C ARG G 178 -34.30 -6.37 4.55
N THR G 179 -33.83 -7.50 4.02
CA THR G 179 -33.23 -8.56 4.84
C THR G 179 -31.76 -8.71 4.51
N ALA G 180 -31.07 -9.51 5.31
CA ALA G 180 -29.63 -9.76 5.14
C ALA G 180 -29.35 -11.20 5.47
N ILE G 181 -28.79 -11.94 4.51
CA ILE G 181 -28.58 -13.38 4.62
C ILE G 181 -27.14 -13.71 4.25
N SER G 182 -26.48 -14.52 5.05
CA SER G 182 -25.16 -15.06 4.75
C SER G 182 -25.28 -16.55 4.42
N GLY G 183 -24.15 -17.15 4.09
CA GLY G 183 -24.11 -18.56 3.75
C GLY G 183 -22.83 -18.94 3.06
N LYS G 184 -22.53 -20.24 3.09
CA LYS G 184 -21.28 -20.77 2.56
C LYS G 184 -21.54 -22.02 1.72
N VAL G 185 -20.63 -22.27 0.78
CA VAL G 185 -20.76 -23.27 -0.27
C VAL G 185 -19.56 -24.22 -0.19
N GLN G 186 -19.19 -24.66 1.03
CA GLN G 186 -18.03 -25.50 1.35
C GLN G 186 -17.83 -26.67 0.39
N PRO G 187 -16.71 -26.75 -0.31
CA PRO G 187 -16.38 -27.95 -1.09
C PRO G 187 -15.85 -29.07 -0.20
N GLU G 188 -15.36 -30.14 -0.82
CA GLU G 188 -14.82 -31.27 -0.09
C GLU G 188 -13.55 -30.88 0.66
N PHE G 189 -12.61 -30.23 -0.03
CA PHE G 189 -11.32 -29.93 0.57
C PHE G 189 -10.79 -28.52 0.28
N GLY G 190 -11.49 -27.71 -0.49
CA GLY G 190 -10.97 -26.40 -0.85
C GLY G 190 -11.30 -25.31 0.15
N ALA G 191 -11.52 -24.09 -0.36
CA ALA G 191 -11.87 -22.94 0.45
C ALA G 191 -13.23 -22.40 0.03
N PRO G 192 -14.11 -22.07 0.96
CA PRO G 192 -15.49 -21.76 0.61
C PRO G 192 -15.64 -20.35 0.04
N GLY G 193 -16.72 -20.18 -0.72
CA GLY G 193 -17.14 -18.86 -1.18
C GLY G 193 -18.31 -18.39 -0.33
N VAL G 194 -18.30 -17.11 0.02
CA VAL G 194 -19.22 -16.55 1.00
C VAL G 194 -20.31 -15.78 0.24
N ILE G 195 -21.54 -15.86 0.75
CA ILE G 195 -22.71 -15.30 0.09
C ILE G 195 -23.23 -14.12 0.91
N SER G 196 -23.59 -13.03 0.23
CA SER G 196 -24.25 -11.90 0.89
C SER G 196 -25.11 -11.18 -0.15
N PHE G 197 -26.44 -11.19 0.05
CA PHE G 197 -27.38 -10.69 -0.94
C PHE G 197 -28.47 -9.83 -0.28
N THR G 198 -28.03 -8.83 0.51
CA THR G 198 -28.91 -7.87 1.18
C THR G 198 -29.89 -7.22 0.21
N THR G 199 -31.18 -7.47 0.46
CA THR G 199 -32.22 -7.30 -0.55
C THR G 199 -32.52 -5.82 -0.81
N PRO G 200 -32.92 -5.47 -2.03
CA PRO G 200 -33.30 -4.08 -2.32
C PRO G 200 -34.63 -3.73 -1.68
N ALA G 201 -34.92 -2.43 -1.66
CA ALA G 201 -36.09 -1.90 -0.98
C ALA G 201 -37.33 -1.85 -1.85
N SER G 202 -37.27 -2.35 -3.09
CA SER G 202 -38.42 -2.30 -3.98
C SER G 202 -38.28 -3.40 -5.03
N TYR G 203 -39.39 -4.08 -5.31
CA TYR G 203 -39.46 -5.07 -6.39
C TYR G 203 -40.23 -4.47 -7.55
N THR G 204 -39.60 -4.44 -8.73
CA THR G 204 -40.20 -3.81 -9.90
C THR G 204 -40.54 -4.81 -10.99
N THR G 205 -39.55 -5.55 -11.48
CA THR G 205 -39.74 -6.44 -12.61
C THR G 205 -39.92 -7.87 -12.15
N THR G 206 -40.14 -8.76 -13.12
CA THR G 206 -40.32 -10.18 -12.83
C THR G 206 -39.00 -10.93 -12.71
N LEU G 207 -37.86 -10.25 -12.78
CA LEU G 207 -36.56 -10.89 -12.68
C LEU G 207 -35.60 -9.86 -12.10
N VAL G 208 -35.34 -9.95 -10.81
CA VAL G 208 -34.58 -8.95 -10.08
C VAL G 208 -33.16 -9.46 -9.85
N GLU G 209 -32.19 -8.56 -9.98
CA GLU G 209 -30.80 -8.88 -9.68
C GLU G 209 -30.54 -8.72 -8.19
N LEU G 210 -29.67 -9.56 -7.67
CA LEU G 210 -29.37 -9.51 -6.24
C LEU G 210 -27.89 -9.36 -5.96
N GLN G 211 -27.02 -9.98 -6.74
CA GLN G 211 -25.58 -9.78 -6.59
C GLN G 211 -24.86 -9.97 -7.93
N ALA H 13 48.13 -90.17 31.18
CA ALA H 13 47.93 -89.79 32.57
C ALA H 13 47.48 -88.33 32.66
N SER H 14 48.26 -87.43 32.05
CA SER H 14 47.94 -86.01 32.03
C SER H 14 47.41 -85.56 30.67
N GLY H 15 46.74 -86.46 29.95
CA GLY H 15 46.14 -86.11 28.67
C GLY H 15 44.65 -85.91 28.76
N ILE H 16 44.20 -85.27 29.83
CA ILE H 16 42.78 -85.01 30.06
C ILE H 16 42.60 -83.50 30.00
N GLY H 17 43.39 -82.87 29.12
CA GLY H 17 43.32 -81.43 28.96
C GLY H 17 42.05 -80.91 28.31
N THR H 18 41.25 -81.79 27.71
CA THR H 18 39.99 -81.35 27.12
C THR H 18 38.89 -81.25 28.17
N LEU H 19 38.86 -82.16 29.15
CA LEU H 19 37.80 -82.17 30.16
C LEU H 19 37.91 -80.98 31.11
N ILE H 20 39.09 -80.37 31.20
CA ILE H 20 39.29 -79.22 32.08
C ILE H 20 38.67 -77.98 31.46
N VAL H 21 38.98 -77.73 30.19
CA VAL H 21 38.76 -76.42 29.59
C VAL H 21 37.68 -76.44 28.51
N PHE H 22 37.63 -77.48 27.67
CA PHE H 22 36.86 -77.46 26.43
C PHE H 22 35.36 -77.43 26.68
N ILE H 23 34.85 -78.40 27.44
CA ILE H 23 33.42 -78.50 27.70
C ILE H 23 32.92 -77.31 28.51
N ALA H 24 33.73 -76.87 29.48
CA ALA H 24 33.37 -75.75 30.32
C ALA H 24 33.30 -74.45 29.52
N MET H 25 34.27 -74.21 28.62
CA MET H 25 34.22 -73.00 27.83
C MET H 25 33.14 -73.06 26.75
N VAL H 26 32.79 -74.25 26.26
CA VAL H 26 31.66 -74.36 25.35
C VAL H 26 30.35 -74.00 26.05
N LEU H 27 30.18 -74.47 27.29
CA LEU H 27 28.95 -74.15 28.03
C LEU H 27 28.89 -72.67 28.43
N VAL H 28 30.02 -72.11 28.88
CA VAL H 28 30.08 -70.68 29.21
C VAL H 28 29.89 -69.82 27.96
N ALA H 29 30.39 -70.28 26.82
CA ALA H 29 30.18 -69.59 25.55
C ALA H 29 28.71 -69.59 25.15
N ALA H 30 28.03 -70.73 25.33
CA ALA H 30 26.60 -70.81 25.02
C ALA H 30 25.79 -69.90 25.94
N VAL H 31 26.16 -69.84 27.22
CA VAL H 31 25.45 -68.97 28.17
C VAL H 31 25.66 -67.50 27.83
N ALA H 32 26.92 -67.10 27.58
CA ALA H 32 27.23 -65.71 27.27
C ALA H 32 26.71 -65.29 25.90
N ALA H 33 26.44 -66.25 25.01
CA ALA H 33 25.80 -65.92 23.74
C ALA H 33 24.29 -65.80 23.92
N SER H 34 23.70 -66.71 24.70
CA SER H 34 22.26 -66.70 24.93
C SER H 34 21.80 -65.50 25.73
N VAL H 35 22.70 -64.87 26.48
CA VAL H 35 22.38 -63.57 27.07
C VAL H 35 22.20 -62.53 25.97
N LEU H 36 23.15 -62.45 25.05
CA LEU H 36 23.15 -61.38 24.05
C LEU H 36 22.06 -61.55 23.01
N ILE H 37 21.70 -62.79 22.66
CA ILE H 37 20.59 -62.99 21.74
C ILE H 37 19.26 -62.63 22.40
N ASN H 38 19.04 -63.10 23.63
CA ASN H 38 17.74 -62.89 24.25
C ASN H 38 17.57 -61.49 24.83
N THR H 39 18.64 -60.71 24.96
CA THR H 39 18.46 -59.35 25.48
C THR H 39 18.09 -58.34 24.41
N SER H 40 18.02 -58.74 23.14
CA SER H 40 17.79 -57.80 22.06
C SER H 40 16.34 -57.69 21.62
N GLY H 41 15.55 -58.76 21.83
CA GLY H 41 14.17 -58.74 21.37
C GLY H 41 13.30 -57.75 22.10
N PHE H 42 13.54 -57.61 23.42
CA PHE H 42 12.81 -56.65 24.23
C PHE H 42 13.05 -55.23 23.75
N LEU H 43 14.31 -54.88 23.50
CA LEU H 43 14.62 -53.52 23.10
C LEU H 43 14.22 -53.25 21.65
N GLN H 44 14.26 -54.24 20.76
CA GLN H 44 13.80 -53.97 19.40
C GLN H 44 12.29 -53.82 19.34
N GLN H 45 11.55 -54.61 20.12
CA GLN H 45 10.10 -54.48 20.10
C GLN H 45 9.62 -53.33 20.96
N LYS H 46 10.47 -52.77 21.80
CA LYS H 46 10.14 -51.52 22.47
C LYS H 46 10.47 -50.32 21.60
N ALA H 47 11.55 -50.40 20.80
CA ALA H 47 11.93 -49.28 19.96
C ALA H 47 11.12 -49.20 18.68
N SER H 48 10.57 -50.33 18.22
CA SER H 48 9.79 -50.31 16.98
C SER H 48 8.44 -49.65 17.17
N THR H 49 7.82 -49.83 18.34
CA THR H 49 6.53 -49.23 18.59
C THR H 49 6.64 -47.73 18.83
N THR H 50 7.78 -47.27 19.34
CA THR H 50 7.92 -45.90 19.80
C THR H 50 7.87 -44.91 18.63
N GLY H 51 8.52 -45.25 17.52
CA GLY H 51 8.53 -44.35 16.38
C GLY H 51 7.18 -44.22 15.71
N LYS H 52 6.51 -45.35 15.47
CA LYS H 52 5.22 -45.30 14.80
C LYS H 52 4.06 -45.05 15.75
N GLU H 53 4.33 -44.87 17.05
CA GLU H 53 3.33 -44.26 17.92
C GLU H 53 3.62 -42.79 18.21
N SER H 54 4.87 -42.35 18.03
CA SER H 54 5.18 -40.94 18.19
C SER H 54 4.93 -40.15 16.91
N THR H 55 4.92 -40.80 15.75
CA THR H 55 4.60 -40.10 14.51
C THR H 55 3.12 -39.76 14.45
N GLU H 56 2.27 -40.60 15.04
CA GLU H 56 0.83 -40.35 15.03
C GLU H 56 0.45 -39.17 15.90
N GLN H 57 1.25 -38.88 16.94
CA GLN H 57 0.92 -37.75 17.81
C GLN H 57 1.26 -36.43 17.13
N VAL H 58 2.39 -36.36 16.43
CA VAL H 58 2.72 -35.12 15.72
C VAL H 58 1.90 -34.98 14.44
N ALA H 59 1.37 -36.08 13.90
CA ALA H 59 0.66 -36.01 12.62
C ALA H 59 -0.76 -35.48 12.78
N SER H 60 -1.51 -35.98 13.76
CA SER H 60 -2.94 -35.76 13.81
C SER H 60 -3.28 -34.35 14.31
N GLY H 61 -4.57 -34.04 14.31
CA GLY H 61 -5.02 -32.72 14.69
C GLY H 61 -6.53 -32.64 14.63
N LEU H 62 -7.03 -31.43 14.84
CA LEU H 62 -8.47 -31.18 14.92
C LEU H 62 -8.70 -29.69 14.70
N LEU H 63 -9.53 -29.36 13.72
CA LEU H 63 -9.62 -27.99 13.18
C LEU H 63 -11.04 -27.46 13.29
N ILE H 64 -11.21 -26.42 14.10
CA ILE H 64 -12.49 -25.71 14.25
C ILE H 64 -12.65 -24.68 13.15
N ASN H 65 -13.80 -24.66 12.48
CA ASN H 65 -14.03 -23.75 11.36
C ASN H 65 -15.41 -23.09 11.41
N GLY H 66 -15.82 -22.58 12.57
CA GLY H 66 -17.04 -21.81 12.66
C GLY H 66 -17.94 -22.15 13.83
N ILE H 67 -18.39 -21.13 14.55
CA ILE H 67 -19.21 -21.29 15.76
C ILE H 67 -20.41 -20.38 15.67
N THR H 68 -21.60 -20.95 15.76
CA THR H 68 -22.85 -20.19 15.78
C THR H 68 -23.58 -20.39 17.10
N GLY H 69 -24.56 -19.55 17.35
CA GLY H 69 -25.31 -19.63 18.59
C GLY H 69 -26.75 -19.22 18.38
N SER H 70 -27.63 -19.78 19.19
CA SER H 70 -29.06 -19.50 19.12
C SER H 70 -29.50 -18.63 20.30
N VAL H 71 -30.56 -17.87 20.08
CA VAL H 71 -31.09 -16.91 21.05
C VAL H 71 -32.60 -16.96 20.85
N GLY H 72 -33.36 -16.20 21.64
CA GLY H 72 -34.78 -16.12 21.37
C GLY H 72 -35.71 -15.95 22.55
N THR H 73 -35.19 -15.93 23.77
CA THR H 73 -36.00 -15.54 24.93
C THR H 73 -35.51 -14.24 25.55
N SER H 74 -34.29 -14.22 26.08
CA SER H 74 -33.60 -12.99 26.40
C SER H 74 -32.11 -13.03 26.12
N ASP H 75 -31.53 -14.21 25.91
CA ASP H 75 -30.09 -14.40 25.93
C ASP H 75 -29.77 -15.73 25.25
N VAL H 76 -28.51 -15.86 24.82
CA VAL H 76 -28.04 -17.06 24.13
C VAL H 76 -28.09 -18.26 25.07
N LYS H 77 -28.58 -19.40 24.55
CA LYS H 77 -28.62 -20.61 25.36
C LYS H 77 -28.28 -21.90 24.62
N LEU H 78 -27.94 -21.85 23.33
CA LEU H 78 -27.46 -23.03 22.62
C LEU H 78 -26.29 -22.65 21.73
N LEU H 79 -25.25 -23.48 21.72
CA LEU H 79 -24.08 -23.27 20.89
C LEU H 79 -23.91 -24.42 19.91
N ALA H 80 -23.55 -24.09 18.67
CA ALA H 80 -23.27 -25.07 17.63
C ALA H 80 -21.86 -24.83 17.11
N ILE H 81 -21.06 -25.90 17.10
CA ILE H 81 -19.65 -25.83 16.73
C ILE H 81 -19.43 -26.76 15.54
N TYR H 82 -18.93 -26.20 14.44
CA TYR H 82 -18.56 -27.05 13.32
C TYR H 82 -17.14 -27.56 13.51
N LEU H 83 -16.81 -28.62 12.76
CA LEU H 83 -15.60 -29.37 13.07
C LEU H 83 -15.22 -30.21 11.85
N ALA H 84 -13.91 -30.41 11.67
CA ALA H 84 -13.36 -31.17 10.56
C ALA H 84 -11.95 -31.58 10.91
N PRO H 85 -11.51 -32.79 10.56
CA PRO H 85 -10.15 -33.21 10.90
C PRO H 85 -9.12 -32.58 9.99
N ASN H 86 -7.92 -32.41 10.53
CA ASN H 86 -6.79 -31.96 9.74
C ASN H 86 -6.39 -33.05 8.76
N ALA H 87 -5.81 -32.64 7.63
CA ALA H 87 -5.54 -33.58 6.55
C ALA H 87 -4.23 -34.33 6.71
N GLY H 88 -3.99 -34.88 7.90
CA GLY H 88 -2.97 -35.88 8.10
C GLY H 88 -3.36 -36.84 9.19
N SER H 89 -4.58 -36.70 9.70
CA SER H 89 -5.01 -37.47 10.87
C SER H 89 -5.41 -38.87 10.46
N SER H 90 -5.12 -39.83 11.34
CA SER H 90 -5.39 -41.23 11.02
C SER H 90 -6.84 -41.59 11.27
N ALA H 91 -7.27 -41.54 12.53
CA ALA H 91 -8.64 -41.92 12.87
C ALA H 91 -9.00 -41.20 14.18
N ILE H 92 -9.77 -40.14 14.07
CA ILE H 92 -10.26 -39.44 15.24
C ILE H 92 -11.51 -40.14 15.75
N ASP H 93 -11.54 -40.46 17.04
CA ASP H 93 -12.61 -41.23 17.65
C ASP H 93 -13.39 -40.32 18.60
N LEU H 94 -14.64 -40.02 18.25
CA LEU H 94 -15.44 -39.05 19.01
C LEU H 94 -16.04 -39.62 20.29
N ALA H 95 -15.74 -40.85 20.67
CA ALA H 95 -16.28 -41.36 21.91
C ALA H 95 -15.49 -40.89 23.12
N GLN H 96 -14.34 -40.26 22.94
CA GLN H 96 -13.43 -39.95 24.04
C GLN H 96 -12.83 -38.54 23.91
N THR H 97 -13.53 -37.62 23.27
CA THR H 97 -13.06 -36.24 23.11
C THR H 97 -13.89 -35.36 24.04
N LYS H 98 -13.21 -34.51 24.81
CA LYS H 98 -13.85 -33.75 25.87
C LYS H 98 -13.61 -32.26 25.69
N VAL H 99 -14.64 -31.47 25.95
CA VAL H 99 -14.62 -30.04 25.70
C VAL H 99 -14.54 -29.32 27.04
N MET H 100 -13.60 -28.37 27.14
CA MET H 100 -13.56 -27.50 28.31
C MET H 100 -14.05 -26.10 27.96
N LEU H 101 -14.78 -25.49 28.88
CA LEU H 101 -15.21 -24.09 28.75
C LEU H 101 -14.91 -23.35 30.04
N ASP H 102 -14.69 -22.04 29.92
CA ASP H 102 -14.25 -21.21 31.04
C ASP H 102 -15.05 -19.92 31.07
N TYR H 103 -15.91 -19.76 32.07
CA TYR H 103 -16.70 -18.54 32.19
C TYR H 103 -17.19 -18.36 33.62
N ASN H 104 -17.05 -17.12 34.13
CA ASN H 104 -17.66 -16.65 35.39
C ASN H 104 -17.16 -17.47 36.57
N GLY H 105 -15.86 -17.74 36.60
CA GLY H 105 -15.32 -18.58 37.66
C GLY H 105 -15.74 -20.02 37.58
N LYS H 106 -16.13 -20.49 36.40
CA LYS H 106 -16.60 -21.86 36.21
C LYS H 106 -15.79 -22.48 35.08
N SER H 107 -15.03 -23.52 35.42
CA SER H 107 -14.33 -24.34 34.43
C SER H 107 -15.09 -25.64 34.29
N VAL H 108 -15.64 -25.88 33.10
CA VAL H 108 -16.63 -26.92 32.88
C VAL H 108 -16.06 -27.95 31.90
N VAL H 109 -16.08 -29.20 32.32
CA VAL H 109 -15.61 -30.34 31.54
C VAL H 109 -16.83 -31.13 31.11
N LEU H 110 -16.89 -31.49 29.83
CA LEU H 110 -18.02 -32.22 29.28
C LEU H 110 -17.57 -33.60 28.84
N GLY H 111 -18.54 -34.42 28.43
CA GLY H 111 -18.29 -35.76 27.94
C GLY H 111 -19.30 -36.09 26.87
N TYR H 112 -19.16 -37.27 26.28
CA TYR H 112 -20.04 -37.67 25.19
C TYR H 112 -21.39 -38.10 25.73
N GLY H 113 -22.46 -37.76 24.98
CA GLY H 113 -23.82 -38.07 25.37
C GLY H 113 -24.41 -39.11 24.44
N GLY H 114 -25.26 -39.98 25.00
CA GLY H 114 -25.81 -41.10 24.26
C GLY H 114 -26.99 -40.78 23.37
N ASN H 115 -26.80 -39.85 22.43
CA ASN H 115 -27.81 -39.51 21.45
C ASN H 115 -27.13 -38.85 20.26
N GLN H 116 -27.52 -39.27 19.06
CA GLN H 116 -26.95 -38.71 17.84
C GLN H 116 -28.04 -38.73 16.76
N ASP H 117 -27.64 -38.42 15.53
CA ASP H 117 -28.59 -38.36 14.42
C ASP H 117 -27.82 -38.57 13.12
N MET H 118 -28.54 -38.98 12.08
CA MET H 118 -28.00 -39.21 10.76
C MET H 118 -28.56 -38.23 9.74
N SER H 119 -28.64 -36.96 10.15
CA SER H 119 -29.23 -35.91 9.32
C SER H 119 -28.35 -35.50 8.15
N SER H 120 -28.26 -36.36 7.14
CA SER H 120 -27.52 -36.04 5.91
C SER H 120 -28.56 -35.95 4.79
N GLY H 121 -29.13 -34.77 4.63
CA GLY H 121 -30.16 -34.55 3.62
C GLY H 121 -31.29 -33.68 4.14
N ASN H 122 -31.43 -33.61 5.45
CA ASN H 122 -32.53 -32.90 6.09
C ASN H 122 -32.11 -31.46 6.43
N SER H 123 -32.97 -30.77 7.18
CA SER H 123 -32.80 -29.34 7.45
C SER H 123 -33.12 -29.07 8.91
N SER H 124 -33.07 -27.78 9.27
CA SER H 124 -33.47 -27.23 10.57
C SER H 124 -32.68 -27.87 11.71
N VAL H 125 -31.39 -27.52 11.76
CA VAL H 125 -30.43 -28.08 12.70
C VAL H 125 -30.88 -27.90 14.16
N PHE H 126 -31.52 -26.77 14.45
CA PHE H 126 -31.98 -26.49 15.81
C PHE H 126 -33.39 -27.00 16.09
N SER H 127 -33.82 -28.08 15.43
CA SER H 127 -35.18 -28.56 15.65
C SER H 127 -35.31 -30.08 15.69
N ASN H 128 -34.24 -30.83 15.90
CA ASN H 128 -34.30 -32.29 15.95
C ASN H 128 -33.41 -32.83 17.07
N ASP H 129 -34.04 -33.49 18.05
CA ASP H 129 -33.38 -34.29 19.10
C ASP H 129 -32.41 -33.46 19.94
N THR H 130 -32.88 -32.31 20.44
CA THR H 130 -32.07 -31.44 21.28
C THR H 130 -32.50 -31.49 22.75
N GLY H 131 -32.97 -32.64 23.22
CA GLY H 131 -33.46 -32.74 24.58
C GLY H 131 -32.79 -33.79 25.44
N ALA H 132 -31.47 -33.96 25.30
CA ALA H 132 -30.71 -34.90 26.13
C ALA H 132 -29.41 -34.26 26.60
N THR H 133 -29.47 -32.98 26.92
CA THR H 133 -28.37 -32.11 27.28
C THR H 133 -28.18 -32.05 28.80
N ALA H 134 -27.52 -30.98 29.26
CA ALA H 134 -27.28 -30.46 30.61
C ALA H 134 -26.09 -31.08 31.34
N THR H 135 -25.44 -32.09 30.79
CA THR H 135 -24.07 -32.39 31.22
C THR H 135 -23.18 -32.86 30.09
N THR H 136 -23.66 -32.95 28.85
CA THR H 136 -22.93 -33.54 27.75
C THR H 136 -23.18 -32.70 26.50
N PHE H 137 -22.57 -33.13 25.39
CA PHE H 137 -22.81 -32.52 24.09
C PHE H 137 -23.47 -33.53 23.16
N GLN H 138 -23.98 -33.03 22.05
CA GLN H 138 -24.69 -33.86 21.09
C GLN H 138 -24.05 -33.72 19.72
N VAL H 139 -24.11 -34.80 18.93
CA VAL H 139 -23.34 -34.94 17.71
C VAL H 139 -24.29 -35.07 16.53
N ASN H 140 -24.07 -34.28 15.48
CA ASN H 140 -24.78 -34.41 14.22
C ASN H 140 -23.78 -34.62 13.09
N ILE H 141 -24.20 -35.40 12.09
CA ILE H 141 -23.37 -35.75 10.94
C ILE H 141 -23.87 -34.97 9.74
N LEU H 142 -22.97 -34.26 9.05
CA LEU H 142 -23.35 -33.51 7.88
C LEU H 142 -22.87 -34.13 6.58
N GLN H 143 -21.82 -34.94 6.59
CA GLN H 143 -21.28 -35.52 5.37
C GLN H 143 -20.47 -36.75 5.71
N ASP H 144 -20.76 -37.86 5.03
CA ASP H 144 -20.01 -39.09 5.22
C ASP H 144 -20.22 -39.95 3.98
N TYR H 145 -19.15 -40.14 3.20
CA TYR H 145 -19.28 -40.93 1.97
C TYR H 145 -19.33 -42.42 2.28
N ASP H 146 -18.28 -42.95 2.91
CA ASP H 146 -18.13 -44.39 3.11
C ASP H 146 -18.68 -44.86 4.45
N ASP H 147 -19.72 -44.17 4.96
CA ASP H 147 -20.52 -44.39 6.17
C ASP H 147 -19.76 -44.98 7.36
N SER H 148 -18.58 -44.41 7.62
CA SER H 148 -17.72 -44.85 8.70
C SER H 148 -17.97 -44.12 10.00
N ALA H 149 -18.87 -43.14 10.01
CA ALA H 149 -19.22 -42.41 11.22
C ALA H 149 -20.68 -42.58 11.62
N VAL H 150 -21.44 -43.41 10.90
CA VAL H 150 -22.84 -43.62 11.23
C VAL H 150 -22.98 -44.39 12.54
N ASP H 151 -22.13 -45.39 12.74
CA ASP H 151 -22.05 -46.07 14.02
C ASP H 151 -20.69 -45.81 14.63
N ASN H 152 -20.66 -45.86 15.97
CA ASN H 152 -19.51 -45.89 16.89
C ASN H 152 -18.46 -44.78 16.66
N ALA H 153 -18.84 -43.71 15.96
CA ALA H 153 -18.19 -42.39 16.00
C ALA H 153 -16.70 -42.43 15.62
N VAL H 154 -16.44 -42.75 14.36
CA VAL H 154 -15.09 -42.74 13.81
C VAL H 154 -15.06 -41.81 12.62
N ILE H 155 -14.25 -40.75 12.69
CA ILE H 155 -14.10 -39.78 11.62
C ILE H 155 -12.88 -40.13 10.80
N ASN H 156 -13.08 -40.41 9.52
CA ASN H 156 -11.97 -40.65 8.60
C ASN H 156 -11.58 -39.33 7.93
N LYS H 157 -10.78 -39.42 6.86
CA LYS H 157 -10.23 -38.23 6.21
C LYS H 157 -11.29 -37.61 5.31
N GLY H 158 -12.02 -36.62 5.83
CA GLY H 158 -12.92 -35.87 4.97
C GLY H 158 -14.37 -35.75 5.40
N ASP H 159 -14.67 -35.96 6.69
CA ASP H 159 -16.04 -35.86 7.16
C ASP H 159 -16.36 -34.44 7.62
N ALA H 160 -17.59 -34.25 8.10
CA ALA H 160 -18.03 -32.97 8.66
C ALA H 160 -19.04 -33.28 9.75
N VAL H 161 -18.73 -32.88 10.98
CA VAL H 161 -19.50 -33.23 12.17
C VAL H 161 -19.75 -31.97 12.97
N ALA H 162 -21.00 -31.72 13.34
CA ALA H 162 -21.32 -30.58 14.18
C ALA H 162 -21.63 -31.02 15.61
N LEU H 163 -21.34 -30.14 16.55
CA LEU H 163 -21.58 -30.37 17.96
C LEU H 163 -22.60 -29.35 18.46
N ILE H 164 -23.47 -29.79 19.37
CA ILE H 164 -24.47 -28.92 19.99
C ILE H 164 -24.31 -29.02 21.51
N VAL H 165 -24.16 -27.86 22.15
CA VAL H 165 -24.02 -27.77 23.60
C VAL H 165 -25.08 -26.81 24.11
N ASP H 166 -25.75 -27.18 25.21
CA ASP H 166 -26.70 -26.31 25.86
C ASP H 166 -26.02 -25.55 26.99
N VAL H 167 -26.34 -24.27 27.10
CA VAL H 167 -25.66 -23.37 28.01
C VAL H 167 -26.48 -23.09 29.26
N ASN H 168 -27.79 -22.92 29.09
CA ASN H 168 -28.69 -22.54 30.19
C ASN H 168 -28.73 -23.63 31.26
N ALA H 169 -28.75 -24.90 30.86
CA ALA H 169 -28.84 -25.99 31.80
C ALA H 169 -27.49 -26.58 32.17
N SER H 170 -26.39 -25.90 31.83
CA SER H 170 -25.07 -26.41 32.17
C SER H 170 -24.26 -25.36 32.93
N PHE H 171 -24.56 -24.07 32.70
CA PHE H 171 -23.93 -23.01 33.47
C PHE H 171 -24.82 -22.45 34.57
N ALA H 172 -26.08 -22.90 34.60
CA ALA H 172 -27.15 -22.40 35.49
C ALA H 172 -27.30 -20.89 35.39
N GLY H 173 -27.62 -20.39 34.20
CA GLY H 173 -27.77 -18.97 33.98
C GLY H 173 -27.84 -18.58 32.53
N GLU H 174 -27.10 -17.54 32.15
CA GLU H 174 -27.13 -17.04 30.77
C GLU H 174 -25.70 -16.71 30.35
N ILE H 175 -25.56 -16.10 29.18
CA ILE H 175 -24.28 -15.62 28.68
C ILE H 175 -24.50 -14.24 28.05
N PRO H 176 -24.33 -13.17 28.82
CA PRO H 176 -24.61 -11.83 28.31
C PRO H 176 -23.52 -11.36 27.36
N GLU H 177 -23.72 -10.16 26.82
CA GLU H 177 -22.83 -9.60 25.83
C GLU H 177 -21.56 -9.04 26.48
N ARG H 178 -20.61 -8.67 25.61
CA ARG H 178 -19.32 -8.06 25.98
C ARG H 178 -18.50 -8.96 26.91
N THR H 179 -18.51 -10.26 26.64
CA THR H 179 -17.72 -11.23 27.39
C THR H 179 -16.64 -11.84 26.50
N ALA H 180 -15.74 -12.60 27.13
CA ALA H 180 -14.64 -13.25 26.43
C ALA H 180 -14.40 -14.61 27.05
N ILE H 181 -14.51 -15.66 26.25
CA ILE H 181 -14.44 -17.04 26.72
C ILE H 181 -13.45 -17.82 25.86
N SER H 182 -12.58 -18.58 26.51
CA SER H 182 -11.67 -19.50 25.84
C SER H 182 -12.12 -20.94 26.11
N GLY H 183 -11.40 -21.89 25.52
CA GLY H 183 -11.72 -23.29 25.69
C GLY H 183 -11.01 -24.14 24.66
N LYS H 184 -10.90 -25.44 24.98
CA LYS H 184 -10.17 -26.39 24.15
C LYS H 184 -10.96 -27.68 23.99
N VAL H 185 -10.69 -28.37 22.88
CA VAL H 185 -11.46 -29.51 22.38
C VAL H 185 -10.52 -30.71 22.22
N GLN H 186 -9.64 -30.93 23.22
CA GLN H 186 -8.58 -31.96 23.24
C GLN H 186 -9.06 -33.33 22.74
N PRO H 187 -8.46 -33.86 21.68
CA PRO H 187 -8.73 -35.25 21.29
C PRO H 187 -7.96 -36.24 22.15
N GLU H 188 -8.00 -37.51 21.76
CA GLU H 188 -7.28 -38.54 22.51
C GLU H 188 -5.78 -38.36 22.43
N PHE H 189 -5.25 -38.16 21.22
CA PHE H 189 -3.81 -38.08 21.04
C PHE H 189 -3.33 -36.99 20.10
N GLY H 190 -4.22 -36.20 19.51
CA GLY H 190 -3.80 -35.19 18.56
C GLY H 190 -3.44 -33.86 19.17
N ALA H 191 -3.73 -32.77 18.45
CA ALA H 191 -3.48 -31.42 18.90
C ALA H 191 -4.79 -30.65 18.97
N PRO H 192 -5.03 -29.89 20.04
CA PRO H 192 -6.34 -29.30 20.26
C PRO H 192 -6.59 -28.07 19.40
N GLY H 193 -7.87 -27.79 19.18
CA GLY H 193 -8.31 -26.55 18.57
C GLY H 193 -8.82 -25.60 19.64
N VAL H 194 -8.47 -24.34 19.51
CA VAL H 194 -8.69 -23.34 20.54
C VAL H 194 -9.90 -22.49 20.16
N ILE H 195 -10.70 -22.12 21.15
CA ILE H 195 -11.97 -21.43 20.94
C ILE H 195 -11.86 -20.01 21.48
N SER H 196 -12.38 -19.04 20.71
CA SER H 196 -12.46 -17.65 21.18
C SER H 196 -13.64 -16.98 20.47
N PHE H 197 -14.66 -16.60 21.23
CA PHE H 197 -15.91 -16.10 20.66
C PHE H 197 -16.39 -14.85 21.42
N THR H 198 -15.50 -13.86 21.55
CA THR H 198 -15.80 -12.57 22.19
C THR H 198 -17.05 -11.91 21.62
N THR H 199 -18.05 -11.74 22.47
CA THR H 199 -19.43 -11.53 22.04
C THR H 199 -19.63 -10.13 21.46
N PRO H 200 -20.55 -9.97 20.52
CA PRO H 200 -20.85 -8.62 20.00
C PRO H 200 -21.62 -7.80 21.02
N ALA H 201 -21.69 -6.50 20.73
CA ALA H 201 -22.28 -5.53 21.65
C ALA H 201 -23.78 -5.35 21.46
N SER H 202 -24.41 -6.11 20.56
CA SER H 202 -25.85 -5.96 20.33
C SER H 202 -26.40 -7.26 19.75
N TYR H 203 -27.56 -7.66 20.23
CA TYR H 203 -28.28 -8.81 19.69
C TYR H 203 -29.46 -8.31 18.87
N THR H 204 -29.52 -8.70 17.60
CA THR H 204 -30.54 -8.22 16.69
C THR H 204 -31.51 -9.31 16.25
N THR H 205 -31.00 -10.39 15.66
CA THR H 205 -31.85 -11.42 15.08
C THR H 205 -31.95 -12.61 16.03
N THR H 206 -32.73 -13.61 15.61
CA THR H 206 -32.91 -14.82 16.39
C THR H 206 -31.82 -15.85 16.15
N LEU H 207 -30.80 -15.53 15.35
CA LEU H 207 -29.72 -16.46 15.06
C LEU H 207 -28.48 -15.62 14.77
N VAL H 208 -27.62 -15.49 15.76
CA VAL H 208 -26.47 -14.59 15.70
C VAL H 208 -25.21 -15.40 15.43
N GLU H 209 -24.33 -14.85 14.59
CA GLU H 209 -23.03 -15.44 14.33
C GLU H 209 -22.04 -15.04 15.40
N LEU H 210 -21.14 -15.94 15.72
CA LEU H 210 -20.15 -15.65 16.76
C LEU H 210 -18.71 -15.84 16.28
N GLN H 211 -18.46 -16.83 15.44
CA GLN H 211 -17.12 -16.99 14.85
C GLN H 211 -17.22 -17.66 13.49
N ALA I 13 54.58 -103.73 41.08
CA ALA I 13 55.15 -102.99 42.20
C ALA I 13 55.00 -101.49 41.98
N SER I 14 55.48 -101.01 40.83
CA SER I 14 55.38 -99.60 40.46
C SER I 14 54.31 -99.34 39.42
N GLY I 15 53.27 -100.17 39.40
CA GLY I 15 52.17 -99.98 38.48
C GLY I 15 50.95 -99.36 39.13
N ILE I 16 51.18 -98.38 40.01
CA ILE I 16 50.11 -97.71 40.74
C ILE I 16 50.12 -96.26 40.25
N GLY I 17 50.44 -96.09 38.96
CA GLY I 17 50.50 -94.76 38.37
C GLY I 17 49.16 -94.08 38.21
N THR I 18 48.06 -94.82 38.35
CA THR I 18 46.73 -94.20 38.26
C THR I 18 46.32 -93.55 39.57
N LEU I 19 46.66 -94.17 40.72
CA LEU I 19 46.26 -93.66 42.02
C LEU I 19 46.97 -92.35 42.36
N ILE I 20 48.12 -92.10 41.73
CA ILE I 20 48.87 -90.87 41.99
C ILE I 20 48.20 -89.68 41.33
N VAL I 21 47.86 -89.83 40.05
CA VAL I 21 47.54 -88.69 39.21
C VAL I 21 46.07 -88.65 38.78
N PHE I 22 45.48 -89.81 38.45
CA PHE I 22 44.22 -89.87 37.73
C PHE I 22 43.05 -89.36 38.58
N ILE I 23 42.86 -89.95 39.76
CA ILE I 23 41.75 -89.59 40.62
C ILE I 23 41.88 -88.16 41.13
N ALA I 24 43.11 -87.76 41.45
CA ALA I 24 43.38 -86.40 41.92
C ALA I 24 43.09 -85.36 40.86
N MET I 25 43.50 -85.62 39.61
CA MET I 25 43.22 -84.65 38.55
C MET I 25 41.76 -84.66 38.14
N VAL I 26 41.05 -85.79 38.28
CA VAL I 26 39.61 -85.79 38.05
C VAL I 26 38.90 -84.92 39.08
N LEU I 27 39.29 -85.03 40.35
CA LEU I 27 38.65 -84.23 41.39
C LEU I 27 38.99 -82.74 41.24
N VAL I 28 40.26 -82.42 40.95
CA VAL I 28 40.65 -81.03 40.73
C VAL I 28 39.99 -80.46 39.48
N ALA I 29 39.78 -81.30 38.45
CA ALA I 29 39.06 -80.88 37.25
C ALA I 29 37.60 -80.57 37.56
N ALA I 30 36.96 -81.40 38.38
CA ALA I 30 35.58 -81.15 38.77
C ALA I 30 35.45 -79.88 39.59
N VAL I 31 36.42 -79.61 40.48
CA VAL I 31 36.40 -78.40 41.28
C VAL I 31 36.59 -77.16 40.42
N ALA I 32 37.60 -77.19 39.53
CA ALA I 32 37.89 -76.06 38.67
C ALA I 32 36.83 -75.84 37.61
N ALA I 33 36.03 -76.86 37.30
CA ALA I 33 34.90 -76.66 36.41
C ALA I 33 33.70 -76.10 37.16
N SER I 34 33.46 -76.61 38.39
CA SER I 34 32.34 -76.16 39.19
C SER I 34 32.50 -74.71 39.66
N VAL I 35 33.73 -74.20 39.70
CA VAL I 35 33.90 -72.76 39.89
C VAL I 35 33.35 -71.99 38.70
N LEU I 36 33.72 -72.40 37.48
CA LEU I 36 33.36 -71.64 36.29
C LEU I 36 31.88 -71.73 35.95
N ILE I 37 31.25 -72.87 36.23
CA ILE I 37 29.80 -72.97 36.01
C ILE I 37 29.04 -72.10 37.02
N ASN I 38 29.40 -72.20 38.30
CA ASN I 38 28.62 -71.50 39.32
C ASN I 38 28.94 -70.01 39.41
N THR I 39 30.03 -69.55 38.79
CA THR I 39 30.31 -68.12 38.84
C THR I 39 29.59 -67.32 37.78
N SER I 40 28.85 -67.96 36.88
CA SER I 40 28.24 -67.27 35.75
C SER I 40 26.79 -66.87 35.98
N GLY I 41 26.08 -67.59 36.85
CA GLY I 41 24.67 -67.32 37.06
C GLY I 41 24.42 -65.98 37.73
N PHE I 42 25.28 -65.61 38.68
CA PHE I 42 25.19 -64.32 39.35
C PHE I 42 25.35 -63.18 38.36
N LEU I 43 26.35 -63.26 37.49
CA LEU I 43 26.59 -62.17 36.56
C LEU I 43 25.57 -62.13 35.44
N GLN I 44 25.03 -63.29 35.01
CA GLN I 44 24.00 -63.22 33.98
C GLN I 44 22.69 -62.68 34.54
N GLN I 45 22.33 -63.03 35.78
CA GLN I 45 21.10 -62.50 36.34
C GLN I 45 21.26 -61.11 36.88
N LYS I 46 22.49 -60.62 37.03
CA LYS I 46 22.69 -59.21 37.31
C LYS I 46 22.71 -58.38 36.03
N ALA I 47 23.22 -58.94 34.93
CA ALA I 47 23.28 -58.20 33.68
C ALA I 47 21.96 -58.20 32.93
N SER I 48 21.11 -59.21 33.17
CA SER I 48 19.84 -59.26 32.45
C SER I 48 18.85 -58.22 32.99
N THR I 49 18.88 -57.95 34.30
CA THR I 49 17.97 -56.97 34.87
C THR I 49 18.38 -55.55 34.51
N THR I 50 19.67 -55.32 34.30
CA THR I 50 20.20 -53.96 34.16
C THR I 50 19.70 -53.30 32.87
N GLY I 51 19.67 -54.06 31.77
CA GLY I 51 19.22 -53.48 30.50
C GLY I 51 17.75 -53.15 30.50
N LYS I 52 16.91 -54.07 30.96
CA LYS I 52 15.47 -53.82 30.94
C LYS I 52 14.99 -53.05 32.16
N GLU I 53 15.88 -52.66 33.07
CA GLU I 53 15.54 -51.60 34.02
C GLU I 53 16.12 -50.26 33.64
N SER I 54 17.16 -50.23 32.81
CA SER I 54 17.69 -48.96 32.33
C SER I 54 16.94 -48.44 31.12
N THR I 55 16.28 -49.31 30.36
CA THR I 55 15.48 -48.86 29.23
C THR I 55 14.22 -48.14 29.71
N GLU I 56 13.67 -48.57 30.85
CA GLU I 56 12.47 -47.95 31.38
C GLU I 56 12.73 -46.53 31.88
N GLN I 57 13.96 -46.24 32.31
CA GLN I 57 14.27 -44.90 32.79
C GLN I 57 14.39 -43.91 31.64
N VAL I 58 15.01 -44.32 30.54
CA VAL I 58 15.11 -43.43 29.38
C VAL I 58 13.79 -43.37 28.62
N ALA I 59 12.92 -44.37 28.77
CA ALA I 59 11.70 -44.39 27.98
C ALA I 59 10.63 -43.47 28.55
N SER I 60 10.40 -43.52 29.87
CA SER I 60 9.23 -42.90 30.46
C SER I 60 9.36 -41.39 30.55
N GLY I 61 8.30 -40.73 31.00
CA GLY I 61 8.27 -39.28 31.07
C GLY I 61 6.96 -38.82 31.65
N LEU I 62 6.79 -37.49 31.64
CA LEU I 62 5.63 -36.84 32.25
C LEU I 62 5.52 -35.45 31.67
N LEU I 63 4.35 -35.13 31.10
CA LEU I 63 4.19 -33.96 30.22
C LEU I 63 3.09 -33.05 30.74
N ILE I 64 3.49 -31.84 31.16
CA ILE I 64 2.56 -30.79 31.60
C ILE I 64 2.02 -30.04 30.40
N ASN I 65 0.70 -29.86 30.33
CA ASN I 65 0.06 -29.20 29.19
C ASN I 65 -1.02 -28.19 29.60
N GLY I 66 -0.71 -27.35 30.58
CA GLY I 66 -1.63 -26.27 30.93
C GLY I 66 -1.86 -26.07 32.41
N ILE I 67 -1.76 -24.81 32.87
CA ILE I 67 -1.87 -24.47 34.29
C ILE I 67 -2.83 -23.30 34.43
N THR I 68 -3.89 -23.49 35.22
CA THR I 68 -4.85 -22.43 35.51
C THR I 68 -4.84 -22.12 37.00
N GLY I 69 -5.46 -21.00 37.36
CA GLY I 69 -5.50 -20.57 38.75
C GLY I 69 -6.78 -19.84 39.05
N SER I 70 -7.21 -19.94 40.31
CA SER I 70 -8.43 -19.30 40.77
C SER I 70 -8.11 -18.11 41.66
N VAL I 71 -9.03 -17.15 41.68
CA VAL I 71 -8.87 -15.89 42.40
C VAL I 71 -10.26 -15.55 42.90
N GLY I 72 -10.43 -14.45 43.64
CA GLY I 72 -11.77 -14.05 44.00
C GLY I 72 -11.96 -13.37 45.34
N THR I 73 -10.91 -13.21 46.13
CA THR I 73 -10.97 -12.36 47.31
C THR I 73 -10.07 -11.14 47.18
N SER I 74 -8.76 -11.34 47.08
CA SER I 74 -7.85 -10.29 46.65
C SER I 74 -6.72 -10.82 45.79
N ASP I 75 -6.49 -12.13 45.76
CA ASP I 75 -5.26 -12.68 45.20
C ASP I 75 -5.50 -14.17 44.94
N VAL I 76 -4.64 -14.75 44.09
CA VAL I 76 -4.74 -16.16 43.70
C VAL I 76 -4.48 -17.04 44.91
N LYS I 77 -5.30 -18.09 45.08
CA LYS I 77 -5.09 -19.02 46.18
C LYS I 77 -5.34 -20.49 45.84
N LEU I 78 -5.68 -20.83 44.60
CA LEU I 78 -5.78 -22.23 44.19
C LEU I 78 -5.17 -22.40 42.80
N LEU I 79 -4.38 -23.47 42.62
CA LEU I 79 -3.77 -23.78 41.35
C LEU I 79 -4.26 -25.13 40.85
N ALA I 80 -4.52 -25.21 39.55
CA ALA I 80 -4.92 -26.44 38.88
C ALA I 80 -3.94 -26.74 37.76
N ILE I 81 -3.39 -27.94 37.77
CA ILE I 81 -2.37 -28.35 36.81
C ILE I 81 -2.88 -29.55 36.03
N TYR I 82 -2.93 -29.43 34.71
CA TYR I 82 -3.28 -30.58 33.90
C TYR I 82 -2.04 -31.41 33.60
N LEU I 83 -2.26 -32.65 33.20
CA LEU I 83 -1.18 -33.62 33.18
C LEU I 83 -1.56 -34.78 32.28
N ALA I 84 -0.55 -35.38 31.63
CA ALA I 84 -0.73 -36.49 30.71
C ALA I 84 0.60 -37.19 30.53
N PRO I 85 0.64 -38.52 30.46
CA PRO I 85 1.93 -39.20 30.31
C PRO I 85 2.44 -39.12 28.88
N ASN I 86 3.76 -39.16 28.75
CA ASN I 86 4.39 -39.24 27.44
C ASN I 86 4.11 -40.59 26.82
N ALA I 87 4.10 -40.63 25.48
CA ALA I 87 3.66 -41.82 24.78
C ALA I 87 4.78 -42.86 24.61
N GLY I 88 5.50 -43.15 25.68
CA GLY I 88 6.35 -44.33 25.74
C GLY I 88 6.42 -44.87 27.15
N SER I 89 5.66 -44.28 28.05
CA SER I 89 5.76 -44.60 29.46
C SER I 89 5.03 -45.90 29.77
N SER I 90 5.60 -46.66 30.70
CA SER I 90 5.03 -47.97 31.01
C SER I 90 3.86 -47.85 31.97
N ALA I 91 4.12 -47.40 33.20
CA ALA I 91 3.06 -47.29 34.20
C ALA I 91 3.49 -46.23 35.21
N ILE I 92 2.92 -45.04 35.10
CA ILE I 92 3.18 -43.98 36.06
C ILE I 92 2.26 -44.18 37.26
N ASP I 93 2.83 -44.17 38.46
CA ASP I 93 2.12 -44.45 39.70
C ASP I 93 2.04 -43.17 40.52
N LEU I 94 0.83 -42.63 40.67
CA LEU I 94 0.66 -41.33 41.32
C LEU I 94 0.70 -41.39 42.85
N ALA I 95 0.99 -42.54 43.44
CA ALA I 95 1.08 -42.58 44.90
C ALA I 95 2.42 -42.08 45.42
N GLN I 96 3.40 -41.85 44.54
CA GLN I 96 4.76 -41.55 44.96
C GLN I 96 5.40 -40.44 44.13
N THR I 97 4.60 -39.53 43.57
CA THR I 97 5.11 -38.42 42.79
C THR I 97 4.98 -37.15 43.62
N LYS I 98 6.04 -36.36 43.69
CA LYS I 98 6.12 -35.23 44.60
C LYS I 98 6.43 -33.94 43.84
N VAL I 99 5.78 -32.87 44.24
CA VAL I 99 5.86 -31.60 43.55
C VAL I 99 6.69 -30.63 44.39
N MET I 100 7.67 -29.98 43.75
CA MET I 100 8.40 -28.91 44.43
C MET I 100 7.99 -27.56 43.87
N LEU I 101 7.89 -26.57 44.75
CA LEU I 101 7.64 -25.19 44.35
C LEU I 101 8.64 -24.27 45.05
N ASP I 102 8.93 -23.14 44.42
CA ASP I 102 9.98 -22.23 44.90
C ASP I 102 9.47 -20.80 44.83
N TYR I 103 9.26 -20.18 45.99
CA TYR I 103 8.79 -18.79 46.03
C TYR I 103 9.11 -18.16 47.37
N ASN I 104 9.64 -16.93 47.32
CA ASN I 104 9.82 -16.04 48.47
C ASN I 104 10.72 -16.65 49.54
N GLY I 105 11.82 -17.26 49.09
CA GLY I 105 12.69 -17.95 50.01
C GLY I 105 12.11 -19.20 50.62
N LYS I 106 11.12 -19.79 49.96
CA LYS I 106 10.46 -20.99 50.46
C LYS I 106 10.50 -22.05 49.37
N SER I 107 11.18 -23.16 49.66
CA SER I 107 11.19 -24.34 48.81
C SER I 107 10.29 -25.38 49.47
N VAL I 108 9.22 -25.73 48.79
CA VAL I 108 8.11 -26.47 49.38
C VAL I 108 7.98 -27.81 48.66
N VAL I 109 8.01 -28.89 49.44
CA VAL I 109 7.87 -30.25 48.96
C VAL I 109 6.50 -30.76 49.39
N LEU I 110 5.78 -31.37 48.47
CA LEU I 110 4.43 -31.87 48.75
C LEU I 110 4.41 -33.39 48.64
N GLY I 111 3.28 -33.98 49.00
CA GLY I 111 3.08 -35.41 48.93
C GLY I 111 1.63 -35.69 48.59
N TYR I 112 1.31 -36.97 48.42
CA TYR I 112 -0.04 -37.35 48.03
C TYR I 112 -0.99 -37.25 49.21
N GLY I 113 -2.22 -36.80 48.93
CA GLY I 113 -3.24 -36.64 49.95
C GLY I 113 -4.35 -37.65 49.78
N GLY I 114 -4.91 -38.11 50.91
CA GLY I 114 -5.89 -39.17 50.90
C GLY I 114 -7.31 -38.75 50.56
N ASN I 115 -7.49 -38.15 49.38
CA ASN I 115 -8.81 -37.78 48.89
C ASN I 115 -8.73 -37.63 47.38
N GLN I 116 -9.71 -38.19 46.68
CA GLN I 116 -9.77 -38.11 45.22
C GLN I 116 -11.22 -38.09 44.80
N ASP I 117 -11.46 -38.18 43.50
CA ASP I 117 -12.81 -38.12 42.96
C ASP I 117 -12.83 -38.83 41.61
N MET I 118 -14.02 -39.24 41.19
CA MET I 118 -14.24 -39.93 39.92
C MET I 118 -15.09 -39.08 38.99
N SER I 119 -14.80 -37.78 38.93
CA SER I 119 -15.58 -36.83 38.15
C SER I 119 -15.35 -36.96 36.66
N SER I 120 -15.89 -38.02 36.05
CA SER I 120 -15.83 -38.22 34.60
C SER I 120 -17.26 -38.11 34.08
N GLY I 121 -17.68 -36.87 33.80
CA GLY I 121 -19.03 -36.62 33.33
C GLY I 121 -19.63 -35.39 33.96
N ASN I 122 -19.09 -34.97 35.09
CA ASN I 122 -19.62 -33.86 35.87
C ASN I 122 -18.91 -32.57 35.49
N SER I 123 -19.17 -31.50 36.25
CA SER I 123 -18.71 -30.17 35.93
C SER I 123 -18.23 -29.47 37.20
N SER I 124 -17.84 -28.20 37.05
CA SER I 124 -17.47 -27.27 38.13
C SER I 124 -16.31 -27.83 38.96
N VAL I 125 -15.13 -27.85 38.31
CA VAL I 125 -13.90 -28.43 38.88
C VAL I 125 -13.55 -27.79 40.22
N PHE I 126 -13.81 -26.49 40.38
CA PHE I 126 -13.49 -25.79 41.61
C PHE I 126 -14.62 -25.81 42.62
N SER I 127 -15.46 -26.85 42.63
CA SER I 127 -16.59 -26.88 43.56
C SER I 127 -16.87 -28.25 44.17
N ASN I 128 -15.93 -29.20 44.12
CA ASN I 128 -16.16 -30.53 44.68
C ASN I 128 -14.92 -31.01 45.41
N ASP I 129 -15.06 -31.23 46.73
CA ASP I 129 -14.07 -31.91 47.58
C ASP I 129 -12.72 -31.21 47.59
N THR I 130 -12.72 -29.90 47.83
CA THR I 130 -11.49 -29.12 47.88
C THR I 130 -11.13 -28.71 49.31
N GLY I 131 -11.46 -29.53 50.29
CA GLY I 131 -11.22 -29.19 51.68
C GLY I 131 -10.35 -30.16 52.47
N ALA I 132 -9.31 -30.71 51.84
CA ALA I 132 -8.37 -31.59 52.52
C ALA I 132 -6.93 -31.26 52.12
N THR I 133 -6.66 -29.96 51.99
CA THR I 133 -5.42 -29.37 51.52
C THR I 133 -4.49 -29.02 52.69
N ALA I 134 -3.55 -28.10 52.43
CA ALA I 134 -2.62 -27.37 53.29
C ALA I 134 -1.32 -28.10 53.59
N THR I 135 -1.16 -29.35 53.18
CA THR I 135 0.18 -29.91 53.04
C THR I 135 0.33 -30.86 51.88
N THR I 136 -0.71 -31.09 51.08
CA THR I 136 -0.72 -32.10 50.03
C THR I 136 -1.44 -31.54 48.82
N PHE I 137 -1.52 -32.37 47.77
CA PHE I 137 -2.28 -32.03 46.58
C PHE I 137 -3.45 -33.01 46.44
N GLN I 138 -4.38 -32.66 45.55
CA GLN I 138 -5.58 -33.45 45.33
C GLN I 138 -5.69 -33.82 43.87
N VAL I 139 -6.27 -34.99 43.60
CA VAL I 139 -6.23 -35.62 42.29
C VAL I 139 -7.66 -35.75 41.76
N ASN I 140 -7.88 -35.31 40.52
CA ASN I 140 -9.12 -35.54 39.82
C ASN I 140 -8.87 -36.26 38.51
N ILE I 141 -9.82 -37.10 38.11
CA ILE I 141 -9.72 -37.92 36.91
C ILE I 141 -10.65 -37.34 35.86
N LEU I 142 -10.12 -37.08 34.66
CA LEU I 142 -10.94 -36.55 33.59
C LEU I 142 -11.26 -37.56 32.50
N GLN I 143 -10.45 -38.60 32.33
CA GLN I 143 -10.67 -39.57 31.26
C GLN I 143 -9.96 -40.86 31.61
N ASP I 144 -10.70 -41.97 31.54
CA ASP I 144 -10.11 -43.29 31.79
C ASP I 144 -11.02 -44.32 31.12
N TYR I 145 -10.53 -44.98 30.07
CA TYR I 145 -11.34 -45.96 29.38
C TYR I 145 -11.43 -47.27 30.15
N ASP I 146 -10.29 -47.90 30.39
CA ASP I 146 -10.25 -49.24 30.99
C ASP I 146 -10.11 -49.21 32.50
N ASP I 147 -10.67 -48.18 33.15
CA ASP I 147 -10.78 -47.88 34.58
C ASP I 147 -9.61 -48.36 35.44
N SER I 148 -8.39 -48.09 34.96
CA SER I 148 -7.17 -48.50 35.64
C SER I 148 -6.65 -47.44 36.59
N ALA I 149 -7.29 -46.27 36.66
CA ALA I 149 -6.89 -45.22 37.58
C ALA I 149 -7.97 -44.89 38.59
N VAL I 150 -9.10 -45.61 38.61
CA VAL I 150 -10.16 -45.34 39.56
C VAL I 150 -9.72 -45.72 40.97
N ASP I 151 -9.03 -46.85 41.11
CA ASP I 151 -8.42 -47.21 42.36
C ASP I 151 -6.90 -47.20 42.21
N ASN I 152 -6.23 -46.95 43.34
CA ASN I 152 -4.77 -47.08 43.61
C ASN I 152 -3.85 -46.39 42.59
N ALA I 153 -4.38 -45.44 41.80
CA ALA I 153 -3.63 -44.38 41.13
C ALA I 153 -2.56 -44.91 40.16
N VAL I 154 -3.00 -45.58 39.11
CA VAL I 154 -2.11 -46.07 38.06
C VAL I 154 -2.56 -45.47 36.74
N ILE I 155 -1.68 -44.70 36.10
CA ILE I 155 -1.96 -44.08 34.81
C ILE I 155 -1.36 -44.94 33.71
N ASN I 156 -2.21 -45.43 32.82
CA ASN I 156 -1.74 -46.18 31.66
C ASN I 156 -1.57 -45.21 30.47
N LYS I 157 -1.44 -45.76 29.28
CA LYS I 157 -1.14 -44.96 28.09
C LYS I 157 -2.41 -44.29 27.58
N GLY I 158 -2.66 -43.05 28.00
CA GLY I 158 -3.75 -42.30 27.43
C GLY I 158 -4.76 -41.68 28.37
N ASP I 159 -4.40 -41.51 29.64
CA ASP I 159 -5.32 -40.92 30.61
C ASP I 159 -5.19 -39.40 30.65
N ALA I 160 -5.98 -38.78 31.52
CA ALA I 160 -5.91 -37.33 31.76
C ALA I 160 -6.28 -37.08 33.21
N VAL I 161 -5.34 -36.52 33.97
CA VAL I 161 -5.47 -36.36 35.41
C VAL I 161 -5.12 -34.92 35.77
N ALA I 162 -5.97 -34.27 36.54
CA ALA I 162 -5.69 -32.91 37.00
C ALA I 162 -5.29 -32.92 38.47
N LEU I 163 -4.46 -31.95 38.84
CA LEU I 163 -4.00 -31.77 40.21
C LEU I 163 -4.49 -30.43 40.73
N ILE I 164 -4.85 -30.38 42.00
CA ILE I 164 -5.28 -29.16 42.67
C ILE I 164 -4.41 -28.94 43.90
N VAL I 165 -3.81 -27.76 43.98
CA VAL I 165 -2.95 -27.38 45.10
C VAL I 165 -3.48 -26.08 45.68
N ASP I 166 -3.56 -25.99 47.00
CA ASP I 166 -3.95 -24.75 47.68
C ASP I 166 -2.70 -23.97 48.07
N VAL I 167 -2.75 -22.66 47.87
CA VAL I 167 -1.59 -21.79 48.03
C VAL I 167 -1.64 -21.02 49.34
N ASN I 168 -2.83 -20.54 49.71
CA ASN I 168 -2.99 -19.69 50.89
C ASN I 168 -2.64 -20.44 52.17
N ALA I 169 -3.03 -21.71 52.26
CA ALA I 169 -2.79 -22.49 53.46
C ALA I 169 -1.52 -23.33 53.37
N SER I 170 -0.66 -23.08 52.39
CA SER I 170 0.58 -23.84 52.28
C SER I 170 1.79 -22.90 52.21
N PHE I 171 1.59 -21.68 51.72
CA PHE I 171 2.66 -20.68 51.72
C PHE I 171 2.50 -19.67 52.84
N ALA I 172 1.37 -19.71 53.57
CA ALA I 172 0.97 -18.76 54.60
C ALA I 172 0.99 -17.33 54.08
N GLY I 173 0.18 -17.05 53.06
CA GLY I 173 0.14 -15.73 52.47
C GLY I 173 -0.59 -15.69 51.15
N GLU I 174 -0.02 -15.01 50.16
CA GLU I 174 -0.66 -14.85 48.86
C GLU I 174 0.40 -15.03 47.78
N ILE I 175 0.01 -14.77 46.53
CA ILE I 175 0.93 -14.80 45.39
C ILE I 175 0.62 -13.59 44.50
N PRO I 176 1.28 -12.46 44.71
CA PRO I 176 0.96 -11.25 43.96
C PRO I 176 1.48 -11.33 42.53
N GLU I 177 1.20 -10.28 41.77
CA GLU I 177 1.54 -10.23 40.37
C GLU I 177 3.03 -9.91 40.18
N ARG I 178 3.47 -10.03 38.91
CA ARG I 178 4.83 -9.73 38.45
C ARG I 178 5.88 -10.58 39.17
N THR I 179 5.57 -11.86 39.38
CA THR I 179 6.50 -12.80 40.00
C THR I 179 6.89 -13.87 39.00
N ALA I 180 7.88 -14.68 39.38
CA ALA I 180 8.39 -15.75 38.54
C ALA I 180 8.73 -16.95 39.41
N ILE I 181 8.10 -18.09 39.14
CA ILE I 181 8.21 -19.28 39.96
C ILE I 181 8.54 -20.48 39.08
N SER I 182 9.50 -21.28 39.50
CA SER I 182 9.83 -22.54 38.86
C SER I 182 9.39 -23.70 39.75
N GLY I 183 9.60 -24.92 39.26
CA GLY I 183 9.23 -26.10 40.02
C GLY I 183 9.21 -27.34 39.13
N LYS I 184 9.30 -28.49 39.79
CA LYS I 184 9.38 -29.77 39.10
C LYS I 184 8.45 -30.79 39.74
N VAL I 185 8.04 -31.78 38.92
CA VAL I 185 6.99 -32.74 39.23
C VAL I 185 7.57 -34.15 39.09
N GLN I 186 8.78 -34.38 39.61
CA GLN I 186 9.56 -35.62 39.52
C GLN I 186 8.73 -36.88 39.77
N PRO I 187 8.65 -37.79 38.80
CA PRO I 187 8.04 -39.10 39.05
C PRO I 187 9.00 -40.03 39.77
N GLU I 188 8.61 -41.31 39.88
CA GLU I 188 9.45 -42.30 40.55
C GLU I 188 10.74 -42.55 39.76
N PHE I 189 10.62 -42.79 38.46
CA PHE I 189 11.78 -43.17 37.66
C PHE I 189 11.86 -42.49 36.31
N GLY I 190 10.90 -41.64 35.93
CA GLY I 190 10.91 -41.04 34.61
C GLY I 190 11.71 -39.75 34.52
N ALA I 191 11.25 -38.82 33.68
CA ALA I 191 11.86 -37.52 33.50
C ALA I 191 10.87 -36.42 33.86
N PRO I 192 11.30 -35.41 34.61
CA PRO I 192 10.35 -34.44 35.16
C PRO I 192 9.88 -33.43 34.14
N GLY I 193 8.70 -32.87 34.42
CA GLY I 193 8.18 -31.73 33.68
C GLY I 193 8.40 -30.46 34.48
N VAL I 194 8.80 -29.40 33.78
CA VAL I 194 9.26 -28.17 34.42
C VAL I 194 8.14 -27.14 34.34
N ILE I 195 7.99 -26.33 35.39
CA ILE I 195 6.88 -25.39 35.54
C ILE I 195 7.44 -23.97 35.45
N SER I 196 6.74 -23.10 34.72
CA SER I 196 7.07 -21.68 34.68
C SER I 196 5.81 -20.89 34.37
N PHE I 197 5.35 -20.07 35.33
CA PHE I 197 4.06 -19.40 35.22
C PHE I 197 4.19 -17.92 35.64
N THR I 198 5.14 -17.21 35.04
CA THR I 198 5.38 -15.79 35.27
C THR I 198 4.11 -14.95 35.11
N THR I 199 3.69 -14.32 36.20
CA THR I 199 2.33 -13.85 36.37
C THR I 199 2.06 -12.62 35.51
N PRO I 200 0.81 -12.43 35.06
CA PRO I 200 0.47 -11.22 34.31
C PRO I 200 0.42 -9.99 35.21
N ALA I 201 0.39 -8.83 34.57
CA ALA I 201 0.47 -7.55 35.27
C ALA I 201 -0.89 -7.02 35.70
N SER I 202 -1.98 -7.75 35.48
CA SER I 202 -3.30 -7.28 35.85
C SER I 202 -4.22 -8.47 36.04
N TYR I 203 -5.05 -8.42 37.09
CA TYR I 203 -6.08 -9.41 37.33
C TYR I 203 -7.44 -8.81 36.98
N THR I 204 -8.17 -9.46 36.09
CA THR I 204 -9.44 -8.93 35.60
C THR I 204 -10.63 -9.79 36.01
N THR I 205 -10.62 -11.07 35.66
CA THR I 205 -11.78 -11.93 35.89
C THR I 205 -11.54 -12.79 37.12
N THR I 206 -12.55 -13.60 37.45
CA THR I 206 -12.47 -14.50 38.59
C THR I 206 -11.80 -15.83 38.26
N LEU I 207 -11.28 -15.99 37.05
CA LEU I 207 -10.61 -17.24 36.65
C LEU I 207 -9.58 -16.85 35.59
N VAL I 208 -8.33 -16.73 36.00
CA VAL I 208 -7.27 -16.23 35.15
C VAL I 208 -6.42 -17.40 34.64
N GLU I 209 -6.02 -17.32 33.37
CA GLU I 209 -5.11 -18.28 32.79
C GLU I 209 -3.67 -17.93 33.13
N LEU I 210 -2.85 -18.95 33.30
CA LEU I 210 -1.46 -18.71 33.64
C LEU I 210 -0.48 -19.39 32.68
N GLN I 211 -0.81 -20.59 32.21
CA GLN I 211 0.01 -21.24 31.19
C GLN I 211 -0.82 -22.15 30.31
N ALA J 13 31.79 -43.95 13.22
CA ALA J 13 30.68 -44.82 12.87
C ALA J 13 29.44 -44.00 12.58
N SER J 14 29.04 -43.14 13.52
CA SER J 14 27.89 -42.27 13.37
C SER J 14 28.28 -40.83 13.08
N GLY J 15 29.42 -40.63 12.44
CA GLY J 15 29.87 -39.29 12.07
C GLY J 15 29.64 -38.98 10.60
N ILE J 16 28.49 -39.41 10.07
CA ILE J 16 28.16 -39.21 8.68
C ILE J 16 26.95 -38.29 8.67
N GLY J 17 26.92 -37.36 9.63
CA GLY J 17 25.82 -36.42 9.74
C GLY J 17 25.76 -35.38 8.64
N THR J 18 26.82 -35.24 7.85
CA THR J 18 26.79 -34.30 6.74
C THR J 18 26.10 -34.89 5.51
N LEU J 19 26.30 -36.18 5.24
CA LEU J 19 25.72 -36.82 4.06
C LEU J 19 24.21 -36.94 4.16
N ILE J 20 23.67 -36.90 5.37
CA ILE J 20 22.22 -37.00 5.56
C ILE J 20 21.55 -35.69 5.17
N VAL J 21 22.06 -34.57 5.67
CA VAL J 21 21.32 -33.33 5.68
C VAL J 21 21.94 -32.26 4.78
N PHE J 22 23.28 -32.16 4.74
CA PHE J 22 23.97 -31.00 4.17
C PHE J 22 23.78 -30.91 2.65
N ILE J 23 24.15 -31.98 1.94
CA ILE J 23 24.09 -31.99 0.48
C ILE J 23 22.64 -31.90 0.00
N ALA J 24 21.73 -32.59 0.71
CA ALA J 24 20.32 -32.58 0.35
C ALA J 24 19.70 -31.20 0.53
N MET J 25 20.03 -30.51 1.63
CA MET J 25 19.48 -29.18 1.84
C MET J 25 20.13 -28.15 0.91
N VAL J 26 21.39 -28.35 0.52
CA VAL J 26 22.00 -27.47 -0.48
C VAL J 26 21.29 -27.60 -1.82
N LEU J 27 20.98 -28.84 -2.23
CA LEU J 27 20.28 -29.04 -3.50
C LEU J 27 18.85 -28.53 -3.46
N VAL J 28 18.13 -28.79 -2.35
CA VAL J 28 16.77 -28.27 -2.21
C VAL J 28 16.76 -26.74 -2.12
N ALA J 29 17.80 -26.16 -1.50
CA ALA J 29 17.94 -24.71 -1.46
C ALA J 29 18.16 -24.13 -2.85
N ALA J 30 18.99 -24.78 -3.66
CA ALA J 30 19.23 -24.32 -5.03
C ALA J 30 17.96 -24.42 -5.87
N VAL J 31 17.18 -25.49 -5.68
CA VAL J 31 15.93 -25.66 -6.42
C VAL J 31 14.90 -24.58 -6.01
N ALA J 32 14.72 -24.40 -4.70
CA ALA J 32 13.77 -23.42 -4.20
C ALA J 32 14.19 -21.99 -4.47
N ALA J 33 15.48 -21.75 -4.70
CA ALA J 33 15.91 -20.42 -5.12
C ALA J 33 15.72 -20.24 -6.61
N SER J 34 16.02 -21.27 -7.40
CA SER J 34 15.88 -21.19 -8.86
C SER J 34 14.43 -21.08 -9.29
N VAL J 35 13.49 -21.51 -8.46
CA VAL J 35 12.09 -21.20 -8.73
C VAL J 35 11.84 -19.70 -8.64
N LEU J 36 12.30 -19.07 -7.54
CA LEU J 36 12.00 -17.67 -7.28
C LEU J 36 12.72 -16.72 -8.24
N ILE J 37 13.94 -17.07 -8.67
CA ILE J 37 14.62 -16.24 -9.65
C ILE J 37 13.94 -16.34 -11.01
N ASN J 38 13.63 -17.55 -11.46
CA ASN J 38 13.10 -17.71 -12.82
C ASN J 38 11.62 -17.37 -12.92
N THR J 39 10.90 -17.23 -11.80
CA THR J 39 9.49 -16.87 -11.90
C THR J 39 9.26 -15.37 -12.01
N SER J 40 10.31 -14.56 -11.94
CA SER J 40 10.13 -13.10 -11.91
C SER J 40 10.29 -12.44 -13.27
N GLY J 41 11.05 -13.05 -14.18
CA GLY J 41 11.30 -12.42 -15.47
C GLY J 41 10.05 -12.32 -16.33
N PHE J 42 9.20 -13.35 -16.28
CA PHE J 42 7.94 -13.34 -17.00
C PHE J 42 7.05 -12.20 -16.55
N LEU J 43 6.91 -12.03 -15.23
CA LEU J 43 6.01 -11.00 -14.74
C LEU J 43 6.61 -9.61 -14.89
N GLN J 44 7.94 -9.45 -14.83
CA GLN J 44 8.49 -8.11 -15.05
C GLN J 44 8.37 -7.71 -16.52
N GLN J 45 8.59 -8.65 -17.44
CA GLN J 45 8.48 -8.30 -18.84
C GLN J 45 7.05 -8.27 -19.33
N LYS J 46 6.10 -8.79 -18.54
CA LYS J 46 4.70 -8.57 -18.84
C LYS J 46 4.20 -7.26 -18.26
N ALA J 47 4.73 -6.85 -17.10
CA ALA J 47 4.28 -5.62 -16.48
C ALA J 47 4.95 -4.39 -17.08
N SER J 48 6.14 -4.54 -17.68
CA SER J 48 6.82 -3.39 -18.25
C SER J 48 6.16 -2.94 -19.55
N THR J 49 5.64 -3.88 -20.35
CA THR J 49 4.99 -3.52 -21.60
C THR J 49 3.63 -2.89 -21.37
N THR J 50 2.96 -3.26 -20.25
CA THR J 50 1.56 -2.88 -20.04
C THR J 50 1.42 -1.39 -19.82
N GLY J 51 2.33 -0.79 -19.06
CA GLY J 51 2.23 0.64 -18.79
C GLY J 51 2.51 1.50 -20.02
N LYS J 52 3.57 1.19 -20.74
CA LYS J 52 3.90 1.99 -21.92
C LYS J 52 3.15 1.56 -23.17
N GLU J 53 2.27 0.55 -23.08
CA GLU J 53 1.26 0.37 -24.12
C GLU J 53 -0.11 0.90 -23.72
N SER J 54 -0.37 1.07 -22.42
CA SER J 54 -1.61 1.67 -21.99
C SER J 54 -1.55 3.19 -21.97
N THR J 55 -0.35 3.77 -21.87
CA THR J 55 -0.24 5.22 -21.94
C THR J 55 -0.48 5.74 -23.36
N GLU J 56 -0.12 4.93 -24.37
CA GLU J 56 -0.33 5.33 -25.75
C GLU J 56 -1.80 5.35 -26.12
N GLN J 57 -2.63 4.53 -25.47
CA GLN J 57 -4.05 4.51 -25.78
C GLN J 57 -4.75 5.74 -25.23
N VAL J 58 -4.41 6.15 -24.00
CA VAL J 58 -5.02 7.35 -23.44
C VAL J 58 -4.41 8.62 -24.05
N ALA J 59 -3.20 8.53 -24.61
CA ALA J 59 -2.54 9.74 -25.11
C ALA J 59 -3.09 10.16 -26.47
N SER J 60 -3.22 9.22 -27.41
CA SER J 60 -3.44 9.55 -28.80
C SER J 60 -4.88 9.99 -29.06
N GLY J 61 -5.14 10.41 -30.30
CA GLY J 61 -6.46 10.91 -30.66
C GLY J 61 -6.50 11.27 -32.13
N LEU J 62 -7.62 11.86 -32.53
CA LEU J 62 -7.87 12.19 -33.93
C LEU J 62 -8.96 13.24 -33.97
N LEU J 63 -8.69 14.37 -34.61
CA LEU J 63 -9.51 15.57 -34.47
C LEU J 63 -10.02 16.05 -35.84
N ILE J 64 -11.34 16.00 -36.01
CA ILE J 64 -12.02 16.48 -37.21
C ILE J 64 -12.25 17.99 -37.10
N ASN J 65 -11.88 18.75 -38.13
CA ASN J 65 -12.01 20.21 -38.11
C ASN J 65 -12.58 20.78 -39.40
N GLY J 66 -13.66 20.19 -39.90
CA GLY J 66 -14.34 20.78 -41.04
C GLY J 66 -14.74 19.80 -42.13
N ILE J 67 -16.00 19.86 -42.58
CA ILE J 67 -16.54 18.93 -43.56
C ILE J 67 -17.25 19.74 -44.65
N THR J 68 -16.84 19.54 -45.90
CA THR J 68 -17.48 20.18 -47.04
C THR J 68 -18.07 19.12 -47.97
N GLY J 69 -18.91 19.56 -48.89
CA GLY J 69 -19.56 18.65 -49.82
C GLY J 69 -19.78 19.31 -51.16
N SER J 70 -19.77 18.49 -52.20
CA SER J 70 -19.97 18.96 -53.57
C SER J 70 -21.36 18.55 -54.08
N VAL J 71 -21.87 19.36 -55.00
CA VAL J 71 -23.20 19.19 -55.56
C VAL J 71 -23.06 19.60 -57.03
N GLY J 72 -24.14 19.53 -57.81
CA GLY J 72 -24.06 20.05 -59.16
C GLY J 72 -24.87 19.34 -60.23
N THR J 73 -25.58 18.26 -59.89
CA THR J 73 -26.56 17.69 -60.81
C THR J 73 -27.98 17.82 -60.29
N SER J 74 -28.28 17.19 -59.15
CA SER J 74 -29.50 17.49 -58.40
C SER J 74 -29.28 17.42 -56.90
N ASP J 75 -28.18 16.83 -56.42
CA ASP J 75 -28.04 16.46 -55.03
C ASP J 75 -26.56 16.22 -54.75
N VAL J 76 -26.20 16.26 -53.46
CA VAL J 76 -24.82 16.07 -53.03
C VAL J 76 -24.35 14.65 -53.33
N LYS J 77 -23.13 14.53 -53.86
CA LYS J 77 -22.60 13.20 -54.14
C LYS J 77 -21.11 13.02 -53.85
N LEU J 78 -20.42 14.03 -53.31
CA LEU J 78 -19.04 13.87 -52.87
C LEU J 78 -18.85 14.60 -51.55
N LEU J 79 -18.15 13.96 -50.61
CA LEU J 79 -17.85 14.54 -49.31
C LEU J 79 -16.34 14.66 -49.13
N ALA J 80 -15.91 15.78 -48.56
CA ALA J 80 -14.51 16.03 -48.23
C ALA J 80 -14.41 16.33 -46.75
N ILE J 81 -13.53 15.60 -46.07
CA ILE J 81 -13.36 15.69 -44.63
C ILE J 81 -11.92 16.10 -44.33
N TYR J 82 -11.75 17.21 -43.62
CA TYR J 82 -10.42 17.59 -43.19
C TYR J 82 -10.09 16.90 -41.88
N LEU J 83 -8.80 16.86 -41.54
CA LEU J 83 -8.34 15.98 -40.49
C LEU J 83 -6.96 16.43 -40.02
N ALA J 84 -6.69 16.23 -38.73
CA ALA J 84 -5.43 16.61 -38.11
C ALA J 84 -5.28 15.85 -36.80
N PRO J 85 -4.09 15.37 -36.46
CA PRO J 85 -3.93 14.61 -35.22
C PRO J 85 -3.93 15.52 -34.00
N ASN J 86 -4.37 14.97 -32.88
CA ASN J 86 -4.28 15.66 -31.61
C ASN J 86 -2.82 15.78 -31.19
N ALA J 87 -2.52 16.81 -30.41
CA ALA J 87 -1.13 17.12 -30.10
C ALA J 87 -0.60 16.33 -28.91
N GLY J 88 -0.82 15.02 -28.89
CA GLY J 88 -0.10 14.12 -28.02
C GLY J 88 0.07 12.76 -28.67
N SER J 89 -0.35 12.66 -29.92
CA SER J 89 -0.38 11.37 -30.60
C SER J 89 1.01 10.98 -31.07
N SER J 90 1.31 9.68 -31.02
CA SER J 90 2.63 9.22 -31.38
C SER J 90 2.78 9.07 -32.89
N ALA J 91 2.03 8.15 -33.48
CA ALA J 91 2.13 7.90 -34.92
C ALA J 91 0.82 7.31 -35.40
N ILE J 92 -0.01 8.13 -36.03
CA ILE J 92 -1.26 7.65 -36.60
C ILE J 92 -0.96 7.07 -37.98
N ASP J 93 -1.44 5.86 -38.23
CA ASP J 93 -1.15 5.12 -39.46
C ASP J 93 -2.44 4.99 -40.25
N LEU J 94 -2.50 5.66 -41.41
CA LEU J 94 -3.73 5.73 -42.20
C LEU J 94 -3.99 4.49 -43.03
N ALA J 95 -3.19 3.45 -42.91
CA ALA J 95 -3.48 2.24 -43.68
C ALA J 95 -4.55 1.37 -43.04
N GLN J 96 -4.96 1.68 -41.80
CA GLN J 96 -5.84 0.80 -41.04
C GLN J 96 -6.92 1.57 -40.29
N THR J 97 -7.31 2.73 -40.78
CA THR J 97 -8.37 3.53 -40.15
C THR J 97 -9.62 3.43 -41.00
N LYS J 98 -10.75 3.16 -40.36
CA LYS J 98 -11.98 2.84 -41.07
C LYS J 98 -13.11 3.78 -40.64
N VAL J 99 -13.92 4.19 -41.62
CA VAL J 99 -14.94 5.17 -41.41
C VAL J 99 -16.30 4.49 -41.44
N MET J 100 -17.14 4.76 -40.45
CA MET J 100 -18.52 4.28 -40.48
C MET J 100 -19.47 5.43 -40.75
N LEU J 101 -20.51 5.16 -41.55
CA LEU J 101 -21.56 6.12 -41.81
C LEU J 101 -22.92 5.45 -41.63
N ASP J 102 -23.93 6.23 -41.24
CA ASP J 102 -25.25 5.69 -40.89
C ASP J 102 -26.32 6.55 -41.55
N TYR J 103 -27.03 5.97 -42.52
CA TYR J 103 -28.11 6.69 -43.19
C TYR J 103 -29.07 5.71 -43.86
N ASN J 104 -30.37 5.98 -43.66
CA ASN J 104 -31.48 5.32 -44.38
C ASN J 104 -31.48 3.81 -44.16
N GLY J 105 -31.27 3.40 -42.91
CA GLY J 105 -31.17 1.99 -42.62
C GLY J 105 -29.94 1.32 -43.17
N LYS J 106 -28.89 2.08 -43.45
CA LYS J 106 -27.66 1.56 -44.01
C LYS J 106 -26.50 1.99 -43.13
N SER J 107 -25.82 1.01 -42.53
CA SER J 107 -24.59 1.22 -41.78
C SER J 107 -23.44 0.74 -42.66
N VAL J 108 -22.57 1.67 -43.04
CA VAL J 108 -21.60 1.45 -44.09
C VAL J 108 -20.20 1.57 -43.50
N VAL J 109 -19.40 0.53 -43.71
CA VAL J 109 -18.01 0.45 -43.25
C VAL J 109 -17.12 0.58 -44.48
N LEU J 110 -16.11 1.43 -44.39
CA LEU J 110 -15.20 1.66 -45.50
C LEU J 110 -13.80 1.17 -45.15
N GLY J 111 -12.90 1.22 -46.12
CA GLY J 111 -11.52 0.83 -45.94
C GLY J 111 -10.65 1.69 -46.83
N TYR J 112 -9.34 1.49 -46.72
CA TYR J 112 -8.40 2.31 -47.48
C TYR J 112 -8.36 1.87 -48.93
N GLY J 113 -8.23 2.85 -49.83
CA GLY J 113 -8.19 2.61 -51.25
C GLY J 113 -6.80 2.90 -51.82
N GLY J 114 -6.41 2.10 -52.81
CA GLY J 114 -5.08 2.18 -53.37
C GLY J 114 -4.84 3.30 -54.38
N ASN J 115 -5.08 4.53 -53.95
CA ASN J 115 -4.80 5.70 -54.78
C ASN J 115 -4.66 6.91 -53.86
N GLN J 116 -3.64 7.73 -54.11
CA GLN J 116 -3.41 8.92 -53.33
C GLN J 116 -2.78 9.98 -54.24
N ASP J 117 -2.34 11.08 -53.64
CA ASP J 117 -1.77 12.18 -54.40
C ASP J 117 -0.86 12.98 -53.48
N MET J 118 0.06 13.73 -54.09
CA MET J 118 1.01 14.58 -53.38
C MET J 118 0.78 16.06 -53.68
N SER J 119 -0.50 16.44 -53.68
CA SER J 119 -0.90 17.80 -54.05
C SER J 119 -0.57 18.81 -52.96
N SER J 120 0.71 19.15 -52.81
CA SER J 120 1.16 20.19 -51.89
C SER J 120 1.71 21.33 -52.73
N GLY J 121 0.82 22.23 -53.15
CA GLY J 121 1.20 23.34 -54.00
C GLY J 121 0.20 23.61 -55.09
N ASN J 122 -0.62 22.61 -55.41
CA ASN J 122 -1.56 22.69 -56.51
C ASN J 122 -2.94 23.13 -55.99
N SER J 123 -3.94 23.07 -56.86
CA SER J 123 -5.27 23.61 -56.60
C SER J 123 -6.32 22.64 -57.09
N SER J 124 -7.59 23.05 -56.96
CA SER J 124 -8.78 22.37 -57.49
C SER J 124 -8.90 20.95 -56.94
N VAL J 125 -9.20 20.88 -55.64
CA VAL J 125 -9.27 19.63 -54.89
C VAL J 125 -10.24 18.64 -55.52
N PHE J 126 -11.34 19.13 -56.08
CA PHE J 126 -12.35 18.27 -56.69
C PHE J 126 -12.10 18.01 -58.18
N SER J 127 -10.84 18.03 -58.62
CA SER J 127 -10.56 17.83 -60.03
C SER J 127 -9.34 16.95 -60.33
N ASN J 128 -8.83 16.18 -59.38
CA ASN J 128 -7.66 15.34 -59.60
C ASN J 128 -7.86 13.98 -58.95
N ASP J 129 -7.87 12.93 -59.78
CA ASP J 129 -7.80 11.52 -59.37
C ASP J 129 -8.95 11.12 -58.44
N THR J 130 -10.18 11.44 -58.86
CA THR J 130 -11.37 11.09 -58.09
C THR J 130 -12.17 9.95 -58.73
N GLY J 131 -11.49 9.01 -59.39
CA GLY J 131 -12.17 7.94 -60.07
C GLY J 131 -11.80 6.54 -59.65
N ALA J 132 -11.56 6.32 -58.35
CA ALA J 132 -11.27 4.99 -57.82
C ALA J 132 -12.05 4.73 -56.54
N THR J 133 -13.29 5.20 -56.51
CA THR J 133 -14.20 5.19 -55.38
C THR J 133 -15.11 3.96 -55.41
N ALA J 134 -16.26 4.07 -54.71
CA ALA J 134 -17.45 3.21 -54.62
C ALA J 134 -17.34 2.07 -53.62
N THR J 135 -16.19 1.83 -53.00
CA THR J 135 -16.19 1.07 -51.75
C THR J 135 -15.15 1.56 -50.75
N THR J 136 -14.38 2.61 -51.07
CA THR J 136 -13.26 3.04 -50.26
C THR J 136 -13.24 4.57 -50.23
N PHE J 137 -12.26 5.12 -49.51
CA PHE J 137 -12.03 6.57 -49.50
C PHE J 137 -10.67 6.86 -50.12
N GLN J 138 -10.45 8.15 -50.41
CA GLN J 138 -9.23 8.59 -51.06
C GLN J 138 -8.57 9.67 -50.21
N VAL J 139 -7.24 9.71 -50.27
CA VAL J 139 -6.42 10.48 -49.35
C VAL J 139 -5.65 11.53 -50.13
N ASN J 140 -5.71 12.78 -49.68
CA ASN J 140 -4.88 13.86 -50.21
C ASN J 140 -4.07 14.49 -49.09
N ILE J 141 -2.87 14.94 -49.44
CA ILE J 141 -1.92 15.53 -48.49
C ILE J 141 -1.88 17.02 -48.73
N LEU J 142 -2.08 17.81 -47.67
CA LEU J 142 -2.03 19.26 -47.80
C LEU J 142 -0.78 19.88 -47.21
N GLN J 143 -0.12 19.23 -46.25
CA GLN J 143 1.06 19.81 -45.60
C GLN J 143 1.88 18.70 -44.98
N ASP J 144 3.17 18.68 -45.29
CA ASP J 144 4.09 17.71 -44.70
C ASP J 144 5.50 18.27 -44.82
N TYR J 145 6.11 18.61 -43.68
CA TYR J 145 7.45 19.19 -43.72
C TYR J 145 8.50 18.13 -43.97
N ASP J 146 8.59 17.13 -43.08
CA ASP J 146 9.66 16.14 -43.12
C ASP J 146 9.28 14.89 -43.90
N ASP J 147 8.43 15.04 -44.92
CA ASP J 147 7.92 14.08 -45.91
C ASP J 147 7.73 12.66 -45.38
N SER J 148 7.12 12.54 -44.21
CA SER J 148 6.88 11.27 -43.56
C SER J 148 5.53 10.66 -43.92
N ALA J 149 4.72 11.36 -44.71
CA ALA J 149 3.43 10.85 -45.15
C ALA J 149 3.34 10.70 -46.65
N VAL J 150 4.42 10.95 -47.39
CA VAL J 150 4.39 10.83 -48.84
C VAL J 150 4.28 9.36 -49.24
N ASP J 151 5.01 8.48 -48.55
CA ASP J 151 4.84 7.05 -48.73
C ASP J 151 4.28 6.45 -47.44
N ASN J 152 3.58 5.33 -47.61
CA ASN J 152 3.08 4.37 -46.61
C ASN J 152 2.31 4.99 -45.43
N ALA J 153 1.82 6.23 -45.59
CA ALA J 153 0.70 6.80 -44.82
C ALA J 153 0.96 6.83 -43.30
N VAL J 154 1.94 7.63 -42.90
CA VAL J 154 2.26 7.83 -41.49
C VAL J 154 2.15 9.32 -41.19
N ILE J 155 1.25 9.70 -40.30
CA ILE J 155 1.05 11.08 -39.90
C ILE J 155 1.82 11.33 -38.60
N ASN J 156 2.78 12.25 -38.64
CA ASN J 156 3.49 12.67 -37.45
C ASN J 156 2.79 13.88 -36.82
N LYS J 157 3.48 14.55 -35.91
CA LYS J 157 2.86 15.65 -35.15
C LYS J 157 2.86 16.91 -35.99
N GLY J 158 1.75 17.17 -36.68
CA GLY J 158 1.61 18.45 -37.37
C GLY J 158 1.25 18.42 -38.84
N ASP J 159 0.71 17.31 -39.34
CA ASP J 159 0.34 17.23 -40.74
C ASP J 159 -1.09 17.71 -40.98
N ALA J 160 -1.52 17.64 -42.23
CA ALA J 160 -2.89 17.97 -42.61
C ALA J 160 -3.27 17.10 -43.80
N VAL J 161 -4.29 16.27 -43.63
CA VAL J 161 -4.67 15.25 -44.60
C VAL J 161 -6.17 15.34 -44.82
N ALA J 162 -6.60 15.40 -46.09
CA ALA J 162 -8.00 15.42 -46.40
C ALA J 162 -8.45 14.07 -46.95
N LEU J 163 -9.73 13.75 -46.71
CA LEU J 163 -10.33 12.51 -47.18
C LEU J 163 -11.45 12.85 -48.14
N ILE J 164 -11.61 12.04 -49.18
CA ILE J 164 -12.69 12.19 -50.16
C ILE J 164 -13.46 10.88 -50.23
N VAL J 165 -14.78 10.96 -50.06
CA VAL J 165 -15.67 9.82 -50.12
C VAL J 165 -16.76 10.13 -51.14
N ASP J 166 -17.07 9.15 -52.00
CA ASP J 166 -18.17 9.28 -52.94
C ASP J 166 -19.43 8.67 -52.35
N VAL J 167 -20.56 9.35 -52.54
CA VAL J 167 -21.82 8.98 -51.89
C VAL J 167 -22.75 8.27 -52.86
N ASN J 168 -22.80 8.74 -54.12
CA ASN J 168 -23.74 8.22 -55.11
C ASN J 168 -23.44 6.75 -55.43
N ALA J 169 -22.18 6.38 -55.51
CA ALA J 169 -21.80 5.02 -55.86
C ALA J 169 -21.52 4.15 -54.65
N SER J 170 -21.88 4.61 -53.45
CA SER J 170 -21.66 3.81 -52.25
C SER J 170 -22.95 3.64 -51.45
N PHE J 171 -23.88 4.59 -51.57
CA PHE J 171 -25.19 4.45 -50.95
C PHE J 171 -26.27 4.02 -51.93
N ALA J 172 -25.93 3.98 -53.23
CA ALA J 172 -26.85 3.73 -54.34
C ALA J 172 -28.04 4.67 -54.32
N GLY J 173 -27.77 5.97 -54.42
CA GLY J 173 -28.82 6.96 -54.38
C GLY J 173 -28.32 8.38 -54.20
N GLU J 174 -28.96 9.13 -53.31
CA GLU J 174 -28.60 10.53 -53.09
C GLU J 174 -28.62 10.80 -51.59
N ILE J 175 -28.46 12.07 -51.21
CA ILE J 175 -28.56 12.51 -49.83
C ILE J 175 -29.34 13.83 -49.80
N PRO J 176 -30.66 13.77 -49.65
CA PRO J 176 -31.49 14.98 -49.71
C PRO J 176 -31.32 15.83 -48.44
N GLU J 177 -32.02 16.95 -48.44
CA GLU J 177 -31.90 17.92 -47.36
C GLU J 177 -32.72 17.47 -46.15
N ARG J 178 -32.53 18.21 -45.04
CA ARG J 178 -33.23 18.03 -43.77
C ARG J 178 -33.01 16.63 -43.19
N THR J 179 -31.79 16.13 -43.29
CA THR J 179 -31.42 14.83 -42.73
C THR J 179 -30.41 15.03 -41.60
N ALA J 180 -30.13 13.93 -40.90
CA ALA J 180 -29.20 13.94 -39.77
C ALA J 180 -28.43 12.63 -39.77
N ILE J 181 -27.10 12.72 -39.87
CA ILE J 181 -26.23 11.56 -40.01
C ILE J 181 -25.10 11.65 -39.00
N SER J 182 -24.84 10.54 -38.31
CA SER J 182 -23.69 10.40 -37.42
C SER J 182 -22.66 9.47 -38.05
N GLY J 183 -21.54 9.29 -37.36
CA GLY J 183 -20.49 8.43 -37.84
C GLY J 183 -19.20 8.65 -37.09
N LYS J 184 -18.32 7.66 -37.16
CA LYS J 184 -17.06 7.68 -36.43
C LYS J 184 -15.91 7.23 -37.33
N VAL J 185 -14.70 7.70 -36.97
CA VAL J 185 -13.49 7.60 -37.77
C VAL J 185 -12.41 6.90 -36.94
N GLN J 186 -12.78 5.80 -36.25
CA GLN J 186 -11.95 5.03 -35.33
C GLN J 186 -10.54 4.75 -35.86
N PRO J 187 -9.49 5.22 -35.17
CA PRO J 187 -8.13 4.81 -35.52
C PRO J 187 -7.80 3.41 -35.00
N GLU J 188 -6.52 3.02 -35.11
CA GLU J 188 -6.09 1.72 -34.62
C GLU J 188 -6.19 1.62 -33.11
N PHE J 189 -5.67 2.61 -32.39
CA PHE J 189 -5.63 2.54 -30.94
C PHE J 189 -6.00 3.84 -30.22
N GLY J 190 -6.31 4.91 -30.93
CA GLY J 190 -6.60 6.18 -30.28
C GLY J 190 -8.05 6.35 -29.87
N ALA J 191 -8.54 7.59 -29.94
CA ALA J 191 -9.91 7.93 -29.62
C ALA J 191 -10.59 8.55 -30.83
N PRO J 192 -11.82 8.14 -31.13
CA PRO J 192 -12.43 8.53 -32.41
C PRO J 192 -12.95 9.95 -32.39
N GLY J 193 -13.07 10.51 -33.59
CA GLY J 193 -13.74 11.78 -33.81
C GLY J 193 -15.14 11.53 -34.37
N VAL J 194 -16.11 12.28 -33.87
CA VAL J 194 -17.53 12.03 -34.13
C VAL J 194 -18.00 13.04 -35.17
N ILE J 195 -18.88 12.58 -36.08
CA ILE J 195 -19.33 13.36 -37.22
C ILE J 195 -20.80 13.70 -37.04
N SER J 196 -21.18 14.95 -37.33
CA SER J 196 -22.58 15.36 -37.34
C SER J 196 -22.74 16.52 -38.32
N PHE J 197 -23.49 16.30 -39.40
CA PHE J 197 -23.59 17.26 -40.50
C PHE J 197 -25.04 17.43 -40.94
N THR J 198 -25.93 17.72 -39.99
CA THR J 198 -27.36 17.96 -40.23
C THR J 198 -27.58 19.03 -41.31
N THR J 199 -28.21 18.61 -42.40
CA THR J 199 -28.14 19.31 -43.67
C THR J 199 -28.99 20.59 -43.64
N PRO J 200 -28.58 21.62 -44.40
CA PRO J 200 -29.39 22.84 -44.47
C PRO J 200 -30.66 22.62 -45.29
N ALA J 201 -31.56 23.58 -45.19
CA ALA J 201 -32.88 23.48 -45.79
C ALA J 201 -32.94 24.00 -47.23
N SER J 202 -31.80 24.41 -47.79
CA SER J 202 -31.79 24.95 -49.15
C SER J 202 -30.40 24.78 -49.75
N TYR J 203 -30.34 24.38 -51.01
CA TYR J 203 -29.10 24.31 -51.76
C TYR J 203 -29.06 25.47 -52.75
N THR J 204 -28.01 26.29 -52.67
CA THR J 204 -27.89 27.48 -53.49
C THR J 204 -26.75 27.40 -54.50
N THR J 205 -25.53 27.19 -54.02
CA THR J 205 -24.36 27.24 -54.88
C THR J 205 -23.90 25.83 -55.24
N THR J 206 -22.86 25.75 -56.05
CA THR J 206 -22.30 24.47 -56.47
C THR J 206 -21.31 23.89 -55.48
N LEU J 207 -21.12 24.54 -54.32
CA LEU J 207 -20.18 24.06 -53.31
C LEU J 207 -20.70 24.54 -51.96
N VAL J 208 -21.37 23.65 -51.24
CA VAL J 208 -22.07 24.01 -50.01
C VAL J 208 -21.24 23.55 -48.81
N GLU J 209 -21.22 24.38 -47.77
CA GLU J 209 -20.57 24.03 -46.52
C GLU J 209 -21.51 23.21 -45.65
N LEU J 210 -20.94 22.29 -44.90
CA LEU J 210 -21.76 21.43 -44.05
C LEU J 210 -21.33 21.47 -42.59
N GLN J 211 -20.03 21.54 -42.32
CA GLN J 211 -19.56 21.69 -40.95
C GLN J 211 -18.24 22.44 -40.91
N ALA K 13 24.28 -28.29 10.69
CA ALA K 13 23.71 -29.13 9.64
C ALA K 13 22.55 -28.43 8.96
N SER K 14 21.58 -27.98 9.75
CA SER K 14 20.42 -27.27 9.23
C SER K 14 20.49 -25.77 9.52
N GLY K 15 21.70 -25.23 9.60
CA GLY K 15 21.87 -23.80 9.82
C GLY K 15 22.24 -23.06 8.55
N ILE K 16 21.61 -23.43 7.43
CA ILE K 16 21.89 -22.82 6.13
C ILE K 16 20.60 -22.10 5.75
N GLY K 17 19.90 -21.56 6.75
CA GLY K 17 18.66 -20.85 6.51
C GLY K 17 18.81 -19.53 5.79
N THR K 18 20.03 -18.99 5.69
CA THR K 18 20.25 -17.75 4.95
C THR K 18 20.35 -17.99 3.44
N LEU K 19 20.98 -19.09 3.03
CA LEU K 19 21.19 -19.37 1.61
C LEU K 19 19.88 -19.71 0.90
N ILE K 20 18.87 -20.13 1.65
CA ILE K 20 17.58 -20.47 1.07
C ILE K 20 16.81 -19.20 0.69
N VAL K 21 16.74 -18.26 1.63
CA VAL K 21 15.76 -17.19 1.55
C VAL K 21 16.41 -15.82 1.35
N PHE K 22 17.54 -15.54 2.01
CA PHE K 22 18.06 -14.18 2.14
C PHE K 22 18.54 -13.63 0.81
N ILE K 23 19.46 -14.34 0.14
CA ILE K 23 20.05 -13.87 -1.11
C ILE K 23 19.01 -13.82 -2.21
N ALA K 24 18.10 -14.81 -2.23
CA ALA K 24 17.05 -14.86 -3.23
C ALA K 24 16.07 -13.71 -3.07
N MET K 25 15.68 -13.39 -1.84
CA MET K 25 14.76 -12.27 -1.65
C MET K 25 15.44 -10.92 -1.85
N VAL K 26 16.74 -10.83 -1.60
CA VAL K 26 17.46 -9.59 -1.92
C VAL K 26 17.49 -9.37 -3.44
N LEU K 27 17.73 -10.43 -4.21
CA LEU K 27 17.75 -10.29 -5.66
C LEU K 27 16.36 -10.00 -6.24
N VAL K 28 15.33 -10.69 -5.73
CA VAL K 28 13.96 -10.44 -6.18
C VAL K 28 13.51 -9.04 -5.76
N ALA K 29 13.97 -8.56 -4.60
CA ALA K 29 13.68 -7.20 -4.15
C ALA K 29 14.32 -6.17 -5.07
N ALA K 30 15.57 -6.41 -5.48
CA ALA K 30 16.24 -5.50 -6.40
C ALA K 30 15.56 -5.47 -7.76
N VAL K 31 15.09 -6.64 -8.24
CA VAL K 31 14.39 -6.71 -9.52
C VAL K 31 13.05 -5.96 -9.45
N ALA K 32 12.27 -6.24 -8.40
CA ALA K 32 10.96 -5.62 -8.24
C ALA K 32 11.06 -4.13 -7.92
N ALA K 33 12.20 -3.66 -7.42
CA ALA K 33 12.40 -2.24 -7.25
C ALA K 33 12.84 -1.59 -8.56
N SER K 34 13.73 -2.26 -9.31
CA SER K 34 14.22 -1.72 -10.56
C SER K 34 13.14 -1.67 -11.64
N VAL K 35 12.08 -2.47 -11.50
CA VAL K 35 10.92 -2.26 -12.37
C VAL K 35 10.26 -0.91 -12.06
N LEU K 36 10.01 -0.62 -10.78
CA LEU K 36 9.26 0.56 -10.40
C LEU K 36 10.04 1.85 -10.62
N ILE K 37 11.36 1.81 -10.45
CA ILE K 37 12.16 3.01 -10.74
C ILE K 37 12.19 3.27 -12.24
N ASN K 38 12.45 2.25 -13.04
CA ASN K 38 12.64 2.48 -14.48
C ASN K 38 11.31 2.65 -15.23
N THR K 39 10.18 2.32 -14.62
CA THR K 39 8.92 2.51 -15.33
C THR K 39 8.36 3.93 -15.20
N SER K 40 9.02 4.80 -14.43
CA SER K 40 8.46 6.12 -14.16
C SER K 40 9.01 7.21 -15.06
N GLY K 41 10.23 7.03 -15.59
CA GLY K 41 10.84 8.08 -16.40
C GLY K 41 10.12 8.30 -17.72
N PHE K 42 9.65 7.21 -18.33
CA PHE K 42 8.88 7.30 -19.57
C PHE K 42 7.60 8.11 -19.37
N LEU K 43 6.86 7.81 -18.31
CA LEU K 43 5.61 8.50 -18.11
C LEU K 43 5.80 9.93 -17.62
N GLN K 44 6.87 10.22 -16.87
CA GLN K 44 7.08 11.61 -16.48
C GLN K 44 7.53 12.46 -17.66
N GLN K 45 8.36 11.92 -18.55
CA GLN K 45 8.79 12.69 -19.69
C GLN K 45 7.77 12.70 -20.81
N LYS K 46 6.77 11.83 -20.74
CA LYS K 46 5.64 11.95 -21.64
C LYS K 46 4.60 12.94 -21.11
N ALA K 47 4.43 13.00 -19.79
CA ALA K 47 3.43 13.89 -19.21
C ALA K 47 3.94 15.33 -19.10
N SER K 48 5.26 15.53 -19.04
CA SER K 48 5.78 16.88 -18.92
C SER K 48 5.67 17.65 -20.23
N THR K 49 5.83 16.96 -21.37
CA THR K 49 5.73 17.63 -22.65
C THR K 49 4.29 17.96 -23.00
N THR K 50 3.33 17.18 -22.49
CA THR K 50 1.95 17.29 -22.93
C THR K 50 1.31 18.59 -22.48
N GLY K 51 1.59 19.02 -21.25
CA GLY K 51 1.01 20.25 -20.75
C GLY K 51 1.55 21.49 -21.44
N LYS K 52 2.87 21.58 -21.59
CA LYS K 52 3.45 22.75 -22.22
C LYS K 52 3.47 22.67 -23.75
N GLU K 53 2.95 21.59 -24.34
CA GLU K 53 2.59 21.63 -25.75
C GLU K 53 1.11 21.83 -25.98
N SER K 54 0.26 21.52 -24.99
CA SER K 54 -1.16 21.79 -25.11
C SER K 54 -1.52 23.22 -24.73
N THR K 55 -0.69 23.87 -23.91
CA THR K 55 -0.95 25.27 -23.58
C THR K 55 -0.68 26.17 -24.78
N GLU K 56 0.29 25.81 -25.62
CA GLU K 56 0.61 26.62 -26.79
C GLU K 56 -0.49 26.58 -27.83
N GLN K 57 -1.26 25.48 -27.88
CA GLN K 57 -2.35 25.39 -28.86
C GLN K 57 -3.52 26.27 -28.47
N VAL K 58 -3.87 26.29 -27.19
CA VAL K 58 -4.97 27.16 -26.75
C VAL K 58 -4.52 28.62 -26.67
N ALA K 59 -3.22 28.87 -26.55
CA ALA K 59 -2.76 30.25 -26.37
C ALA K 59 -2.73 31.02 -27.68
N SER K 60 -2.19 30.43 -28.74
CA SER K 60 -1.85 31.18 -29.94
C SER K 60 -3.09 31.49 -30.77
N GLY K 61 -2.88 32.25 -31.84
CA GLY K 61 -3.99 32.68 -32.69
C GLY K 61 -3.47 33.49 -33.86
N LEU K 62 -4.42 34.04 -34.61
CA LEU K 62 -4.10 34.77 -35.84
C LEU K 62 -5.31 35.63 -36.18
N LEU K 63 -5.09 36.93 -36.32
CA LEU K 63 -6.18 37.92 -36.35
C LEU K 63 -6.15 38.74 -37.63
N ILE K 64 -7.19 38.59 -38.45
CA ILE K 64 -7.37 39.36 -39.68
C ILE K 64 -8.02 40.70 -39.36
N ASN K 65 -7.46 41.79 -39.88
CA ASN K 65 -7.97 43.14 -39.58
C ASN K 65 -8.04 44.03 -40.82
N GLY K 66 -8.59 43.50 -41.92
CA GLY K 66 -8.84 44.34 -43.08
C GLY K 66 -8.42 43.73 -44.41
N ILE K 67 -9.32 43.77 -45.40
CA ILE K 67 -9.11 43.17 -46.70
C ILE K 67 -9.46 44.19 -47.78
N THR K 68 -8.51 44.47 -48.67
CA THR K 68 -8.72 45.36 -49.80
C THR K 68 -8.52 44.60 -51.10
N GLY K 69 -8.97 45.21 -52.19
CA GLY K 69 -8.86 44.58 -53.50
C GLY K 69 -8.64 45.61 -54.59
N SER K 70 -7.95 45.18 -55.64
CA SER K 70 -7.66 46.04 -56.77
C SER K 70 -8.51 45.67 -57.98
N VAL K 71 -8.75 46.66 -58.83
CA VAL K 71 -9.60 46.53 -60.01
C VAL K 71 -8.96 47.41 -61.07
N GLY K 72 -9.51 47.46 -62.28
CA GLY K 72 -8.99 48.40 -63.25
C GLY K 72 -9.02 47.98 -64.70
N THR K 73 -9.49 46.78 -65.02
CA THR K 73 -9.76 46.42 -66.41
C THR K 73 -11.25 46.19 -66.65
N SER K 74 -11.83 45.19 -66.01
CA SER K 74 -13.29 45.07 -65.91
C SER K 74 -13.75 44.53 -64.56
N ASP K 75 -12.86 43.97 -63.75
CA ASP K 75 -13.25 43.18 -62.59
C ASP K 75 -12.04 43.05 -61.68
N VAL K 76 -12.30 42.70 -60.41
CA VAL K 76 -11.26 42.56 -59.40
C VAL K 76 -10.35 41.40 -59.75
N LYS K 77 -9.03 41.61 -59.61
CA LYS K 77 -8.09 40.52 -59.87
C LYS K 77 -6.90 40.45 -58.92
N LEU K 78 -6.81 41.30 -57.90
CA LEU K 78 -5.79 41.17 -56.87
C LEU K 78 -6.40 41.46 -55.50
N LEU K 79 -6.04 40.63 -54.53
CA LEU K 79 -6.51 40.78 -53.15
C LEU K 79 -5.33 41.03 -52.22
N ALA K 80 -5.52 41.94 -51.27
CA ALA K 80 -4.54 42.24 -50.25
C ALA K 80 -5.17 42.05 -48.89
N ILE K 81 -4.52 41.25 -48.04
CA ILE K 81 -5.04 40.89 -46.73
C ILE K 81 -4.05 41.35 -45.68
N TYR K 82 -4.51 42.18 -44.74
CA TYR K 82 -3.67 42.56 -43.62
C TYR K 82 -3.78 41.52 -42.52
N LEU K 83 -2.81 41.53 -41.62
CA LEU K 83 -2.64 40.41 -40.69
C LEU K 83 -1.79 40.86 -39.52
N ALA K 84 -2.07 40.28 -38.35
CA ALA K 84 -1.36 40.59 -37.10
C ALA K 84 -1.60 39.48 -36.12
N PRO K 85 -0.60 39.06 -35.34
CA PRO K 85 -0.81 37.96 -34.39
C PRO K 85 -1.58 38.41 -33.17
N ASN K 86 -2.31 37.47 -32.58
CA ASN K 86 -2.99 37.71 -31.32
C ASN K 86 -1.96 37.86 -30.21
N ALA K 87 -2.32 38.61 -29.17
CA ALA K 87 -1.35 38.98 -28.14
C ALA K 87 -1.20 37.91 -27.06
N GLY K 88 -1.05 36.66 -27.47
CA GLY K 88 -0.57 35.62 -26.58
C GLY K 88 0.23 34.58 -27.34
N SER K 89 0.45 34.84 -28.62
CA SER K 89 1.07 33.85 -29.49
C SER K 89 2.58 33.82 -29.28
N SER K 90 3.15 32.63 -29.38
CA SER K 90 4.58 32.48 -29.12
C SER K 90 5.41 32.86 -30.34
N ALA K 91 5.27 32.09 -31.43
CA ALA K 91 6.07 32.35 -32.62
C ALA K 91 5.31 31.78 -33.82
N ILE K 92 4.64 32.65 -34.58
CA ILE K 92 3.97 32.24 -35.79
C ILE K 92 4.98 32.19 -36.92
N ASP K 93 5.01 31.08 -37.65
CA ASP K 93 5.99 30.82 -38.70
C ASP K 93 5.27 30.81 -40.04
N LEU K 94 5.55 31.81 -40.88
CA LEU K 94 4.82 31.97 -42.14
C LEU K 94 5.30 31.05 -43.25
N ALA K 95 6.22 30.14 -42.99
CA ALA K 95 6.64 29.22 -44.05
C ALA K 95 5.67 28.06 -44.23
N GLN K 96 4.69 27.89 -43.35
CA GLN K 96 3.84 26.71 -43.34
C GLN K 96 2.38 27.05 -43.08
N THR K 97 1.94 28.25 -43.43
CA THR K 97 0.55 28.67 -43.25
C THR K 97 -0.12 28.69 -44.61
N LYS K 98 -1.30 28.08 -44.71
CA LYS K 98 -1.96 27.86 -45.99
C LYS K 98 -3.36 28.45 -45.98
N VAL K 99 -3.73 29.06 -47.10
CA VAL K 99 -4.98 29.79 -47.23
C VAL K 99 -5.94 28.98 -48.09
N MET K 100 -7.17 28.79 -47.61
CA MET K 100 -8.20 28.19 -48.44
C MET K 100 -9.21 29.24 -48.88
N LEU K 101 -9.67 29.12 -50.12
CA LEU K 101 -10.73 29.97 -50.66
C LEU K 101 -11.78 29.10 -51.33
N ASP K 102 -13.02 29.58 -51.34
CA ASP K 102 -14.17 28.81 -51.83
C ASP K 102 -15.03 29.67 -52.73
N TYR K 103 -15.05 29.37 -54.02
CA TYR K 103 -15.88 30.13 -54.95
C TYR K 103 -16.14 29.32 -56.22
N ASN K 104 -17.41 29.33 -56.65
CA ASN K 104 -17.86 28.82 -57.96
C ASN K 104 -17.56 27.32 -58.11
N GLY K 105 -17.82 26.56 -57.05
CA GLY K 105 -17.48 25.16 -57.08
C GLY K 105 -16.00 24.87 -57.07
N LYS K 106 -15.18 25.80 -56.60
CA LYS K 106 -13.74 25.66 -56.57
C LYS K 106 -13.26 25.91 -55.16
N SER K 107 -12.67 24.88 -54.55
CA SER K 107 -12.00 24.99 -53.26
C SER K 107 -10.51 24.98 -53.52
N VAL K 108 -9.84 26.08 -53.19
CA VAL K 108 -8.48 26.35 -53.64
C VAL K 108 -7.58 26.44 -52.42
N VAL K 109 -6.52 25.63 -52.42
CA VAL K 109 -5.52 25.59 -51.37
C VAL K 109 -4.25 26.22 -51.92
N LEU K 110 -3.65 27.11 -51.15
CA LEU K 110 -2.44 27.81 -51.56
C LEU K 110 -1.27 27.41 -50.67
N GLY K 111 -0.09 27.89 -51.03
CA GLY K 111 1.12 27.64 -50.28
C GLY K 111 2.03 28.85 -50.39
N TYR K 112 3.16 28.79 -49.69
CA TYR K 112 4.08 29.92 -49.66
C TYR K 112 4.87 30.00 -50.96
N GLY K 113 5.11 31.23 -51.41
CA GLY K 113 5.84 31.47 -52.64
C GLY K 113 7.19 32.10 -52.36
N GLY K 114 8.18 31.74 -53.18
CA GLY K 114 9.55 32.16 -52.94
C GLY K 114 9.89 33.56 -53.42
N ASN K 115 9.17 34.56 -52.91
CA ASN K 115 9.45 35.96 -53.19
C ASN K 115 8.84 36.80 -52.08
N GLN K 116 9.60 37.77 -51.60
CA GLN K 116 9.14 38.67 -50.55
C GLN K 116 9.79 40.03 -50.76
N ASP K 117 9.61 40.93 -49.79
CA ASP K 117 10.13 42.27 -49.88
C ASP K 117 10.30 42.84 -48.49
N MET K 118 11.15 43.85 -48.36
CA MET K 118 11.42 44.53 -47.10
C MET K 118 10.95 45.98 -47.14
N SER K 119 9.76 46.20 -47.69
CA SER K 119 9.20 47.53 -47.89
C SER K 119 8.73 48.15 -46.59
N SER K 120 9.68 48.59 -45.74
CA SER K 120 9.37 49.30 -44.52
C SER K 120 9.90 50.72 -44.68
N GLY K 121 9.09 51.59 -45.27
CA GLY K 121 9.48 52.96 -45.53
C GLY K 121 9.04 53.45 -46.89
N ASN K 122 8.75 52.51 -47.79
CA ASN K 122 8.40 52.83 -49.17
C ASN K 122 6.88 52.90 -49.33
N SER K 123 6.42 53.00 -50.57
CA SER K 123 5.02 53.25 -50.88
C SER K 123 4.60 52.38 -52.05
N SER K 124 3.34 52.56 -52.47
CA SER K 124 2.74 51.95 -53.67
C SER K 124 2.78 50.42 -53.60
N VAL K 125 1.96 49.89 -52.67
CA VAL K 125 1.92 48.46 -52.36
C VAL K 125 1.62 47.61 -53.61
N PHE K 126 0.79 48.13 -54.51
CA PHE K 126 0.43 47.40 -55.72
C PHE K 126 1.38 47.67 -56.89
N SER K 127 2.65 48.00 -56.63
CA SER K 127 3.56 48.30 -57.72
C SER K 127 4.97 47.75 -57.55
N ASN K 128 5.19 46.76 -56.68
CA ASN K 128 6.52 46.20 -56.48
C ASN K 128 6.44 44.68 -56.33
N ASP K 129 7.07 43.97 -57.28
CA ASP K 129 7.33 42.53 -57.21
C ASP K 129 6.05 41.71 -57.11
N THR K 130 5.09 41.99 -57.99
CA THR K 130 3.82 41.26 -58.03
C THR K 130 3.73 40.31 -59.22
N GLY K 131 4.85 39.73 -59.64
CA GLY K 131 4.86 38.87 -60.80
C GLY K 131 5.38 37.45 -60.58
N ALA K 132 5.06 36.86 -59.42
CA ALA K 132 5.45 35.48 -59.13
C ALA K 132 4.28 34.71 -58.51
N THR K 133 3.08 34.99 -59.01
CA THR K 133 1.80 34.50 -58.52
C THR K 133 1.37 33.23 -59.27
N ALA K 134 0.05 32.96 -59.24
CA ALA K 134 -0.78 31.98 -59.95
C ALA K 134 -0.82 30.59 -59.33
N THR K 135 -0.05 30.32 -58.28
CA THR K 135 -0.38 29.19 -57.42
C THR K 135 -0.06 29.45 -55.95
N THR K 136 0.44 30.63 -55.59
CA THR K 136 0.93 30.92 -54.25
C THR K 136 0.53 32.33 -53.87
N PHE K 137 0.89 32.74 -52.67
CA PHE K 137 0.70 34.11 -52.20
C PHE K 137 2.06 34.78 -51.97
N GLN K 138 2.02 36.09 -51.82
CA GLN K 138 3.24 36.87 -51.65
C GLN K 138 3.15 37.68 -50.37
N VAL K 139 4.31 37.91 -49.74
CA VAL K 139 4.39 38.44 -48.39
C VAL K 139 5.11 39.77 -48.41
N ASN K 140 4.52 40.79 -47.78
CA ASN K 140 5.16 42.07 -47.57
C ASN K 140 5.20 42.40 -46.09
N ILE K 141 6.27 43.09 -45.67
CA ILE K 141 6.49 43.44 -44.27
C ILE K 141 6.23 44.92 -44.11
N LEU K 142 5.39 45.29 -43.14
CA LEU K 142 5.10 46.69 -42.89
C LEU K 142 5.74 47.24 -41.64
N GLN K 143 6.06 46.39 -40.66
CA GLN K 143 6.62 46.87 -39.40
C GLN K 143 7.35 45.73 -38.71
N ASP K 144 8.61 45.98 -38.33
CA ASP K 144 9.39 44.99 -37.61
C ASP K 144 10.50 45.74 -36.86
N TYR K 145 10.43 45.76 -35.54
CA TYR K 145 11.43 46.47 -34.76
C TYR K 145 12.74 45.69 -34.69
N ASP K 146 12.69 44.48 -34.13
CA ASP K 146 13.89 43.70 -33.84
C ASP K 146 14.24 42.74 -34.96
N ASP K 147 13.93 43.11 -36.22
CA ASP K 147 14.18 42.47 -37.52
C ASP K 147 14.18 40.94 -37.50
N SER K 148 13.16 40.38 -36.84
CA SER K 148 13.01 38.94 -36.71
C SER K 148 12.18 38.33 -37.82
N ALA K 149 11.65 39.14 -38.73
CA ALA K 149 10.88 38.64 -39.86
C ALA K 149 11.50 38.98 -41.20
N VAL K 150 12.68 39.60 -41.22
CA VAL K 150 13.33 39.95 -42.47
C VAL K 150 13.82 38.69 -43.19
N ASP K 151 14.36 37.74 -42.44
CA ASP K 151 14.69 36.44 -43.00
C ASP K 151 13.80 35.39 -42.34
N ASN K 152 13.57 34.31 -43.10
CA ASN K 152 12.97 33.01 -42.73
C ASN K 152 11.62 33.10 -41.99
N ALA K 153 10.94 34.26 -42.08
CA ALA K 153 9.48 34.40 -41.86
C ALA K 153 9.03 33.96 -40.47
N VAL K 154 9.48 34.69 -39.46
CA VAL K 154 9.07 34.46 -38.07
C VAL K 154 8.46 35.74 -37.53
N ILE K 155 7.18 35.69 -37.16
CA ILE K 155 6.46 36.83 -36.61
C ILE K 155 6.49 36.73 -35.09
N ASN K 156 7.07 37.73 -34.44
CA ASN K 156 7.06 37.81 -32.98
C ASN K 156 5.85 38.65 -32.54
N LYS K 157 5.84 39.06 -31.28
CA LYS K 157 4.70 39.77 -30.70
C LYS K 157 4.73 41.23 -31.12
N GLY K 158 4.01 41.56 -32.20
CA GLY K 158 3.84 42.95 -32.55
C GLY K 158 4.19 43.37 -33.96
N ASP K 159 4.25 42.43 -34.90
CA ASP K 159 4.57 42.76 -36.28
C ASP K 159 3.31 43.10 -37.08
N ALA K 160 3.52 43.40 -38.36
CA ALA K 160 2.42 43.67 -39.29
C ALA K 160 2.86 43.19 -40.67
N VAL K 161 2.13 42.23 -41.23
CA VAL K 161 2.51 41.55 -42.46
C VAL K 161 1.29 41.52 -43.37
N ALA K 162 1.47 41.94 -44.62
CA ALA K 162 0.40 41.88 -45.59
C ALA K 162 0.62 40.74 -46.59
N LEU K 163 -0.48 40.21 -47.10
CA LEU K 163 -0.46 39.13 -48.08
C LEU K 163 -1.09 39.63 -49.36
N ILE K 164 -0.56 39.18 -50.49
CA ILE K 164 -1.08 39.51 -51.81
C ILE K 164 -1.35 38.22 -52.55
N VAL K 165 -2.59 38.07 -53.05
CA VAL K 165 -3.02 36.90 -53.81
C VAL K 165 -3.59 37.39 -55.14
N ASP K 166 -3.21 36.73 -56.23
CA ASP K 166 -3.78 37.01 -57.54
C ASP K 166 -4.95 36.09 -57.82
N VAL K 167 -6.01 36.65 -58.38
CA VAL K 167 -7.27 35.93 -58.56
C VAL K 167 -7.46 35.47 -60.00
N ASN K 168 -7.08 36.31 -60.96
CA ASN K 168 -7.30 36.03 -62.38
C ASN K 168 -6.52 34.80 -62.84
N ALA K 169 -5.29 34.64 -62.35
CA ALA K 169 -4.45 33.54 -62.76
C ALA K 169 -4.51 32.36 -61.81
N SER K 170 -5.47 32.34 -60.88
CA SER K 170 -5.60 31.23 -59.95
C SER K 170 -7.00 30.65 -59.97
N PHE K 171 -7.99 31.46 -60.32
CA PHE K 171 -9.35 30.95 -60.48
C PHE K 171 -9.73 30.74 -61.94
N ALA K 172 -8.87 31.17 -62.87
CA ALA K 172 -9.09 31.18 -64.31
C ALA K 172 -10.38 31.92 -64.67
N GLY K 173 -10.45 33.20 -64.33
CA GLY K 173 -11.64 33.98 -64.61
C GLY K 173 -11.67 35.31 -63.88
N GLU K 174 -12.81 35.65 -63.28
CA GLU K 174 -12.98 36.92 -62.60
C GLU K 174 -13.73 36.68 -61.29
N ILE K 175 -14.09 37.76 -60.62
CA ILE K 175 -14.91 37.71 -59.40
C ILE K 175 -15.95 38.83 -59.48
N PRO K 176 -17.13 38.56 -60.02
CA PRO K 176 -18.14 39.61 -60.21
C PRO K 176 -18.79 40.00 -58.89
N GLU K 177 -19.68 40.98 -58.97
CA GLU K 177 -20.32 41.54 -57.80
C GLU K 177 -21.44 40.62 -57.29
N ARG K 178 -21.95 40.97 -56.11
CA ARG K 178 -23.07 40.29 -55.44
C ARG K 178 -22.76 38.81 -55.16
N THR K 179 -21.53 38.53 -54.75
CA THR K 179 -21.11 37.19 -54.38
C THR K 179 -20.79 37.12 -52.89
N ALA K 180 -20.57 35.90 -52.41
CA ALA K 180 -20.27 35.65 -51.01
C ALA K 180 -19.26 34.53 -50.91
N ILE K 181 -18.10 34.81 -50.30
CA ILE K 181 -16.98 33.88 -50.26
C ILE K 181 -16.48 33.77 -48.83
N SER K 182 -16.26 32.54 -48.38
CA SER K 182 -15.63 32.26 -47.09
C SER K 182 -14.22 31.73 -47.30
N GLY K 183 -13.53 31.47 -46.21
CA GLY K 183 -12.17 30.96 -46.27
C GLY K 183 -11.46 31.08 -44.95
N LYS K 184 -10.40 30.29 -44.80
CA LYS K 184 -9.65 30.21 -43.55
C LYS K 184 -8.14 30.24 -43.83
N VAL K 185 -7.41 30.71 -42.81
CA VAL K 185 -5.98 31.04 -42.90
C VAL K 185 -5.23 30.24 -41.83
N GLN K 186 -5.56 28.95 -41.68
CA GLN K 186 -5.05 28.02 -40.67
C GLN K 186 -3.53 28.11 -40.47
N PRO K 187 -3.06 28.45 -39.27
CA PRO K 187 -1.62 28.35 -38.97
C PRO K 187 -1.20 26.92 -38.69
N GLU K 188 0.04 26.76 -38.23
CA GLU K 188 0.55 25.43 -37.90
C GLU K 188 -0.17 24.82 -36.71
N PHE K 189 -0.32 25.59 -35.63
CA PHE K 189 -0.89 25.04 -34.40
C PHE K 189 -1.88 25.97 -33.70
N GLY K 190 -2.12 27.17 -34.21
CA GLY K 190 -3.00 28.10 -33.52
C GLY K 190 -4.47 27.96 -33.86
N ALA K 191 -5.19 29.08 -33.88
CA ALA K 191 -6.60 29.11 -34.22
C ALA K 191 -6.81 30.00 -35.44
N PRO K 192 -7.61 29.56 -36.40
CA PRO K 192 -7.69 30.27 -37.69
C PRO K 192 -8.53 31.54 -37.61
N GLY K 193 -8.25 32.44 -38.54
CA GLY K 193 -9.08 33.62 -38.78
C GLY K 193 -9.95 33.39 -39.99
N VAL K 194 -11.21 33.81 -39.89
CA VAL K 194 -12.24 33.48 -40.88
C VAL K 194 -12.45 34.70 -41.76
N ILE K 195 -12.69 34.46 -43.05
CA ILE K 195 -12.78 35.52 -44.07
C ILE K 195 -14.22 35.59 -44.57
N SER K 196 -14.74 36.80 -44.72
CA SER K 196 -16.06 37.01 -45.34
C SER K 196 -16.07 38.40 -45.97
N PHE K 197 -16.18 38.45 -47.29
CA PHE K 197 -16.05 39.71 -48.05
C PHE K 197 -17.14 39.83 -49.11
N THR K 198 -18.40 39.67 -48.68
CA THR K 198 -19.58 39.80 -49.56
C THR K 198 -19.58 41.12 -50.32
N THR K 199 -19.52 41.00 -51.65
CA THR K 199 -19.10 42.09 -52.51
C THR K 199 -20.18 43.18 -52.62
N PRO K 200 -19.78 44.43 -52.82
CA PRO K 200 -20.77 45.50 -53.01
C PRO K 200 -21.43 45.40 -54.38
N ALA K 201 -22.51 46.16 -54.53
CA ALA K 201 -23.34 46.09 -55.72
C ALA K 201 -22.90 47.05 -56.81
N SER K 202 -21.80 47.76 -56.64
CA SER K 202 -21.34 48.71 -57.64
C SER K 202 -19.84 48.93 -57.48
N TYR K 203 -19.12 48.98 -58.60
CA TYR K 203 -17.72 49.32 -58.62
C TYR K 203 -17.55 50.73 -59.16
N THR K 204 -16.91 51.60 -58.39
CA THR K 204 -16.78 53.00 -58.74
C THR K 204 -15.33 53.40 -59.03
N THR K 205 -14.43 53.21 -58.07
CA THR K 205 -13.07 53.68 -58.18
C THR K 205 -12.14 52.53 -58.58
N THR K 206 -10.86 52.86 -58.76
CA THR K 206 -9.86 51.87 -59.12
C THR K 206 -9.28 51.13 -57.91
N LEU K 207 -9.81 51.37 -56.71
CA LEU K 207 -9.31 50.72 -55.50
C LEU K 207 -10.49 50.66 -54.54
N VAL K 208 -11.14 49.50 -54.46
CA VAL K 208 -12.38 49.34 -53.71
C VAL K 208 -12.07 48.63 -52.39
N GLU K 209 -12.74 49.06 -51.33
CA GLU K 209 -12.64 48.40 -50.03
C GLU K 209 -13.60 47.23 -49.97
N LEU K 210 -13.19 46.20 -49.27
CA LEU K 210 -14.03 45.01 -49.16
C LEU K 210 -14.32 44.61 -47.73
N GLN K 211 -13.36 44.76 -46.83
CA GLN K 211 -13.60 44.51 -45.41
C GLN K 211 -12.68 45.35 -44.54
N ALA L 13 20.60 -44.08 12.23
CA ALA L 13 20.42 -43.67 13.61
C ALA L 13 19.98 -42.22 13.69
N SER L 14 20.77 -41.33 13.07
CA SER L 14 20.46 -39.91 13.04
C SER L 14 19.91 -39.47 11.67
N GLY L 15 19.24 -40.37 10.97
CA GLY L 15 18.64 -40.03 9.69
C GLY L 15 17.14 -39.82 9.79
N ILE L 16 16.70 -39.17 10.86
CA ILE L 16 15.28 -38.91 11.10
C ILE L 16 15.12 -37.40 11.02
N GLY L 17 15.89 -36.77 10.13
CA GLY L 17 15.84 -35.32 9.96
C GLY L 17 14.57 -34.81 9.32
N THR L 18 13.76 -35.69 8.73
CA THR L 18 12.50 -35.25 8.15
C THR L 18 11.40 -35.13 9.20
N LEU L 19 11.36 -36.03 10.19
CA LEU L 19 10.33 -36.03 11.22
C LEU L 19 10.45 -34.83 12.15
N ILE L 20 11.64 -34.22 12.23
CA ILE L 20 11.85 -33.07 13.08
C ILE L 20 11.24 -31.83 12.46
N VAL L 21 11.52 -31.59 11.19
CA VAL L 21 11.31 -30.29 10.58
C VAL L 21 10.22 -30.31 9.51
N PHE L 22 10.16 -31.36 8.68
CA PHE L 22 9.39 -31.35 7.44
C PHE L 22 7.89 -31.30 7.71
N ILE L 23 7.37 -32.26 8.49
CA ILE L 23 5.94 -32.35 8.74
C ILE L 23 5.46 -31.15 9.55
N ALA L 24 6.28 -30.72 10.52
CA ALA L 24 5.93 -29.57 11.35
C ALA L 24 5.87 -28.28 10.54
N MET L 25 6.83 -28.07 9.64
CA MET L 25 6.78 -26.85 8.82
C MET L 25 5.69 -26.92 7.76
N VAL L 26 5.34 -28.11 7.29
CA VAL L 26 4.19 -28.23 6.38
C VAL L 26 2.89 -27.84 7.09
N LEU L 27 2.72 -28.30 8.34
CA LEU L 27 1.51 -27.97 9.08
C LEU L 27 1.46 -26.49 9.45
N VAL L 28 2.60 -25.93 9.89
CA VAL L 28 2.66 -24.50 10.22
C VAL L 28 2.47 -23.65 8.96
N ALA L 29 2.96 -24.13 7.81
CA ALA L 29 2.74 -23.44 6.54
C ALA L 29 1.27 -23.44 6.16
N ALA L 30 0.58 -24.57 6.35
CA ALA L 30 -0.84 -24.64 6.06
C ALA L 30 -1.65 -23.73 6.98
N VAL L 31 -1.26 -23.65 8.24
CA VAL L 31 -1.95 -22.77 9.20
C VAL L 31 -1.74 -21.30 8.84
N ALA L 32 -0.48 -20.92 8.58
CA ALA L 32 -0.17 -19.53 8.25
C ALA L 32 -0.69 -19.12 6.88
N ALA L 33 -0.96 -20.09 6.00
CA ALA L 33 -1.62 -19.75 4.74
C ALA L 33 -3.13 -19.63 4.93
N SER L 34 -3.72 -20.53 5.72
CA SER L 34 -5.15 -20.52 5.95
C SER L 34 -5.60 -19.30 6.75
N VAL L 35 -4.70 -18.67 7.49
CA VAL L 35 -5.01 -17.36 8.06
C VAL L 35 -5.19 -16.32 6.96
N LEU L 36 -4.24 -16.26 6.03
CA LEU L 36 -4.24 -15.21 5.02
C LEU L 36 -5.34 -15.38 3.99
N ILE L 37 -5.71 -16.62 3.66
CA ILE L 37 -6.83 -16.82 2.75
C ILE L 37 -8.15 -16.45 3.42
N ASN L 38 -8.37 -16.90 4.65
CA ASN L 38 -9.66 -16.67 5.29
C ASN L 38 -9.83 -15.27 5.85
N THR L 39 -8.75 -14.50 5.97
CA THR L 39 -8.91 -13.13 6.47
C THR L 39 -9.29 -12.13 5.39
N SER L 40 -9.37 -12.54 4.14
CA SER L 40 -9.60 -11.60 3.05
C SER L 40 -11.05 -11.49 2.62
N GLY L 41 -11.85 -12.54 2.84
CA GLY L 41 -13.23 -12.54 2.39
C GLY L 41 -14.09 -11.53 3.13
N PHE L 42 -13.85 -11.39 4.43
CA PHE L 42 -14.56 -10.40 5.25
C PHE L 42 -14.31 -8.99 4.74
N LEU L 43 -13.04 -8.66 4.48
CA LEU L 43 -12.74 -7.30 4.07
C LEU L 43 -13.14 -7.03 2.63
N GLN L 44 -13.12 -8.04 1.74
CA GLN L 44 -13.59 -7.78 0.38
C GLN L 44 -15.11 -7.63 0.33
N GLN L 45 -15.84 -8.41 1.13
CA GLN L 45 -17.28 -8.26 1.11
C GLN L 45 -17.76 -7.10 1.97
N LYS L 46 -16.89 -6.54 2.80
CA LYS L 46 -17.21 -5.28 3.46
C LYS L 46 -16.88 -4.08 2.57
N ALA L 47 -15.82 -4.18 1.77
CA ALA L 47 -15.42 -3.07 0.92
C ALA L 47 -16.24 -3.01 -0.37
N SER L 48 -16.81 -4.13 -0.81
CA SER L 48 -17.59 -4.11 -2.04
C SER L 48 -18.94 -3.45 -1.85
N THR L 49 -19.55 -3.62 -0.66
CA THR L 49 -20.84 -3.00 -0.41
C THR L 49 -20.72 -1.50 -0.19
N THR L 50 -19.56 -1.04 0.31
CA THR L 50 -19.42 0.34 0.75
C THR L 50 -19.47 1.31 -0.42
N GLY L 51 -18.83 0.96 -1.53
CA GLY L 51 -18.83 1.85 -2.69
C GLY L 51 -20.18 1.98 -3.34
N LYS L 52 -20.85 0.85 -3.57
CA LYS L 52 -22.15 0.91 -4.23
C LYS L 52 -23.30 1.17 -3.27
N GLU L 53 -23.03 1.35 -1.98
CA GLU L 53 -24.00 1.98 -1.10
C GLU L 53 -23.70 3.46 -0.84
N SER L 54 -22.46 3.88 -1.02
CA SER L 54 -22.14 5.29 -0.88
C SER L 54 -22.40 6.07 -2.16
N THR L 55 -22.41 5.42 -3.32
CA THR L 55 -22.75 6.11 -4.56
C THR L 55 -24.22 6.46 -4.61
N GLU L 56 -25.07 5.62 -4.02
CA GLU L 56 -26.51 5.88 -4.01
C GLU L 56 -26.87 7.07 -3.15
N GLN L 57 -26.08 7.37 -2.12
CA GLN L 57 -26.37 8.51 -1.26
C GLN L 57 -26.05 9.82 -1.96
N VAL L 58 -24.92 9.88 -2.66
CA VAL L 58 -24.58 11.10 -3.39
C VAL L 58 -25.42 11.23 -4.67
N ALA L 59 -25.95 10.14 -5.19
CA ALA L 59 -26.67 10.20 -6.46
C ALA L 59 -28.08 10.75 -6.29
N SER L 60 -28.83 10.26 -5.30
CA SER L 60 -30.26 10.49 -5.24
C SER L 60 -30.59 11.89 -4.76
N GLY L 61 -31.87 12.22 -4.76
CA GLY L 61 -32.32 13.55 -4.38
C GLY L 61 -33.82 13.63 -4.43
N LEU L 62 -34.32 14.86 -4.22
CA LEU L 62 -35.75 15.10 -4.13
C LEU L 62 -35.97 16.60 -4.38
N LEU L 63 -36.82 16.92 -5.34
CA LEU L 63 -36.89 18.28 -5.89
C LEU L 63 -38.31 18.83 -5.79
N ILE L 64 -38.47 19.88 -4.98
CA ILE L 64 -39.74 20.59 -4.82
C ILE L 64 -39.90 21.62 -5.93
N ASN L 65 -41.06 21.63 -6.60
CA ASN L 65 -41.29 22.54 -7.72
C ASN L 65 -42.67 23.22 -7.66
N GLY L 66 -43.06 23.72 -6.50
CA GLY L 66 -44.29 24.50 -6.42
C GLY L 66 -45.17 24.19 -5.24
N ILE L 67 -45.61 25.22 -4.52
CA ILE L 67 -46.41 25.08 -3.31
C ILE L 67 -47.62 25.99 -3.40
N THR L 68 -48.82 25.43 -3.28
CA THR L 68 -50.05 26.19 -3.27
C THR L 68 -50.77 26.01 -1.94
N GLY L 69 -51.75 26.86 -1.69
CA GLY L 69 -52.49 26.80 -0.44
C GLY L 69 -53.94 27.22 -0.64
N SER L 70 -54.82 26.66 0.18
CA SER L 70 -56.23 26.95 0.12
C SER L 70 -56.66 27.83 1.30
N VAL L 71 -57.72 28.60 1.08
CA VAL L 71 -58.23 29.57 2.04
C VAL L 71 -59.75 29.54 1.86
N GLY L 72 -60.50 30.31 2.64
CA GLY L 72 -61.92 30.40 2.38
C GLY L 72 -62.84 30.57 3.57
N THR L 73 -62.30 30.60 4.79
CA THR L 73 -63.10 31.01 5.94
C THR L 73 -62.60 32.31 6.55
N SER L 74 -61.37 32.33 7.06
CA SER L 74 -60.68 33.57 7.37
C SER L 74 -59.18 33.50 7.09
N ASP L 75 -58.62 32.32 6.88
CA ASP L 75 -57.18 32.12 6.88
C ASP L 75 -56.87 30.79 6.21
N VAL L 76 -55.61 30.64 5.79
CA VAL L 76 -55.16 29.43 5.10
C VAL L 76 -55.21 28.24 6.05
N LYS L 77 -55.71 27.10 5.54
CA LYS L 77 -55.76 25.90 6.37
C LYS L 77 -55.44 24.60 5.63
N LEU L 78 -55.10 24.63 4.35
CA LEU L 78 -54.63 23.44 3.64
C LEU L 78 -53.47 23.81 2.72
N LEU L 79 -52.43 22.97 2.72
CA LEU L 79 -51.26 23.18 1.88
C LEU L 79 -51.11 22.01 0.91
N ALA L 80 -50.76 22.33 -0.33
CA ALA L 80 -50.49 21.33 -1.36
C ALA L 80 -49.08 21.55 -1.89
N ILE L 81 -48.29 20.49 -1.90
CA ILE L 81 -46.89 20.54 -2.28
C ILE L 81 -46.68 19.61 -3.46
N TYR L 82 -46.19 20.14 -4.58
CA TYR L 82 -45.83 19.29 -5.70
C TYR L 82 -44.41 18.76 -5.52
N LEU L 83 -44.09 17.70 -6.25
CA LEU L 83 -42.89 16.94 -5.96
C LEU L 83 -42.52 16.09 -7.16
N ALA L 84 -41.21 15.89 -7.34
CA ALA L 84 -40.68 15.11 -8.45
C ALA L 84 -39.26 14.69 -8.12
N PRO L 85 -38.84 13.48 -8.45
CA PRO L 85 -37.48 13.05 -8.11
C PRO L 85 -36.45 13.66 -9.05
N ASN L 86 -35.25 13.83 -8.51
CA ASN L 86 -34.11 14.26 -9.32
C ASN L 86 -33.73 13.17 -10.30
N ALA L 87 -33.16 13.57 -11.43
CA ALA L 87 -32.91 12.60 -12.51
C ALA L 87 -31.60 11.85 -12.34
N GLY L 88 -31.36 11.31 -11.15
CA GLY L 88 -30.33 10.31 -10.95
C GLY L 88 -30.73 9.35 -9.85
N SER L 89 -31.93 9.51 -9.33
CA SER L 89 -32.37 8.77 -8.16
C SER L 89 -32.78 7.36 -8.55
N SER L 90 -32.49 6.41 -7.66
CA SER L 90 -32.75 5.01 -7.97
C SER L 90 -34.22 4.66 -7.71
N ALA L 91 -34.63 4.72 -6.44
CA ALA L 91 -36.01 4.35 -6.08
C ALA L 91 -36.36 5.07 -4.78
N ILE L 92 -37.12 6.15 -4.90
CA ILE L 92 -37.59 6.86 -3.71
C ILE L 92 -38.85 6.16 -3.20
N ASP L 93 -38.87 5.86 -1.91
CA ASP L 93 -39.94 5.11 -1.27
C ASP L 93 -40.70 6.03 -0.33
N LEU L 94 -41.95 6.33 -0.67
CA LEU L 94 -42.74 7.30 0.08
C LEU L 94 -43.33 6.77 1.37
N ALA L 95 -43.03 5.54 1.76
CA ALA L 95 -43.57 5.04 3.02
C ALA L 95 -42.77 5.51 4.22
N GLN L 96 -41.61 6.14 4.02
CA GLN L 96 -40.69 6.46 5.10
C GLN L 96 -40.08 7.85 4.96
N THR L 97 -40.79 8.78 4.31
CA THR L 97 -40.30 10.14 4.14
C THR L 97 -41.12 11.05 5.07
N LYS L 98 -40.43 11.90 5.82
CA LYS L 98 -41.07 12.67 6.88
C LYS L 98 -40.81 14.16 6.68
N VAL L 99 -41.84 14.96 6.94
CA VAL L 99 -41.81 16.39 6.69
C VAL L 99 -41.71 17.12 8.01
N MET L 100 -40.77 18.07 8.11
CA MET L 100 -40.72 18.94 9.27
C MET L 100 -41.19 20.34 8.90
N LEU L 101 -41.91 20.97 9.82
CA LEU L 101 -42.34 22.36 9.68
C LEU L 101 -42.03 23.12 10.95
N ASP L 102 -41.79 24.42 10.83
CA ASP L 102 -41.35 25.26 11.94
C ASP L 102 -42.14 26.55 11.95
N TYR L 103 -42.98 26.73 12.96
CA TYR L 103 -43.77 27.96 13.08
C TYR L 103 -44.25 28.15 14.51
N ASN L 104 -44.10 29.40 15.01
CA ASN L 104 -44.69 29.88 16.26
C ASN L 104 -44.19 29.07 17.46
N GLY L 105 -42.89 28.79 17.48
CA GLY L 105 -42.34 27.97 18.54
C GLY L 105 -42.77 26.52 18.48
N LYS L 106 -43.18 26.04 17.30
CA LYS L 106 -43.65 24.67 17.14
C LYS L 106 -42.86 24.03 16.01
N SER L 107 -42.10 23.00 16.34
CA SER L 107 -41.42 22.17 15.35
C SER L 107 -42.20 20.87 15.24
N VAL L 108 -42.73 20.62 14.05
CA VAL L 108 -43.75 19.59 13.84
C VAL L 108 -43.19 18.55 12.88
N VAL L 109 -43.21 17.30 13.31
CA VAL L 109 -42.75 16.15 12.53
C VAL L 109 -43.98 15.36 12.11
N LEU L 110 -44.05 14.99 10.84
CA LEU L 110 -45.20 14.26 10.31
C LEU L 110 -44.76 12.87 9.87
N GLY L 111 -45.74 12.05 9.49
CA GLY L 111 -45.49 10.71 9.01
C GLY L 111 -46.53 10.37 7.95
N TYR L 112 -46.39 9.18 7.36
CA TYR L 112 -47.28 8.78 6.29
C TYR L 112 -48.64 8.37 6.83
N GLY L 113 -49.70 8.71 6.10
CA GLY L 113 -51.05 8.40 6.50
C GLY L 113 -51.67 7.37 5.58
N GLY L 114 -52.51 6.51 6.16
CA GLY L 114 -53.07 5.38 5.44
C GLY L 114 -54.26 5.70 4.55
N ASN L 115 -54.07 6.63 3.60
CA ASN L 115 -55.10 6.96 2.63
C ASN L 115 -54.42 7.60 1.43
N GLN L 116 -54.82 7.18 0.23
CA GLN L 116 -54.26 7.72 -1.00
C GLN L 116 -55.34 7.69 -2.07
N ASP L 117 -54.96 7.99 -3.31
CA ASP L 117 -55.92 8.05 -4.41
C ASP L 117 -55.16 7.83 -5.71
N MET L 118 -55.90 7.41 -6.74
CA MET L 118 -55.36 7.15 -8.07
C MET L 118 -55.92 8.14 -9.09
N SER L 119 -56.00 9.41 -8.70
CA SER L 119 -56.59 10.46 -9.52
C SER L 119 -55.71 10.85 -10.70
N SER L 120 -55.63 9.99 -11.71
CA SER L 120 -54.91 10.28 -12.95
C SER L 120 -55.95 10.37 -14.06
N GLY L 121 -56.52 11.55 -14.24
CA GLY L 121 -57.55 11.76 -15.23
C GLY L 121 -58.67 12.65 -14.71
N ASN L 122 -58.80 12.74 -13.40
CA ASN L 122 -59.89 13.46 -12.76
C ASN L 122 -59.46 14.89 -12.44
N SER L 123 -60.30 15.60 -11.68
CA SER L 123 -60.12 17.02 -11.43
C SER L 123 -60.44 17.32 -9.97
N SER L 124 -60.37 18.61 -9.62
CA SER L 124 -60.77 19.17 -8.32
C SER L 124 -59.97 18.54 -7.17
N VAL L 125 -58.68 18.88 -7.15
CA VAL L 125 -57.71 18.32 -6.21
C VAL L 125 -58.15 18.52 -4.75
N PHE L 126 -58.79 19.65 -4.46
CA PHE L 126 -59.22 19.95 -3.10
C PHE L 126 -60.63 19.45 -2.81
N SER L 127 -61.08 18.37 -3.46
CA SER L 127 -62.44 17.90 -3.22
C SER L 127 -62.58 16.38 -3.16
N ASN L 128 -61.50 15.62 -2.95
CA ASN L 128 -61.58 14.16 -2.89
C ASN L 128 -60.69 13.64 -1.77
N ASP L 129 -61.32 12.99 -0.78
CA ASP L 129 -60.66 12.20 0.27
C ASP L 129 -59.67 13.03 1.10
N THR L 130 -60.12 14.18 1.59
CA THR L 130 -59.30 15.05 2.42
C THR L 130 -59.71 15.02 3.89
N GLY L 131 -60.20 13.88 4.37
CA GLY L 131 -60.68 13.79 5.73
C GLY L 131 -60.00 12.74 6.61
N ALA L 132 -58.69 12.57 6.45
CA ALA L 132 -57.93 11.62 7.29
C ALA L 132 -56.62 12.27 7.74
N THR L 133 -56.67 13.55 8.04
CA THR L 133 -55.56 14.42 8.39
C THR L 133 -55.35 14.49 9.91
N ALA L 134 -54.68 15.57 10.35
CA ALA L 134 -54.43 16.09 11.70
C ALA L 134 -53.25 15.47 12.43
N THR L 135 -52.59 14.45 11.87
CA THR L 135 -51.23 14.15 12.30
C THR L 135 -50.34 13.65 11.17
N THR L 136 -50.84 13.57 9.94
CA THR L 136 -50.13 12.95 8.82
C THR L 136 -50.37 13.78 7.57
N PHE L 137 -49.78 13.34 6.47
CA PHE L 137 -50.02 13.94 5.16
C PHE L 137 -50.69 12.92 4.24
N GLN L 138 -51.22 13.42 3.13
CA GLN L 138 -51.95 12.59 2.18
C GLN L 138 -51.31 12.71 0.81
N VAL L 139 -51.39 11.62 0.04
CA VAL L 139 -50.63 11.46 -1.19
C VAL L 139 -51.59 11.32 -2.37
N ASN L 140 -51.36 12.11 -3.42
CA ASN L 140 -52.08 11.97 -4.68
C ASN L 140 -51.11 11.75 -5.81
N ILE L 141 -51.54 10.96 -6.81
CA ILE L 141 -50.71 10.60 -7.95
C ILE L 141 -51.22 11.36 -9.16
N LEU L 142 -50.32 12.06 -9.86
CA LEU L 142 -50.71 12.81 -11.04
C LEU L 142 -50.24 12.17 -12.34
N GLN L 143 -49.19 11.35 -12.32
CA GLN L 143 -48.66 10.76 -13.54
C GLN L 143 -47.85 9.53 -13.20
N ASP L 144 -48.16 8.42 -13.86
CA ASP L 144 -47.41 7.17 -13.67
C ASP L 144 -47.63 6.31 -14.90
N TYR L 145 -46.58 6.11 -15.69
CA TYR L 145 -46.73 5.31 -16.91
C TYR L 145 -46.78 3.82 -16.58
N ASP L 146 -45.73 3.29 -15.96
CA ASP L 146 -45.59 1.86 -15.74
C ASP L 146 -46.13 1.40 -14.39
N ASP L 147 -47.16 2.09 -13.88
CA ASP L 147 -47.96 1.89 -12.66
C ASP L 147 -47.18 1.31 -11.48
N SER L 148 -46.01 1.87 -11.23
CA SER L 148 -45.13 1.43 -10.15
C SER L 148 -45.37 2.18 -8.85
N ALA L 149 -46.27 3.17 -8.86
CA ALA L 149 -46.60 3.91 -7.65
C ALA L 149 -48.05 3.75 -7.24
N VAL L 150 -48.83 2.92 -7.94
CA VAL L 150 -50.23 2.73 -7.59
C VAL L 150 -50.36 1.97 -6.27
N ASP L 151 -49.52 0.96 -6.07
CA ASP L 151 -49.44 0.30 -4.80
C ASP L 151 -48.06 0.55 -4.18
N ASN L 152 -48.03 0.51 -2.85
CA ASN L 152 -46.87 0.49 -1.94
C ASN L 152 -45.81 1.58 -2.19
N ALA L 153 -46.19 2.65 -2.91
CA ALA L 153 -45.53 3.96 -2.87
C ALA L 153 -44.05 3.92 -3.27
N VAL L 154 -43.80 3.58 -4.53
CA VAL L 154 -42.45 3.58 -5.08
C VAL L 154 -42.42 4.51 -6.30
N ILE L 155 -41.60 5.56 -6.22
CA ILE L 155 -41.46 6.52 -7.30
C ILE L 155 -40.24 6.14 -8.14
N ASN L 156 -40.45 5.86 -9.41
CA ASN L 156 -39.36 5.61 -10.33
C ASN L 156 -38.96 6.91 -11.02
N LYS L 157 -38.19 6.81 -12.09
CA LYS L 157 -37.64 7.99 -12.77
C LYS L 157 -38.69 8.60 -13.66
N GLY L 158 -39.42 9.60 -13.15
CA GLY L 158 -40.32 10.35 -14.00
C GLY L 158 -41.76 10.50 -13.56
N ASP L 159 -42.04 10.29 -12.28
CA ASP L 159 -43.41 10.41 -11.79
C ASP L 159 -43.72 11.83 -11.34
N ALA L 160 -44.94 12.03 -10.85
CA ALA L 160 -45.37 13.31 -10.29
C ALA L 160 -46.38 13.03 -9.20
N VAL L 161 -46.05 13.44 -7.97
CA VAL L 161 -46.81 13.10 -6.78
C VAL L 161 -47.04 14.37 -5.98
N ALA L 162 -48.30 14.63 -5.61
CA ALA L 162 -48.60 15.78 -4.78
C ALA L 162 -48.90 15.36 -3.34
N LEU L 163 -48.61 16.25 -2.41
CA LEU L 163 -48.84 16.03 -0.99
C LEU L 163 -49.84 17.05 -0.50
N ILE L 164 -50.71 16.64 0.42
CA ILE L 164 -51.70 17.51 1.04
C ILE L 164 -51.53 17.43 2.55
N VAL L 165 -51.36 18.58 3.19
CA VAL L 165 -51.21 18.69 4.64
C VAL L 165 -52.27 19.66 5.15
N ASP L 166 -52.93 19.30 6.25
CA ASP L 166 -53.87 20.19 6.91
C ASP L 166 -53.18 20.95 8.01
N VAL L 167 -53.48 22.25 8.12
CA VAL L 167 -52.78 23.16 9.02
C VAL L 167 -53.60 23.45 10.28
N ASN L 168 -54.91 23.62 10.11
CA ASN L 168 -55.79 24.01 11.22
C ASN L 168 -55.84 22.94 12.30
N ALA L 169 -55.87 21.67 11.90
CA ALA L 169 -55.96 20.57 12.85
C ALA L 169 -54.61 19.99 13.21
N SER L 170 -53.51 20.65 12.86
CA SER L 170 -52.19 20.15 13.21
C SER L 170 -51.37 21.19 13.95
N PHE L 171 -51.66 22.48 13.71
CA PHE L 171 -51.00 23.55 14.46
C PHE L 171 -51.89 24.12 15.56
N ALA L 172 -53.16 23.69 15.60
CA ALA L 172 -54.21 24.19 16.49
C ALA L 172 -54.35 25.71 16.38
N GLY L 173 -54.69 26.18 15.19
CA GLY L 173 -54.83 27.61 14.97
C GLY L 173 -54.90 27.99 13.51
N GLU L 174 -54.17 29.02 13.11
CA GLU L 174 -54.20 29.51 11.74
C GLU L 174 -52.77 29.82 11.30
N ILE L 175 -52.64 30.42 10.12
CA ILE L 175 -51.35 30.89 9.60
C ILE L 175 -51.56 32.26 8.97
N PRO L 176 -51.39 33.34 9.72
CA PRO L 176 -51.67 34.68 9.21
C PRO L 176 -50.58 35.13 8.24
N GLU L 177 -50.78 36.34 7.70
CA GLU L 177 -49.88 36.87 6.69
C GLU L 177 -48.61 37.43 7.32
N ARG L 178 -47.66 37.78 6.44
CA ARG L 178 -46.37 38.39 6.80
C ARG L 178 -45.55 37.50 7.73
N THR L 179 -45.57 36.19 7.47
CA THR L 179 -44.77 35.23 8.22
C THR L 179 -43.71 34.61 7.33
N ALA L 180 -42.82 33.85 7.96
CA ALA L 180 -41.72 33.19 7.26
C ALA L 180 -41.49 31.83 7.89
N ILE L 181 -41.61 30.77 7.09
CA ILE L 181 -41.54 29.39 7.58
C ILE L 181 -40.56 28.60 6.72
N SER L 182 -39.69 27.84 7.37
CA SER L 182 -38.79 26.90 6.71
C SER L 182 -39.25 25.47 6.99
N GLY L 183 -38.53 24.52 6.41
CA GLY L 183 -38.86 23.11 6.58
C GLY L 183 -38.17 22.25 5.56
N LYS L 184 -38.07 20.96 5.89
CA LYS L 184 -37.36 19.99 5.07
C LYS L 184 -38.16 18.70 4.92
N VAL L 185 -37.89 18.01 3.81
CA VAL L 185 -38.68 16.86 3.34
C VAL L 185 -37.74 15.66 3.18
N GLN L 186 -36.86 15.44 4.17
CA GLN L 186 -35.81 14.40 4.19
C GLN L 186 -36.29 13.04 3.71
N PRO L 187 -35.70 12.49 2.65
CA PRO L 187 -35.98 11.10 2.27
C PRO L 187 -35.21 10.11 3.14
N GLU L 188 -35.26 8.84 2.76
CA GLU L 188 -34.55 7.80 3.51
C GLU L 188 -33.04 7.98 3.42
N PHE L 189 -32.52 8.17 2.21
CA PHE L 189 -31.07 8.23 2.01
C PHE L 189 -30.61 9.32 1.07
N GLY L 190 -31.50 10.10 0.46
CA GLY L 190 -31.08 11.10 -0.50
C GLY L 190 -30.70 12.44 0.10
N ALA L 191 -31.00 13.52 -0.63
CA ALA L 191 -30.74 14.87 -0.18
C ALA L 191 -32.03 15.65 -0.11
N PRO L 192 -32.25 16.42 0.95
CA PRO L 192 -33.58 17.02 1.17
C PRO L 192 -33.82 18.24 0.31
N GLY L 193 -35.10 18.53 0.09
CA GLY L 193 -35.53 19.77 -0.53
C GLY L 193 -36.04 20.73 0.53
N VAL L 194 -35.67 22.00 0.39
CA VAL L 194 -35.88 23.00 1.42
C VAL L 194 -37.09 23.85 1.03
N ILE L 195 -37.89 24.24 2.03
CA ILE L 195 -39.15 24.94 1.83
C ILE L 195 -39.02 26.36 2.34
N SER L 196 -39.53 27.33 1.58
CA SER L 196 -39.61 28.72 2.03
C SER L 196 -40.78 29.40 1.33
N PHE L 197 -41.81 29.79 2.09
CA PHE L 197 -43.06 30.29 1.53
C PHE L 197 -43.52 31.54 2.28
N THR L 198 -42.63 32.54 2.38
CA THR L 198 -42.91 33.83 3.02
C THR L 198 -44.16 34.49 2.44
N THR L 199 -45.16 34.67 3.31
CA THR L 199 -46.53 34.89 2.89
C THR L 199 -46.73 36.29 2.30
N PRO L 200 -47.65 36.45 1.36
CA PRO L 200 -47.95 37.78 0.84
C PRO L 200 -48.71 38.63 1.85
N ALA L 201 -48.78 39.93 1.55
CA ALA L 201 -49.35 40.90 2.47
C ALA L 201 -50.85 41.09 2.28
N SER L 202 -51.50 40.33 1.41
CA SER L 202 -52.92 40.48 1.17
C SER L 202 -53.49 39.18 0.62
N TYR L 203 -54.66 38.78 1.11
CA TYR L 203 -55.39 37.64 0.59
C TYR L 203 -56.57 38.15 -0.24
N THR L 204 -56.64 37.73 -1.49
CA THR L 204 -57.67 38.22 -2.40
C THR L 204 -58.64 37.13 -2.82
N THR L 205 -58.16 36.05 -3.41
CA THR L 205 -59.01 35.02 -3.97
C THR L 205 -59.11 33.83 -3.02
N THR L 206 -59.89 32.84 -3.42
CA THR L 206 -60.08 31.63 -2.62
C THR L 206 -59.00 30.59 -2.87
N LEU L 207 -57.98 30.90 -3.67
CA LEU L 207 -56.92 29.96 -3.96
C LEU L 207 -55.67 30.79 -4.26
N VAL L 208 -54.79 30.92 -3.28
CA VAL L 208 -53.64 31.82 -3.37
C VAL L 208 -52.39 31.00 -3.64
N GLU L 209 -51.52 31.54 -4.49
CA GLU L 209 -50.22 30.93 -4.76
C GLU L 209 -49.21 31.34 -3.70
N LEU L 210 -48.32 30.43 -3.38
CA LEU L 210 -47.33 30.72 -2.35
C LEU L 210 -45.90 30.52 -2.84
N GLN L 211 -45.64 29.52 -3.67
CA GLN L 211 -44.32 29.35 -4.27
C GLN L 211 -44.42 28.66 -5.62
N ALA M 13 27.52 -57.31 21.51
CA ALA M 13 28.11 -56.56 22.61
C ALA M 13 27.95 -55.06 22.39
N SER M 14 28.42 -54.59 21.24
CA SER M 14 28.32 -53.18 20.87
C SER M 14 27.23 -52.93 19.83
N GLY M 15 26.19 -53.75 19.83
CA GLY M 15 25.08 -53.56 18.93
C GLY M 15 23.88 -52.94 19.58
N ILE M 16 24.12 -51.96 20.46
CA ILE M 16 23.05 -51.28 21.19
C ILE M 16 23.07 -49.83 20.70
N GLY M 17 23.37 -49.66 19.42
CA GLY M 17 23.41 -48.34 18.82
C GLY M 17 22.07 -47.66 18.68
N THR M 18 20.97 -48.40 18.83
CA THR M 18 19.65 -47.78 18.75
C THR M 18 19.26 -47.12 20.07
N LEU M 19 19.61 -47.74 21.20
CA LEU M 19 19.23 -47.22 22.52
C LEU M 19 19.94 -45.92 22.84
N ILE M 20 21.08 -45.66 22.19
CA ILE M 20 21.84 -44.44 22.44
C ILE M 20 21.16 -43.25 21.77
N VAL M 21 20.80 -43.40 20.50
CA VAL M 21 20.47 -42.26 19.66
C VAL M 21 19.00 -42.23 19.26
N PHE M 22 18.41 -43.39 18.93
CA PHE M 22 17.13 -43.44 18.23
C PHE M 22 15.98 -42.94 19.09
N ILE M 23 15.80 -43.52 20.28
CA ILE M 23 14.69 -43.15 21.16
C ILE M 23 14.84 -41.72 21.65
N ALA M 24 16.08 -41.32 21.95
CA ALA M 24 16.35 -39.96 22.42
C ALA M 24 16.05 -38.92 21.35
N MET M 25 16.45 -39.18 20.10
CA MET M 25 16.15 -38.23 19.04
C MET M 25 14.68 -38.23 18.66
N VAL M 26 13.98 -39.36 18.81
CA VAL M 26 12.53 -39.37 18.59
C VAL M 26 11.83 -38.50 19.63
N LEU M 27 12.24 -38.60 20.90
CA LEU M 27 11.62 -37.78 21.93
C LEU M 27 11.96 -36.29 21.79
N VAL M 28 13.22 -35.99 21.47
CA VAL M 28 13.61 -34.59 21.24
C VAL M 28 12.93 -34.03 20.00
N ALA M 29 12.72 -34.87 18.98
CA ALA M 29 11.98 -34.46 17.79
C ALA M 29 10.53 -34.15 18.11
N ALA M 30 9.90 -34.97 18.94
CA ALA M 30 8.52 -34.72 19.35
C ALA M 30 8.40 -33.44 20.16
N VAL M 31 9.37 -33.18 21.04
CA VAL M 31 9.37 -31.96 21.84
C VAL M 31 9.56 -30.72 20.95
N ALA M 32 10.55 -30.75 20.07
CA ALA M 32 10.84 -29.62 19.20
C ALA M 32 9.76 -29.41 18.15
N ALA M 33 8.96 -30.44 17.86
CA ALA M 33 7.81 -30.24 16.98
C ALA M 33 6.62 -29.67 17.74
N SER M 34 6.39 -30.17 18.98
CA SER M 34 5.29 -29.71 19.79
C SER M 34 5.46 -28.27 20.25
N VAL M 35 6.69 -27.77 20.27
CA VAL M 35 6.87 -26.33 20.45
C VAL M 35 6.29 -25.55 19.27
N LEU M 36 6.64 -25.97 18.04
CA LEU M 36 6.28 -25.22 16.85
C LEU M 36 4.79 -25.30 16.54
N ILE M 37 4.16 -26.45 16.84
CA ILE M 37 2.71 -26.54 16.63
C ILE M 37 1.97 -25.67 17.64
N ASN M 38 2.34 -25.76 18.92
CA ASN M 38 1.57 -25.06 19.94
C ASN M 38 1.89 -23.57 20.02
N THR M 39 2.98 -23.11 19.40
CA THR M 39 3.27 -21.68 19.43
C THR M 39 2.53 -20.88 18.37
N SER M 40 1.77 -21.53 17.48
CA SER M 40 1.15 -20.83 16.37
C SER M 40 -0.29 -20.44 16.61
N GLY M 41 -0.99 -21.16 17.49
CA GLY M 41 -2.41 -20.88 17.71
C GLY M 41 -2.65 -19.54 18.38
N PHE M 42 -1.77 -19.18 19.32
CA PHE M 42 -1.84 -17.88 19.99
C PHE M 42 -1.71 -16.73 19.00
N LEU M 43 -0.71 -16.82 18.11
CA LEU M 43 -0.48 -15.73 17.17
C LEU M 43 -1.52 -15.70 16.06
N GLN M 44 -2.06 -16.85 15.64
CA GLN M 44 -3.11 -16.80 14.63
C GLN M 44 -4.41 -16.25 15.20
N GLN M 45 -4.75 -16.59 16.44
CA GLN M 45 -5.98 -16.07 17.02
C GLN M 45 -5.80 -14.66 17.56
N LYS M 46 -4.57 -14.18 17.69
CA LYS M 46 -4.36 -12.77 17.96
C LYS M 46 -4.37 -11.94 16.68
N ALA M 47 -3.87 -12.51 15.57
CA ALA M 47 -3.82 -11.76 14.32
C ALA M 47 -5.16 -11.78 13.59
N SER M 48 -6.00 -12.78 13.84
CA SER M 48 -7.29 -12.83 13.14
C SER M 48 -8.26 -11.80 13.69
N THR M 49 -8.21 -11.52 14.99
CA THR M 49 -9.12 -10.54 15.57
C THR M 49 -8.71 -9.11 15.21
N THR M 50 -7.42 -8.89 14.96
CA THR M 50 -6.89 -7.53 14.82
C THR M 50 -7.41 -6.88 13.54
N GLY M 51 -7.46 -7.63 12.43
CA GLY M 51 -7.91 -7.07 11.18
C GLY M 51 -9.39 -6.73 11.18
N LYS M 52 -10.22 -7.65 11.66
CA LYS M 52 -11.66 -7.40 11.66
C LYS M 52 -12.13 -6.62 12.88
N GLU M 53 -11.23 -6.23 13.78
CA GLU M 53 -11.54 -5.17 14.73
C GLU M 53 -10.97 -3.83 14.34
N SER M 54 -9.94 -3.80 13.50
CA SER M 54 -9.41 -2.54 13.00
C SER M 54 -10.18 -2.03 11.79
N THR M 55 -10.86 -2.90 11.05
CA THR M 55 -11.67 -2.44 9.93
C THR M 55 -12.93 -1.73 10.42
N GLU M 56 -13.45 -2.14 11.57
CA GLU M 56 -14.65 -1.52 12.11
C GLU M 56 -14.38 -0.10 12.60
N GLN M 57 -13.14 0.19 13.02
CA GLN M 57 -12.83 1.53 13.49
C GLN M 57 -12.73 2.52 12.34
N VAL M 58 -12.11 2.10 11.23
CA VAL M 58 -12.03 2.99 10.06
C VAL M 58 -13.36 3.05 9.33
N ALA M 59 -14.23 2.05 9.48
CA ALA M 59 -15.46 2.02 8.72
C ALA M 59 -16.53 2.95 9.29
N SER M 60 -16.73 2.91 10.61
CA SER M 60 -17.90 3.52 11.21
C SER M 60 -17.77 5.05 11.30
N GLY M 61 -18.82 5.70 11.76
CA GLY M 61 -18.84 7.15 11.82
C GLY M 61 -20.15 7.63 12.42
N LEU M 62 -20.32 8.95 12.40
CA LEU M 62 -21.47 9.58 13.03
C LEU M 62 -21.59 10.99 12.43
N LEU M 63 -22.76 11.30 11.88
CA LEU M 63 -22.93 12.47 11.01
C LEU M 63 -24.02 13.39 11.54
N ILE M 64 -23.62 14.60 11.94
CA ILE M 64 -24.54 15.64 12.39
C ILE M 64 -25.10 16.40 11.20
N ASN M 65 -26.42 16.57 11.14
CA ASN M 65 -27.07 17.23 10.00
C ASN M 65 -28.15 18.24 10.43
N GLY M 66 -27.83 19.10 11.40
CA GLY M 66 -28.74 20.17 11.75
C GLY M 66 -28.95 20.39 13.23
N ILE M 67 -28.84 21.63 13.68
CA ILE M 67 -28.94 21.98 15.11
C ILE M 67 -29.90 23.16 15.25
N THR M 68 -30.93 22.98 16.06
CA THR M 68 -31.90 24.03 16.36
C THR M 68 -31.87 24.35 17.85
N GLY M 69 -32.48 25.47 18.21
CA GLY M 69 -32.50 25.90 19.60
C GLY M 69 -33.78 26.63 19.92
N SER M 70 -34.19 26.54 21.18
CA SER M 70 -35.40 27.18 21.65
C SER M 70 -35.07 28.38 22.53
N VAL M 71 -35.99 29.34 22.56
CA VAL M 71 -35.83 30.60 23.27
C VAL M 71 -37.22 30.94 23.79
N GLY M 72 -37.37 32.05 24.52
CA GLY M 72 -38.71 32.45 24.90
C GLY M 72 -38.88 33.13 26.24
N THR M 73 -37.81 33.30 27.02
CA THR M 73 -37.86 34.15 28.20
C THR M 73 -36.97 35.38 28.05
N SER M 74 -35.66 35.17 27.94
CA SER M 74 -34.74 36.21 27.49
C SER M 74 -33.62 35.68 26.61
N ASP M 75 -33.40 34.38 26.58
CA ASP M 75 -32.18 33.81 26.02
C ASP M 75 -32.42 32.33 25.76
N VAL M 76 -31.57 31.75 24.91
CA VAL M 76 -31.67 30.34 24.53
C VAL M 76 -31.41 29.45 25.73
N LYS M 77 -32.23 28.42 25.91
CA LYS M 77 -32.00 27.48 27.01
C LYS M 77 -32.26 26.01 26.68
N LEU M 78 -32.61 25.66 25.45
CA LEU M 78 -32.71 24.26 25.05
C LEU M 78 -32.12 24.08 23.65
N LEU M 79 -31.35 23.02 23.47
CA LEU M 79 -30.74 22.70 22.19
C LEU M 79 -31.24 21.34 21.70
N ALA M 80 -31.52 21.27 20.40
CA ALA M 80 -31.93 20.04 19.75
C ALA M 80 -30.96 19.73 18.62
N ILE M 81 -30.41 18.53 18.62
CA ILE M 81 -29.40 18.10 17.65
C ILE M 81 -29.93 16.91 16.89
N TYR M 82 -29.99 17.02 15.56
CA TYR M 82 -30.35 15.88 14.76
C TYR M 82 -29.12 15.04 14.46
N LEU M 83 -29.34 13.80 14.06
CA LEU M 83 -28.27 12.83 14.03
C LEU M 83 -28.66 11.66 13.14
N ALA M 84 -27.66 11.06 12.48
CA ALA M 84 -27.86 9.94 11.57
C ALA M 84 -26.52 9.25 11.36
N PRO M 85 -26.48 7.91 11.31
CA PRO M 85 -25.20 7.23 11.14
C PRO M 85 -24.71 7.31 9.71
N ASN M 86 -23.39 7.26 9.56
CA ASN M 86 -22.77 7.19 8.24
C ASN M 86 -23.06 5.83 7.63
N ALA M 87 -23.09 5.79 6.29
CA ALA M 87 -23.53 4.58 5.60
C ALA M 87 -22.42 3.55 5.41
N GLY M 88 -21.68 3.26 6.48
CA GLY M 88 -20.84 2.09 6.52
C GLY M 88 -20.75 1.55 7.94
N SER M 89 -21.51 2.15 8.85
CA SER M 89 -21.38 1.83 10.26
C SER M 89 -22.11 0.52 10.58
N SER M 90 -21.53 -0.24 11.51
CA SER M 90 -22.10 -1.54 11.83
C SER M 90 -23.26 -1.41 12.81
N ALA M 91 -22.98 -0.96 14.03
CA ALA M 91 -24.02 -0.85 15.05
C ALA M 91 -23.58 0.22 16.06
N ILE M 92 -24.15 1.41 15.94
CA ILE M 92 -23.88 2.47 16.90
C ILE M 92 -24.78 2.28 18.11
N ASP M 93 -24.19 2.30 19.30
CA ASP M 93 -24.90 2.01 20.55
C ASP M 93 -24.96 3.30 21.37
N LEU M 94 -26.17 3.85 21.53
CA LEU M 94 -26.33 5.15 22.18
C LEU M 94 -26.27 5.09 23.69
N ALA M 95 -25.98 3.95 24.30
CA ALA M 95 -25.87 3.91 25.74
C ALA M 95 -24.52 4.40 26.25
N GLN M 96 -23.56 4.64 25.36
CA GLN M 96 -22.18 4.93 25.77
C GLN M 96 -21.56 6.05 24.92
N THR M 97 -22.37 6.95 24.38
CA THR M 97 -21.86 8.06 23.58
C THR M 97 -21.99 9.33 24.40
N LYS M 98 -20.92 10.12 24.45
CA LYS M 98 -20.83 11.25 25.36
C LYS M 98 -20.52 12.54 24.59
N VAL M 99 -21.17 13.62 25.00
CA VAL M 99 -21.09 14.88 24.30
C VAL M 99 -20.25 15.85 25.12
N MET M 100 -19.28 16.50 24.48
CA MET M 100 -18.54 17.57 25.13
C MET M 100 -18.95 18.92 24.58
N LEU M 101 -19.04 19.92 25.45
CA LEU M 101 -19.30 21.29 25.06
C LEU M 101 -18.30 22.21 25.75
N ASP M 102 -18.00 23.34 25.10
CA ASP M 102 -16.95 24.26 25.55
C ASP M 102 -17.46 25.68 25.50
N TYR M 103 -17.66 26.31 26.66
CA TYR M 103 -18.11 27.70 26.69
C TYR M 103 -17.78 28.33 28.03
N ASN M 104 -17.26 29.56 27.97
CA ASN M 104 -17.07 30.46 29.12
C ASN M 104 -16.15 29.84 30.16
N GLY M 105 -15.05 29.24 29.71
CA GLY M 105 -14.16 28.55 30.62
C GLY M 105 -14.75 27.30 31.24
N LYS M 106 -15.74 26.70 30.60
CA LYS M 106 -16.41 25.51 31.10
C LYS M 106 -16.37 24.44 30.02
N SER M 107 -15.69 23.34 30.32
CA SER M 107 -15.69 22.16 29.47
C SER M 107 -16.59 21.13 30.13
N VAL M 108 -17.68 20.77 29.46
CA VAL M 108 -18.77 20.03 30.08
C VAL M 108 -18.91 18.70 29.37
N VAL M 109 -18.87 17.62 30.15
CA VAL M 109 -19.01 16.25 29.68
C VAL M 109 -20.38 15.75 30.13
N LEU M 110 -21.12 15.13 29.22
CA LEU M 110 -22.46 14.64 29.52
C LEU M 110 -22.47 13.12 29.42
N GLY M 111 -23.61 12.53 29.79
CA GLY M 111 -23.81 11.10 29.73
C GLY M 111 -25.26 10.82 29.41
N TYR M 112 -25.59 9.54 29.25
CA TYR M 112 -26.95 9.16 28.87
C TYR M 112 -27.89 9.26 30.07
N GLY M 113 -29.11 9.71 29.81
CA GLY M 113 -30.13 9.87 30.83
C GLY M 113 -31.24 8.86 30.68
N GLY M 114 -31.77 8.42 31.81
CA GLY M 114 -32.76 7.36 31.83
C GLY M 114 -34.18 7.77 31.50
N ASN M 115 -34.38 8.37 30.33
CA ASN M 115 -35.71 8.73 29.84
C ASN M 115 -35.64 8.88 28.33
N GLN M 116 -36.63 8.32 27.65
CA GLN M 116 -36.70 8.39 26.19
C GLN M 116 -38.17 8.42 25.79
N ASP M 117 -38.42 8.32 24.49
CA ASP M 117 -39.78 8.37 23.96
C ASP M 117 -39.81 7.67 22.62
N MET M 118 -41.01 7.25 22.23
CA MET M 118 -41.24 6.57 20.95
C MET M 118 -42.11 7.40 20.02
N SER M 119 -41.82 8.70 19.97
CA SER M 119 -42.61 9.65 19.19
C SER M 119 -42.39 9.51 17.70
N SER M 120 -42.93 8.45 17.10
CA SER M 120 -42.90 8.25 15.65
C SER M 120 -44.34 8.36 15.15
N GLY M 121 -44.76 9.58 14.86
CA GLY M 121 -46.11 9.84 14.41
C GLY M 121 -46.72 11.08 15.05
N ASN M 122 -46.15 11.50 16.17
CA ASN M 122 -46.68 12.62 16.94
C ASN M 122 -45.96 13.91 16.56
N SER M 123 -46.22 14.97 17.31
CA SER M 123 -45.76 16.31 16.99
C SER M 123 -45.27 17.01 18.24
N SER M 124 -44.87 18.27 18.07
CA SER M 124 -44.49 19.21 19.15
C SER M 124 -43.31 18.66 19.97
N VAL M 125 -42.14 18.64 19.31
CA VAL M 125 -40.92 18.05 19.86
C VAL M 125 -40.54 18.70 21.19
N PHE M 126 -40.80 20.00 21.35
CA PHE M 126 -40.45 20.70 22.57
C PHE M 126 -41.59 20.69 23.61
N SER M 127 -42.43 19.65 23.62
CA SER M 127 -43.54 19.62 24.57
C SER M 127 -43.81 18.26 25.19
N ASN M 128 -42.89 17.30 25.13
CA ASN M 128 -43.10 15.98 25.70
C ASN M 128 -41.84 15.49 26.42
N ASP M 129 -41.97 15.28 27.74
CA ASP M 129 -40.98 14.61 28.58
C ASP M 129 -39.62 15.30 28.58
N THR M 130 -39.62 16.61 28.80
CA THR M 130 -38.38 17.39 28.84
C THR M 130 -38.01 17.81 30.26
N GLY M 131 -38.33 16.98 31.25
CA GLY M 131 -38.06 17.34 32.64
C GLY M 131 -37.18 16.37 33.42
N ALA M 132 -36.16 15.82 32.77
CA ALA M 132 -35.22 14.93 33.45
C ALA M 132 -33.79 15.28 33.04
N THR M 133 -33.51 16.56 32.89
CA THR M 133 -32.27 17.15 32.40
C THR M 133 -31.33 17.51 33.56
N ALA M 134 -30.40 18.43 33.28
CA ALA M 134 -29.45 19.16 34.13
C ALA M 134 -28.14 18.43 34.42
N THR M 135 -27.99 17.17 34.01
CA THR M 135 -26.65 16.62 33.87
C THR M 135 -26.51 15.65 32.69
N THR M 136 -27.57 15.43 31.91
CA THR M 136 -27.59 14.41 30.87
C THR M 136 -28.32 14.96 29.66
N PHE M 137 -28.43 14.14 28.61
CA PHE M 137 -29.21 14.47 27.44
C PHE M 137 -30.36 13.50 27.30
N GLN M 138 -31.31 13.84 26.43
CA GLN M 138 -32.50 13.05 26.23
C GLN M 138 -32.64 12.67 24.76
N VAL M 139 -33.23 11.51 24.52
CA VAL M 139 -33.20 10.87 23.21
C VAL M 139 -34.63 10.74 22.69
N ASN M 140 -34.87 11.17 21.45
CA ASN M 140 -36.13 10.94 20.77
C ASN M 140 -35.89 10.21 19.46
N ILE M 141 -36.85 9.38 19.09
CA ILE M 141 -36.77 8.55 17.89
C ILE M 141 -37.71 9.13 16.83
N LEU M 142 -37.19 9.38 15.63
CA LEU M 142 -38.03 9.91 14.56
C LEU M 142 -38.36 8.90 13.48
N GLN M 143 -37.55 7.85 13.31
CA GLN M 143 -37.78 6.88 12.25
C GLN M 143 -37.08 5.58 12.59
N ASP M 144 -37.80 4.47 12.54
CA ASP M 144 -37.23 3.16 12.79
C ASP M 144 -38.14 2.12 12.13
N TYR M 145 -37.66 1.47 11.08
CA TYR M 145 -38.49 0.48 10.40
C TYR M 145 -38.57 -0.82 11.18
N ASP M 146 -37.42 -1.46 11.41
CA ASP M 146 -37.38 -2.79 12.00
C ASP M 146 -37.22 -2.76 13.52
N ASP M 147 -37.77 -1.72 14.17
CA ASP M 147 -37.86 -1.41 15.61
C ASP M 147 -36.68 -1.89 16.44
N SER M 148 -35.47 -1.63 15.96
CA SER M 148 -34.24 -2.04 16.61
C SER M 148 -33.70 -0.98 17.56
N ALA M 149 -34.34 0.19 17.63
CA ALA M 149 -33.94 1.25 18.54
C ALA M 149 -35.00 1.59 19.57
N VAL M 150 -36.12 0.86 19.59
CA VAL M 150 -37.17 1.14 20.57
C VAL M 150 -36.72 0.76 21.97
N ASP M 151 -36.03 -0.36 22.10
CA ASP M 151 -35.40 -0.72 23.36
C ASP M 151 -33.89 -0.71 23.18
N ASN M 152 -33.19 -0.46 24.30
CA ASN M 152 -31.74 -0.58 24.55
C ASN M 152 -30.83 0.10 23.52
N ALA M 153 -31.37 1.04 22.73
CA ALA M 153 -30.63 2.10 22.04
C ALA M 153 -29.56 1.57 21.08
N VAL M 154 -30.02 0.90 20.02
CA VAL M 154 -29.14 0.40 18.96
C VAL M 154 -29.60 0.99 17.64
N ILE M 155 -28.74 1.77 16.99
CA ILE M 155 -29.03 2.37 15.71
C ILE M 155 -28.45 1.50 14.60
N ASN M 156 -29.31 1.01 13.72
CA ASN M 156 -28.86 0.26 12.56
C ASN M 156 -28.70 1.22 11.37
N LYS M 157 -28.58 0.68 10.17
CA LYS M 157 -28.29 1.48 8.98
C LYS M 157 -29.57 2.14 8.49
N GLY M 158 -29.81 3.38 8.91
CA GLY M 158 -30.92 4.14 8.34
C GLY M 158 -31.91 4.75 9.30
N ASP M 159 -31.54 4.94 10.57
CA ASP M 159 -32.45 5.52 11.53
C ASP M 159 -32.31 7.04 11.58
N ALA M 160 -33.09 7.68 12.45
CA ALA M 160 -33.02 9.11 12.68
C ALA M 160 -33.37 9.36 14.14
N VAL M 161 -32.43 9.94 14.88
CA VAL M 161 -32.53 10.10 16.32
C VAL M 161 -32.16 11.54 16.67
N ALA M 162 -33.01 12.20 17.44
CA ALA M 162 -32.72 13.55 17.89
C ALA M 162 -32.31 13.56 19.37
N LEU M 163 -31.47 14.53 19.72
CA LEU M 163 -31.00 14.71 21.08
C LEU M 163 -31.48 16.05 21.59
N ILE M 164 -31.82 16.11 22.88
CA ILE M 164 -32.25 17.33 23.55
C ILE M 164 -31.36 17.55 24.76
N VAL M 165 -30.75 18.73 24.84
CA VAL M 165 -29.89 19.12 25.95
C VAL M 165 -30.41 20.42 26.53
N ASP M 166 -30.47 20.52 27.85
CA ASP M 166 -30.84 21.76 28.52
C ASP M 166 -29.59 22.54 28.89
N VAL M 167 -29.64 23.85 28.68
CA VAL M 167 -28.47 24.71 28.83
C VAL M 167 -28.51 25.49 30.15
N ASN M 168 -29.70 25.97 30.53
CA ASN M 168 -29.85 26.82 31.71
C ASN M 168 -29.48 26.08 32.99
N ALA M 169 -29.87 24.81 33.08
CA ALA M 169 -29.61 24.03 34.28
C ALA M 169 -28.34 23.19 34.19
N SER M 170 -27.49 23.44 33.19
CA SER M 170 -26.26 22.69 33.06
C SER M 170 -25.04 23.62 32.98
N PHE M 171 -25.25 24.84 32.48
CA PHE M 171 -24.19 25.84 32.47
C PHE M 171 -24.33 26.86 33.59
N ALA M 172 -25.45 26.81 34.32
CA ALA M 172 -25.83 27.77 35.37
C ALA M 172 -25.82 29.20 34.83
N GLY M 173 -26.65 29.47 33.83
CA GLY M 173 -26.69 30.79 33.23
C GLY M 173 -27.44 30.83 31.91
N GLU M 174 -26.88 31.50 30.92
CA GLU M 174 -27.53 31.67 29.63
C GLU M 174 -26.48 31.47 28.53
N ILE M 175 -26.88 31.72 27.29
CA ILE M 175 -25.98 31.70 26.14
C ILE M 175 -26.31 32.90 25.24
N PRO M 176 -25.65 34.03 25.44
CA PRO M 176 -25.97 35.24 24.69
C PRO M 176 -25.47 35.15 23.26
N GLU M 177 -25.75 36.21 22.50
CA GLU M 177 -25.43 36.24 21.09
C GLU M 177 -23.95 36.55 20.87
N ARG M 178 -23.53 36.43 19.60
CA ARG M 178 -22.17 36.73 19.13
C ARG M 178 -21.11 35.88 19.85
N THR M 179 -21.42 34.61 20.06
CA THR M 179 -20.49 33.67 20.67
C THR M 179 -20.10 32.59 19.66
N ALA M 180 -19.11 31.78 20.04
CA ALA M 180 -18.61 30.71 19.20
C ALA M 180 -18.26 29.52 20.07
N ILE M 181 -18.90 28.37 19.81
CA ILE M 181 -18.78 27.19 20.64
C ILE M 181 -18.46 25.98 19.75
N SER M 182 -17.49 25.18 20.16
CA SER M 182 -17.17 23.91 19.52
C SER M 182 -17.60 22.76 20.42
N GLY M 183 -17.40 21.54 19.95
CA GLY M 183 -17.77 20.36 20.70
C GLY M 183 -17.79 19.13 19.83
N LYS M 184 -17.71 17.97 20.49
CA LYS M 184 -17.63 16.68 19.81
C LYS M 184 -18.56 15.66 20.45
N VAL M 185 -18.97 14.69 19.64
CA VAL M 185 -20.02 13.72 19.97
C VAL M 185 -19.45 12.31 19.82
N GLN M 186 -18.23 12.09 20.34
CA GLN M 186 -17.45 10.84 20.24
C GLN M 186 -18.27 9.58 20.50
N PRO M 187 -18.37 8.67 19.53
CA PRO M 187 -18.97 7.36 19.80
C PRO M 187 -18.00 6.43 20.52
N GLU M 188 -18.40 5.16 20.64
CA GLU M 188 -17.54 4.17 21.30
C GLU M 188 -16.28 3.91 20.49
N PHE M 189 -16.41 3.67 19.19
CA PHE M 189 -15.26 3.29 18.38
C PHE M 189 -15.20 3.96 17.02
N GLY M 190 -16.16 4.80 16.66
CA GLY M 190 -16.16 5.41 15.33
C GLY M 190 -15.37 6.68 15.22
N ALA M 191 -15.84 7.61 14.39
CA ALA M 191 -15.23 8.91 14.20
C ALA M 191 -16.20 10.02 14.57
N PRO M 192 -15.77 11.03 15.30
CA PRO M 192 -16.71 11.99 15.87
C PRO M 192 -17.20 13.01 14.84
N GLY M 193 -18.37 13.57 15.14
CA GLY M 193 -18.89 14.72 14.40
C GLY M 193 -18.67 15.98 15.20
N VAL M 194 -18.27 17.04 14.49
CA VAL M 194 -17.81 18.28 15.11
C VAL M 194 -18.93 19.30 15.04
N ILE M 195 -19.06 20.11 16.09
CA ILE M 195 -20.17 21.06 16.26
C ILE M 195 -19.61 22.48 16.16
N SER M 196 -20.32 23.35 15.42
CA SER M 196 -19.99 24.76 15.38
C SER M 196 -21.25 25.55 15.08
N PHE M 197 -21.70 26.37 16.03
CA PHE M 197 -22.99 27.06 15.94
C PHE M 197 -22.85 28.53 16.36
N THR M 198 -21.91 29.23 15.73
CA THR M 198 -21.66 30.66 15.96
C THR M 198 -22.94 31.49 15.82
N THR M 199 -23.34 32.13 16.91
CA THR M 199 -24.70 32.61 17.09
C THR M 199 -24.98 33.84 16.23
N PRO M 200 -26.23 34.02 15.79
CA PRO M 200 -26.58 35.23 15.04
C PRO M 200 -26.62 36.46 15.95
N ALA M 201 -26.66 37.62 15.30
CA ALA M 201 -26.57 38.90 15.99
C ALA M 201 -27.92 39.44 16.44
N SER M 202 -29.01 38.70 16.24
CA SER M 202 -30.33 39.18 16.62
C SER M 202 -31.26 37.99 16.83
N TYR M 203 -32.07 38.05 17.89
CA TYR M 203 -33.10 37.05 18.14
C TYR M 203 -34.45 37.67 17.81
N THR M 204 -35.20 37.00 16.93
CA THR M 204 -36.47 37.53 16.45
C THR M 204 -37.65 36.68 16.88
N THR M 205 -37.66 35.40 16.54
CA THR M 205 -38.81 34.54 16.79
C THR M 205 -38.56 33.68 18.01
N THR M 206 -39.57 32.87 18.36
CA THR M 206 -39.48 31.97 19.50
C THR M 206 -38.80 30.65 19.17
N LEU M 207 -38.30 30.49 17.95
CA LEU M 207 -37.64 29.24 17.55
C LEU M 207 -36.63 29.61 16.47
N VAL M 208 -35.36 29.73 16.87
CA VAL M 208 -34.31 30.24 15.99
C VAL M 208 -33.48 29.06 15.48
N GLU M 209 -33.08 29.15 14.22
CA GLU M 209 -32.18 28.16 13.63
C GLU M 209 -30.74 28.52 13.94
N LEU M 210 -29.93 27.50 14.10
CA LEU M 210 -28.53 27.73 14.43
C LEU M 210 -27.57 27.05 13.47
N GLN M 211 -27.89 25.86 12.99
CA GLN M 211 -27.08 25.20 11.97
C GLN M 211 -27.93 24.28 11.11
N ALA N 13 36.59 -69.33 30.44
CA ALA N 13 37.73 -68.54 30.86
C ALA N 13 37.68 -67.15 30.24
N SER N 14 37.55 -67.10 28.92
CA SER N 14 37.46 -65.84 28.19
C SER N 14 36.03 -65.55 27.72
N GLY N 15 35.03 -66.04 28.45
CA GLY N 15 33.65 -65.77 28.13
C GLY N 15 33.04 -64.70 29.01
N ILE N 16 33.81 -63.66 29.30
CA ILE N 16 33.35 -62.57 30.16
C ILE N 16 33.29 -61.34 29.27
N GLY N 17 32.92 -61.55 28.00
CA GLY N 17 32.82 -60.46 27.04
C GLY N 17 31.68 -59.50 27.30
N THR N 18 30.73 -59.85 28.16
CA THR N 18 29.64 -58.93 28.46
C THR N 18 30.05 -57.91 29.52
N LEU N 19 30.84 -58.32 30.52
CA LEU N 19 31.25 -57.43 31.60
C LEU N 19 32.19 -56.33 31.13
N ILE N 20 32.86 -56.55 30.00
CA ILE N 20 33.78 -55.55 29.45
C ILE N 20 33.02 -54.41 28.82
N VAL N 21 32.05 -54.74 27.97
CA VAL N 21 31.49 -53.79 27.03
C VAL N 21 30.03 -53.46 27.33
N PHE N 22 29.21 -54.44 27.71
CA PHE N 22 27.76 -54.32 27.71
C PHE N 22 27.27 -53.33 28.77
N ILE N 23 27.65 -53.56 30.03
CA ILE N 23 27.19 -52.72 31.14
C ILE N 23 27.74 -51.30 31.01
N ALA N 24 29.00 -51.18 30.57
CA ALA N 24 29.63 -49.88 30.39
C ALA N 24 28.97 -49.08 29.28
N MET N 25 28.64 -49.72 28.15
CA MET N 25 27.98 -48.99 27.09
C MET N 25 26.52 -48.68 27.41
N VAL N 26 25.87 -49.51 28.23
CA VAL N 26 24.51 -49.17 28.69
C VAL N 26 24.54 -47.93 29.57
N LEU N 27 25.52 -47.85 30.48
CA LEU N 27 25.62 -46.68 31.36
C LEU N 27 26.02 -45.42 30.59
N VAL N 28 26.97 -45.54 29.67
CA VAL N 28 27.37 -44.39 28.84
C VAL N 28 26.22 -43.97 27.91
N ALA N 29 25.42 -44.93 27.44
CA ALA N 29 24.24 -44.62 26.64
C ALA N 29 23.21 -43.86 27.45
N ALA N 30 22.98 -44.27 28.69
CA ALA N 30 22.04 -43.57 29.56
C ALA N 30 22.51 -42.16 29.87
N VAL N 31 23.82 -41.98 30.07
CA VAL N 31 24.37 -40.65 30.33
C VAL N 31 24.23 -39.74 29.11
N ALA N 32 24.63 -40.26 27.94
CA ALA N 32 24.58 -39.47 26.71
C ALA N 32 23.15 -39.21 26.25
N ALA N 33 22.19 -40.03 26.70
CA ALA N 33 20.80 -39.74 26.41
C ALA N 33 20.24 -38.71 27.39
N SER N 34 20.60 -38.83 28.67
CA SER N 34 20.12 -37.92 29.70
C SER N 34 20.68 -36.51 29.53
N VAL N 35 21.80 -36.36 28.82
CA VAL N 35 22.22 -35.02 28.42
C VAL N 35 21.22 -34.42 27.43
N LEU N 36 20.87 -35.18 26.39
CA LEU N 36 20.05 -34.65 25.31
C LEU N 36 18.60 -34.41 25.74
N ILE N 37 18.06 -35.23 26.64
CA ILE N 37 16.72 -34.98 27.14
C ILE N 37 16.70 -33.74 28.03
N ASN N 38 17.64 -33.63 28.96
CA ASN N 38 17.60 -32.53 29.92
C ASN N 38 18.09 -31.20 29.34
N THR N 39 18.77 -31.21 28.19
CA THR N 39 19.21 -29.94 27.63
C THR N 39 18.14 -29.24 26.79
N SER N 40 16.97 -29.84 26.61
CA SER N 40 15.96 -29.29 25.72
C SER N 40 14.90 -28.47 26.44
N GLY N 41 14.64 -28.75 27.72
CA GLY N 41 13.59 -28.06 28.44
C GLY N 41 13.89 -26.58 28.65
N PHE N 42 15.16 -26.26 28.92
CA PHE N 42 15.59 -24.87 29.08
C PHE N 42 15.34 -24.08 27.82
N LEU N 43 15.75 -24.63 26.67
CA LEU N 43 15.60 -23.88 25.43
C LEU N 43 14.16 -23.83 24.95
N GLN N 44 13.34 -24.86 25.22
CA GLN N 44 11.94 -24.75 24.82
C GLN N 44 11.18 -23.75 25.70
N GLN N 45 11.47 -23.70 27.00
CA GLN N 45 10.78 -22.74 27.84
C GLN N 45 11.37 -21.36 27.75
N LYS N 46 12.55 -21.21 27.15
CA LYS N 46 13.04 -19.88 26.82
C LYS N 46 12.50 -19.41 25.48
N ALA N 47 12.29 -20.32 24.52
CA ALA N 47 11.80 -19.93 23.21
C ALA N 47 10.28 -19.75 23.20
N SER N 48 9.56 -20.40 24.11
CA SER N 48 8.11 -20.25 24.12
C SER N 48 7.67 -18.90 24.66
N THR N 49 8.40 -18.36 25.63
CA THR N 49 8.05 -17.06 26.19
C THR N 49 8.39 -15.93 25.23
N THR N 50 9.41 -16.12 24.38
CA THR N 50 9.95 -15.03 23.58
C THR N 50 8.95 -14.57 22.52
N GLY N 51 8.26 -15.51 21.88
CA GLY N 51 7.30 -15.14 20.85
C GLY N 51 6.07 -14.42 21.39
N LYS N 52 5.49 -14.95 22.46
CA LYS N 52 4.30 -14.34 23.01
C LYS N 52 4.61 -13.20 23.98
N GLU N 53 5.88 -12.87 24.19
CA GLU N 53 6.22 -11.58 24.79
C GLU N 53 6.68 -10.56 23.76
N SER N 54 7.14 -11.01 22.58
CA SER N 54 7.49 -10.09 21.52
C SER N 54 6.29 -9.67 20.68
N THR N 55 5.24 -10.48 20.65
CA THR N 55 4.03 -10.09 19.93
C THR N 55 3.29 -8.98 20.66
N GLU N 56 3.36 -8.96 21.99
CA GLU N 56 2.69 -7.92 22.76
C GLU N 56 3.34 -6.56 22.58
N GLN N 57 4.65 -6.53 22.28
CA GLN N 57 5.32 -5.25 22.08
C GLN N 57 4.94 -4.62 20.75
N VAL N 58 4.86 -5.42 19.69
CA VAL N 58 4.46 -4.88 18.40
C VAL N 58 2.96 -4.64 18.35
N ALA N 59 2.18 -5.31 19.20
CA ALA N 59 0.72 -5.18 19.12
C ALA N 59 0.22 -3.88 19.76
N SER N 60 0.70 -3.56 20.96
CA SER N 60 0.08 -2.53 21.78
C SER N 60 0.43 -1.13 21.28
N GLY N 61 -0.16 -0.13 21.91
CA GLY N 61 0.04 1.25 21.50
C GLY N 61 -0.72 2.19 22.42
N LEU N 62 -0.71 3.46 22.03
CA LEU N 62 -1.30 4.51 22.86
C LEU N 62 -1.53 5.72 21.95
N LEU N 63 -2.77 6.20 21.90
CA LEU N 63 -3.21 7.14 20.86
C LEU N 63 -3.77 8.42 21.48
N ILE N 64 -3.08 9.54 21.23
CA ILE N 64 -3.49 10.86 21.67
C ILE N 64 -4.48 11.45 20.67
N ASN N 65 -5.62 11.96 21.15
CA ASN N 65 -6.67 12.48 20.28
C ASN N 65 -7.24 13.82 20.78
N GLY N 66 -6.38 14.75 21.16
CA GLY N 66 -6.85 16.09 21.50
C GLY N 66 -6.26 16.68 22.75
N ILE N 67 -5.78 17.92 22.67
CA ILE N 67 -5.10 18.60 23.77
C ILE N 67 -5.71 19.99 23.94
N THR N 68 -6.21 20.29 25.13
CA THR N 68 -6.74 21.61 25.45
C THR N 68 -5.93 22.24 26.58
N GLY N 69 -6.13 23.53 26.77
CA GLY N 69 -5.40 24.26 27.79
C GLY N 69 -6.24 25.36 28.38
N SER N 70 -5.97 25.68 29.65
CA SER N 70 -6.69 26.71 30.36
C SER N 70 -5.80 27.95 30.55
N VAL N 71 -6.46 29.10 30.66
CA VAL N 71 -5.81 30.39 30.76
C VAL N 71 -6.70 31.21 31.70
N GLY N 72 -6.32 32.45 32.00
CA GLY N 72 -7.23 33.28 32.78
C GLY N 72 -6.61 34.27 33.75
N THR N 73 -5.29 34.31 33.86
CA THR N 73 -4.63 35.39 34.59
C THR N 73 -3.79 36.27 33.66
N SER N 74 -2.74 35.70 33.06
CA SER N 74 -2.07 36.32 31.93
C SER N 74 -1.62 35.33 30.88
N ASP N 75 -1.60 34.03 31.18
CA ASP N 75 -0.91 33.05 30.37
C ASP N 75 -1.43 31.66 30.76
N VAL N 76 -1.21 30.69 29.86
CA VAL N 76 -1.66 29.32 30.06
C VAL N 76 -0.93 28.69 31.23
N LYS N 77 -1.67 27.98 32.10
CA LYS N 77 -1.04 27.30 33.21
C LYS N 77 -1.60 25.93 33.55
N LEU N 78 -2.57 25.40 32.79
CA LEU N 78 -3.04 24.04 32.97
C LEU N 78 -3.25 23.39 31.60
N LEU N 79 -2.82 22.14 31.46
CA LEU N 79 -2.99 21.38 30.24
C LEU N 79 -3.83 20.15 30.50
N ALA N 80 -4.73 19.85 29.57
CA ALA N 80 -5.57 18.66 29.61
C ALA N 80 -5.34 17.85 28.34
N ILE N 81 -5.02 16.57 28.50
CA ILE N 81 -4.69 15.69 27.39
C ILE N 81 -5.69 14.54 27.38
N TYR N 82 -6.38 14.35 26.28
CA TYR N 82 -7.24 13.19 26.14
C TYR N 82 -6.44 12.02 25.63
N LEU N 83 -6.99 10.81 25.80
CA LEU N 83 -6.20 9.61 25.62
C LEU N 83 -7.14 8.42 25.44
N ALA N 84 -6.68 7.45 24.64
CA ALA N 84 -7.45 6.23 24.35
C ALA N 84 -6.50 5.18 23.82
N PRO N 85 -6.66 3.92 24.20
CA PRO N 85 -5.74 2.88 23.72
C PRO N 85 -6.02 2.50 22.27
N ASN N 86 -4.98 2.06 21.59
CA ASN N 86 -5.11 1.53 20.25
C ASN N 86 -5.85 0.19 20.32
N ALA N 87 -6.54 -0.15 19.22
CA ALA N 87 -7.43 -1.31 19.25
C ALA N 87 -6.69 -2.62 18.94
N GLY N 88 -5.57 -2.85 19.60
CA GLY N 88 -4.96 -4.16 19.66
C GLY N 88 -4.24 -4.37 20.97
N SER N 89 -4.35 -3.39 21.87
CA SER N 89 -3.58 -3.40 23.10
C SER N 89 -4.19 -4.34 24.11
N SER N 90 -3.33 -5.01 24.88
CA SER N 90 -3.81 -5.99 25.83
C SER N 90 -4.30 -5.33 27.12
N ALA N 91 -3.39 -4.70 27.87
CA ALA N 91 -3.75 -4.08 29.14
C ALA N 91 -2.74 -2.98 29.42
N ILE N 92 -3.13 -1.74 29.18
CA ILE N 92 -2.29 -0.60 29.51
C ILE N 92 -2.48 -0.26 30.98
N ASP N 93 -1.37 -0.13 31.71
CA ASP N 93 -1.37 0.08 33.15
C ASP N 93 -0.86 1.50 33.43
N LEU N 94 -1.74 2.37 33.92
CA LEU N 94 -1.40 3.77 34.11
C LEU N 94 -0.58 4.05 35.36
N ALA N 95 -0.16 3.04 36.11
CA ALA N 95 0.65 3.31 37.28
C ALA N 95 2.11 3.53 36.94
N GLN N 96 2.52 3.28 35.69
CA GLN N 96 3.93 3.28 35.32
C GLN N 96 4.18 3.96 33.97
N THR N 97 3.33 4.89 33.58
CA THR N 97 3.50 5.62 32.32
C THR N 97 3.96 7.03 32.65
N LYS N 98 5.00 7.48 31.95
CA LYS N 98 5.67 8.73 32.29
C LYS N 98 5.71 9.66 31.09
N VAL N 99 5.48 10.95 31.35
CA VAL N 99 5.36 11.95 30.32
C VAL N 99 6.61 12.82 30.31
N MET N 100 7.20 13.01 29.13
CA MET N 100 8.30 13.96 28.99
C MET N 100 7.82 15.21 28.26
N LEU N 101 8.32 16.36 28.70
CA LEU N 101 8.07 17.64 28.03
C LEU N 101 9.38 18.38 27.84
N ASP N 102 9.45 19.21 26.80
CA ASP N 102 10.69 19.88 26.42
C ASP N 102 10.40 21.34 26.11
N TYR N 103 10.90 22.24 26.96
CA TYR N 103 10.69 23.67 26.73
C TYR N 103 11.73 24.48 27.49
N ASN N 104 12.30 25.48 26.79
CA ASN N 104 13.15 26.54 27.36
C ASN N 104 14.40 25.95 28.04
N GLY N 105 15.02 24.98 27.37
CA GLY N 105 16.16 24.31 27.98
C GLY N 105 15.82 23.44 29.15
N LYS N 106 14.57 23.00 29.26
CA LYS N 106 14.11 22.18 30.37
C LYS N 106 13.46 20.92 29.82
N SER N 107 14.06 19.77 30.12
CA SER N 107 13.48 18.48 29.81
C SER N 107 12.93 17.91 31.10
N VAL N 108 11.61 17.71 31.14
CA VAL N 108 10.89 17.46 32.39
C VAL N 108 10.25 16.08 32.31
N VAL N 109 10.54 15.25 33.29
CA VAL N 109 10.02 13.89 33.42
C VAL N 109 9.02 13.90 34.56
N LEU N 110 7.84 13.32 34.34
CA LEU N 110 6.80 13.28 35.35
C LEU N 110 6.54 11.85 35.78
N GLY N 111 5.68 11.69 36.78
CA GLY N 111 5.30 10.39 37.30
C GLY N 111 3.86 10.46 37.77
N TYR N 112 3.35 9.31 38.20
CA TYR N 112 1.96 9.24 38.62
C TYR N 112 1.76 9.86 40.00
N GLY N 113 0.64 10.54 40.17
CA GLY N 113 0.31 11.21 41.41
C GLY N 113 -0.84 10.53 42.12
N GLY N 114 -0.78 10.52 43.45
CA GLY N 114 -1.76 9.79 44.26
C GLY N 114 -3.08 10.49 44.47
N ASN N 115 -3.77 10.84 43.38
CA ASN N 115 -5.09 11.43 43.45
C ASN N 115 -5.78 11.19 42.12
N GLN N 116 -7.05 10.78 42.17
CA GLN N 116 -7.83 10.54 40.96
C GLN N 116 -9.28 10.87 41.26
N ASP N 117 -10.17 10.54 40.32
CA ASP N 117 -11.59 10.84 40.48
C ASP N 117 -12.39 9.88 39.60
N MET N 118 -13.66 9.72 39.94
CA MET N 118 -14.57 8.85 39.22
C MET N 118 -15.69 9.66 38.55
N SER N 119 -15.31 10.78 37.94
CA SER N 119 -16.25 11.71 37.33
C SER N 119 -16.85 11.17 36.03
N SER N 120 -17.74 10.20 36.13
CA SER N 120 -18.47 9.65 34.97
C SER N 120 -19.93 10.04 35.15
N GLY N 121 -20.29 11.24 34.70
CA GLY N 121 -21.63 11.74 34.84
C GLY N 121 -21.68 13.20 35.22
N ASN N 122 -20.58 13.70 35.77
CA ASN N 122 -20.50 15.06 36.27
C ASN N 122 -19.92 15.99 35.20
N SER N 123 -19.63 17.23 35.59
CA SER N 123 -19.24 18.28 34.68
C SER N 123 -18.10 19.08 35.27
N SER N 124 -17.69 20.13 34.54
CA SER N 124 -16.70 21.14 34.95
C SER N 124 -15.35 20.49 35.30
N VAL N 125 -14.69 20.01 34.24
CA VAL N 125 -13.42 19.27 34.34
C VAL N 125 -12.36 20.07 35.07
N PHE N 126 -12.34 21.38 34.89
CA PHE N 126 -11.34 22.23 35.52
C PHE N 126 -11.78 22.76 36.88
N SER N 127 -12.64 22.02 37.61
CA SER N 127 -13.11 22.52 38.91
C SER N 127 -13.20 21.45 40.00
N ASN N 128 -12.55 20.29 39.86
CA ASN N 128 -12.61 19.25 40.87
C ASN N 128 -11.24 18.62 41.07
N ASP N 129 -10.71 18.76 42.29
CA ASP N 129 -9.52 18.05 42.77
C ASP N 129 -8.27 18.33 41.94
N THR N 130 -8.00 19.61 41.69
CA THR N 130 -6.83 20.02 40.92
C THR N 130 -5.74 20.63 41.79
N GLY N 131 -5.61 20.17 43.04
CA GLY N 131 -4.64 20.75 43.95
C GLY N 131 -3.62 19.79 44.53
N ALA N 132 -3.13 18.84 43.74
CA ALA N 132 -2.09 17.91 44.17
C ALA N 132 -1.03 17.75 43.08
N THR N 133 -0.72 18.84 42.41
CA THR N 133 0.17 18.95 41.26
C THR N 133 1.60 19.30 41.69
N ALA N 134 2.37 19.84 40.73
CA ALA N 134 3.70 20.46 40.77
C ALA N 134 4.87 19.49 40.68
N THR N 135 4.63 18.18 40.70
CA THR N 135 5.65 17.27 40.17
C THR N 135 5.04 16.06 39.45
N THR N 136 3.73 15.95 39.34
CA THR N 136 3.06 14.77 38.82
C THR N 136 1.89 15.21 37.96
N PHE N 137 1.18 14.23 37.40
CA PHE N 137 -0.05 14.48 36.66
C PHE N 137 -1.23 13.85 37.38
N GLN N 138 -2.42 14.24 36.96
CA GLN N 138 -3.66 13.77 37.59
C GLN N 138 -4.55 13.11 36.56
N VAL N 139 -5.32 12.12 36.99
CA VAL N 139 -6.04 11.22 36.11
C VAL N 139 -7.53 11.37 36.35
N ASN N 140 -8.31 11.56 35.28
CA ASN N 140 -9.76 11.53 35.35
C ASN N 140 -10.31 10.48 34.39
N ILE N 141 -11.43 9.87 34.77
CA ILE N 141 -12.06 8.79 34.02
C ILE N 141 -13.31 9.36 33.37
N LEU N 142 -13.45 9.17 32.05
CA LEU N 142 -14.63 9.65 31.37
C LEU N 142 -15.59 8.55 30.95
N GLN N 143 -15.11 7.30 30.79
CA GLN N 143 -15.97 6.22 30.33
C GLN N 143 -15.35 4.89 30.73
N ASP N 144 -16.14 4.04 31.39
CA ASP N 144 -15.69 2.71 31.77
C ASP N 144 -16.92 1.85 31.98
N TYR N 145 -17.13 0.87 31.10
CA TYR N 145 -18.31 0.01 31.23
C TYR N 145 -18.13 -1.02 32.35
N ASP N 146 -17.12 -1.87 32.25
CA ASP N 146 -16.95 -2.98 33.16
C ASP N 146 -16.04 -2.66 34.34
N ASP N 147 -16.06 -1.38 34.78
CA ASP N 147 -15.37 -0.74 35.92
C ASP N 147 -14.00 -1.32 36.25
N SER N 148 -13.18 -1.52 35.22
CA SER N 148 -11.85 -2.08 35.36
C SER N 148 -10.78 -1.01 35.56
N ALA N 149 -11.15 0.27 35.51
CA ALA N 149 -10.21 1.35 35.73
C ALA N 149 -10.55 2.20 36.95
N VAL N 150 -11.59 1.83 37.71
CA VAL N 150 -11.97 2.59 38.90
C VAL N 150 -10.92 2.44 39.98
N ASP N 151 -10.40 1.23 40.16
CA ASP N 151 -9.27 1.02 41.05
C ASP N 151 -8.07 0.57 40.23
N ASN N 152 -6.89 0.88 40.77
CA ASN N 152 -5.53 0.43 40.38
C ASN N 152 -5.18 0.59 38.89
N ALA N 153 -5.93 1.43 38.16
CA ALA N 153 -5.51 2.06 36.90
C ALA N 153 -5.16 1.05 35.80
N VAL N 154 -6.16 0.31 35.36
CA VAL N 154 -6.00 -0.63 34.25
C VAL N 154 -6.99 -0.27 33.16
N ILE N 155 -6.48 0.07 31.99
CA ILE N 155 -7.31 0.43 30.83
C ILE N 155 -7.47 -0.79 29.95
N ASN N 156 -8.70 -1.23 29.76
CA ASN N 156 -9.01 -2.31 28.84
C ASN N 156 -9.34 -1.73 27.46
N LYS N 157 -9.92 -2.55 26.59
CA LYS N 157 -10.17 -2.15 25.20
C LYS N 157 -11.43 -1.30 25.14
N GLY N 158 -11.28 0.02 25.18
CA GLY N 158 -12.41 0.89 24.94
C GLY N 158 -12.70 1.96 25.98
N ASP N 159 -11.72 2.32 26.81
CA ASP N 159 -11.95 3.34 27.83
C ASP N 159 -11.61 4.74 27.29
N ALA N 160 -11.76 5.73 28.16
CA ALA N 160 -11.41 7.12 27.83
C ALA N 160 -10.94 7.79 29.13
N VAL N 161 -9.69 8.24 29.13
CA VAL N 161 -9.03 8.75 30.33
C VAL N 161 -8.37 10.07 29.98
N ALA N 162 -8.62 11.10 30.79
CA ALA N 162 -7.97 12.38 30.57
C ALA N 162 -6.88 12.61 31.62
N LEU N 163 -5.87 13.38 31.21
CA LEU N 163 -4.75 13.73 32.08
C LEU N 163 -4.75 15.23 32.28
N ILE N 164 -4.37 15.66 33.49
CA ILE N 164 -4.25 17.08 33.81
C ILE N 164 -2.86 17.32 34.36
N VAL N 165 -2.15 18.29 33.77
CA VAL N 165 -0.80 18.67 34.17
C VAL N 165 -0.80 20.16 34.45
N ASP N 166 -0.18 20.57 35.56
CA ASP N 166 0.00 21.99 35.87
C ASP N 166 1.36 22.46 35.36
N VAL N 167 1.37 23.65 34.78
CA VAL N 167 2.55 24.18 34.10
C VAL N 167 3.27 25.21 34.94
N ASN N 168 2.51 26.07 35.62
CA ASN N 168 3.08 27.18 36.39
C ASN N 168 3.95 26.68 37.55
N ALA N 169 3.51 25.62 38.21
CA ALA N 169 4.23 25.10 39.36
C ALA N 169 5.18 23.95 39.00
N SER N 170 5.42 23.71 37.71
CA SER N 170 6.33 22.65 37.30
C SER N 170 7.43 23.18 36.39
N PHE N 171 7.16 24.26 35.66
CA PHE N 171 8.19 24.90 34.85
C PHE N 171 8.76 26.14 35.50
N ALA N 172 8.16 26.58 36.63
CA ALA N 172 8.48 27.81 37.35
C ALA N 172 8.40 29.03 36.42
N GLY N 173 7.22 29.27 35.87
CA GLY N 173 7.04 30.39 34.95
C GLY N 173 5.74 30.32 34.17
N GLU N 174 5.80 30.58 32.87
CA GLU N 174 4.62 30.60 32.03
C GLU N 174 4.94 29.89 30.71
N ILE N 175 4.00 29.95 29.78
CA ILE N 175 4.18 29.42 28.43
C ILE N 175 3.61 30.42 27.43
N PRO N 176 4.41 31.35 26.92
CA PRO N 176 3.90 32.39 26.04
C PRO N 176 3.60 31.84 24.65
N GLU N 177 3.10 32.74 23.80
CA GLU N 177 2.67 32.35 22.47
C GLU N 177 3.87 32.20 21.53
N ARG N 178 3.57 31.68 20.33
CA ARG N 178 4.53 31.48 19.23
C ARG N 178 5.69 30.57 19.64
N THR N 179 5.38 29.51 20.37
CA THR N 179 6.37 28.52 20.78
C THR N 179 6.06 27.18 20.14
N ALA N 180 7.00 26.24 20.28
CA ALA N 180 6.86 24.91 19.70
C ALA N 180 7.45 23.90 20.68
N ILE N 181 6.64 22.94 21.12
CA ILE N 181 7.01 21.99 22.16
C ILE N 181 6.69 20.57 21.68
N SER N 182 7.62 19.66 21.85
CA SER N 182 7.42 18.23 21.61
C SER N 182 7.36 17.48 22.93
N GLY N 183 7.15 16.18 22.85
CA GLY N 183 7.06 15.34 24.03
C GLY N 183 6.45 14.00 23.73
N LYS N 184 6.71 13.04 24.62
CA LYS N 184 6.27 11.67 24.44
C LYS N 184 5.69 11.11 25.73
N VAL N 185 4.80 10.13 25.56
CA VAL N 185 3.94 9.58 26.62
C VAL N 185 4.19 8.08 26.72
N GLN N 186 5.47 7.66 26.68
CA GLN N 186 5.93 6.26 26.67
C GLN N 186 5.19 5.36 27.67
N PRO N 187 4.52 4.31 27.20
CA PRO N 187 3.98 3.31 28.14
C PRO N 187 5.04 2.34 28.60
N GLU N 188 4.62 1.28 29.31
CA GLU N 188 5.56 0.28 29.80
C GLU N 188 6.20 -0.49 28.67
N PHE N 189 5.40 -0.97 27.71
CA PHE N 189 5.92 -1.82 26.66
C PHE N 189 5.38 -1.53 25.27
N GLY N 190 4.48 -0.56 25.11
CA GLY N 190 3.88 -0.31 23.81
C GLY N 190 4.67 0.66 22.95
N ALA N 191 3.95 1.46 22.15
CA ALA N 191 4.55 2.46 21.29
C ALA N 191 4.03 3.84 21.67
N PRO N 192 4.90 4.85 21.75
CA PRO N 192 4.50 6.13 22.31
C PRO N 192 3.69 6.98 21.34
N GLY N 193 2.91 7.88 21.91
CA GLY N 193 2.23 8.92 21.15
C GLY N 193 2.98 10.24 21.29
N VAL N 194 3.09 10.95 20.18
CA VAL N 194 3.95 12.13 20.09
C VAL N 194 3.09 13.37 20.18
N ILE N 195 3.60 14.42 20.85
CA ILE N 195 2.86 15.62 21.15
C ILE N 195 3.46 16.78 20.36
N SER N 196 2.59 17.62 19.77
CA SER N 196 3.04 18.85 19.11
C SER N 196 1.90 19.86 19.17
N PHE N 197 2.09 20.96 19.88
CA PHE N 197 1.04 21.93 20.15
C PHE N 197 1.55 23.36 19.95
N THR N 198 2.13 23.63 18.78
CA THR N 198 2.62 24.95 18.39
C THR N 198 1.56 26.03 18.55
N THR N 199 1.84 26.99 19.43
CA THR N 199 0.83 27.85 20.02
C THR N 199 0.31 28.88 19.02
N PRO N 200 -0.95 29.28 19.15
CA PRO N 200 -1.48 30.35 18.28
C PRO N 200 -0.91 31.70 18.63
N ALA N 201 -1.12 32.65 17.73
CA ALA N 201 -0.54 33.99 17.85
C ALA N 201 -1.40 34.95 18.63
N SER N 202 -2.53 34.51 19.19
CA SER N 202 -3.40 35.40 19.94
C SER N 202 -4.23 34.59 20.91
N TYR N 203 -4.39 35.11 22.13
CA TYR N 203 -5.26 34.52 23.14
C TYR N 203 -6.51 35.37 23.26
N THR N 204 -7.68 34.76 23.07
CA THR N 204 -8.94 35.49 23.07
C THR N 204 -9.84 35.12 24.24
N THR N 205 -10.18 33.84 24.38
CA THR N 205 -11.14 33.40 25.37
C THR N 205 -10.42 32.81 26.57
N THR N 206 -11.20 32.41 27.57
CA THR N 206 -10.66 31.80 28.78
C THR N 206 -10.42 30.31 28.65
N LEU N 207 -10.62 29.74 27.46
CA LEU N 207 -10.41 28.30 27.26
C LEU N 207 -10.04 28.13 25.78
N VAL N 208 -8.75 27.99 25.51
CA VAL N 208 -8.23 27.98 24.16
C VAL N 208 -7.92 26.54 23.75
N GLU N 209 -8.21 26.22 22.49
CA GLU N 209 -7.86 24.92 21.92
C GLU N 209 -6.42 24.93 21.43
N LEU N 210 -5.77 23.80 21.55
CA LEU N 210 -4.37 23.72 21.12
C LEU N 210 -4.13 22.60 20.12
N GLN N 211 -4.80 21.46 20.27
CA GLN N 211 -4.69 20.39 19.27
C GLN N 211 -5.97 19.57 19.24
N ALA O 13 15.17 -29.61 3.98
CA ALA O 13 14.30 -29.72 5.15
C ALA O 13 13.50 -28.44 5.32
N SER O 14 14.20 -27.30 5.40
CA SER O 14 13.57 -26.00 5.53
C SER O 14 13.57 -25.21 4.23
N GLY O 15 13.55 -25.90 3.09
CA GLY O 15 13.50 -25.24 1.81
C GLY O 15 12.12 -25.25 1.19
N ILE O 16 11.10 -25.05 2.02
CA ILE O 16 9.71 -25.07 1.57
C ILE O 16 9.20 -23.64 1.76
N GLY O 17 10.08 -22.67 1.56
CA GLY O 17 9.72 -21.28 1.71
C GLY O 17 8.78 -20.75 0.66
N THR O 18 8.58 -21.46 -0.44
CA THR O 18 7.62 -21.02 -1.45
C THR O 18 6.20 -21.39 -1.09
N LEU O 19 5.98 -22.57 -0.49
CA LEU O 19 4.63 -23.03 -0.15
C LEU O 19 4.00 -22.19 0.97
N ILE O 20 4.82 -21.52 1.76
CA ILE O 20 4.32 -20.69 2.85
C ILE O 20 3.73 -19.40 2.31
N VAL O 21 4.47 -18.72 1.44
CA VAL O 21 4.21 -17.33 1.12
C VAL O 21 3.75 -17.13 -0.32
N PHE O 22 4.34 -17.85 -1.28
CA PHE O 22 4.22 -17.53 -2.69
C PHE O 22 2.80 -17.75 -3.22
N ILE O 23 2.28 -18.97 -3.05
CA ILE O 23 0.96 -19.32 -3.56
C ILE O 23 -0.12 -18.53 -2.85
N ALA O 24 0.04 -18.33 -1.54
CA ALA O 24 -0.93 -17.58 -0.75
C ALA O 24 -0.98 -16.11 -1.17
N MET O 25 0.18 -15.50 -1.40
CA MET O 25 0.17 -14.10 -1.82
C MET O 25 -0.28 -13.94 -3.26
N VAL O 26 -0.06 -14.95 -4.11
CA VAL O 26 -0.61 -14.89 -5.47
C VAL O 26 -2.14 -14.93 -5.43
N LEU O 27 -2.70 -15.80 -4.59
CA LEU O 27 -4.17 -15.88 -4.49
C LEU O 27 -4.77 -14.64 -3.86
N VAL O 28 -4.13 -14.11 -2.80
CA VAL O 28 -4.61 -12.87 -2.17
C VAL O 28 -4.45 -11.69 -3.12
N ALA O 29 -3.40 -11.69 -3.94
CA ALA O 29 -3.22 -10.66 -4.96
C ALA O 29 -4.32 -10.71 -6.01
N ALA O 30 -4.68 -11.92 -6.45
CA ALA O 30 -5.75 -12.06 -7.42
C ALA O 30 -7.09 -11.62 -6.85
N VAL O 31 -7.34 -11.91 -5.58
CA VAL O 31 -8.59 -11.49 -4.93
C VAL O 31 -8.64 -9.97 -4.79
N ALA O 32 -7.55 -9.37 -4.29
CA ALA O 32 -7.51 -7.93 -4.10
C ALA O 32 -7.47 -7.16 -5.40
N ALA O 33 -7.07 -7.80 -6.50
CA ALA O 33 -7.15 -7.16 -7.80
C ALA O 33 -8.56 -7.30 -8.37
N SER O 34 -9.18 -8.47 -8.20
CA SER O 34 -10.52 -8.71 -8.72
C SER O 34 -11.57 -7.89 -8.00
N VAL O 35 -11.30 -7.44 -6.79
CA VAL O 35 -12.17 -6.44 -6.16
C VAL O 35 -12.12 -5.12 -6.94
N LEU O 36 -10.91 -4.64 -7.24
CA LEU O 36 -10.74 -3.32 -7.84
C LEU O 36 -11.20 -3.28 -9.29
N ILE O 37 -11.04 -4.38 -10.03
CA ILE O 37 -11.54 -4.41 -11.40
C ILE O 37 -13.07 -4.43 -11.41
N ASN O 38 -13.68 -5.30 -10.59
CA ASN O 38 -15.12 -5.46 -10.66
C ASN O 38 -15.89 -4.35 -9.94
N THR O 39 -15.23 -3.53 -9.12
CA THR O 39 -15.95 -2.45 -8.47
C THR O 39 -16.08 -1.20 -9.34
N SER O 40 -15.48 -1.18 -10.52
CA SER O 40 -15.46 0.04 -11.33
C SER O 40 -16.54 0.09 -12.39
N GLY O 41 -17.04 -1.06 -12.84
CA GLY O 41 -18.02 -1.08 -13.91
C GLY O 41 -19.36 -0.49 -13.49
N PHE O 42 -19.76 -0.76 -12.24
CA PHE O 42 -20.99 -0.19 -11.69
C PHE O 42 -20.94 1.32 -11.66
N LEU O 43 -19.84 1.89 -11.18
CA LEU O 43 -19.75 3.33 -11.06
C LEU O 43 -19.54 4.00 -12.41
N GLN O 44 -18.86 3.35 -13.37
CA GLN O 44 -18.73 3.99 -14.67
C GLN O 44 -20.05 3.96 -15.43
N GLN O 45 -20.83 2.89 -15.32
CA GLN O 45 -22.09 2.84 -16.02
C GLN O 45 -23.19 3.59 -15.28
N LYS O 46 -22.95 3.95 -14.01
CA LYS O 46 -23.86 4.86 -13.35
C LYS O 46 -23.50 6.31 -13.64
N ALA O 47 -22.22 6.62 -13.81
CA ALA O 47 -21.81 7.99 -14.07
C ALA O 47 -21.96 8.38 -15.53
N SER O 48 -21.95 7.40 -16.44
CA SER O 48 -22.08 7.72 -17.86
C SER O 48 -23.51 8.11 -18.22
N THR O 49 -24.50 7.49 -17.58
CA THR O 49 -25.89 7.82 -17.86
C THR O 49 -26.29 9.17 -17.28
N THR O 50 -25.64 9.57 -16.18
CA THR O 50 -26.08 10.74 -15.42
C THR O 50 -25.87 12.03 -16.20
N GLY O 51 -24.74 12.15 -16.90
CA GLY O 51 -24.48 13.36 -17.65
C GLY O 51 -25.39 13.53 -18.85
N LYS O 52 -25.55 12.47 -19.64
CA LYS O 52 -26.40 12.58 -20.82
C LYS O 52 -27.87 12.36 -20.53
N GLU O 53 -28.25 12.14 -19.27
CA GLU O 53 -29.64 12.32 -18.88
C GLU O 53 -29.90 13.63 -18.17
N SER O 54 -28.86 14.26 -17.61
CA SER O 54 -29.03 15.58 -17.01
C SER O 54 -28.90 16.70 -18.03
N THR O 55 -28.24 16.46 -19.16
CA THR O 55 -28.16 17.47 -20.20
C THR O 55 -29.50 17.63 -20.91
N GLU O 56 -30.27 16.55 -21.02
CA GLU O 56 -31.57 16.60 -21.67
C GLU O 56 -32.58 17.40 -20.86
N GLN O 57 -32.42 17.43 -19.53
CA GLN O 57 -33.36 18.18 -18.70
C GLN O 57 -33.13 19.68 -18.82
N VAL O 58 -31.87 20.11 -18.84
CA VAL O 58 -31.59 21.53 -19.00
C VAL O 58 -31.78 21.97 -20.45
N ALA O 59 -31.72 21.05 -21.41
CA ALA O 59 -31.79 21.44 -22.81
C ALA O 59 -33.23 21.72 -23.25
N SER O 60 -34.17 20.84 -22.91
CA SER O 60 -35.49 20.85 -23.53
C SER O 60 -36.35 21.98 -22.96
N GLY O 61 -37.54 22.12 -23.53
CA GLY O 61 -38.45 23.19 -23.12
C GLY O 61 -39.74 23.09 -23.90
N LEU O 62 -40.59 24.10 -23.69
CA LEU O 62 -41.93 24.12 -24.28
C LEU O 62 -42.42 25.56 -24.25
N LEU O 63 -42.80 26.10 -25.41
CA LEU O 63 -42.99 27.54 -25.59
C LEU O 63 -44.40 27.84 -26.08
N ILE O 64 -45.17 28.54 -25.25
CA ILE O 64 -46.52 28.99 -25.59
C ILE O 64 -46.46 30.30 -26.36
N ASN O 65 -47.16 30.39 -27.50
CA ASN O 65 -47.11 31.57 -28.33
C ASN O 65 -48.49 32.01 -28.83
N GLY O 66 -49.47 32.07 -27.93
CA GLY O 66 -50.77 32.62 -28.30
C GLY O 66 -51.97 31.81 -27.82
N ILE O 67 -52.93 32.50 -27.20
CA ILE O 67 -54.11 31.84 -26.63
C ILE O 67 -55.35 32.59 -27.09
N THR O 68 -56.28 31.87 -27.72
CA THR O 68 -57.55 32.43 -28.15
C THR O 68 -58.70 31.72 -27.44
N GLY O 69 -59.88 32.32 -27.52
CA GLY O 69 -61.05 31.76 -26.87
C GLY O 69 -62.31 32.03 -27.66
N SER O 70 -63.27 31.13 -27.53
CA SER O 70 -64.55 31.26 -28.23
C SER O 70 -65.66 31.63 -27.26
N VAL O 71 -66.67 32.29 -27.80
CA VAL O 71 -67.80 32.81 -27.02
C VAL O 71 -69.01 32.66 -27.95
N GLY O 72 -70.20 33.02 -27.48
CA GLY O 72 -71.34 33.02 -28.39
C GLY O 72 -72.69 32.68 -27.82
N THR O 73 -72.78 32.37 -26.52
CA THR O 73 -74.07 32.26 -25.86
C THR O 73 -74.26 33.34 -24.81
N SER O 74 -73.44 33.34 -23.77
CA SER O 74 -73.31 34.48 -22.87
C SER O 74 -71.89 34.70 -22.38
N ASP O 75 -70.99 33.74 -22.54
CA ASP O 75 -69.71 33.73 -21.86
C ASP O 75 -68.80 32.75 -22.58
N VAL O 76 -67.48 32.91 -22.35
CA VAL O 76 -66.47 32.06 -22.96
C VAL O 76 -66.60 30.62 -22.48
N LYS O 77 -66.52 29.66 -23.40
CA LYS O 77 -66.58 28.26 -23.01
C LYS O 77 -65.64 27.33 -23.76
N LEU O 78 -64.79 27.83 -24.66
CA LEU O 78 -63.76 27.01 -25.29
C LEU O 78 -62.46 27.80 -25.39
N LEU O 79 -61.35 27.15 -25.07
CA LEU O 79 -60.03 27.75 -25.14
C LEU O 79 -59.17 27.00 -26.14
N ALA O 80 -58.41 27.75 -26.94
CA ALA O 80 -57.46 27.20 -27.89
C ALA O 80 -56.08 27.75 -27.58
N ILE O 81 -55.10 26.86 -27.43
CA ILE O 81 -53.74 27.21 -27.05
C ILE O 81 -52.80 26.75 -28.14
N TYR O 82 -52.03 27.68 -28.69
CA TYR O 82 -51.00 27.30 -29.65
C TYR O 82 -49.73 26.93 -28.91
N LEU O 83 -48.85 26.22 -29.61
CA LEU O 83 -47.74 25.56 -28.94
C LEU O 83 -46.67 25.21 -29.95
N ALA O 84 -45.40 25.23 -29.51
CA ALA O 84 -44.25 24.94 -30.35
C ALA O 84 -43.07 24.62 -29.46
N PRO O 85 -42.25 23.64 -29.80
CA PRO O 85 -41.11 23.31 -28.94
C PRO O 85 -39.98 24.31 -29.06
N ASN O 86 -39.23 24.44 -27.98
CA ASN O 86 -38.03 25.27 -27.99
C ASN O 86 -36.97 24.60 -28.87
N ALA O 87 -36.08 25.42 -29.43
CA ALA O 87 -35.14 24.91 -30.43
C ALA O 87 -33.89 24.31 -29.82
N GLY O 88 -34.06 23.45 -28.82
CA GLY O 88 -33.00 22.57 -28.37
C GLY O 88 -33.56 21.26 -27.86
N SER O 89 -34.87 21.09 -27.99
CA SER O 89 -35.55 19.95 -27.40
C SER O 89 -35.35 18.71 -28.25
N SER O 90 -35.23 17.56 -27.59
CA SER O 90 -34.95 16.32 -28.30
C SER O 90 -36.23 15.72 -28.89
N ALA O 91 -37.16 15.31 -28.03
CA ALA O 91 -38.40 14.68 -28.49
C ALA O 91 -39.46 14.88 -27.42
N ILE O 92 -40.35 15.83 -27.65
CA ILE O 92 -41.46 16.05 -26.73
C ILE O 92 -42.58 15.07 -27.09
N ASP O 93 -43.09 14.36 -26.08
CA ASP O 93 -44.07 13.31 -26.26
C ASP O 93 -45.39 13.77 -25.65
N LEU O 94 -46.40 14.01 -26.48
CA LEU O 94 -47.66 14.57 -26.03
C LEU O 94 -48.58 13.56 -25.36
N ALA O 95 -48.17 12.32 -25.17
CA ALA O 95 -49.05 11.37 -24.50
C ALA O 95 -49.02 11.52 -22.99
N GLN O 96 -48.10 12.32 -22.44
CA GLN O 96 -47.88 12.37 -21.00
C GLN O 96 -47.67 13.80 -20.49
N THR O 97 -48.23 14.80 -21.18
CA THR O 97 -48.12 16.19 -20.76
C THR O 97 -49.46 16.62 -20.19
N LYS O 98 -49.44 17.26 -19.02
CA LYS O 98 -50.65 17.55 -18.27
C LYS O 98 -50.75 19.04 -17.97
N VAL O 99 -51.96 19.57 -18.08
CA VAL O 99 -52.21 20.99 -17.97
C VAL O 99 -52.90 21.26 -16.63
N MET O 100 -52.39 22.23 -15.87
CA MET O 100 -53.09 22.68 -14.68
C MET O 100 -53.71 24.04 -14.90
N LEU O 101 -54.91 24.23 -14.35
CA LEU O 101 -55.57 25.54 -14.36
C LEU O 101 -56.07 25.85 -12.96
N ASP O 102 -56.17 27.15 -12.65
CA ASP O 102 -56.49 27.62 -11.31
C ASP O 102 -57.53 28.73 -11.40
N TYR O 103 -58.75 28.45 -10.93
CA TYR O 103 -59.81 29.46 -10.95
C TYR O 103 -60.90 29.11 -9.94
N ASN O 104 -61.31 30.13 -9.18
CA ASN O 104 -62.50 30.10 -8.31
C ASN O 104 -62.38 29.01 -7.24
N GLY O 105 -61.20 28.90 -6.63
CA GLY O 105 -60.97 27.84 -5.68
C GLY O 105 -60.92 26.46 -6.27
N LYS O 106 -60.63 26.35 -7.56
CA LYS O 106 -60.59 25.07 -8.25
C LYS O 106 -59.25 24.93 -8.95
N SER O 107 -58.46 23.96 -8.53
CA SER O 107 -57.22 23.59 -9.19
C SER O 107 -57.49 22.32 -9.98
N VAL O 108 -57.37 22.41 -11.30
CA VAL O 108 -57.86 21.38 -12.21
C VAL O 108 -56.69 20.80 -12.97
N VAL O 109 -56.55 19.48 -12.92
CA VAL O 109 -55.51 18.72 -13.60
C VAL O 109 -56.17 17.97 -14.74
N LEU O 110 -55.57 18.04 -15.93
CA LEU O 110 -56.13 17.38 -17.10
C LEU O 110 -55.18 16.27 -17.57
N GLY O 111 -55.63 15.53 -18.58
CA GLY O 111 -54.85 14.46 -19.16
C GLY O 111 -55.18 14.36 -20.63
N TYR O 112 -54.50 13.47 -21.32
CA TYR O 112 -54.68 13.33 -22.77
C TYR O 112 -55.97 12.59 -23.08
N GLY O 113 -56.65 13.03 -24.13
CA GLY O 113 -57.91 12.43 -24.56
C GLY O 113 -57.75 11.69 -25.86
N GLY O 114 -58.49 10.59 -26.00
CA GLY O 114 -58.35 9.71 -27.15
C GLY O 114 -59.07 10.15 -28.41
N ASN O 115 -58.74 11.35 -28.90
CA ASN O 115 -59.29 11.86 -30.14
C ASN O 115 -58.34 12.94 -30.66
N GLN O 116 -58.05 12.89 -31.95
CA GLN O 116 -57.18 13.88 -32.58
C GLN O 116 -57.64 14.06 -34.03
N ASP O 117 -56.84 14.81 -34.80
CA ASP O 117 -57.19 15.10 -36.18
C ASP O 117 -55.92 15.42 -36.95
N MET O 118 -55.99 15.28 -38.26
CA MET O 118 -54.88 15.55 -39.16
C MET O 118 -55.17 16.74 -40.07
N SER O 119 -55.75 17.79 -39.49
CA SER O 119 -56.18 18.96 -40.24
C SER O 119 -55.01 19.82 -40.70
N SER O 120 -54.27 19.36 -41.69
CA SER O 120 -53.19 20.13 -42.31
C SER O 120 -53.62 20.46 -43.74
N GLY O 121 -54.35 21.55 -43.90
CA GLY O 121 -54.86 21.95 -45.19
C GLY O 121 -56.29 22.46 -45.12
N ASN O 122 -57.00 22.09 -44.06
CA ASN O 122 -58.40 22.43 -43.91
C ASN O 122 -58.56 23.71 -43.09
N SER O 123 -59.80 24.02 -42.73
CA SER O 123 -60.15 25.28 -42.10
C SER O 123 -61.14 25.05 -40.97
N SER O 124 -61.58 26.14 -40.35
CA SER O 124 -62.63 26.19 -39.33
C SER O 124 -62.28 25.32 -38.12
N VAL O 125 -61.28 25.80 -37.37
CA VAL O 125 -60.71 25.08 -36.22
C VAL O 125 -61.77 24.73 -35.19
N PHE O 126 -62.75 25.61 -35.00
CA PHE O 126 -63.80 25.39 -34.01
C PHE O 126 -65.01 24.65 -34.59
N SER O 127 -64.82 23.80 -35.60
CA SER O 127 -65.96 23.11 -36.20
C SER O 127 -65.70 21.64 -36.56
N ASN O 128 -64.66 21.01 -36.02
CA ASN O 128 -64.37 19.61 -36.33
C ASN O 128 -63.94 18.86 -35.08
N ASP O 129 -64.75 17.85 -34.71
CA ASP O 129 -64.42 16.84 -33.69
C ASP O 129 -64.17 17.47 -32.31
N THR O 130 -65.08 18.33 -31.86
CA THR O 130 -64.97 18.98 -30.56
C THR O 130 -65.97 18.41 -29.55
N GLY O 131 -66.28 17.12 -29.64
CA GLY O 131 -67.27 16.53 -28.76
C GLY O 131 -66.79 15.34 -27.94
N ALA O 132 -65.56 15.38 -27.46
CA ALA O 132 -65.01 14.34 -26.59
C ALA O 132 -64.26 14.94 -25.42
N THR O 133 -64.79 16.04 -24.88
CA THR O 133 -64.21 16.88 -23.85
C THR O 133 -64.71 16.47 -22.46
N ALA O 134 -64.63 17.41 -21.50
CA ALA O 134 -65.15 17.49 -20.14
C ALA O 134 -64.28 16.81 -19.07
N THR O 135 -63.20 16.13 -19.45
CA THR O 135 -62.14 15.87 -18.48
C THR O 135 -60.76 15.89 -19.10
N THR O 136 -60.61 16.15 -20.40
CA THR O 136 -59.35 16.04 -21.11
C THR O 136 -59.24 17.19 -22.09
N PHE O 137 -58.13 17.22 -22.82
CA PHE O 137 -57.92 18.18 -23.89
C PHE O 137 -57.83 17.45 -25.23
N GLN O 138 -57.92 18.22 -26.31
CA GLN O 138 -57.90 17.66 -27.65
C GLN O 138 -56.79 18.31 -28.46
N VAL O 139 -56.22 17.54 -29.39
CA VAL O 139 -54.98 17.89 -30.07
C VAL O 139 -55.26 18.03 -31.56
N ASN O 140 -54.81 19.15 -32.15
CA ASN O 140 -54.85 19.33 -33.59
C ASN O 140 -53.45 19.63 -34.11
N ILE O 141 -53.18 19.17 -35.33
CA ILE O 141 -51.87 19.31 -35.96
C ILE O 141 -51.97 20.36 -37.05
N LEU O 142 -51.09 21.36 -37.02
CA LEU O 142 -51.10 22.39 -38.04
C LEU O 142 -49.97 22.29 -39.04
N GLN O 143 -48.86 21.65 -38.68
CA GLN O 143 -47.70 21.56 -39.58
C GLN O 143 -46.82 20.40 -39.17
N ASP O 144 -46.50 19.53 -40.13
CA ASP O 144 -45.60 18.40 -39.88
C ASP O 144 -45.03 17.97 -41.22
N TYR O 145 -43.73 18.17 -41.40
CA TYR O 145 -43.10 17.81 -42.67
C TYR O 145 -42.89 16.31 -42.77
N ASP O 146 -42.11 15.73 -41.84
CA ASP O 146 -41.71 14.34 -41.92
C ASP O 146 -42.64 13.40 -41.17
N ASP O 147 -43.94 13.75 -41.09
CA ASP O 147 -45.09 13.06 -40.52
C ASP O 147 -44.80 12.22 -39.28
N SER O 148 -44.04 12.81 -38.35
CA SER O 148 -43.65 12.16 -37.11
C SER O 148 -44.62 12.40 -35.98
N ALA O 149 -45.66 13.20 -36.20
CA ALA O 149 -46.67 13.46 -35.18
C ALA O 149 -48.05 12.99 -35.60
N VAL O 150 -48.19 12.36 -36.77
CA VAL O 150 -49.50 11.89 -37.23
C VAL O 150 -49.97 10.72 -36.36
N ASP O 151 -49.07 9.82 -36.00
CA ASP O 151 -49.39 8.78 -35.04
C ASP O 151 -48.54 9.00 -33.79
N ASN O 152 -49.08 8.52 -32.67
CA ASN O 152 -48.48 8.34 -31.33
C ASN O 152 -47.76 9.58 -30.77
N ALA O 153 -48.06 10.77 -31.30
CA ALA O 153 -47.86 12.07 -30.65
C ALA O 153 -46.41 12.35 -30.25
N VAL O 154 -45.55 12.48 -31.26
CA VAL O 154 -44.15 12.82 -31.05
C VAL O 154 -43.84 14.09 -31.83
N ILE O 155 -43.46 15.15 -31.13
CA ILE O 155 -43.12 16.43 -31.74
C ILE O 155 -41.61 16.50 -31.91
N ASN O 156 -41.15 16.63 -33.15
CA ASN O 156 -39.74 16.84 -33.43
C ASN O 156 -39.45 18.34 -33.51
N LYS O 157 -38.28 18.69 -34.04
CA LYS O 157 -37.84 20.09 -34.05
C LYS O 157 -38.51 20.83 -35.20
N GLY O 158 -39.63 21.50 -34.90
CA GLY O 158 -40.23 22.37 -35.89
C GLY O 158 -41.70 22.17 -36.21
N ASP O 159 -42.46 21.52 -35.33
CA ASP O 159 -43.87 21.30 -35.57
C ASP O 159 -44.71 22.45 -35.02
N ALA O 160 -46.03 22.33 -35.18
CA ALA O 160 -46.99 23.29 -34.63
C ALA O 160 -48.26 22.53 -34.28
N VAL O 161 -48.63 22.55 -33.01
CA VAL O 161 -49.71 21.74 -32.47
C VAL O 161 -50.60 22.65 -31.62
N ALA O 162 -51.91 22.60 -31.87
CA ALA O 162 -52.84 23.37 -31.07
C ALA O 162 -53.61 22.46 -30.12
N LEU O 163 -54.01 23.03 -28.98
CA LEU O 163 -54.77 22.32 -27.97
C LEU O 163 -56.13 22.99 -27.82
N ILE O 164 -57.16 22.19 -27.58
CA ILE O 164 -58.51 22.68 -27.36
C ILE O 164 -59.01 22.12 -26.03
N VAL O 165 -59.45 23.01 -25.15
CA VAL O 165 -60.00 22.66 -23.84
C VAL O 165 -61.39 23.26 -23.71
N ASP O 166 -62.33 22.48 -23.21
CA ASP O 166 -63.67 22.97 -22.93
C ASP O 166 -63.76 23.42 -21.47
N VAL O 167 -64.42 24.55 -21.24
CA VAL O 167 -64.46 25.18 -19.94
C VAL O 167 -65.78 24.94 -19.23
N ASN O 168 -66.89 25.00 -19.98
CA ASN O 168 -68.23 24.89 -19.40
C ASN O 168 -68.46 23.52 -18.77
N ALA O 169 -67.96 22.46 -19.41
CA ALA O 169 -68.17 21.11 -18.91
C ALA O 169 -67.01 20.61 -18.07
N SER O 170 -66.09 21.49 -17.66
CA SER O 170 -64.97 21.06 -16.82
C SER O 170 -64.87 21.90 -15.56
N PHE O 171 -65.37 23.14 -15.61
CA PHE O 171 -65.42 23.98 -14.42
C PHE O 171 -66.81 24.03 -13.80
N ALA O 172 -67.81 23.46 -14.50
CA ALA O 172 -69.24 23.51 -14.16
C ALA O 172 -69.71 24.94 -13.98
N GLY O 173 -69.62 25.75 -15.03
CA GLY O 173 -70.02 27.13 -14.96
C GLY O 173 -69.54 27.96 -16.14
N GLU O 174 -69.02 29.15 -15.86
CA GLU O 174 -68.58 30.06 -16.92
C GLU O 174 -67.24 30.67 -16.50
N ILE O 175 -66.77 31.64 -17.29
CA ILE O 175 -65.57 32.40 -16.97
C ILE O 175 -65.84 33.88 -17.29
N PRO O 176 -66.32 34.66 -16.32
CA PRO O 176 -66.69 36.05 -16.59
C PRO O 176 -65.45 36.93 -16.75
N GLU O 177 -65.71 38.20 -17.03
CA GLU O 177 -64.65 39.15 -17.31
C GLU O 177 -63.98 39.62 -16.02
N ARG O 178 -62.88 40.36 -16.19
CA ARG O 178 -62.08 40.98 -15.11
C ARG O 178 -61.55 39.93 -14.13
N THR O 179 -61.10 38.80 -14.65
CA THR O 179 -60.50 37.75 -13.85
C THR O 179 -59.03 37.59 -14.21
N ALA O 180 -58.32 36.79 -13.41
CA ALA O 180 -56.90 36.54 -13.60
C ALA O 180 -56.61 35.08 -13.27
N ILE O 181 -56.07 34.34 -14.23
CA ILE O 181 -55.87 32.90 -14.11
C ILE O 181 -54.44 32.57 -14.52
N SER O 182 -53.76 31.75 -13.72
CA SER O 182 -52.46 31.21 -14.03
C SER O 182 -52.58 29.73 -14.36
N GLY O 183 -51.46 29.11 -14.70
CA GLY O 183 -51.44 27.69 -15.04
C GLY O 183 -50.17 27.30 -15.74
N LYS O 184 -49.88 26.00 -15.71
CA LYS O 184 -48.65 25.46 -16.26
C LYS O 184 -48.92 24.20 -17.08
N VAL O 185 -48.02 23.95 -18.04
CA VAL O 185 -48.17 22.94 -19.09
C VAL O 185 -46.98 21.99 -19.03
N GLN O 186 -46.60 21.55 -17.81
CA GLN O 186 -45.44 20.71 -17.51
C GLN O 186 -45.27 19.54 -18.46
N PRO O 187 -44.15 19.44 -19.18
CA PRO O 187 -43.85 18.23 -19.95
C PRO O 187 -43.31 17.12 -19.07
N GLU O 188 -42.84 16.04 -19.70
CA GLU O 188 -42.28 14.92 -18.96
C GLU O 188 -40.99 15.31 -18.24
N PHE O 189 -40.06 15.95 -18.95
CA PHE O 189 -38.76 16.24 -18.38
C PHE O 189 -38.23 17.65 -18.69
N GLY O 190 -38.95 18.46 -19.45
CA GLY O 190 -38.43 19.76 -19.82
C GLY O 190 -38.73 20.86 -18.83
N ALA O 191 -38.95 22.08 -19.33
CA ALA O 191 -39.28 23.23 -18.52
C ALA O 191 -40.65 23.78 -18.94
N PRO O 192 -41.51 24.11 -17.98
CA PRO O 192 -42.90 24.44 -18.32
C PRO O 192 -43.05 25.84 -18.89
N GLY O 193 -44.14 26.02 -19.64
CA GLY O 193 -44.57 27.33 -20.09
C GLY O 193 -45.72 27.81 -19.23
N VAL O 194 -45.69 29.09 -18.89
CA VAL O 194 -46.60 29.67 -17.89
C VAL O 194 -47.69 30.43 -18.63
N ILE O 195 -48.91 30.37 -18.10
CA ILE O 195 -50.09 30.93 -18.75
C ILE O 195 -50.60 32.11 -17.92
N SER O 196 -50.97 33.20 -18.60
CA SER O 196 -51.60 34.34 -17.94
C SER O 196 -52.48 35.06 -18.96
N PHE O 197 -53.79 35.06 -18.74
CA PHE O 197 -54.76 35.56 -19.71
C PHE O 197 -55.82 36.42 -19.03
N THR O 198 -55.37 37.42 -18.27
CA THR O 198 -56.23 38.39 -17.59
C THR O 198 -57.24 39.04 -18.54
N THR O 199 -58.52 38.80 -18.27
CA THR O 199 -59.57 38.97 -19.26
C THR O 199 -59.86 40.45 -19.52
N PRO O 200 -60.29 40.79 -20.74
CA PRO O 200 -60.67 42.18 -21.02
C PRO O 200 -61.99 42.54 -20.36
N ALA O 201 -62.27 43.84 -20.35
CA ALA O 201 -63.43 44.38 -19.64
C ALA O 201 -64.68 44.43 -20.50
N SER O 202 -64.64 43.93 -21.73
CA SER O 202 -65.81 43.96 -22.61
C SER O 202 -65.70 42.87 -23.65
N TYR O 203 -66.81 42.19 -23.91
CA TYR O 203 -66.89 41.20 -24.98
C TYR O 203 -67.70 41.80 -26.13
N THR O 204 -67.08 41.82 -27.32
CA THR O 204 -67.70 42.45 -28.48
C THR O 204 -68.06 41.44 -29.57
N THR O 205 -67.08 40.69 -30.07
CA THR O 205 -67.30 39.80 -31.19
C THR O 205 -67.48 38.36 -30.72
N THR O 206 -67.72 37.47 -31.68
CA THR O 206 -67.90 36.06 -31.37
C THR O 206 -66.59 35.29 -31.28
N LEU O 207 -65.45 35.98 -31.38
CA LEU O 207 -64.14 35.32 -31.30
C LEU O 207 -63.17 36.36 -30.74
N VAL O 208 -62.89 36.27 -29.44
CA VAL O 208 -62.11 37.27 -28.74
C VAL O 208 -60.68 36.76 -28.53
N GLU O 209 -59.71 37.65 -28.69
CA GLU O 209 -58.32 37.33 -28.39
C GLU O 209 -58.03 37.49 -26.91
N LEU O 210 -57.15 36.65 -26.41
CA LEU O 210 -56.83 36.71 -24.99
C LEU O 210 -55.35 36.86 -24.73
N GLN O 211 -54.50 36.23 -25.53
CA GLN O 211 -53.06 36.43 -25.41
C GLN O 211 -52.36 36.22 -26.75
N ALA P 13 51.75 -74.60 30.04
CA ALA P 13 51.21 -75.43 28.97
C ALA P 13 50.06 -74.72 28.27
N SER P 14 49.06 -74.31 29.05
CA SER P 14 47.90 -73.60 28.52
C SER P 14 47.96 -72.10 28.82
N GLY P 15 49.15 -71.54 28.95
CA GLY P 15 49.31 -70.13 29.18
C GLY P 15 49.69 -69.36 27.93
N ILE P 16 49.09 -69.73 26.80
CA ILE P 16 49.39 -69.09 25.52
C ILE P 16 48.10 -68.39 25.11
N GLY P 17 47.38 -67.85 26.10
CA GLY P 17 46.12 -67.16 25.84
C GLY P 17 46.28 -65.83 25.14
N THR P 18 47.50 -65.28 25.08
CA THR P 18 47.70 -64.02 24.37
C THR P 18 47.84 -64.24 22.87
N LEU P 19 48.50 -65.32 22.44
CA LEU P 19 48.73 -65.59 21.03
C LEU P 19 47.44 -65.93 20.29
N ILE P 20 46.42 -66.38 21.02
CA ILE P 20 45.14 -66.72 20.40
C ILE P 20 44.38 -65.46 20.03
N VAL P 21 44.27 -64.53 20.97
CA VAL P 21 43.29 -63.47 20.89
C VAL P 21 43.92 -62.09 20.72
N PHE P 22 45.03 -61.80 21.40
CA PHE P 22 45.53 -60.44 21.56
C PHE P 22 46.04 -59.86 20.25
N ILE P 23 46.98 -60.56 19.59
CA ILE P 23 47.59 -60.07 18.36
C ILE P 23 46.56 -60.01 17.24
N ALA P 24 45.67 -61.01 17.18
CA ALA P 24 44.64 -61.06 16.16
C ALA P 24 43.64 -59.92 16.32
N MET P 25 43.21 -59.62 17.55
CA MET P 25 42.28 -58.51 17.73
C MET P 25 42.95 -57.17 17.56
N VAL P 26 44.26 -57.05 17.84
CA VAL P 26 44.97 -55.81 17.54
C VAL P 26 45.02 -55.56 16.04
N LEU P 27 45.28 -56.61 15.25
CA LEU P 27 45.34 -56.45 13.80
C LEU P 27 43.96 -56.16 13.21
N VAL P 28 42.93 -56.87 13.69
CA VAL P 28 41.56 -56.63 13.22
C VAL P 28 41.08 -55.24 13.65
N ALA P 29 41.52 -54.77 14.83
CA ALA P 29 41.20 -53.43 15.28
C ALA P 29 41.85 -52.38 14.38
N ALA P 30 43.11 -52.60 13.99
CA ALA P 30 43.78 -51.67 13.10
C ALA P 30 43.13 -51.63 11.73
N VAL P 31 42.69 -52.79 11.23
CA VAL P 31 42.01 -52.85 9.94
C VAL P 31 40.66 -52.13 10.00
N ALA P 32 39.86 -52.42 11.02
CA ALA P 32 38.54 -51.81 11.16
C ALA P 32 38.61 -50.33 11.50
N ALA P 33 39.74 -49.87 12.03
CA ALA P 33 39.92 -48.44 12.22
C ALA P 33 40.38 -47.76 10.93
N SER P 34 41.29 -48.41 10.19
CA SER P 34 41.81 -47.86 8.95
C SER P 34 40.75 -47.80 7.86
N VAL P 35 39.69 -48.61 7.97
CA VAL P 35 38.54 -48.40 7.08
C VAL P 35 37.87 -47.07 7.39
N LEU P 36 37.59 -46.80 8.67
CA LEU P 36 36.81 -45.63 9.04
C LEU P 36 37.58 -44.33 8.86
N ILE P 37 38.91 -44.35 9.06
CA ILE P 37 39.69 -43.15 8.80
C ILE P 37 39.76 -42.85 7.30
N ASN P 38 40.05 -43.86 6.49
CA ASN P 38 40.24 -43.62 5.07
C ASN P 38 38.94 -43.45 4.29
N THR P 39 37.80 -43.81 4.87
CA THR P 39 36.55 -43.61 4.14
C THR P 39 35.98 -42.21 4.28
N SER P 40 36.60 -41.34 5.08
CA SER P 40 36.03 -40.03 5.35
C SER P 40 36.58 -38.92 4.47
N GLY P 41 37.81 -39.08 3.97
CA GLY P 41 38.43 -38.02 3.18
C GLY P 41 37.74 -37.78 1.86
N PHE P 42 37.28 -38.87 1.21
CA PHE P 42 36.54 -38.77 -0.04
C PHE P 42 35.25 -37.99 0.15
N LEU P 43 34.50 -38.30 1.19
CA LEU P 43 33.22 -37.62 1.38
C LEU P 43 33.39 -36.19 1.89
N GLN P 44 34.45 -35.91 2.67
CA GLN P 44 34.63 -34.52 3.08
C GLN P 44 35.08 -33.65 1.92
N GLN P 45 35.95 -34.18 1.04
CA GLN P 45 36.39 -33.38 -0.09
C GLN P 45 35.39 -33.36 -1.23
N LYS P 46 34.40 -34.24 -1.19
CA LYS P 46 33.27 -34.12 -2.11
C LYS P 46 32.22 -33.17 -1.58
N ALA P 47 32.02 -33.13 -0.27
CA ALA P 47 31.01 -32.24 0.30
C ALA P 47 31.50 -30.80 0.45
N SER P 48 32.81 -30.59 0.53
CA SER P 48 33.32 -29.23 0.68
C SER P 48 33.22 -28.45 -0.63
N THR P 49 33.41 -29.12 -1.75
CA THR P 49 33.33 -28.44 -3.04
C THR P 49 31.89 -28.11 -3.41
N THR P 50 30.93 -28.91 -2.94
CA THR P 50 29.56 -28.82 -3.40
C THR P 50 28.90 -27.52 -2.94
N GLY P 51 29.16 -27.11 -1.70
CA GLY P 51 28.55 -25.89 -1.20
C GLY P 51 29.09 -24.64 -1.87
N LYS P 52 30.40 -24.54 -1.98
CA LYS P 52 30.99 -23.34 -2.59
C LYS P 52 31.03 -23.41 -4.10
N GLU P 53 30.54 -24.48 -4.73
CA GLU P 53 30.21 -24.43 -6.14
C GLU P 53 28.73 -24.25 -6.40
N SER P 54 27.87 -24.57 -5.43
CA SER P 54 26.45 -24.32 -5.57
C SER P 54 26.06 -22.91 -5.18
N THR P 55 26.87 -22.24 -4.34
CA THR P 55 26.59 -20.86 -4.00
C THR P 55 26.86 -19.93 -5.17
N GLU P 56 27.85 -20.28 -5.99
CA GLU P 56 28.20 -19.45 -7.15
C GLU P 56 27.10 -19.49 -8.22
N GLN P 57 26.35 -20.59 -8.30
CA GLN P 57 25.30 -20.68 -9.30
C GLN P 57 24.10 -19.82 -8.92
N VAL P 58 23.72 -19.82 -7.64
CA VAL P 58 22.61 -18.98 -7.22
C VAL P 58 23.03 -17.51 -7.11
N ALA P 59 24.34 -17.24 -6.96
CA ALA P 59 24.77 -15.86 -6.75
C ALA P 59 24.81 -15.07 -8.05
N SER P 60 25.39 -15.64 -9.11
CA SER P 60 25.75 -14.87 -10.29
C SER P 60 24.51 -14.56 -11.15
N GLY P 61 24.73 -13.79 -12.20
CA GLY P 61 23.64 -13.36 -13.06
C GLY P 61 24.17 -12.53 -14.21
N LEU P 62 23.23 -11.98 -14.97
CA LEU P 62 23.57 -11.22 -16.18
C LEU P 62 22.35 -10.37 -16.54
N LEU P 63 22.56 -9.07 -16.67
CA LEU P 63 21.46 -8.10 -16.69
C LEU P 63 21.51 -7.26 -17.96
N ILE P 64 20.49 -7.41 -18.80
CA ILE P 64 20.32 -6.62 -20.03
C ILE P 64 19.65 -5.30 -19.71
N ASN P 65 20.21 -4.19 -20.18
CA ASN P 65 19.68 -2.86 -19.89
C ASN P 65 19.61 -1.94 -21.12
N GLY P 66 19.10 -2.47 -22.23
CA GLY P 66 18.87 -1.62 -23.39
C GLY P 66 19.30 -2.20 -24.71
N ILE P 67 18.43 -2.15 -25.72
CA ILE P 67 18.68 -2.74 -27.03
C ILE P 67 18.33 -1.71 -28.10
N THR P 68 19.30 -1.40 -28.96
CA THR P 68 19.10 -0.49 -30.08
C THR P 68 19.33 -1.24 -31.39
N GLY P 69 18.90 -0.62 -32.49
CA GLY P 69 19.04 -1.22 -33.80
C GLY P 69 19.28 -0.18 -34.86
N SER P 70 19.98 -0.59 -35.92
CA SER P 70 20.29 0.30 -37.03
C SER P 70 19.46 -0.07 -38.26
N VAL P 71 19.24 0.92 -39.10
CA VAL P 71 18.40 0.80 -40.29
C VAL P 71 19.06 1.70 -41.34
N GLY P 72 18.53 1.76 -42.55
CA GLY P 72 19.06 2.71 -43.51
C GLY P 72 19.06 2.32 -44.97
N THR P 73 18.61 1.12 -45.30
CA THR P 73 18.37 0.77 -46.70
C THR P 73 16.89 0.53 -46.97
N SER P 74 16.30 -0.49 -46.36
CA SER P 74 14.85 -0.62 -46.28
C SER P 74 14.38 -1.18 -44.96
N ASP P 75 15.25 -1.74 -44.14
CA ASP P 75 14.85 -2.56 -43.00
C ASP P 75 16.04 -2.69 -42.06
N VAL P 76 15.75 -3.05 -40.80
CA VAL P 76 16.77 -3.19 -39.77
C VAL P 76 17.71 -4.34 -40.12
N LYS P 77 19.02 -4.13 -39.96
CA LYS P 77 19.99 -5.19 -40.21
C LYS P 77 21.16 -5.26 -39.24
N LEU P 78 21.21 -4.43 -38.20
CA LEU P 78 22.22 -4.55 -37.16
C LEU P 78 21.57 -4.30 -35.80
N LEU P 79 21.92 -5.14 -34.82
CA LEU P 79 21.43 -5.00 -33.46
C LEU P 79 22.58 -4.76 -32.50
N ALA P 80 22.37 -3.85 -31.55
CA ALA P 80 23.33 -3.56 -30.50
C ALA P 80 22.67 -3.78 -29.15
N ILE P 81 23.31 -4.58 -28.31
CA ILE P 81 22.77 -4.98 -27.01
C ILE P 81 23.73 -4.51 -25.94
N TYR P 82 23.24 -3.70 -24.99
CA TYR P 82 24.06 -3.33 -23.86
C TYR P 82 23.95 -4.39 -22.77
N LEU P 83 24.90 -4.37 -21.84
CA LEU P 83 25.06 -5.50 -20.94
C LEU P 83 25.88 -5.06 -19.74
N ALA P 84 25.59 -5.66 -18.57
CA ALA P 84 26.26 -5.36 -17.32
C ALA P 84 26.01 -6.49 -16.35
N PRO P 85 27.00 -6.90 -15.55
CA PRO P 85 26.79 -8.02 -14.63
C PRO P 85 25.98 -7.59 -13.42
N ASN P 86 25.27 -8.56 -12.86
CA ASN P 86 24.56 -8.34 -11.61
C ASN P 86 25.57 -8.19 -10.47
N ALA P 87 25.17 -7.45 -9.43
CA ALA P 87 26.12 -7.10 -8.38
C ALA P 87 26.26 -8.17 -7.31
N GLY P 88 26.44 -9.42 -7.72
CA GLY P 88 26.90 -10.47 -6.85
C GLY P 88 27.73 -11.48 -7.60
N SER P 89 27.98 -11.20 -8.88
CA SER P 89 28.63 -12.17 -9.75
C SER P 89 30.12 -12.19 -9.51
N SER P 90 30.72 -13.37 -9.61
CA SER P 90 32.13 -13.52 -9.33
C SER P 90 32.99 -13.11 -10.53
N ALA P 91 32.88 -13.86 -11.63
CA ALA P 91 33.69 -13.57 -12.81
C ALA P 91 32.96 -14.14 -14.02
N ILE P 92 32.31 -13.26 -14.79
CA ILE P 92 31.66 -13.67 -16.02
C ILE P 92 32.69 -13.70 -17.13
N ASP P 93 32.75 -14.80 -17.87
CA ASP P 93 33.75 -15.03 -18.89
C ASP P 93 33.06 -15.03 -20.25
N LEU P 94 33.34 -14.01 -21.08
CA LEU P 94 32.64 -13.84 -22.35
C LEU P 94 33.15 -14.74 -23.46
N ALA P 95 34.08 -15.65 -23.19
CA ALA P 95 34.52 -16.54 -24.26
C ALA P 95 33.58 -17.70 -24.48
N GLN P 96 32.58 -17.90 -23.61
CA GLN P 96 31.74 -19.09 -23.64
C GLN P 96 30.27 -18.78 -23.40
N THR P 97 29.83 -17.57 -23.74
CA THR P 97 28.43 -17.18 -23.59
C THR P 97 27.78 -17.15 -24.96
N LYS P 98 26.61 -17.76 -25.08
CA LYS P 98 25.98 -17.98 -26.38
C LYS P 98 24.58 -17.40 -26.40
N VAL P 99 24.22 -16.78 -27.51
CA VAL P 99 22.97 -16.07 -27.66
C VAL P 99 22.03 -16.87 -28.54
N MET P 100 20.79 -17.07 -28.09
CA MET P 100 19.79 -17.67 -28.95
C MET P 100 18.78 -16.63 -29.40
N LEU P 101 18.34 -16.74 -30.65
CA LEU P 101 17.28 -15.90 -31.19
C LEU P 101 16.25 -16.77 -31.90
N ASP P 102 15.00 -16.30 -31.92
CA ASP P 102 13.88 -17.09 -32.44
C ASP P 102 13.03 -16.21 -33.35
N TYR P 103 13.03 -16.51 -34.65
CA TYR P 103 12.22 -15.73 -35.59
C TYR P 103 11.98 -16.53 -36.86
N ASN P 104 10.73 -16.53 -37.33
CA ASN P 104 10.30 -17.03 -38.64
C ASN P 104 10.63 -18.51 -38.81
N GLY P 105 10.36 -19.30 -37.77
CA GLY P 105 10.72 -20.70 -37.81
C GLY P 105 12.20 -20.97 -37.78
N LYS P 106 12.99 -20.03 -37.28
CA LYS P 106 14.44 -20.16 -37.23
C LYS P 106 14.89 -19.92 -35.80
N SER P 107 15.47 -20.96 -35.19
CA SER P 107 16.11 -20.85 -33.89
C SER P 107 17.61 -20.84 -34.12
N VAL P 108 18.26 -19.75 -33.76
CA VAL P 108 19.62 -19.46 -34.18
C VAL P 108 20.50 -19.37 -32.95
N VAL P 109 21.58 -20.16 -32.94
CA VAL P 109 22.56 -20.21 -31.87
C VAL P 109 23.83 -19.56 -32.37
N LEU P 110 24.40 -18.67 -31.58
CA LEU P 110 25.61 -17.95 -31.96
C LEU P 110 26.76 -18.35 -31.06
N GLY P 111 27.95 -17.85 -31.39
CA GLY P 111 29.15 -18.10 -30.61
C GLY P 111 30.05 -16.89 -30.69
N TYR P 112 31.15 -16.94 -29.97
CA TYR P 112 32.06 -15.80 -29.91
C TYR P 112 32.89 -15.69 -31.18
N GLY P 113 33.12 -14.46 -31.62
CA GLY P 113 33.87 -14.18 -32.84
C GLY P 113 35.21 -13.55 -32.51
N GLY P 114 36.22 -13.88 -33.32
CA GLY P 114 37.58 -13.45 -33.06
C GLY P 114 37.91 -12.04 -33.50
N ASN P 115 37.17 -11.06 -32.99
CA ASN P 115 37.44 -9.65 -33.25
C ASN P 115 36.80 -8.83 -32.15
N GLN P 116 37.54 -7.85 -31.63
CA GLN P 116 37.04 -6.98 -30.58
C GLN P 116 37.68 -5.61 -30.75
N ASP P 117 37.47 -4.73 -29.78
CA ASP P 117 37.98 -3.37 -29.85
C ASP P 117 38.11 -2.82 -28.44
N MET P 118 38.95 -1.81 -28.29
CA MET P 118 39.19 -1.15 -27.01
C MET P 118 38.71 0.31 -27.03
N SER P 119 37.52 0.51 -27.61
CA SER P 119 36.96 1.84 -27.79
C SER P 119 36.46 2.45 -26.50
N SER P 120 37.37 2.87 -25.63
CA SER P 120 37.04 3.57 -24.39
C SER P 120 37.56 5.00 -24.53
N GLY P 121 36.75 5.86 -25.13
CA GLY P 121 37.13 7.24 -25.37
C GLY P 121 36.71 7.74 -26.72
N ASN P 122 36.44 6.82 -27.65
CA ASN P 122 36.12 7.15 -29.03
C ASN P 122 34.60 7.21 -29.20
N SER P 123 34.16 7.31 -30.45
CA SER P 123 32.77 7.55 -30.79
C SER P 123 32.38 6.69 -31.99
N SER P 124 31.12 6.87 -32.43
CA SER P 124 30.56 6.27 -33.65
C SER P 124 30.61 4.73 -33.59
N VAL P 125 29.79 4.19 -32.69
CA VAL P 125 29.75 2.75 -32.40
C VAL P 125 29.49 1.92 -33.66
N PHE P 126 28.67 2.44 -34.58
CA PHE P 126 28.35 1.72 -35.80
C PHE P 126 29.30 2.02 -36.94
N SER P 127 30.57 2.36 -36.66
CA SER P 127 31.49 2.69 -37.73
C SER P 127 32.91 2.15 -37.55
N ASN P 128 33.12 1.16 -36.68
CA ASN P 128 34.46 0.60 -36.45
C ASN P 128 34.38 -0.92 -36.33
N ASP P 129 35.06 -1.60 -37.27
CA ASP P 129 35.32 -3.05 -37.23
C ASP P 129 34.05 -3.89 -37.16
N THR P 130 33.11 -3.61 -38.06
CA THR P 130 31.85 -4.34 -38.12
C THR P 130 31.78 -5.28 -39.32
N GLY P 131 32.92 -5.84 -39.73
CA GLY P 131 32.96 -6.70 -40.90
C GLY P 131 33.50 -8.10 -40.69
N ALA P 132 33.16 -8.72 -39.55
CA ALA P 132 33.56 -10.09 -39.27
C ALA P 132 32.38 -10.88 -38.69
N THR P 133 31.19 -10.62 -39.20
CA THR P 133 29.91 -11.12 -38.74
C THR P 133 29.51 -12.38 -39.52
N ALA P 134 28.19 -12.67 -39.52
CA ALA P 134 27.39 -13.64 -40.27
C ALA P 134 27.36 -15.05 -39.66
N THR P 135 28.11 -15.32 -38.61
CA THR P 135 27.77 -16.47 -37.76
C THR P 135 28.06 -16.22 -36.28
N THR P 136 28.54 -15.04 -35.89
CA THR P 136 29.00 -14.77 -34.54
C THR P 136 28.57 -13.37 -34.15
N PHE P 137 28.92 -12.97 -32.93
CA PHE P 137 28.70 -11.62 -32.46
C PHE P 137 30.03 -10.94 -32.19
N GLN P 138 29.98 -9.62 -32.02
CA GLN P 138 31.19 -8.82 -31.82
C GLN P 138 31.06 -8.03 -30.53
N VAL P 139 32.20 -7.80 -29.88
CA VAL P 139 32.26 -7.29 -28.52
C VAL P 139 32.96 -5.95 -28.51
N ASN P 140 32.34 -4.95 -27.87
CA ASN P 140 32.98 -3.67 -27.63
C ASN P 140 32.99 -3.36 -26.14
N ILE P 141 34.02 -2.67 -25.70
CA ILE P 141 34.22 -2.32 -24.29
C ILE P 141 33.94 -0.84 -24.11
N LEU P 142 33.07 -0.50 -23.16
CA LEU P 142 32.76 0.89 -22.91
C LEU P 142 33.37 1.44 -21.62
N GLN P 143 33.68 0.58 -20.65
CA GLN P 143 34.21 1.04 -19.37
C GLN P 143 34.95 -0.10 -18.68
N ASP P 144 36.19 0.16 -18.28
CA ASP P 144 36.98 -0.84 -17.55
C ASP P 144 38.06 -0.08 -16.78
N TYR P 145 37.96 -0.08 -15.46
CA TYR P 145 38.94 0.63 -14.65
C TYR P 145 40.26 -0.14 -14.56
N ASP P 146 40.21 -1.35 -14.01
CA ASP P 146 41.41 -2.12 -13.72
C ASP P 146 41.80 -3.07 -14.84
N ASP P 147 41.50 -2.68 -16.10
CA ASP P 147 41.78 -3.30 -17.40
C ASP P 147 41.80 -4.83 -17.40
N SER P 148 40.78 -5.41 -16.78
CA SER P 148 40.65 -6.85 -16.67
C SER P 148 39.85 -7.47 -17.80
N ALA P 149 39.32 -6.64 -18.71
CA ALA P 149 38.57 -7.13 -19.85
C ALA P 149 39.22 -6.77 -21.18
N VAL P 150 40.39 -6.14 -21.16
CA VAL P 150 41.07 -5.77 -22.40
C VAL P 150 41.57 -7.01 -23.12
N ASP P 151 42.12 -7.96 -22.38
CA ASP P 151 42.47 -9.25 -22.95
C ASP P 151 41.59 -10.33 -22.33
N ASN P 152 41.39 -11.40 -23.10
CA ASN P 152 40.78 -12.70 -22.77
C ASN P 152 39.42 -12.63 -22.05
N ALA P 153 38.73 -11.50 -22.14
CA ALA P 153 37.27 -11.37 -21.95
C ALA P 153 36.80 -11.82 -20.56
N VAL P 154 37.22 -11.10 -19.53
CA VAL P 154 36.78 -11.36 -18.17
C VAL P 154 36.15 -10.09 -17.62
N ILE P 155 34.86 -10.17 -17.27
CA ILE P 155 34.12 -9.04 -16.71
C ILE P 155 34.12 -9.16 -15.20
N ASN P 156 34.68 -8.16 -14.53
CA ASN P 156 34.63 -8.10 -13.08
C ASN P 156 33.40 -7.29 -12.64
N LYS P 157 33.37 -6.88 -11.37
CA LYS P 157 32.21 -6.21 -10.81
C LYS P 157 32.22 -4.74 -11.21
N GLY P 158 31.52 -4.40 -12.29
CA GLY P 158 31.35 -3.00 -12.63
C GLY P 158 31.72 -2.56 -14.03
N ASP P 159 31.80 -3.49 -14.98
CA ASP P 159 32.16 -3.13 -16.35
C ASP P 159 30.91 -2.79 -17.17
N ALA P 160 31.13 -2.48 -18.44
CA ALA P 160 30.06 -2.22 -19.39
C ALA P 160 30.52 -2.66 -20.77
N VAL P 161 29.81 -3.62 -21.35
CA VAL P 161 30.23 -4.28 -22.59
C VAL P 161 29.03 -4.31 -23.52
N ALA P 162 29.23 -3.87 -24.76
CA ALA P 162 28.17 -3.94 -25.76
C ALA P 162 28.43 -5.06 -26.76
N LEU P 163 27.34 -5.60 -27.29
CA LEU P 163 27.39 -6.66 -28.29
C LEU P 163 26.79 -6.15 -29.58
N ILE P 164 27.35 -6.58 -30.71
CA ILE P 164 26.84 -6.24 -32.03
C ILE P 164 26.60 -7.52 -32.80
N VAL P 165 25.38 -7.68 -33.31
CA VAL P 165 24.97 -8.83 -34.10
C VAL P 165 24.43 -8.34 -35.44
N ASP P 166 24.84 -8.99 -36.52
CA ASP P 166 24.29 -8.69 -37.84
C ASP P 166 23.13 -9.62 -38.15
N VAL P 167 22.07 -9.06 -38.73
CA VAL P 167 20.82 -9.79 -38.94
C VAL P 167 20.67 -10.24 -40.39
N ASN P 168 21.07 -9.37 -41.34
CA ASN P 168 20.87 -9.64 -42.76
C ASN P 168 21.68 -10.85 -43.22
N ALA P 169 22.89 -11.01 -42.71
CA ALA P 169 23.75 -12.10 -43.12
C ALA P 169 23.69 -13.29 -42.18
N SER P 170 22.71 -13.33 -41.28
CA SER P 170 22.59 -14.45 -40.36
C SER P 170 21.19 -15.06 -40.42
N PHE P 171 20.19 -14.25 -40.78
CA PHE P 171 18.83 -14.76 -40.97
C PHE P 171 18.49 -14.96 -42.44
N ALA P 172 19.37 -14.51 -43.35
CA ALA P 172 19.17 -14.48 -44.80
C ALA P 172 17.89 -13.76 -45.18
N GLY P 173 17.79 -12.48 -44.81
CA GLY P 173 16.59 -11.71 -45.11
C GLY P 173 16.54 -10.38 -44.36
N GLU P 174 15.38 -10.08 -43.78
CA GLU P 174 15.19 -8.81 -43.09
C GLU P 174 14.41 -9.09 -41.79
N ILE P 175 14.03 -8.00 -41.11
CA ILE P 175 13.18 -8.08 -39.92
C ILE P 175 12.13 -6.97 -40.00
N PRO P 176 10.97 -7.26 -40.56
CA PRO P 176 9.96 -6.21 -40.76
C PRO P 176 9.28 -5.85 -39.44
N GLU P 177 8.37 -4.88 -39.54
CA GLU P 177 7.70 -4.34 -38.36
C GLU P 177 6.59 -5.27 -37.89
N ARG P 178 6.04 -4.94 -36.71
CA ARG P 178 4.92 -5.65 -36.08
C ARG P 178 5.24 -7.13 -35.81
N THR P 179 6.47 -7.40 -35.38
CA THR P 179 6.89 -8.75 -35.03
C THR P 179 7.18 -8.83 -33.53
N ALA P 180 7.41 -10.05 -33.06
CA ALA P 180 7.69 -10.31 -31.65
C ALA P 180 8.71 -11.43 -31.55
N ILE P 181 9.85 -11.14 -30.93
CA ILE P 181 10.98 -12.05 -30.87
C ILE P 181 11.45 -12.19 -29.43
N SER P 182 11.68 -13.42 -28.99
CA SER P 182 12.28 -13.71 -27.69
C SER P 182 13.70 -14.22 -27.89
N GLY P 183 14.39 -14.49 -26.79
CA GLY P 183 15.74 -14.99 -26.83
C GLY P 183 16.43 -14.87 -25.48
N LYS P 184 17.49 -15.66 -25.33
CA LYS P 184 18.22 -15.74 -24.07
C LYS P 184 19.72 -15.70 -24.30
N VAL P 185 20.44 -15.23 -23.28
CA VAL P 185 21.86 -14.89 -23.34
C VAL P 185 22.61 -15.69 -22.26
N GLN P 186 22.29 -16.99 -22.13
CA GLN P 186 22.80 -17.92 -21.12
C GLN P 186 24.31 -17.81 -20.89
N PRO P 187 24.74 -17.49 -19.68
CA PRO P 187 26.17 -17.57 -19.35
C PRO P 187 26.61 -19.00 -19.08
N GLU P 188 27.85 -19.16 -18.60
CA GLU P 188 28.37 -20.49 -18.28
C GLU P 188 27.62 -21.11 -17.11
N PHE P 189 27.46 -20.37 -16.02
CA PHE P 189 26.86 -20.93 -14.82
C PHE P 189 25.85 -20.03 -14.12
N GLY P 190 25.60 -18.82 -14.62
CA GLY P 190 24.70 -17.91 -13.94
C GLY P 190 23.24 -18.07 -14.30
N ALA P 191 22.51 -16.97 -14.32
CA ALA P 191 21.10 -16.93 -14.69
C ALA P 191 20.90 -16.03 -15.90
N PRO P 192 20.12 -16.47 -16.89
CA PRO P 192 20.06 -15.74 -18.16
C PRO P 192 19.20 -14.49 -18.08
N GLY P 193 19.50 -13.57 -19.00
CA GLY P 193 18.66 -12.40 -19.23
C GLY P 193 17.81 -12.62 -20.47
N VAL P 194 16.55 -12.22 -20.39
CA VAL P 194 15.54 -12.53 -21.40
C VAL P 194 15.33 -11.31 -22.27
N ILE P 195 15.13 -11.53 -23.57
CA ILE P 195 15.03 -10.47 -24.57
C ILE P 195 13.61 -10.40 -25.10
N SER P 196 13.07 -9.19 -25.25
CA SER P 196 11.77 -8.99 -25.88
C SER P 196 11.75 -7.59 -26.50
N PHE P 197 11.67 -7.52 -27.82
CA PHE P 197 11.81 -6.25 -28.55
C PHE P 197 10.73 -6.14 -29.64
N THR P 198 9.46 -6.31 -29.24
CA THR P 198 8.30 -6.18 -30.13
C THR P 198 8.30 -4.85 -30.88
N THR P 199 8.38 -4.95 -32.21
CA THR P 199 8.81 -3.84 -33.05
C THR P 199 7.72 -2.76 -33.17
N PRO P 200 8.11 -1.50 -33.34
CA PRO P 200 7.12 -0.45 -33.53
C PRO P 200 6.48 -0.54 -34.91
N ALA P 201 5.39 0.21 -35.07
CA ALA P 201 4.58 0.16 -36.28
C ALA P 201 5.04 1.13 -37.36
N SER P 202 6.14 1.85 -37.15
CA SER P 202 6.61 2.82 -38.14
C SER P 202 8.09 3.05 -37.94
N TYR P 203 8.82 3.12 -39.05
CA TYR P 203 10.24 3.47 -39.03
C TYR P 203 10.38 4.90 -39.55
N THR P 204 11.01 5.77 -38.75
CA THR P 204 11.13 7.17 -39.08
C THR P 204 12.58 7.59 -39.33
N THR P 205 13.46 7.40 -38.36
CA THR P 205 14.82 7.88 -38.45
C THR P 205 15.77 6.75 -38.84
N THR P 206 17.05 7.09 -38.98
CA THR P 206 18.06 6.12 -39.34
C THR P 206 18.62 5.38 -38.13
N LEU P 207 18.08 5.60 -36.95
CA LEU P 207 18.56 4.92 -35.73
C LEU P 207 17.36 4.85 -34.79
N VAL P 208 16.72 3.68 -34.74
CA VAL P 208 15.48 3.49 -34.02
C VAL P 208 15.77 2.77 -32.71
N GLU P 209 15.07 3.19 -31.64
CA GLU P 209 15.16 2.50 -30.35
C GLU P 209 14.21 1.32 -30.32
N LEU P 210 14.60 0.28 -29.63
CA LEU P 210 13.77 -0.91 -29.56
C LEU P 210 13.47 -1.34 -28.13
N GLN P 211 14.42 -1.19 -27.21
CA GLN P 211 14.16 -1.47 -25.80
C GLN P 211 15.04 -0.62 -24.90
N ALA Q 13 9.02 -23.25 11.10
CA ALA Q 13 10.19 -22.46 11.47
C ALA Q 13 10.13 -21.07 10.85
N SER Q 14 9.98 -21.04 9.52
CA SER Q 14 9.88 -19.79 8.79
C SER Q 14 8.45 -19.48 8.35
N GLY Q 15 7.46 -19.95 9.11
CA GLY Q 15 6.08 -19.67 8.81
C GLY Q 15 5.48 -18.59 9.68
N ILE Q 16 6.28 -17.56 9.95
CA ILE Q 16 5.85 -16.45 10.81
C ILE Q 16 5.79 -15.22 9.90
N GLY Q 17 5.39 -15.45 8.65
CA GLY Q 17 5.28 -14.38 7.68
C GLY Q 17 4.15 -13.39 7.94
N THR Q 18 3.21 -13.73 8.82
CA THR Q 18 2.14 -12.80 9.14
C THR Q 18 2.58 -11.76 10.19
N LEU Q 19 3.40 -12.18 11.17
CA LEU Q 19 3.83 -11.28 12.24
C LEU Q 19 4.77 -10.19 11.73
N ILE Q 20 5.42 -10.43 10.59
CA ILE Q 20 6.34 -9.45 10.03
C ILE Q 20 5.57 -8.30 9.38
N VAL Q 21 4.58 -8.64 8.56
CA VAL Q 21 4.01 -7.69 7.62
C VAL Q 21 2.56 -7.34 7.94
N PHE Q 22 1.75 -8.31 8.36
CA PHE Q 22 0.29 -8.17 8.38
C PHE Q 22 -0.16 -7.17 9.44
N ILE Q 23 0.24 -7.38 10.70
CA ILE Q 23 -0.19 -6.53 11.80
C ILE Q 23 0.37 -5.12 11.65
N ALA Q 24 1.62 -5.03 11.18
CA ALA Q 24 2.27 -3.73 10.99
C ALA Q 24 1.58 -2.93 9.88
N MET Q 25 1.23 -3.58 8.77
CA MET Q 25 0.55 -2.85 7.70
C MET Q 25 -0.89 -2.52 8.05
N VAL Q 26 -1.54 -3.34 8.90
CA VAL Q 26 -2.88 -2.98 9.37
C VAL Q 26 -2.82 -1.73 10.24
N LEU Q 27 -1.82 -1.65 11.14
CA LEU Q 27 -1.70 -0.48 12.00
C LEU Q 27 -1.30 0.78 11.21
N VAL Q 28 -0.37 0.63 10.26
CA VAL Q 28 0.01 1.77 9.42
C VAL Q 28 -1.13 2.19 8.51
N ALA Q 29 -1.95 1.23 8.07
CA ALA Q 29 -3.15 1.56 7.29
C ALA Q 29 -4.16 2.33 8.10
N ALA Q 30 -4.36 1.93 9.36
CA ALA Q 30 -5.29 2.65 10.24
C ALA Q 30 -4.79 4.06 10.52
N VAL Q 31 -3.48 4.24 10.70
CA VAL Q 31 -2.92 5.56 10.94
C VAL Q 31 -3.06 6.46 9.71
N ALA Q 32 -2.69 5.93 8.53
CA ALA Q 32 -2.77 6.70 7.30
C ALA Q 32 -4.20 6.96 6.86
N ALA Q 33 -5.16 6.17 7.33
CA ALA Q 33 -6.55 6.47 7.08
C ALA Q 33 -7.08 7.51 8.06
N SER Q 34 -6.69 7.40 9.33
CA SER Q 34 -7.15 8.33 10.36
C SER Q 34 -6.58 9.72 10.15
N VAL Q 35 -5.47 9.86 9.43
CA VAL Q 35 -5.04 11.19 9.01
C VAL Q 35 -6.04 11.79 8.03
N LEU Q 36 -6.43 11.03 7.02
CA LEU Q 36 -7.28 11.55 5.94
C LEU Q 36 -8.70 11.80 6.39
N ILE Q 37 -9.23 11.00 7.31
CA ILE Q 37 -10.56 11.27 7.85
C ILE Q 37 -10.55 12.52 8.71
N ASN Q 38 -9.58 12.64 9.63
CA ASN Q 38 -9.60 13.75 10.57
C ASN Q 38 -9.10 15.06 9.97
N THR Q 39 -8.47 15.03 8.81
CA THR Q 39 -8.02 16.29 8.22
C THR Q 39 -9.10 17.00 7.41
N SER Q 40 -10.28 16.40 7.25
CA SER Q 40 -11.29 16.96 6.38
C SER Q 40 -12.34 17.80 7.11
N GLY Q 41 -12.56 17.54 8.39
CA GLY Q 41 -13.59 18.24 9.12
C GLY Q 41 -13.28 19.71 9.32
N PHE Q 42 -12.00 20.03 9.56
CA PHE Q 42 -11.56 21.41 9.70
C PHE Q 42 -11.81 22.20 8.43
N LEU Q 43 -11.45 21.63 7.28
CA LEU Q 43 -11.60 22.37 6.03
C LEU Q 43 -13.06 22.43 5.58
N GLN Q 44 -13.88 21.41 5.89
CA GLN Q 44 -15.29 21.53 5.51
C GLN Q 44 -16.02 22.54 6.38
N GLN Q 45 -15.69 22.60 7.68
CA GLN Q 45 -16.36 23.57 8.53
C GLN Q 45 -15.76 24.96 8.41
N LYS Q 46 -14.60 25.08 7.78
CA LYS Q 46 -14.10 26.41 7.44
C LYS Q 46 -14.66 26.87 6.11
N ALA Q 47 -14.90 25.96 5.16
CA ALA Q 47 -15.42 26.34 3.85
C ALA Q 47 -16.93 26.53 3.86
N SER Q 48 -17.63 25.90 4.80
CA SER Q 48 -19.09 26.06 4.84
C SER Q 48 -19.50 27.42 5.37
N THR Q 49 -18.74 27.96 6.32
CA THR Q 49 -19.07 29.27 6.88
C THR Q 49 -18.74 30.39 5.90
N THR Q 50 -17.75 30.18 5.04
CA THR Q 50 -17.21 31.25 4.21
C THR Q 50 -18.22 31.71 3.16
N GLY Q 51 -18.94 30.77 2.55
CA GLY Q 51 -19.91 31.14 1.53
C GLY Q 51 -21.12 31.88 2.10
N LYS Q 52 -21.68 31.36 3.18
CA LYS Q 52 -22.86 32.00 3.75
C LYS Q 52 -22.53 33.14 4.70
N GLU Q 53 -21.24 33.46 4.88
CA GLU Q 53 -20.88 34.75 5.46
C GLU Q 53 -20.43 35.76 4.41
N SER Q 54 -20.00 35.30 3.23
CA SER Q 54 -19.66 36.21 2.15
C SER Q 54 -20.87 36.62 1.33
N THR Q 55 -21.94 35.81 1.34
CA THR Q 55 -23.15 36.22 0.63
C THR Q 55 -23.86 37.35 1.35
N GLU Q 56 -23.76 37.37 2.69
CA GLU Q 56 -24.41 38.43 3.46
C GLU Q 56 -23.74 39.78 3.25
N GLN Q 57 -22.45 39.80 2.93
CA GLN Q 57 -21.76 41.06 2.71
C GLN Q 57 -22.17 41.69 1.37
N VAL Q 58 -22.27 40.87 0.33
CA VAL Q 58 -22.70 41.40 -0.96
C VAL Q 58 -24.20 41.66 -0.99
N ALA Q 59 -24.97 41.01 -0.11
CA ALA Q 59 -26.42 41.16 -0.16
C ALA Q 59 -26.90 42.46 0.47
N SER Q 60 -26.39 42.79 1.66
CA SER Q 60 -26.98 43.83 2.48
C SER Q 60 -26.63 45.22 1.96
N GLY Q 61 -27.20 46.23 2.60
CA GLY Q 61 -27.00 47.60 2.16
C GLY Q 61 -27.73 48.56 3.09
N LEU Q 62 -27.71 49.84 2.69
CA LEU Q 62 -28.27 50.90 3.51
C LEU Q 62 -28.52 52.10 2.59
N LEU Q 63 -29.75 52.60 2.57
CA LEU Q 63 -30.19 53.53 1.53
C LEU Q 63 -30.73 54.82 2.15
N ILE Q 64 -30.03 55.92 1.88
CA ILE Q 64 -30.43 57.26 2.30
C ILE Q 64 -31.43 57.85 1.32
N ASN Q 65 -32.56 58.36 1.82
CA ASN Q 65 -33.61 58.90 0.96
C ASN Q 65 -34.17 60.25 1.45
N GLY Q 66 -33.28 61.17 1.81
CA GLY Q 66 -33.74 62.51 2.14
C GLY Q 66 -33.10 63.12 3.38
N ILE Q 67 -32.62 64.35 3.27
CA ILE Q 67 -31.92 65.04 4.36
C ILE Q 67 -32.50 66.43 4.52
N THR Q 68 -32.98 66.75 5.72
CA THR Q 68 -33.50 68.07 6.04
C THR Q 68 -32.65 68.71 7.14
N GLY Q 69 -32.83 70.00 7.32
CA GLY Q 69 -32.08 70.73 8.32
C GLY Q 69 -32.89 71.85 8.92
N SER Q 70 -32.60 72.17 10.18
CA SER Q 70 -33.29 73.23 10.89
C SER Q 70 -32.40 74.46 11.05
N VAL Q 71 -33.04 75.61 11.17
CA VAL Q 71 -32.37 76.90 11.24
C VAL Q 71 -33.23 77.74 12.18
N GLY Q 72 -32.83 78.97 12.47
CA GLY Q 72 -33.72 79.83 13.25
C GLY Q 72 -33.07 80.82 14.20
N THR Q 73 -31.74 80.84 14.28
CA THR Q 73 -31.06 81.93 14.98
C THR Q 73 -30.24 82.78 14.04
N SER Q 74 -29.21 82.20 13.42
CA SER Q 74 -28.55 82.81 12.27
C SER Q 74 -28.12 81.79 11.22
N ASP Q 75 -28.11 80.50 11.54
CA ASP Q 75 -27.45 79.49 10.72
C ASP Q 75 -27.98 78.13 11.13
N VAL Q 76 -27.79 77.15 10.24
CA VAL Q 76 -28.25 75.78 10.46
C VAL Q 76 -27.50 75.15 11.64
N LYS Q 77 -28.24 74.46 12.51
CA LYS Q 77 -27.58 73.79 13.63
C LYS Q 77 -28.16 72.42 13.98
N LEU Q 78 -29.14 71.90 13.25
CA LEU Q 78 -29.62 70.54 13.46
C LEU Q 78 -29.87 69.89 12.10
N LEU Q 79 -29.44 68.63 11.96
CA LEU Q 79 -29.64 67.86 10.75
C LEU Q 79 -30.49 66.63 11.04
N ALA Q 80 -31.42 66.33 10.13
CA ALA Q 80 -32.26 65.15 10.21
C ALA Q 80 -32.07 64.33 8.94
N ILE Q 81 -31.77 63.05 9.10
CA ILE Q 81 -31.46 62.16 8.00
C ILE Q 81 -32.47 61.01 8.03
N TYR Q 82 -33.19 60.83 6.93
CA TYR Q 82 -34.07 59.68 6.83
C TYR Q 82 -33.28 58.48 6.30
N LEU Q 83 -33.85 57.29 6.50
CA LEU Q 83 -33.07 56.07 6.32
C LEU Q 83 -34.02 54.89 6.17
N ALA Q 84 -33.59 53.90 5.38
CA ALA Q 84 -34.37 52.70 5.11
C ALA Q 84 -33.45 51.62 4.57
N PRO Q 85 -33.61 50.37 4.96
CA PRO Q 85 -32.71 49.33 4.47
C PRO Q 85 -33.03 48.93 3.04
N ASN Q 86 -31.99 48.48 2.35
CA ASN Q 86 -32.17 47.92 1.01
C ASN Q 86 -32.92 46.60 1.10
N ALA Q 87 -33.64 46.26 0.04
CA ALA Q 87 -34.53 45.11 0.09
C ALA Q 87 -33.82 43.79 -0.22
N GLY Q 88 -32.68 43.55 0.42
CA GLY Q 88 -32.09 42.23 0.47
C GLY Q 88 -31.33 42.04 1.77
N SER Q 89 -31.42 43.01 2.66
CA SER Q 89 -30.62 43.02 3.87
C SER Q 89 -31.23 42.08 4.91
N SER Q 90 -30.36 41.42 5.67
CA SER Q 90 -30.83 40.45 6.65
C SER Q 90 -31.29 41.13 7.93
N ALA Q 91 -30.36 41.76 8.65
CA ALA Q 91 -30.69 42.39 9.92
C ALA Q 91 -29.66 43.49 10.18
N ILE Q 92 -30.05 44.73 9.94
CA ILE Q 92 -29.18 45.86 10.23
C ILE Q 92 -29.34 46.23 11.70
N ASP Q 93 -28.22 46.35 12.41
CA ASP Q 93 -28.19 46.58 13.84
C ASP Q 93 -27.66 47.98 14.10
N LEU Q 94 -28.51 48.87 14.61
CA LEU Q 94 -28.15 50.28 14.77
C LEU Q 94 -27.30 50.56 16.00
N ALA Q 95 -26.89 49.55 16.76
CA ALA Q 95 -26.05 49.83 17.90
C ALA Q 95 -24.59 50.03 17.53
N GLN Q 96 -24.21 49.75 16.28
CA GLN Q 96 -22.81 49.74 15.88
C GLN Q 96 -22.58 50.39 14.53
N THR Q 97 -23.43 51.34 14.13
CA THR Q 97 -23.29 52.05 12.87
C THR Q 97 -22.80 53.46 13.17
N LYS Q 98 -21.77 53.90 12.44
CA LYS Q 98 -21.07 55.14 12.75
C LYS Q 98 -21.06 56.07 11.55
N VAL Q 99 -21.25 57.36 11.81
CA VAL Q 99 -21.40 58.35 10.77
C VAL Q 99 -20.14 59.20 10.72
N MET Q 100 -19.57 59.38 9.52
CA MET Q 100 -18.47 60.31 9.35
C MET Q 100 -18.94 61.56 8.62
N LEU Q 101 -18.43 62.72 9.04
CA LEU Q 101 -18.68 63.98 8.36
C LEU Q 101 -17.36 64.71 8.14
N ASP Q 102 -17.30 65.52 7.09
CA ASP Q 102 -16.06 66.18 6.67
C ASP Q 102 -16.34 67.64 6.36
N TYR Q 103 -15.83 68.55 7.19
CA TYR Q 103 -16.02 69.97 6.95
C TYR Q 103 -14.96 70.79 7.68
N ASN Q 104 -14.39 71.77 6.95
CA ASN Q 104 -13.52 72.81 7.50
C ASN Q 104 -12.27 72.22 8.16
N GLY Q 105 -11.66 71.25 7.49
CA GLY Q 105 -10.52 70.57 8.08
C GLY Q 105 -10.85 69.71 9.27
N LYS Q 106 -12.10 69.29 9.41
CA LYS Q 106 -12.54 68.49 10.54
C LYS Q 106 -13.21 67.23 10.01
N SER Q 107 -12.63 66.08 10.31
CA SER Q 107 -13.23 64.78 10.02
C SER Q 107 -13.76 64.23 11.34
N VAL Q 108 -15.06 64.05 11.41
CA VAL Q 108 -15.77 63.82 12.66
C VAL Q 108 -16.42 62.45 12.61
N VAL Q 109 -16.12 61.62 13.60
CA VAL Q 109 -16.66 60.27 13.76
C VAL Q 109 -17.63 60.30 14.91
N LEU Q 110 -18.81 59.73 14.72
CA LEU Q 110 -19.84 59.71 15.75
C LEU Q 110 -20.11 58.28 16.19
N GLY Q 111 -20.95 58.14 17.22
CA GLY Q 111 -21.33 56.86 17.76
C GLY Q 111 -22.76 56.93 18.25
N TYR Q 112 -23.28 55.80 18.71
CA TYR Q 112 -24.66 55.75 19.15
C TYR Q 112 -24.81 56.39 20.53
N GLY Q 113 -25.93 57.09 20.72
CA GLY Q 113 -26.23 57.76 21.96
C GLY Q 113 -27.37 57.10 22.71
N GLY Q 114 -27.29 57.11 24.03
CA GLY Q 114 -28.25 56.39 24.86
C GLY Q 114 -29.56 57.11 25.10
N ASN Q 115 -30.27 57.45 24.02
CA ASN Q 115 -31.59 58.05 24.10
C ASN Q 115 -32.31 57.81 22.78
N GLN Q 116 -33.58 57.43 22.86
CA GLN Q 116 -34.38 57.17 21.68
C GLN Q 116 -35.83 57.52 22.01
N ASP Q 117 -36.74 57.19 21.09
CA ASP Q 117 -38.14 57.51 21.27
C ASP Q 117 -38.96 56.55 20.42
N MET Q 118 -40.24 56.40 20.79
CA MET Q 118 -41.18 55.54 20.09
C MET Q 118 -42.30 56.35 19.43
N SER Q 119 -41.92 57.46 18.81
CA SER Q 119 -42.86 58.39 18.20
C SER Q 119 -43.49 57.85 16.92
N SER Q 120 -44.39 56.88 17.05
CA SER Q 120 -45.14 56.34 15.92
C SER Q 120 -46.60 56.73 16.12
N GLY Q 121 -46.95 57.93 15.66
CA GLY Q 121 -48.29 58.45 15.82
C GLY Q 121 -48.31 59.92 16.19
N ASN Q 122 -47.19 60.42 16.71
CA ASN Q 122 -47.09 61.78 17.19
C ASN Q 122 -46.53 62.69 16.11
N SER Q 123 -46.22 63.93 16.48
CA SER Q 123 -45.84 64.97 15.54
C SER Q 123 -44.67 65.76 16.10
N SER Q 124 -44.26 66.80 15.35
CA SER Q 124 -43.26 67.80 15.74
C SER Q 124 -41.92 67.15 16.07
N VAL Q 125 -41.28 66.64 15.00
CA VAL Q 125 -40.03 65.89 15.09
C VAL Q 125 -38.93 66.69 15.79
N PHE Q 126 -38.90 68.00 15.58
CA PHE Q 126 -37.89 68.85 16.20
C PHE Q 126 -38.30 69.40 17.55
N SER Q 127 -39.13 68.67 18.31
CA SER Q 127 -39.58 69.19 19.60
C SER Q 127 -39.66 68.13 20.71
N ASN Q 128 -39.02 66.97 20.57
CA ASN Q 128 -39.07 65.93 21.59
C ASN Q 128 -37.71 65.30 21.77
N ASP Q 129 -37.15 65.44 22.99
CA ASP Q 129 -35.96 64.72 23.45
C ASP Q 129 -34.72 64.98 22.59
N THR Q 130 -34.44 66.25 22.32
CA THR Q 130 -33.29 66.64 21.52
C THR Q 130 -32.16 67.26 22.37
N GLY Q 131 -32.03 66.81 23.62
CA GLY Q 131 -31.03 67.38 24.51
C GLY Q 131 -30.01 66.42 25.08
N ALA Q 132 -29.55 65.46 24.28
CA ALA Q 132 -28.51 64.52 24.69
C ALA Q 132 -27.48 64.34 23.59
N THR Q 133 -27.16 65.43 22.90
CA THR Q 133 -26.30 65.50 21.73
C THR Q 133 -24.86 65.84 22.13
N ALA Q 134 -24.10 66.37 21.16
CA ALA Q 134 -22.76 66.98 21.16
C ALA Q 134 -21.60 65.99 21.06
N THR Q 135 -21.85 64.68 21.09
CA THR Q 135 -20.86 63.75 20.54
C THR Q 135 -21.48 62.55 19.85
N THR Q 136 -22.80 62.45 19.77
CA THR Q 136 -23.50 61.27 19.28
C THR Q 136 -24.68 61.71 18.44
N PHE Q 137 -25.41 60.74 17.91
CA PHE Q 137 -26.65 60.99 17.18
C PHE Q 137 -27.82 60.38 17.93
N GLN Q 138 -29.02 60.77 17.53
CA GLN Q 138 -30.24 60.33 18.19
C GLN Q 138 -31.16 59.67 17.18
N VAL Q 139 -31.94 58.70 17.65
CA VAL Q 139 -32.69 57.79 16.78
C VAL Q 139 -34.18 57.95 17.06
N ASN Q 140 -34.97 58.13 15.99
CA ASN Q 140 -36.42 58.12 16.10
C ASN Q 140 -36.99 57.07 15.16
N ILE Q 141 -38.10 56.47 15.58
CA ILE Q 141 -38.76 55.41 14.83
C ILE Q 141 -40.03 55.97 14.22
N LEU Q 142 -40.20 55.77 12.91
CA LEU Q 142 -41.39 56.26 12.23
C LEU Q 142 -42.36 55.16 11.84
N GLN Q 143 -41.90 53.92 11.69
CA GLN Q 143 -42.77 52.83 11.26
C GLN Q 143 -42.16 51.50 11.66
N ASP Q 144 -42.95 50.67 12.34
CA ASP Q 144 -42.49 49.33 12.72
C ASP Q 144 -43.73 48.49 12.97
N TYR Q 145 -43.97 47.50 12.11
CA TYR Q 145 -45.15 46.65 12.27
C TYR Q 145 -44.97 45.64 13.39
N ASP Q 146 -43.96 44.77 13.27
CA ASP Q 146 -43.79 43.66 14.20
C ASP Q 146 -42.85 43.99 15.37
N ASP Q 147 -42.84 45.27 15.79
CA ASP Q 147 -42.14 45.92 16.90
C ASP Q 147 -40.76 45.33 17.22
N SER Q 148 -39.97 45.12 16.17
CA SER Q 148 -38.63 44.55 16.29
C SER Q 148 -37.55 45.60 16.46
N ALA Q 149 -37.91 46.88 16.41
CA ALA Q 149 -36.96 47.96 16.60
C ALA Q 149 -37.27 48.82 17.81
N VAL Q 150 -38.29 48.46 18.59
CA VAL Q 150 -38.64 49.24 19.77
C VAL Q 150 -37.57 49.10 20.85
N ASP Q 151 -37.06 47.88 21.03
CA ASP Q 151 -35.92 47.67 21.89
C ASP Q 151 -34.74 47.20 21.06
N ASN Q 152 -33.54 47.50 21.57
CA ASN Q 152 -32.20 47.04 21.16
C ASN Q 152 -31.88 47.18 19.66
N ALA Q 153 -32.63 48.02 18.94
CA ALA Q 153 -32.22 48.63 17.66
C ALA Q 153 -31.90 47.61 16.57
N VAL Q 154 -32.92 46.87 16.14
CA VAL Q 154 -32.80 45.91 15.05
C VAL Q 154 -33.81 46.28 13.97
N ILE Q 155 -33.32 46.61 12.78
CA ILE Q 155 -34.16 46.97 11.65
C ILE Q 155 -34.36 45.73 10.78
N ASN Q 156 -35.60 45.30 10.61
CA ASN Q 156 -35.93 44.21 9.71
C ASN Q 156 -36.28 44.79 8.34
N LYS Q 157 -36.89 43.97 7.49
CA LYS Q 157 -37.17 44.35 6.10
C LYS Q 157 -38.42 45.21 6.05
N GLY Q 158 -38.25 46.53 6.08
CA GLY Q 158 -39.37 47.41 5.86
C GLY Q 158 -39.63 48.50 6.88
N ASP Q 159 -38.64 48.86 7.70
CA ASP Q 159 -38.82 49.89 8.70
C ASP Q 159 -38.49 51.27 8.15
N ALA Q 160 -38.62 52.28 9.00
CA ALA Q 160 -38.25 53.65 8.66
C ALA Q 160 -37.76 54.33 9.93
N VAL Q 161 -36.50 54.77 9.91
CA VAL Q 161 -35.81 55.28 11.09
C VAL Q 161 -35.14 56.60 10.72
N ALA Q 162 -35.36 57.64 11.51
CA ALA Q 162 -34.71 58.92 11.28
C ALA Q 162 -33.60 59.14 12.30
N LEU Q 163 -32.59 59.89 11.87
CA LEU Q 163 -31.45 60.24 12.71
C LEU Q 163 -31.42 61.75 12.89
N ILE Q 164 -31.02 62.19 14.08
CA ILE Q 164 -30.88 63.61 14.39
C ILE Q 164 -29.47 63.85 14.91
N VAL Q 165 -28.76 64.79 14.30
CA VAL Q 165 -27.41 65.16 14.68
C VAL Q 165 -27.39 66.66 14.94
N ASP Q 166 -26.74 67.07 16.02
CA ASP Q 166 -26.54 68.48 16.31
C ASP Q 166 -25.20 68.95 15.78
N VAL Q 167 -25.18 70.13 15.17
CA VAL Q 167 -24.00 70.64 14.47
C VAL Q 167 -23.25 71.67 15.29
N ASN Q 168 -24.00 72.55 15.98
CA ASN Q 168 -23.40 73.66 16.72
C ASN Q 168 -22.51 73.16 17.86
N ALA Q 169 -22.95 72.11 18.55
CA ALA Q 169 -22.21 71.59 19.68
C ALA Q 169 -21.30 70.44 19.32
N SER Q 170 -21.07 70.19 18.03
CA SER Q 170 -20.18 69.11 17.62
C SER Q 170 -19.09 69.61 16.68
N PHE Q 171 -19.37 70.69 15.94
CA PHE Q 171 -18.35 71.32 15.11
C PHE Q 171 -17.75 72.56 15.73
N ALA Q 172 -18.32 73.00 16.87
CA ALA Q 172 -17.98 74.25 17.56
C ALA Q 172 -18.06 75.45 16.63
N GLY Q 173 -19.25 75.71 16.09
CA GLY Q 173 -19.44 76.81 15.17
C GLY Q 173 -20.75 76.75 14.42
N GLU Q 174 -20.71 76.99 13.11
CA GLU Q 174 -21.92 77.02 12.30
C GLU Q 174 -21.63 76.29 10.99
N ILE Q 175 -22.59 76.36 10.07
CA ILE Q 175 -22.44 75.80 8.71
C ILE Q 175 -23.03 76.80 7.71
N PRO Q 176 -22.22 77.72 7.19
CA PRO Q 176 -22.73 78.76 6.30
C PRO Q 176 -23.07 78.20 4.93
N GLU Q 177 -23.57 79.08 4.07
CA GLU Q 177 -24.04 78.70 2.75
C GLU Q 177 -22.86 78.52 1.79
N ARG Q 178 -23.18 77.99 0.60
CA ARG Q 178 -22.25 77.77 -0.51
C ARG Q 178 -21.10 76.85 -0.12
N THR Q 179 -21.40 75.80 0.64
CA THR Q 179 -20.41 74.81 1.04
C THR Q 179 -20.74 73.46 0.41
N ALA Q 180 -19.82 72.51 0.55
CA ALA Q 180 -19.98 71.18 -0.01
C ALA Q 180 -19.38 70.18 0.96
N ILE Q 181 -20.20 69.23 1.42
CA ILE Q 181 -19.81 68.28 2.47
C ILE Q 181 -20.16 66.87 2.01
N SER Q 182 -19.22 65.94 2.17
CA SER Q 182 -19.44 64.52 1.94
C SER Q 182 -19.48 63.78 3.27
N GLY Q 183 -19.72 62.48 3.21
CA GLY Q 183 -19.78 61.66 4.40
C GLY Q 183 -20.42 60.32 4.13
N LYS Q 184 -20.14 59.38 5.03
CA LYS Q 184 -20.60 58.00 4.86
C LYS Q 184 -21.17 57.46 6.18
N VAL Q 185 -22.07 56.48 6.04
CA VAL Q 185 -22.91 55.96 7.12
C VAL Q 185 -22.68 54.44 7.23
N GLN Q 186 -21.41 54.01 7.16
CA GLN Q 186 -20.95 52.61 7.15
C GLN Q 186 -21.67 51.73 8.18
N PRO Q 187 -22.38 50.69 7.74
CA PRO Q 187 -22.91 49.70 8.69
C PRO Q 187 -21.84 48.72 9.16
N GLU Q 188 -22.26 47.68 9.87
CA GLU Q 188 -21.33 46.67 10.36
C GLU Q 188 -20.71 45.88 9.22
N PHE Q 189 -21.53 45.40 8.29
CA PHE Q 189 -21.04 44.53 7.23
C PHE Q 189 -21.61 44.82 5.85
N GLY Q 190 -22.51 45.79 5.71
CA GLY Q 190 -23.12 46.04 4.41
C GLY Q 190 -22.34 46.98 3.52
N ALA Q 191 -23.06 47.78 2.73
CA ALA Q 191 -22.49 48.77 1.84
C ALA Q 191 -22.98 50.17 2.23
N PRO Q 192 -22.09 51.16 2.28
CA PRO Q 192 -22.47 52.45 2.83
C PRO Q 192 -23.30 53.30 1.87
N GLY Q 193 -24.05 54.22 2.45
CA GLY Q 193 -24.74 55.26 1.69
C GLY Q 193 -23.98 56.56 1.80
N VAL Q 194 -23.87 57.27 0.68
CA VAL Q 194 -23.00 58.43 0.56
C VAL Q 194 -23.86 59.69 0.66
N ILE Q 195 -23.32 60.73 1.30
CA ILE Q 195 -24.05 61.96 1.61
C ILE Q 195 -23.44 63.10 0.79
N SER Q 196 -24.32 63.93 0.22
CA SER Q 196 -23.87 65.15 -0.47
C SER Q 196 -25.01 66.18 -0.40
N PHE Q 197 -24.78 67.28 0.31
CA PHE Q 197 -25.82 68.27 0.58
C PHE Q 197 -25.31 69.69 0.36
N THR Q 198 -24.74 69.94 -0.84
CA THR Q 198 -24.24 71.25 -1.24
C THR Q 198 -25.29 72.35 -1.08
N THR Q 199 -24.97 73.32 -0.21
CA THR Q 199 -25.97 74.18 0.39
C THR Q 199 -26.50 75.21 -0.61
N PRO Q 200 -27.76 75.64 -0.45
CA PRO Q 200 -28.29 76.69 -1.33
C PRO Q 200 -27.70 78.04 -1.00
N ALA Q 201 -27.92 78.98 -1.91
CA ALA Q 201 -27.32 80.31 -1.82
C ALA Q 201 -28.16 81.30 -1.03
N SER Q 202 -29.28 80.87 -0.43
CA SER Q 202 -30.13 81.79 0.32
C SER Q 202 -30.95 80.99 1.32
N TYR Q 203 -31.07 81.52 2.54
CA TYR Q 203 -31.93 80.94 3.56
C TYR Q 203 -33.17 81.82 3.70
N THR Q 204 -34.35 81.21 3.54
CA THR Q 204 -35.60 81.95 3.56
C THR Q 204 -36.48 81.60 4.75
N THR Q 205 -36.83 80.33 4.91
CA THR Q 205 -37.78 79.91 5.93
C THR Q 205 -37.04 79.32 7.12
N THR Q 206 -37.80 78.93 8.14
CA THR Q 206 -37.24 78.35 9.34
C THR Q 206 -37.02 76.84 9.22
N LEU Q 207 -37.26 76.26 8.04
CA LEU Q 207 -37.06 74.82 7.84
C LEU Q 207 -36.72 74.64 6.37
N VAL Q 208 -35.44 74.48 6.08
CA VAL Q 208 -34.94 74.44 4.70
C VAL Q 208 -34.65 73.00 4.31
N GLU Q 209 -34.98 72.67 3.06
CA GLU Q 209 -34.65 71.37 2.50
C GLU Q 209 -33.22 71.35 1.98
N LEU Q 210 -32.58 70.21 2.09
CA LEU Q 210 -31.20 70.11 1.64
C LEU Q 210 -30.98 68.98 0.64
N GLN Q 211 -31.66 67.85 0.82
CA GLN Q 211 -31.58 66.78 -0.16
C GLN Q 211 -32.87 65.96 -0.17
N ALA R 13 31.20 -46.99 24.03
CA ALA R 13 32.13 -46.96 22.91
C ALA R 13 31.64 -46.04 21.80
N SER R 14 30.40 -46.28 21.35
CA SER R 14 29.78 -45.46 20.32
C SER R 14 28.73 -44.52 20.88
N GLY R 15 28.89 -44.10 22.13
CA GLY R 15 27.97 -43.16 22.74
C GLY R 15 28.53 -41.75 22.80
N ILE R 16 29.20 -41.33 21.72
CA ILE R 16 29.81 -40.01 21.64
C ILE R 16 29.05 -39.27 20.53
N GLY R 17 27.75 -39.55 20.44
CA GLY R 17 26.91 -38.93 19.43
C GLY R 17 26.66 -37.45 19.65
N THR R 18 26.95 -36.93 20.84
CA THR R 18 26.78 -35.50 21.07
C THR R 18 27.95 -34.69 20.55
N LEU R 19 29.19 -35.20 20.67
CA LEU R 19 30.37 -34.48 20.24
C LEU R 19 30.45 -34.33 18.72
N ILE R 20 29.75 -35.20 17.99
CA ILE R 20 29.75 -35.14 16.53
C ILE R 20 28.89 -33.98 16.05
N VAL R 21 27.68 -33.89 16.57
CA VAL R 21 26.64 -33.08 15.96
C VAL R 21 26.24 -31.88 16.82
N PHE R 22 26.15 -32.04 18.15
CA PHE R 22 25.48 -31.08 19.02
C PHE R 22 26.24 -29.76 19.10
N ILE R 23 27.53 -29.82 19.48
CA ILE R 23 28.33 -28.62 19.67
C ILE R 23 28.55 -27.91 18.34
N ALA R 24 28.75 -28.68 17.26
CA ALA R 24 28.96 -28.11 15.93
C ALA R 24 27.72 -27.41 15.43
N MET R 25 26.53 -28.00 15.62
CA MET R 25 25.32 -27.33 15.17
C MET R 25 24.95 -26.14 16.06
N VAL R 26 25.32 -26.16 17.34
CA VAL R 26 25.12 -24.99 18.18
C VAL R 26 25.98 -23.82 17.70
N LEU R 27 27.24 -24.10 17.35
CA LEU R 27 28.12 -23.04 16.86
C LEU R 27 27.69 -22.52 15.49
N VAL R 28 27.31 -23.43 14.58
CA VAL R 28 26.83 -23.02 13.27
C VAL R 28 25.50 -22.26 13.39
N ALA R 29 24.66 -22.64 14.36
CA ALA R 29 23.42 -21.92 14.62
C ALA R 29 23.69 -20.51 15.12
N ALA R 30 24.68 -20.35 16.00
CA ALA R 30 25.03 -19.03 16.50
C ALA R 30 25.60 -18.16 15.39
N VAL R 31 26.40 -18.74 14.50
CA VAL R 31 26.96 -17.99 13.38
C VAL R 31 25.86 -17.55 12.40
N ALA R 32 24.98 -18.49 12.03
CA ALA R 32 23.91 -18.19 11.09
C ALA R 32 22.85 -17.27 11.68
N ALA R 33 22.76 -17.20 13.01
CA ALA R 33 21.87 -16.22 13.63
C ALA R 33 22.54 -14.85 13.70
N SER R 34 23.84 -14.82 14.03
CA SER R 34 24.57 -13.56 14.15
C SER R 34 24.75 -12.87 12.80
N VAL R 35 24.66 -13.62 11.70
CA VAL R 35 24.58 -12.96 10.40
C VAL R 35 23.27 -12.18 10.28
N LEU R 36 22.14 -12.81 10.61
CA LEU R 36 20.83 -12.21 10.39
C LEU R 36 20.55 -11.06 11.35
N ILE R 37 21.07 -11.12 12.58
CA ILE R 37 20.90 -9.99 13.49
C ILE R 37 21.73 -8.80 13.04
N ASN R 38 23.00 -9.04 12.70
CA ASN R 38 23.89 -7.91 12.39
C ASN R 38 23.68 -7.36 10.98
N THR R 39 22.97 -8.07 10.10
CA THR R 39 22.74 -7.53 8.77
C THR R 39 21.55 -6.57 8.70
N SER R 40 20.81 -6.39 9.79
CA SER R 40 19.59 -5.60 9.75
C SER R 40 19.78 -4.15 10.19
N GLY R 41 20.77 -3.88 11.03
CA GLY R 41 20.95 -2.53 11.54
C GLY R 41 21.36 -1.54 10.48
N PHE R 42 22.20 -1.98 9.54
CA PHE R 42 22.63 -1.14 8.41
C PHE R 42 21.43 -0.72 7.57
N LEU R 43 20.57 -1.69 7.22
CA LEU R 43 19.45 -1.37 6.37
C LEU R 43 18.36 -0.60 7.09
N GLN R 44 18.17 -0.81 8.40
CA GLN R 44 17.17 0.00 9.10
C GLN R 44 17.64 1.43 9.27
N GLN R 45 18.93 1.64 9.55
CA GLN R 45 19.41 3.00 9.72
C GLN R 45 19.67 3.68 8.39
N LYS R 46 19.70 2.94 7.29
CA LYS R 46 19.71 3.56 5.98
C LYS R 46 18.29 3.89 5.51
N ALA R 47 17.31 3.06 5.87
CA ALA R 47 15.93 3.31 5.44
C ALA R 47 15.23 4.34 6.31
N SER R 48 15.67 4.52 7.56
CA SER R 48 15.01 5.49 8.43
C SER R 48 15.36 6.92 8.04
N THR R 49 16.59 7.16 7.58
CA THR R 49 16.98 8.50 7.18
C THR R 49 16.36 8.91 5.86
N THR R 50 16.07 7.93 4.98
CA THR R 50 15.66 8.23 3.62
C THR R 50 14.29 8.89 3.57
N GLY R 51 13.35 8.41 4.39
CA GLY R 51 12.01 8.99 4.38
C GLY R 51 11.97 10.40 4.93
N LYS R 52 12.61 10.63 6.06
CA LYS R 52 12.58 11.96 6.66
C LYS R 52 13.64 12.89 6.09
N GLU R 53 14.44 12.44 5.12
CA GLU R 53 15.18 13.38 4.29
C GLU R 53 14.54 13.60 2.93
N SER R 54 13.70 12.68 2.48
CA SER R 54 12.97 12.88 1.24
C SER R 54 11.69 13.69 1.43
N THR R 55 11.14 13.70 2.64
CA THR R 55 9.96 14.52 2.90
C THR R 55 10.32 15.99 2.94
N GLU R 56 11.53 16.32 3.39
CA GLU R 56 11.95 17.71 3.45
C GLU R 56 12.17 18.31 2.07
N GLN R 57 12.51 17.48 1.08
CA GLN R 57 12.72 17.99 -0.27
C GLN R 57 11.40 18.33 -0.95
N VAL R 58 10.38 17.49 -0.77
CA VAL R 58 9.08 17.80 -1.35
C VAL R 58 8.35 18.87 -0.54
N ALA R 59 8.70 19.06 0.73
CA ALA R 59 7.97 19.99 1.56
C ALA R 59 8.37 21.44 1.30
N SER R 60 9.67 21.72 1.24
CA SER R 60 10.17 23.09 1.28
C SER R 60 9.96 23.80 -0.05
N GLY R 61 10.30 25.09 -0.06
CA GLY R 61 10.09 25.91 -1.24
C GLY R 61 10.60 27.32 -1.00
N LEU R 62 10.34 28.17 -1.98
CA LEU R 62 10.85 29.54 -1.97
C LEU R 62 10.01 30.35 -2.94
N LEU R 63 9.41 31.45 -2.46
CA LEU R 63 8.34 32.14 -3.19
C LEU R 63 8.70 33.61 -3.42
N ILE R 64 8.86 33.98 -4.68
CA ILE R 64 9.12 35.35 -5.10
C ILE R 64 7.82 36.12 -5.22
N ASN R 65 7.74 37.31 -4.61
CA ASN R 65 6.51 38.10 -4.61
C ASN R 65 6.74 39.57 -4.90
N GLY R 66 7.54 39.87 -5.93
CA GLY R 66 7.69 41.25 -6.36
C GLY R 66 9.11 41.69 -6.66
N ILE R 67 9.32 42.32 -7.80
CA ILE R 67 10.65 42.73 -8.26
C ILE R 67 10.59 44.19 -8.71
N THR R 68 11.43 45.03 -8.11
CA THR R 68 11.53 46.44 -8.49
C THR R 68 12.93 46.73 -9.01
N GLY R 69 13.08 47.88 -9.64
CA GLY R 69 14.37 48.27 -10.21
C GLY R 69 14.56 49.76 -10.14
N SER R 70 15.82 50.17 -10.03
CA SER R 70 16.18 51.59 -9.97
C SER R 70 16.81 52.05 -11.27
N VAL R 71 16.67 53.34 -11.55
CA VAL R 71 17.13 53.96 -12.78
C VAL R 71 17.60 55.35 -12.37
N GLY R 72 18.11 56.15 -13.30
CA GLY R 72 18.42 57.52 -12.95
C GLY R 72 19.60 58.17 -13.62
N THR R 73 20.33 57.45 -14.48
CA THR R 73 21.32 58.06 -15.33
C THR R 73 20.95 57.98 -16.80
N SER R 74 20.86 56.77 -17.36
CA SER R 74 20.21 56.54 -18.63
C SER R 74 19.44 55.23 -18.69
N ASP R 75 19.65 54.32 -17.74
CA ASP R 75 19.19 52.95 -17.86
C ASP R 75 19.22 52.30 -16.48
N VAL R 76 18.48 51.21 -16.34
CA VAL R 76 18.37 50.49 -15.07
C VAL R 76 19.72 49.89 -14.70
N LYS R 77 20.10 50.02 -13.42
CA LYS R 77 21.35 49.43 -12.96
C LYS R 77 21.30 48.82 -11.56
N LEU R 78 20.16 48.79 -10.89
CA LEU R 78 20.03 48.07 -9.62
C LEU R 78 18.69 47.35 -9.59
N LEU R 79 18.70 46.11 -9.12
CA LEU R 79 17.49 45.30 -8.98
C LEU R 79 17.27 44.93 -7.53
N ALA R 80 16.02 44.99 -7.10
CA ALA R 80 15.60 44.60 -5.76
C ALA R 80 14.54 43.52 -5.87
N ILE R 81 14.76 42.41 -5.19
CA ILE R 81 13.89 41.24 -5.25
C ILE R 81 13.36 40.95 -3.86
N TYR R 82 12.04 40.94 -3.70
CA TYR R 82 11.46 40.54 -2.44
C TYR R 82 11.31 39.02 -2.40
N LEU R 83 11.15 38.49 -1.19
CA LEU R 83 11.29 37.06 -0.99
C LEU R 83 10.64 36.66 0.33
N ALA R 84 10.10 35.44 0.35
CA ALA R 84 9.41 34.90 1.53
C ALA R 84 9.33 33.40 1.39
N PRO R 85 9.52 32.64 2.45
CA PRO R 85 9.47 31.17 2.34
C PRO R 85 8.04 30.67 2.22
N ASN R 86 7.90 29.53 1.55
CA ASN R 86 6.61 28.85 1.48
C ASN R 86 6.26 28.29 2.85
N ALA R 87 4.96 28.15 3.11
CA ALA R 87 4.51 27.81 4.46
C ALA R 87 4.51 26.31 4.71
N GLY R 88 5.60 25.64 4.37
CA GLY R 88 5.86 24.30 4.84
C GLY R 88 7.34 24.04 5.00
N SER R 89 8.14 25.10 4.79
CA SER R 89 9.58 24.96 4.76
C SER R 89 10.15 24.88 6.17
N SER R 90 11.19 24.07 6.32
CA SER R 90 11.76 23.86 7.65
C SER R 90 12.71 24.99 8.03
N ALA R 91 13.81 25.13 7.31
CA ALA R 91 14.81 26.15 7.63
C ALA R 91 15.59 26.45 6.36
N ILE R 92 15.26 27.58 5.72
CA ILE R 92 16.01 28.02 4.56
C ILE R 92 17.24 28.79 5.03
N ASP R 93 18.39 28.42 4.48
CA ASP R 93 19.68 28.96 4.91
C ASP R 93 20.25 29.81 3.76
N LEU R 94 20.32 31.12 3.96
CA LEU R 94 20.72 32.03 2.89
C LEU R 94 22.22 32.09 2.65
N ALA R 95 23.02 31.28 3.32
CA ALA R 95 24.45 31.31 3.06
C ALA R 95 24.84 30.51 1.83
N GLN R 96 23.91 29.75 1.25
CA GLN R 96 24.23 28.81 0.18
C GLN R 96 23.20 28.82 -0.93
N THR R 97 22.50 29.93 -1.14
CA THR R 97 21.50 30.04 -2.20
C THR R 97 22.08 30.93 -3.30
N LYS R 98 21.97 30.47 -4.54
CA LYS R 98 22.65 31.10 -5.67
C LYS R 98 21.65 31.47 -6.76
N VAL R 99 21.85 32.64 -7.34
CA VAL R 99 20.93 33.21 -8.30
C VAL R 99 21.55 33.12 -9.70
N MET R 100 20.79 32.61 -10.66
CA MET R 100 21.22 32.64 -12.05
C MET R 100 20.43 33.67 -12.83
N LEU R 101 21.11 34.36 -13.73
CA LEU R 101 20.47 35.30 -14.66
C LEU R 101 20.95 35.04 -16.07
N ASP R 102 20.11 35.34 -17.05
CA ASP R 102 20.38 35.01 -18.45
C ASP R 102 20.05 36.21 -19.33
N TYR R 103 21.07 36.83 -19.91
CA TYR R 103 20.86 37.97 -20.79
C TYR R 103 22.05 38.18 -21.71
N ASN R 104 21.76 38.40 -23.01
CA ASN R 104 22.71 38.85 -24.03
C ASN R 104 23.85 37.85 -24.20
N GLY R 105 23.51 36.56 -24.24
CA GLY R 105 24.52 35.54 -24.32
C GLY R 105 25.36 35.39 -23.08
N LYS R 106 24.86 35.84 -21.93
CA LYS R 106 25.58 35.78 -20.67
C LYS R 106 24.73 35.06 -19.65
N SER R 107 25.21 33.92 -19.18
CA SER R 107 24.60 33.19 -18.08
C SER R 107 25.45 33.44 -16.84
N VAL R 108 24.88 34.08 -15.83
CA VAL R 108 25.63 34.64 -14.72
C VAL R 108 25.18 33.96 -13.44
N VAL R 109 26.15 33.41 -12.71
CA VAL R 109 25.94 32.73 -11.44
C VAL R 109 26.49 33.64 -10.34
N LEU R 110 25.72 33.84 -9.29
CA LEU R 110 26.11 34.70 -8.19
C LEU R 110 26.31 33.88 -6.92
N GLY R 111 26.79 34.53 -5.87
CA GLY R 111 27.00 33.92 -4.58
C GLY R 111 26.75 34.94 -3.50
N TYR R 112 26.84 34.50 -2.25
CA TYR R 112 26.55 35.38 -1.12
C TYR R 112 27.71 36.33 -0.88
N GLY R 113 27.39 37.57 -0.52
CA GLY R 113 28.38 38.60 -0.25
C GLY R 113 28.43 38.96 1.21
N GLY R 114 29.63 39.27 1.70
CA GLY R 114 29.84 39.51 3.11
C GLY R 114 29.46 40.89 3.61
N ASN R 115 28.19 41.27 3.42
CA ASN R 115 27.67 42.52 3.94
C ASN R 115 26.15 42.40 4.02
N GLN R 116 25.60 42.86 5.14
CA GLN R 116 24.15 42.82 5.35
C GLN R 116 23.77 44.01 6.21
N ASP R 117 22.51 44.04 6.65
CA ASP R 117 22.00 45.15 7.44
C ASP R 117 20.82 44.66 8.25
N MET R 118 20.52 45.39 9.33
CA MET R 118 19.40 45.09 10.22
C MET R 118 18.33 46.17 10.16
N SER R 119 18.03 46.64 8.95
CA SER R 119 17.10 47.74 8.74
C SER R 119 15.65 47.34 8.97
N SER R 120 15.27 47.16 10.24
CA SER R 120 13.88 46.88 10.61
C SER R 120 13.38 48.09 11.40
N GLY R 121 12.88 49.08 10.68
CA GLY R 121 12.40 50.30 11.30
C GLY R 121 12.81 51.54 10.52
N ASN R 122 13.82 51.41 9.68
CA ASN R 122 14.37 52.54 8.94
C ASN R 122 13.75 52.61 7.54
N SER R 123 14.29 53.48 6.70
CA SER R 123 13.72 53.80 5.40
C SER R 123 14.82 53.89 4.36
N SER R 124 14.41 54.24 3.13
CA SER R 124 15.29 54.53 1.99
C SER R 124 16.20 53.33 1.66
N VAL R 125 15.54 52.29 1.13
CA VAL R 125 16.17 51.00 0.82
C VAL R 125 17.36 51.17 -0.12
N PHE R 126 17.27 52.10 -1.06
CA PHE R 126 18.35 52.33 -2.02
C PHE R 126 19.37 53.35 -1.55
N SER R 127 19.58 53.49 -0.23
CA SER R 127 20.53 54.49 0.26
C SER R 127 21.40 54.03 1.42
N ASN R 128 21.51 52.73 1.69
CA ASN R 128 22.31 52.24 2.80
C ASN R 128 23.10 51.00 2.38
N ASP R 129 24.44 51.12 2.41
CA ASP R 129 25.38 50.00 2.28
C ASP R 129 25.23 49.24 0.96
N THR R 130 25.20 49.99 -0.15
CA THR R 130 25.09 49.40 -1.47
C THR R 130 26.41 49.45 -2.25
N GLY R 131 27.54 49.36 -1.56
CA GLY R 131 28.83 49.46 -2.23
C GLY R 131 29.77 48.28 -2.05
N ALA R 132 29.23 47.06 -2.06
CA ALA R 132 30.04 45.85 -1.97
C ALA R 132 29.57 44.81 -2.98
N THR R 133 29.18 45.28 -4.15
CA THR R 133 28.57 44.52 -5.24
C THR R 133 29.64 44.04 -6.25
N ALA R 134 29.18 43.75 -7.47
CA ALA R 134 29.86 43.43 -8.74
C ALA R 134 30.28 41.98 -8.91
N THR R 135 30.11 41.13 -7.90
CA THR R 135 30.06 39.69 -8.17
C THR R 135 29.08 38.94 -7.28
N THR R 136 28.37 39.61 -6.38
CA THR R 136 27.53 38.98 -5.36
C THR R 136 26.25 39.78 -5.21
N PHE R 137 25.38 39.32 -4.33
CA PHE R 137 24.17 40.03 -3.97
C PHE R 137 24.23 40.45 -2.50
N GLN R 138 23.32 41.34 -2.13
CA GLN R 138 23.28 41.88 -0.78
C GLN R 138 21.92 41.64 -0.16
N VAL R 139 21.89 41.47 1.15
CA VAL R 139 20.72 40.98 1.87
C VAL R 139 20.26 42.05 2.86
N ASN R 140 18.97 42.36 2.83
CA ASN R 140 18.34 43.22 3.83
C ASN R 140 17.19 42.49 4.50
N ILE R 141 16.99 42.80 5.78
CA ILE R 141 15.96 42.16 6.60
C ILE R 141 14.84 43.16 6.82
N LEU R 142 13.60 42.75 6.51
CA LEU R 142 12.46 43.63 6.72
C LEU R 142 11.60 43.25 7.91
N GLN R 143 11.61 41.99 8.34
CA GLN R 143 10.75 41.56 9.43
C GLN R 143 11.32 40.28 10.03
N ASP R 144 11.49 40.28 11.36
CA ASP R 144 11.97 39.10 12.07
C ASP R 144 11.53 39.24 13.52
N TYR R 145 10.61 38.38 13.96
CA TYR R 145 10.13 38.46 15.33
C TYR R 145 11.14 37.88 16.32
N ASP R 146 11.48 36.60 16.16
CA ASP R 146 12.31 35.90 17.14
C ASP R 146 13.79 35.93 16.78
N ASP R 147 14.24 37.02 16.13
CA ASP R 147 15.60 37.40 15.70
C ASP R 147 16.50 36.23 15.30
N SER R 148 15.96 35.33 14.49
CA SER R 148 16.67 34.14 14.03
C SER R 148 17.39 34.37 12.72
N ALA R 149 17.25 35.55 12.11
CA ALA R 149 17.94 35.87 10.87
C ALA R 149 18.90 37.04 11.02
N VAL R 150 19.08 37.57 12.23
CA VAL R 150 19.99 38.69 12.43
C VAL R 150 21.43 38.24 12.27
N ASP R 151 21.76 37.07 12.78
CA ASP R 151 23.06 36.47 12.52
C ASP R 151 22.86 35.21 11.70
N ASN R 152 23.91 34.88 10.93
CA ASN R 152 24.18 33.62 10.19
C ASN R 152 23.02 33.14 9.29
N ALA R 153 22.07 34.03 8.95
CA ALA R 153 21.19 33.92 7.78
C ALA R 153 20.33 32.66 7.78
N VAL R 154 19.43 32.56 8.75
CA VAL R 154 18.47 31.46 8.83
C VAL R 154 17.07 32.04 8.83
N ILE R 155 16.28 31.68 7.82
CA ILE R 155 14.90 32.14 7.68
C ILE R 155 13.98 31.07 8.25
N ASN R 156 13.21 31.43 9.27
CA ASN R 156 12.20 30.54 9.82
C ASN R 156 10.86 30.82 9.14
N LYS R 157 9.78 30.31 9.71
CA LYS R 157 8.45 30.38 9.09
C LYS R 157 7.86 31.77 9.34
N GLY R 158 8.05 32.68 8.39
CA GLY R 158 7.36 33.96 8.48
C GLY R 158 8.19 35.22 8.38
N ASP R 159 9.40 35.14 7.82
CA ASP R 159 10.25 36.30 7.69
C ASP R 159 10.00 37.02 6.37
N ALA R 160 10.75 38.10 6.14
CA ALA R 160 10.71 38.85 4.89
C ALA R 160 12.10 39.42 4.64
N VAL R 161 12.71 39.02 3.53
CA VAL R 161 14.10 39.34 3.23
C VAL R 161 14.17 39.86 1.80
N ALA R 162 14.82 41.00 1.60
CA ALA R 162 15.00 41.53 0.26
C ALA R 162 16.45 41.33 -0.20
N LEU R 163 16.60 41.20 -1.52
CA LEU R 163 17.90 41.03 -2.14
C LEU R 163 18.16 42.23 -3.05
N ILE R 164 19.41 42.66 -3.12
CA ILE R 164 19.84 43.75 -3.98
C ILE R 164 20.99 43.25 -4.85
N VAL R 165 20.84 43.40 -6.17
CA VAL R 165 21.84 42.99 -7.14
C VAL R 165 22.18 44.20 -8.01
N ASP R 166 23.46 44.44 -8.26
CA ASP R 166 23.89 45.48 -9.17
C ASP R 166 24.09 44.90 -10.57
N VAL R 167 23.65 45.64 -11.58
CA VAL R 167 23.62 45.16 -12.96
C VAL R 167 24.76 45.74 -13.78
N ASN R 168 25.06 47.03 -13.57
CA ASN R 168 26.07 47.73 -14.37
C ASN R 168 27.45 47.14 -14.17
N ALA R 169 27.79 46.77 -12.94
CA ALA R 169 29.10 46.26 -12.64
C ALA R 169 29.16 44.73 -12.65
N SER R 170 28.13 44.06 -13.15
CA SER R 170 28.13 42.61 -13.22
C SER R 170 27.86 42.10 -14.63
N PHE R 171 27.15 42.90 -15.43
CA PHE R 171 26.94 42.56 -16.83
C PHE R 171 27.85 43.34 -17.77
N ALA R 172 28.59 44.31 -17.23
CA ALA R 172 29.44 45.26 -17.97
C ALA R 172 28.66 45.98 -19.05
N GLY R 173 27.62 46.72 -18.65
CA GLY R 173 26.79 47.43 -19.61
C GLY R 173 25.49 47.95 -19.01
N GLU R 174 24.39 47.75 -19.72
CA GLU R 174 23.10 48.25 -19.28
C GLU R 174 22.05 47.17 -19.52
N ILE R 175 20.78 47.53 -19.31
CA ILE R 175 19.64 46.65 -19.59
C ILE R 175 18.55 47.49 -20.26
N PRO R 176 18.53 47.58 -21.58
CA PRO R 176 17.56 48.45 -22.27
C PRO R 176 16.16 47.84 -22.24
N GLU R 177 15.23 48.58 -22.82
CA GLU R 177 13.83 48.20 -22.80
C GLU R 177 13.55 47.12 -23.85
N ARG R 178 12.32 46.58 -23.78
CA ARG R 178 11.79 45.57 -24.71
C ARG R 178 12.64 44.29 -24.71
N THR R 179 13.09 43.87 -23.54
CA THR R 179 13.85 42.64 -23.38
C THR R 179 13.06 41.63 -22.56
N ALA R 180 13.58 40.41 -22.50
CA ALA R 180 12.93 39.32 -21.78
C ALA R 180 14.01 38.46 -21.13
N ILE R 181 13.98 38.34 -19.81
CA ILE R 181 15.02 37.66 -19.04
C ILE R 181 14.37 36.66 -18.09
N SER R 182 14.91 35.45 -18.05
CA SER R 182 14.52 34.43 -17.08
C SER R 182 15.62 34.24 -16.05
N GLY R 183 15.37 33.36 -15.09
CA GLY R 183 16.34 33.10 -14.05
C GLY R 183 15.71 32.36 -12.88
N LYS R 184 16.57 31.72 -12.09
CA LYS R 184 16.14 30.88 -10.98
C LYS R 184 16.99 31.16 -9.74
N VAL R 185 16.37 30.89 -8.58
CA VAL R 185 16.88 31.27 -7.26
C VAL R 185 17.00 30.01 -6.40
N GLN R 186 17.54 28.91 -6.98
CA GLN R 186 17.66 27.58 -6.38
C GLN R 186 18.15 27.60 -4.93
N PRO R 187 17.39 27.09 -3.99
CA PRO R 187 17.90 26.90 -2.62
C PRO R 187 18.76 25.65 -2.52
N GLU R 188 19.13 25.29 -1.28
CA GLU R 188 19.94 24.10 -1.05
C GLU R 188 19.20 22.82 -1.42
N PHE R 189 17.96 22.68 -0.94
CA PHE R 189 17.23 21.45 -1.14
C PHE R 189 15.76 21.63 -1.51
N GLY R 190 15.26 22.86 -1.60
CA GLY R 190 13.85 23.05 -1.88
C GLY R 190 13.49 23.09 -3.34
N ALA R 191 12.50 23.91 -3.70
CA ALA R 191 12.06 24.09 -5.07
C ALA R 191 12.24 25.55 -5.49
N PRO R 192 12.76 25.81 -6.67
CA PRO R 192 13.15 27.17 -7.03
C PRO R 192 11.96 28.04 -7.42
N GLY R 193 12.15 29.35 -7.28
CA GLY R 193 11.22 30.33 -7.80
C GLY R 193 11.75 30.92 -9.09
N VAL R 194 10.87 31.10 -10.06
CA VAL R 194 11.25 31.45 -11.42
C VAL R 194 10.99 32.94 -11.63
N ILE R 195 11.88 33.60 -12.38
CA ILE R 195 11.87 35.04 -12.57
C ILE R 195 11.50 35.36 -14.01
N SER R 196 10.62 36.35 -14.22
CA SER R 196 10.31 36.84 -15.56
C SER R 196 9.88 38.30 -15.45
N PHE R 197 10.67 39.20 -16.02
CA PHE R 197 10.48 40.64 -15.85
C PHE R 197 10.60 41.38 -17.19
N THR R 198 9.84 40.92 -18.19
CA THR R 198 9.80 41.52 -19.52
C THR R 198 9.52 43.02 -19.47
N THR R 199 10.47 43.81 -19.94
CA THR R 199 10.58 45.22 -19.61
C THR R 199 9.51 46.05 -20.31
N PRO R 200 9.06 47.15 -19.70
CA PRO R 200 8.09 48.02 -20.37
C PRO R 200 8.75 48.81 -21.50
N ALA R 201 7.90 49.42 -22.32
CA ALA R 201 8.34 50.10 -23.52
C ALA R 201 8.69 51.57 -23.28
N SER R 202 8.64 52.05 -22.04
CA SER R 202 8.94 53.45 -21.76
C SER R 202 9.38 53.58 -20.32
N TYR R 203 10.41 54.39 -20.08
CA TYR R 203 10.86 54.73 -18.74
C TYR R 203 10.44 56.16 -18.43
N THR R 204 9.70 56.34 -17.33
CA THR R 204 9.14 57.64 -16.98
C THR R 204 9.75 58.20 -15.70
N THR R 205 9.64 57.47 -14.59
CA THR R 205 10.05 57.98 -13.30
C THR R 205 11.43 57.42 -12.92
N THR R 206 11.92 57.85 -11.77
CA THR R 206 13.21 57.39 -11.27
C THR R 206 13.12 56.07 -10.50
N LEU R 207 11.95 55.44 -10.46
CA LEU R 207 11.78 54.18 -9.74
C LEU R 207 10.64 53.43 -10.44
N VAL R 208 10.99 52.49 -11.30
CA VAL R 208 10.04 51.81 -12.16
C VAL R 208 9.74 50.42 -11.59
N GLU R 209 8.48 50.02 -11.66
CA GLU R 209 8.07 48.68 -11.26
C GLU R 209 8.31 47.70 -12.41
N LEU R 210 8.65 46.48 -12.05
CA LEU R 210 8.92 45.48 -13.08
C LEU R 210 8.08 44.22 -12.90
N GLN R 211 7.85 43.79 -11.67
CA GLN R 211 6.96 42.66 -11.41
C GLN R 211 6.29 42.78 -10.05
#